data_2EH0
#
_entry.id   2EH0
#
_entity_poly.entity_id   1
_entity_poly.type   'polypeptide(L)'
_entity_poly.pdbx_seq_one_letter_code
;GSSGSSGTPHLVNLNEDPLMSECLLYYIKDGITRVGQADAERRQDIVLSGAHIKEEHCIFRSERSNSGEVIVTLEPCERS
ETYVNGKRVSQPVQLRSGNRIIMGKNHVFRFNHPEQARAEREKTSGPSSG
;
_entity_poly.pdbx_strand_id   A
#
# COMPACT_ATOMS: atom_id res chain seq x y z
N GLY A 1 -4.92 -14.40 -15.32
CA GLY A 1 -4.52 -13.91 -16.63
C GLY A 1 -3.15 -13.28 -16.61
N SER A 2 -2.89 -12.41 -17.58
CA SER A 2 -1.60 -11.73 -17.69
C SER A 2 -1.77 -10.22 -17.67
N SER A 3 -1.46 -9.60 -16.53
CA SER A 3 -1.58 -8.16 -16.39
C SER A 3 -0.27 -7.47 -16.70
N GLY A 4 0.74 -7.73 -15.86
CA GLY A 4 2.05 -7.11 -16.07
C GLY A 4 3.16 -7.90 -15.39
N SER A 5 3.98 -8.56 -16.20
CA SER A 5 5.09 -9.36 -15.67
C SER A 5 5.74 -8.66 -14.48
N SER A 6 6.01 -7.37 -14.64
CA SER A 6 6.64 -6.59 -13.57
C SER A 6 5.86 -6.73 -12.26
N GLY A 7 6.56 -6.59 -11.15
CA GLY A 7 5.92 -6.71 -9.85
C GLY A 7 5.53 -5.37 -9.27
N THR A 8 6.51 -4.66 -8.71
CA THR A 8 6.26 -3.36 -8.11
C THR A 8 5.19 -3.44 -7.02
N PRO A 9 5.24 -2.50 -6.06
CA PRO A 9 4.29 -2.45 -4.96
C PRO A 9 2.89 -2.04 -5.41
N HIS A 10 1.93 -2.95 -5.23
CA HIS A 10 0.55 -2.68 -5.62
C HIS A 10 -0.42 -3.17 -4.55
N LEU A 11 -1.57 -2.51 -4.46
CA LEU A 11 -2.59 -2.87 -3.47
C LEU A 11 -3.67 -3.74 -4.11
N VAL A 12 -4.06 -4.80 -3.40
CA VAL A 12 -5.09 -5.71 -3.90
C VAL A 12 -6.38 -5.55 -3.09
N ASN A 13 -7.51 -5.66 -3.78
CA ASN A 13 -8.82 -5.53 -3.13
C ASN A 13 -9.25 -6.86 -2.51
N LEU A 14 -9.19 -6.94 -1.19
CA LEU A 14 -9.57 -8.15 -0.46
C LEU A 14 -10.82 -7.91 0.38
N ASN A 15 -11.41 -6.73 0.22
CA ASN A 15 -12.62 -6.38 0.97
C ASN A 15 -13.65 -7.50 0.91
N GLU A 16 -14.72 -7.35 1.67
CA GLU A 16 -15.78 -8.36 1.70
C GLU A 16 -16.81 -8.10 0.61
N ASP A 17 -16.45 -7.25 -0.34
CA ASP A 17 -17.35 -6.92 -1.44
C ASP A 17 -16.83 -7.51 -2.76
N PRO A 18 -17.11 -8.80 -2.97
CA PRO A 18 -16.69 -9.51 -4.18
C PRO A 18 -17.44 -9.05 -5.41
N LEU A 19 -18.47 -8.24 -5.21
CA LEU A 19 -19.28 -7.72 -6.31
C LEU A 19 -18.78 -6.35 -6.75
N MET A 20 -17.89 -5.76 -5.95
CA MET A 20 -17.33 -4.45 -6.27
C MET A 20 -17.09 -4.31 -7.77
N SER A 21 -17.70 -3.29 -8.37
CA SER A 21 -17.54 -3.06 -9.80
C SER A 21 -16.26 -2.27 -10.09
N GLU A 22 -15.58 -1.87 -9.02
CA GLU A 22 -14.33 -1.12 -9.16
C GLU A 22 -13.16 -2.04 -9.47
N CYS A 23 -11.99 -1.45 -9.73
CA CYS A 23 -10.80 -2.24 -10.04
C CYS A 23 -10.51 -3.25 -8.94
N LEU A 24 -9.79 -4.31 -9.31
CA LEU A 24 -9.44 -5.36 -8.36
C LEU A 24 -8.21 -4.97 -7.54
N LEU A 25 -7.25 -4.34 -8.20
CA LEU A 25 -6.02 -3.90 -7.53
C LEU A 25 -5.53 -2.58 -8.11
N TYR A 26 -4.47 -2.04 -7.50
CA TYR A 26 -3.91 -0.78 -7.95
C TYR A 26 -2.39 -0.77 -7.78
N TYR A 27 -1.68 -0.57 -8.89
CA TYR A 27 -0.22 -0.55 -8.87
C TYR A 27 0.29 0.81 -8.41
N ILE A 28 1.23 0.79 -7.46
CA ILE A 28 1.81 2.02 -6.93
C ILE A 28 3.08 2.40 -7.69
N LYS A 29 3.12 3.63 -8.18
CA LYS A 29 4.27 4.13 -8.92
C LYS A 29 5.33 4.67 -7.98
N ASP A 30 6.39 5.25 -8.55
CA ASP A 30 7.47 5.81 -7.75
C ASP A 30 7.19 7.26 -7.39
N GLY A 31 7.20 7.55 -6.09
CA GLY A 31 6.93 8.91 -5.63
C GLY A 31 5.96 8.94 -4.46
N ILE A 32 5.01 9.86 -4.52
CA ILE A 32 4.03 10.00 -3.45
C ILE A 32 2.62 9.69 -3.97
N THR A 33 1.99 8.69 -3.37
CA THR A 33 0.64 8.30 -3.77
C THR A 33 -0.39 8.70 -2.71
N ARG A 34 -1.03 9.84 -2.92
CA ARG A 34 -2.03 10.33 -1.97
C ARG A 34 -3.32 9.52 -2.08
N VAL A 35 -3.78 9.01 -0.94
CA VAL A 35 -5.00 8.22 -0.91
C VAL A 35 -6.15 9.00 -0.28
N GLY A 36 -7.05 9.51 -1.13
CA GLY A 36 -8.18 10.27 -0.65
C GLY A 36 -9.38 10.17 -1.56
N GLN A 37 -10.06 11.30 -1.78
CA GLN A 37 -11.23 11.33 -2.64
C GLN A 37 -10.91 11.95 -3.99
N ALA A 38 -11.81 11.77 -4.95
CA ALA A 38 -11.62 12.32 -6.28
C ALA A 38 -11.89 13.82 -6.32
N ASP A 39 -12.28 14.36 -5.17
CA ASP A 39 -12.56 15.78 -5.06
C ASP A 39 -11.42 16.53 -4.36
N ALA A 40 -10.61 15.78 -3.63
CA ALA A 40 -9.48 16.36 -2.91
C ALA A 40 -8.80 17.45 -3.75
N GLU A 41 -8.34 18.50 -3.08
CA GLU A 41 -7.67 19.60 -3.76
C GLU A 41 -6.79 19.09 -4.90
N ARG A 42 -6.05 18.02 -4.62
CA ARG A 42 -5.16 17.43 -5.62
C ARG A 42 -5.71 16.10 -6.12
N ARG A 43 -5.19 15.64 -7.25
CA ARG A 43 -5.63 14.37 -7.84
C ARG A 43 -5.01 13.19 -7.10
N GLN A 44 -5.83 12.46 -6.35
CA GLN A 44 -5.36 11.31 -5.60
C GLN A 44 -5.17 10.10 -6.52
N ASP A 45 -4.02 9.46 -6.41
CA ASP A 45 -3.72 8.28 -7.23
C ASP A 45 -4.80 7.22 -7.06
N ILE A 46 -5.27 7.04 -5.83
CA ILE A 46 -6.30 6.05 -5.54
C ILE A 46 -7.50 6.70 -4.85
N VAL A 47 -8.69 6.32 -5.29
CA VAL A 47 -9.92 6.85 -4.72
C VAL A 47 -10.77 5.74 -4.09
N LEU A 48 -11.31 6.02 -2.91
CA LEU A 48 -12.15 5.05 -2.21
C LEU A 48 -13.61 5.49 -2.19
N SER A 49 -14.51 4.54 -1.93
CA SER A 49 -15.93 4.84 -1.88
C SER A 49 -16.40 5.04 -0.45
N GLY A 50 -17.67 5.39 -0.29
CA GLY A 50 -18.22 5.62 1.03
C GLY A 50 -18.06 7.05 1.49
N ALA A 51 -18.38 7.31 2.76
CA ALA A 51 -18.27 8.65 3.32
C ALA A 51 -17.28 8.68 4.48
N HIS A 52 -16.82 7.49 4.88
CA HIS A 52 -15.87 7.38 5.98
C HIS A 52 -14.46 7.70 5.52
N ILE A 53 -14.35 8.21 4.29
CA ILE A 53 -13.05 8.56 3.72
C ILE A 53 -12.81 10.07 3.78
N LYS A 54 -11.55 10.47 3.75
CA LYS A 54 -11.18 11.88 3.79
C LYS A 54 -10.34 12.26 2.59
N GLU A 55 -10.39 13.54 2.21
CA GLU A 55 -9.62 14.03 1.08
C GLU A 55 -8.15 13.68 1.22
N GLU A 56 -7.64 13.75 2.45
CA GLU A 56 -6.25 13.44 2.73
C GLU A 56 -6.12 12.28 3.70
N HIS A 57 -7.00 11.29 3.55
CA HIS A 57 -6.99 10.12 4.41
C HIS A 57 -5.57 9.70 4.75
N CYS A 58 -4.86 9.17 3.76
CA CYS A 58 -3.48 8.74 3.96
C CYS A 58 -2.67 8.89 2.68
N ILE A 59 -1.42 8.44 2.71
CA ILE A 59 -0.55 8.53 1.54
C ILE A 59 0.38 7.33 1.47
N PHE A 60 0.90 7.06 0.27
CA PHE A 60 1.81 5.94 0.06
C PHE A 60 3.08 6.39 -0.64
N ARG A 61 4.18 6.38 0.10
CA ARG A 61 5.48 6.79 -0.44
C ARG A 61 6.32 5.58 -0.80
N SER A 62 6.76 5.52 -2.05
CA SER A 62 7.58 4.42 -2.53
C SER A 62 8.92 4.91 -3.06
N GLU A 63 9.98 4.66 -2.29
CA GLU A 63 11.32 5.09 -2.68
C GLU A 63 12.35 3.99 -2.39
N ARG A 64 13.35 3.89 -3.26
CA ARG A 64 14.39 2.89 -3.09
C ARG A 64 15.43 3.34 -2.07
N SER A 65 15.35 2.75 -0.88
CA SER A 65 16.28 3.09 0.19
C SER A 65 17.70 3.25 -0.34
N ASN A 66 18.53 3.97 0.41
CA ASN A 66 19.91 4.20 0.02
C ASN A 66 20.61 2.89 -0.33
N SER A 67 20.17 1.81 0.31
CA SER A 67 20.75 0.49 0.07
C SER A 67 20.44 0.01 -1.35
N GLY A 68 19.32 0.46 -1.89
CA GLY A 68 18.94 0.06 -3.23
C GLY A 68 17.71 -0.83 -3.25
N GLU A 69 16.96 -0.82 -2.14
CA GLU A 69 15.76 -1.64 -2.03
C GLU A 69 14.51 -0.77 -2.02
N VAL A 70 13.47 -1.22 -2.72
CA VAL A 70 12.21 -0.48 -2.79
C VAL A 70 11.42 -0.62 -1.49
N ILE A 71 11.23 0.49 -0.80
CA ILE A 71 10.48 0.50 0.45
C ILE A 71 9.23 1.36 0.35
N VAL A 72 8.20 1.00 1.13
CA VAL A 72 6.95 1.74 1.12
C VAL A 72 6.56 2.17 2.53
N THR A 73 6.20 3.43 2.68
CA THR A 73 5.81 3.97 3.98
C THR A 73 4.42 4.61 3.91
N LEU A 74 3.56 4.26 4.86
CA LEU A 74 2.21 4.81 4.91
C LEU A 74 2.17 6.10 5.73
N GLU A 75 1.68 7.17 5.12
CA GLU A 75 1.59 8.46 5.80
C GLU A 75 0.13 8.84 6.05
N PRO A 76 -0.46 8.26 7.11
CA PRO A 76 -1.86 8.53 7.47
C PRO A 76 -2.06 9.95 8.00
N CYS A 77 -3.28 10.26 8.39
CA CYS A 77 -3.61 11.58 8.92
C CYS A 77 -4.09 11.49 10.36
N GLU A 78 -4.42 12.64 10.94
CA GLU A 78 -4.89 12.68 12.32
C GLU A 78 -6.43 12.70 12.38
N ARG A 79 -7.05 12.96 11.22
CA ARG A 79 -8.50 13.01 11.15
C ARG A 79 -9.02 11.96 10.16
N SER A 80 -8.30 10.85 10.05
CA SER A 80 -8.69 9.78 9.15
C SER A 80 -8.63 8.42 9.84
N GLU A 81 -9.48 7.50 9.43
CA GLU A 81 -9.52 6.16 10.00
C GLU A 81 -8.67 5.18 9.20
N THR A 82 -7.45 4.95 9.67
CA THR A 82 -6.54 4.04 8.99
C THR A 82 -5.98 2.99 9.95
N TYR A 83 -5.96 1.74 9.51
CA TYR A 83 -5.45 0.64 10.33
C TYR A 83 -4.48 -0.23 9.54
N VAL A 84 -3.34 -0.54 10.17
CA VAL A 84 -2.32 -1.37 9.53
C VAL A 84 -2.07 -2.64 10.32
N ASN A 85 -1.67 -3.70 9.63
CA ASN A 85 -1.40 -4.98 10.27
C ASN A 85 -2.42 -5.27 11.35
N GLY A 86 -3.60 -4.69 11.22
CA GLY A 86 -4.66 -4.90 12.20
C GLY A 86 -4.80 -3.73 13.16
N LYS A 87 -3.67 -3.18 13.59
CA LYS A 87 -3.67 -2.05 14.51
C LYS A 87 -3.88 -0.74 13.76
N ARG A 88 -3.79 0.37 14.49
CA ARG A 88 -3.98 1.69 13.90
C ARG A 88 -2.66 2.22 13.34
N VAL A 89 -2.76 3.28 12.55
CA VAL A 89 -1.57 3.89 11.95
C VAL A 89 -1.73 5.39 11.82
N SER A 90 -0.99 6.14 12.64
CA SER A 90 -1.06 7.59 12.62
C SER A 90 0.31 8.19 12.27
N GLN A 91 1.35 7.38 12.41
CA GLN A 91 2.70 7.83 12.12
C GLN A 91 3.23 7.18 10.85
N PRO A 92 4.21 7.83 10.19
CA PRO A 92 4.82 7.32 8.96
C PRO A 92 5.66 6.09 9.20
N VAL A 93 5.05 4.92 9.03
CA VAL A 93 5.76 3.65 9.22
C VAL A 93 5.83 2.86 7.92
N GLN A 94 6.81 1.97 7.82
CA GLN A 94 6.99 1.15 6.63
C GLN A 94 5.99 -0.01 6.62
N LEU A 95 5.47 -0.31 5.44
CA LEU A 95 4.50 -1.40 5.29
C LEU A 95 5.21 -2.72 5.03
N ARG A 96 4.55 -3.82 5.40
CA ARG A 96 5.10 -5.15 5.22
C ARG A 96 4.37 -5.91 4.13
N SER A 97 4.90 -7.07 3.76
CA SER A 97 4.29 -7.88 2.72
C SER A 97 3.15 -8.74 3.29
N GLY A 98 1.92 -8.34 3.01
CA GLY A 98 0.77 -9.08 3.50
C GLY A 98 0.03 -8.33 4.58
N ASN A 99 0.46 -7.11 4.88
CA ASN A 99 -0.16 -6.29 5.90
C ASN A 99 -1.55 -5.82 5.45
N ARG A 100 -2.47 -5.73 6.40
CA ARG A 100 -3.83 -5.30 6.11
C ARG A 100 -4.00 -3.81 6.36
N ILE A 101 -4.17 -3.05 5.29
CA ILE A 101 -4.35 -1.60 5.40
C ILE A 101 -5.77 -1.19 5.07
N ILE A 102 -6.48 -0.68 6.07
CA ILE A 102 -7.87 -0.25 5.89
C ILE A 102 -7.97 1.27 5.84
N MET A 103 -8.82 1.78 4.97
CA MET A 103 -9.01 3.22 4.82
C MET A 103 -10.50 3.58 4.86
N GLY A 104 -10.97 4.01 6.01
CA GLY A 104 -12.37 4.39 6.15
C GLY A 104 -13.13 3.43 7.05
N LYS A 105 -13.97 2.59 6.44
CA LYS A 105 -14.76 1.62 7.18
C LYS A 105 -14.45 0.20 6.73
N ASN A 106 -14.88 -0.12 5.51
CA ASN A 106 -14.65 -1.46 4.96
C ASN A 106 -13.86 -1.37 3.66
N HIS A 107 -12.68 -0.76 3.73
CA HIS A 107 -11.82 -0.61 2.56
C HIS A 107 -10.43 -1.18 2.82
N VAL A 108 -10.33 -2.51 2.80
CA VAL A 108 -9.05 -3.16 3.05
C VAL A 108 -8.22 -3.24 1.77
N PHE A 109 -6.92 -3.46 1.92
CA PHE A 109 -6.01 -3.55 0.80
C PHE A 109 -4.77 -4.38 1.15
N ARG A 110 -4.43 -5.32 0.27
CA ARG A 110 -3.28 -6.18 0.49
C ARG A 110 -2.04 -5.64 -0.25
N PHE A 111 -1.00 -5.33 0.51
CA PHE A 111 0.23 -4.80 -0.07
C PHE A 111 1.10 -5.92 -0.63
N ASN A 112 1.15 -6.02 -1.95
CA ASN A 112 1.94 -7.05 -2.62
C ASN A 112 3.33 -6.52 -2.99
N HIS A 113 4.35 -7.10 -2.37
CA HIS A 113 5.73 -6.70 -2.64
C HIS A 113 6.54 -7.86 -3.21
N PRO A 114 6.21 -8.25 -4.45
CA PRO A 114 6.90 -9.35 -5.13
C PRO A 114 8.33 -9.00 -5.51
N GLU A 115 8.54 -7.73 -5.87
CA GLU A 115 9.87 -7.27 -6.27
C GLU A 115 10.91 -7.63 -5.22
N GLN A 116 10.57 -7.40 -3.95
CA GLN A 116 11.47 -7.70 -2.85
C GLN A 116 11.28 -9.14 -2.37
N ALA A 117 10.03 -9.56 -2.24
CA ALA A 117 9.71 -10.91 -1.79
C ALA A 117 10.44 -11.95 -2.64
N ARG A 118 10.95 -11.52 -3.79
CA ARG A 118 11.67 -12.42 -4.68
C ARG A 118 13.10 -12.63 -4.20
N ALA A 119 13.67 -11.60 -3.58
CA ALA A 119 15.03 -11.67 -3.07
C ALA A 119 15.06 -12.20 -1.64
N GLU A 120 13.89 -12.27 -1.02
CA GLU A 120 13.78 -12.77 0.35
C GLU A 120 14.72 -13.95 0.58
N ARG A 121 14.86 -14.79 -0.44
CA ARG A 121 15.73 -15.95 -0.34
C ARG A 121 17.19 -15.54 -0.32
N GLU A 122 17.62 -14.80 -1.33
CA GLU A 122 19.00 -14.35 -1.42
C GLU A 122 19.51 -13.87 -0.05
N LYS A 123 18.67 -13.10 0.64
CA LYS A 123 19.03 -12.59 1.96
C LYS A 123 19.76 -13.64 2.78
N THR A 124 20.44 -13.21 3.84
CA THR A 124 21.17 -14.13 4.70
C THR A 124 20.36 -15.38 5.00
N SER A 125 21.03 -16.52 5.01
CA SER A 125 20.36 -17.79 5.27
C SER A 125 21.01 -18.50 6.46
N GLY A 126 22.34 -18.52 6.47
CA GLY A 126 23.06 -19.17 7.56
C GLY A 126 22.40 -18.96 8.91
N PRO A 127 22.35 -17.69 9.35
CA PRO A 127 21.75 -17.33 10.63
C PRO A 127 20.23 -17.49 10.63
N SER A 128 19.64 -17.48 11.81
CA SER A 128 18.20 -17.63 11.95
C SER A 128 17.59 -16.43 12.67
N SER A 129 16.41 -16.01 12.23
CA SER A 129 15.72 -14.87 12.82
C SER A 129 14.37 -15.29 13.39
N GLY A 130 13.66 -14.34 14.00
CA GLY A 130 12.37 -14.63 14.59
C GLY A 130 11.95 -13.60 15.61
N GLY A 1 1.86 -4.81 -27.17
CA GLY A 1 2.93 -5.71 -27.56
C GLY A 1 3.74 -6.19 -26.37
N SER A 2 4.14 -7.45 -26.39
CA SER A 2 4.92 -8.03 -25.30
C SER A 2 5.95 -7.03 -24.78
N SER A 3 5.79 -6.60 -23.55
CA SER A 3 6.70 -5.64 -22.93
C SER A 3 7.27 -6.19 -21.62
N GLY A 4 6.67 -7.27 -21.13
CA GLY A 4 7.12 -7.87 -19.90
C GLY A 4 6.86 -6.98 -18.69
N SER A 5 6.15 -7.51 -17.70
CA SER A 5 5.84 -6.75 -16.50
C SER A 5 6.67 -7.25 -15.32
N SER A 6 7.37 -6.32 -14.67
CA SER A 6 8.21 -6.66 -13.53
C SER A 6 7.41 -6.56 -12.22
N GLY A 7 7.98 -7.11 -11.16
CA GLY A 7 7.32 -7.07 -9.86
C GLY A 7 7.14 -5.66 -9.34
N THR A 8 5.90 -5.31 -8.97
CA THR A 8 5.60 -3.99 -8.46
C THR A 8 4.57 -4.05 -7.34
N PRO A 9 4.70 -3.15 -6.35
CA PRO A 9 3.78 -3.08 -5.21
C PRO A 9 2.40 -2.58 -5.61
N HIS A 10 1.37 -3.23 -5.08
CA HIS A 10 -0.01 -2.84 -5.38
C HIS A 10 -0.96 -3.36 -4.31
N LEU A 11 -2.13 -2.73 -4.20
CA LEU A 11 -3.12 -3.13 -3.21
C LEU A 11 -4.19 -4.02 -3.85
N VAL A 12 -4.50 -5.13 -3.19
CA VAL A 12 -5.50 -6.06 -3.68
C VAL A 12 -6.75 -6.03 -2.81
N ASN A 13 -7.92 -6.04 -3.46
CA ASN A 13 -9.18 -6.02 -2.74
C ASN A 13 -9.45 -7.35 -2.05
N LEU A 14 -8.63 -7.68 -1.07
CA LEU A 14 -8.78 -8.92 -0.33
C LEU A 14 -10.02 -8.89 0.57
N ASN A 15 -10.74 -7.78 0.52
CA ASN A 15 -11.95 -7.61 1.32
C ASN A 15 -12.93 -8.74 1.04
N GLU A 16 -14.13 -8.64 1.62
CA GLU A 16 -15.16 -9.66 1.43
C GLU A 16 -16.31 -9.11 0.58
N ASP A 17 -16.02 -8.07 -0.20
CA ASP A 17 -17.03 -7.47 -1.06
C ASP A 17 -16.76 -7.80 -2.52
N PRO A 18 -17.16 -9.01 -2.94
CA PRO A 18 -16.97 -9.48 -4.31
C PRO A 18 -17.86 -8.73 -5.30
N LEU A 19 -18.70 -7.86 -4.79
CA LEU A 19 -19.62 -7.08 -5.63
C LEU A 19 -19.01 -5.72 -5.96
N MET A 20 -18.00 -5.32 -5.20
CA MET A 20 -17.34 -4.04 -5.42
C MET A 20 -17.26 -3.71 -6.91
N SER A 21 -17.82 -2.56 -7.28
CA SER A 21 -17.83 -2.13 -8.68
C SER A 21 -16.55 -1.37 -9.01
N GLU A 22 -15.79 -1.03 -7.98
CA GLU A 22 -14.54 -0.29 -8.17
C GLU A 22 -13.40 -1.24 -8.54
N CYS A 23 -12.22 -0.67 -8.76
CA CYS A 23 -11.05 -1.46 -9.12
C CYS A 23 -10.77 -2.53 -8.07
N LEU A 24 -10.43 -3.73 -8.53
CA LEU A 24 -10.14 -4.84 -7.64
C LEU A 24 -8.79 -4.67 -6.96
N LEU A 25 -7.90 -3.92 -7.62
CA LEU A 25 -6.57 -3.67 -7.08
C LEU A 25 -6.05 -2.31 -7.53
N TYR A 26 -5.04 -1.80 -6.83
CA TYR A 26 -4.45 -0.51 -7.16
C TYR A 26 -2.93 -0.62 -7.27
N TYR A 27 -2.41 -0.27 -8.44
CA TYR A 27 -0.97 -0.31 -8.68
C TYR A 27 -0.28 0.93 -8.14
N ILE A 28 0.89 0.74 -7.54
CA ILE A 28 1.65 1.85 -6.99
C ILE A 28 2.93 2.10 -7.78
N LYS A 29 3.43 3.33 -7.73
CA LYS A 29 4.64 3.69 -8.44
C LYS A 29 5.62 4.42 -7.52
N ASP A 30 6.72 4.90 -8.09
CA ASP A 30 7.73 5.61 -7.32
C ASP A 30 7.32 7.07 -7.11
N GLY A 31 7.43 7.55 -5.88
CA GLY A 31 7.07 8.91 -5.56
C GLY A 31 6.10 9.01 -4.41
N ILE A 32 5.02 9.76 -4.60
CA ILE A 32 4.01 9.94 -3.56
C ILE A 32 2.63 9.53 -4.07
N THR A 33 2.06 8.52 -3.44
CA THR A 33 0.73 8.02 -3.82
C THR A 33 -0.31 8.34 -2.75
N ARG A 34 -0.99 9.46 -2.93
CA ARG A 34 -2.02 9.89 -1.99
C ARG A 34 -3.29 9.05 -2.14
N VAL A 35 -3.82 8.60 -1.01
CA VAL A 35 -5.04 7.79 -1.02
C VAL A 35 -6.21 8.55 -0.41
N GLY A 36 -7.00 9.19 -1.27
CA GLY A 36 -8.15 9.95 -0.80
C GLY A 36 -9.25 10.05 -1.84
N GLN A 37 -9.71 11.27 -2.09
CA GLN A 37 -10.77 11.49 -3.07
C GLN A 37 -10.25 12.33 -4.23
N ALA A 38 -11.11 12.52 -5.25
CA ALA A 38 -10.75 13.31 -6.41
C ALA A 38 -10.99 14.79 -6.17
N ASP A 39 -11.50 15.12 -4.99
CA ASP A 39 -11.78 16.52 -4.63
C ASP A 39 -10.65 17.09 -3.78
N ALA A 40 -9.93 16.21 -3.09
CA ALA A 40 -8.82 16.64 -2.25
C ALA A 40 -7.99 17.72 -2.92
N GLU A 41 -7.53 18.68 -2.15
CA GLU A 41 -6.72 19.78 -2.69
C GLU A 41 -5.79 19.28 -3.79
N ARG A 42 -5.00 18.26 -3.47
CA ARG A 42 -4.07 17.69 -4.44
C ARG A 42 -4.57 16.34 -4.94
N ARG A 43 -4.75 16.23 -6.26
CA ARG A 43 -5.21 15.00 -6.86
C ARG A 43 -4.64 13.78 -6.14
N GLN A 44 -5.49 12.81 -5.83
CA GLN A 44 -5.06 11.60 -5.14
C GLN A 44 -4.91 10.44 -6.12
N ASP A 45 -3.78 9.76 -6.05
CA ASP A 45 -3.51 8.63 -6.93
C ASP A 45 -4.66 7.63 -6.90
N ILE A 46 -5.07 7.24 -5.69
CA ILE A 46 -6.16 6.29 -5.53
C ILE A 46 -7.39 6.97 -4.94
N VAL A 47 -8.47 6.99 -5.71
CA VAL A 47 -9.72 7.60 -5.26
C VAL A 47 -10.69 6.55 -4.75
N LEU A 48 -10.85 6.51 -3.43
CA LEU A 48 -11.75 5.55 -2.81
C LEU A 48 -13.21 5.96 -3.01
N SER A 49 -14.13 5.06 -2.67
CA SER A 49 -15.56 5.32 -2.82
C SER A 49 -16.17 5.74 -1.49
N GLY A 50 -17.43 6.18 -1.54
CA GLY A 50 -18.11 6.61 -0.33
C GLY A 50 -17.57 7.90 0.23
N ALA A 51 -18.35 8.56 1.08
CA ALA A 51 -17.94 9.82 1.68
C ALA A 51 -17.22 9.60 3.00
N HIS A 52 -16.96 8.33 3.32
CA HIS A 52 -16.29 7.97 4.55
C HIS A 52 -14.77 7.99 4.37
N ILE A 53 -14.33 8.39 3.17
CA ILE A 53 -12.91 8.45 2.87
C ILE A 53 -12.42 9.88 2.85
N LYS A 54 -11.70 10.28 3.90
CA LYS A 54 -11.17 11.64 4.01
C LYS A 54 -10.34 11.98 2.78
N GLU A 55 -10.50 13.21 2.29
CA GLU A 55 -9.75 13.67 1.12
C GLU A 55 -8.27 13.32 1.25
N GLU A 56 -7.79 13.25 2.48
CA GLU A 56 -6.38 12.93 2.75
C GLU A 56 -6.27 11.81 3.78
N HIS A 57 -7.08 10.77 3.62
CA HIS A 57 -7.06 9.64 4.53
C HIS A 57 -5.63 9.22 4.86
N CYS A 58 -4.95 8.64 3.88
CA CYS A 58 -3.58 8.19 4.06
C CYS A 58 -2.76 8.44 2.80
N ILE A 59 -1.50 8.00 2.83
CA ILE A 59 -0.61 8.17 1.68
C ILE A 59 0.33 6.98 1.53
N PHE A 60 0.87 6.80 0.33
CA PHE A 60 1.78 5.70 0.06
C PHE A 60 3.03 6.20 -0.66
N ARG A 61 4.15 6.21 0.05
CA ARG A 61 5.42 6.67 -0.52
C ARG A 61 6.28 5.49 -0.92
N SER A 62 6.89 5.58 -2.11
CA SER A 62 7.75 4.52 -2.61
C SER A 62 9.08 5.08 -3.11
N GLU A 63 10.15 4.81 -2.37
CA GLU A 63 11.47 5.28 -2.74
C GLU A 63 12.53 4.21 -2.49
N ARG A 64 13.56 4.20 -3.32
CA ARG A 64 14.65 3.23 -3.20
C ARG A 64 15.63 3.65 -2.12
N SER A 65 15.56 2.97 -0.97
CA SER A 65 16.45 3.27 0.15
C SER A 65 17.87 3.56 -0.34
N ASN A 66 18.66 4.22 0.50
CA ASN A 66 20.02 4.57 0.15
C ASN A 66 20.83 3.32 -0.20
N SER A 67 20.33 2.16 0.24
CA SER A 67 21.01 0.89 -0.02
C SER A 67 20.72 0.41 -1.44
N GLY A 68 19.62 0.88 -2.01
CA GLY A 68 19.25 0.49 -3.36
C GLY A 68 18.07 -0.45 -3.39
N GLU A 69 17.25 -0.41 -2.34
CA GLU A 69 16.08 -1.28 -2.26
C GLU A 69 14.80 -0.45 -2.21
N VAL A 70 13.79 -0.90 -2.96
CA VAL A 70 12.51 -0.20 -3.01
C VAL A 70 11.70 -0.45 -1.73
N ILE A 71 11.45 0.62 -0.98
CA ILE A 71 10.68 0.53 0.25
C ILE A 71 9.40 1.35 0.18
N VAL A 72 8.42 0.96 0.98
CA VAL A 72 7.13 1.66 1.00
C VAL A 72 6.76 2.06 2.43
N THR A 73 6.42 3.34 2.59
CA THR A 73 6.04 3.85 3.90
C THR A 73 4.66 4.51 3.86
N LEU A 74 3.81 4.13 4.81
CA LEU A 74 2.46 4.69 4.88
C LEU A 74 2.42 5.93 5.75
N GLU A 75 1.98 7.04 5.18
CA GLU A 75 1.90 8.30 5.91
C GLU A 75 0.43 8.68 6.18
N PRO A 76 -0.16 8.06 7.21
CA PRO A 76 -1.55 8.32 7.59
C PRO A 76 -1.74 9.70 8.19
N CYS A 77 -2.99 10.06 8.46
CA CYS A 77 -3.31 11.36 9.03
C CYS A 77 -4.04 11.20 10.37
N GLU A 78 -3.85 12.18 11.25
CA GLU A 78 -4.49 12.14 12.56
C GLU A 78 -5.96 12.54 12.47
N ARG A 79 -6.44 12.74 11.24
CA ARG A 79 -7.83 13.11 11.01
C ARG A 79 -8.54 12.09 10.14
N SER A 80 -7.95 10.89 10.05
CA SER A 80 -8.53 9.83 9.24
C SER A 80 -8.61 8.52 10.04
N GLU A 81 -9.16 7.49 9.43
CA GLU A 81 -9.30 6.19 10.08
C GLU A 81 -8.47 5.13 9.36
N THR A 82 -7.18 5.11 9.62
CA THR A 82 -6.28 4.14 9.00
C THR A 82 -5.93 3.01 9.96
N TYR A 83 -5.70 1.83 9.43
CA TYR A 83 -5.35 0.67 10.24
C TYR A 83 -4.41 -0.27 9.49
N VAL A 84 -3.23 -0.47 10.06
CA VAL A 84 -2.22 -1.35 9.45
C VAL A 84 -1.84 -2.49 10.39
N ASN A 85 -1.71 -3.68 9.84
CA ASN A 85 -1.34 -4.86 10.62
C ASN A 85 -2.39 -5.13 11.71
N GLY A 86 -3.64 -4.82 11.41
CA GLY A 86 -4.71 -5.04 12.37
C GLY A 86 -4.72 -4.01 13.48
N LYS A 87 -3.80 -3.05 13.40
CA LYS A 87 -3.70 -2.00 14.40
C LYS A 87 -3.89 -0.63 13.77
N ARG A 88 -3.89 0.41 14.60
CA ARG A 88 -4.05 1.77 14.12
C ARG A 88 -2.71 2.37 13.73
N VAL A 89 -2.70 3.12 12.63
CA VAL A 89 -1.49 3.75 12.14
C VAL A 89 -1.67 5.26 12.01
N SER A 90 -1.04 6.01 12.92
CA SER A 90 -1.13 7.46 12.90
C SER A 90 0.20 8.09 12.51
N GLN A 91 1.28 7.32 12.65
CA GLN A 91 2.62 7.80 12.31
C GLN A 91 3.13 7.12 11.06
N PRO A 92 4.11 7.77 10.40
CA PRO A 92 4.71 7.23 9.17
C PRO A 92 5.58 6.00 9.43
N VAL A 93 5.09 4.84 9.02
CA VAL A 93 5.82 3.58 9.22
C VAL A 93 5.87 2.78 7.92
N GLN A 94 6.83 1.86 7.85
CA GLN A 94 7.00 1.02 6.66
C GLN A 94 5.96 -0.09 6.64
N LEU A 95 5.47 -0.42 5.45
CA LEU A 95 4.47 -1.47 5.29
C LEU A 95 5.14 -2.84 5.18
N ARG A 96 4.39 -3.88 5.56
CA ARG A 96 4.91 -5.24 5.50
C ARG A 96 4.34 -6.00 4.30
N SER A 97 5.21 -6.61 3.51
CA SER A 97 4.79 -7.37 2.34
C SER A 97 3.59 -8.25 2.66
N GLY A 98 2.39 -7.72 2.48
CA GLY A 98 1.19 -8.47 2.75
C GLY A 98 0.50 -8.03 4.04
N ASN A 99 0.51 -6.72 4.28
CA ASN A 99 -0.12 -6.17 5.47
C ASN A 99 -1.53 -5.65 5.17
N ARG A 100 -2.43 -5.78 6.14
CA ARG A 100 -3.80 -5.32 5.98
C ARG A 100 -3.91 -3.83 6.24
N ILE A 101 -4.36 -3.09 5.23
CA ILE A 101 -4.52 -1.64 5.34
C ILE A 101 -5.97 -1.22 5.12
N ILE A 102 -6.55 -0.55 6.11
CA ILE A 102 -7.93 -0.10 6.01
C ILE A 102 -8.00 1.42 5.93
N MET A 103 -8.81 1.92 5.01
CA MET A 103 -8.98 3.36 4.84
C MET A 103 -10.45 3.74 4.74
N GLY A 104 -11.01 4.19 5.87
CA GLY A 104 -12.41 4.58 5.89
C GLY A 104 -13.32 3.44 6.32
N LYS A 105 -14.18 3.01 5.42
CA LYS A 105 -15.10 1.92 5.70
C LYS A 105 -15.10 0.90 4.57
N ASN A 106 -14.99 -0.38 4.95
CA ASN A 106 -14.98 -1.46 3.96
C ASN A 106 -13.99 -1.16 2.84
N HIS A 107 -12.82 -0.63 3.20
CA HIS A 107 -11.80 -0.30 2.23
C HIS A 107 -10.46 -0.92 2.62
N VAL A 108 -10.47 -2.23 2.84
CA VAL A 108 -9.25 -2.95 3.21
C VAL A 108 -8.59 -3.57 2.00
N PHE A 109 -7.30 -3.27 1.82
CA PHE A 109 -6.55 -3.80 0.70
C PHE A 109 -5.30 -4.54 1.17
N ARG A 110 -4.70 -5.32 0.27
CA ARG A 110 -3.51 -6.09 0.60
C ARG A 110 -2.27 -5.49 -0.07
N PHE A 111 -1.36 -4.96 0.73
CA PHE A 111 -0.13 -4.37 0.20
C PHE A 111 0.89 -5.45 -0.15
N ASN A 112 1.00 -5.75 -1.43
CA ASN A 112 1.95 -6.76 -1.90
C ASN A 112 3.28 -6.12 -2.29
N HIS A 113 4.32 -6.95 -2.40
CA HIS A 113 5.64 -6.47 -2.77
C HIS A 113 6.50 -7.61 -3.31
N PRO A 114 6.20 -8.03 -4.55
CA PRO A 114 6.93 -9.12 -5.21
C PRO A 114 8.35 -8.71 -5.58
N GLU A 115 8.73 -7.48 -5.23
CA GLU A 115 10.06 -6.98 -5.53
C GLU A 115 11.06 -7.37 -4.44
N GLN A 116 10.65 -7.18 -3.19
CA GLN A 116 11.51 -7.51 -2.05
C GLN A 116 11.35 -8.97 -1.67
N ALA A 117 10.12 -9.47 -1.72
CA ALA A 117 9.85 -10.86 -1.38
C ALA A 117 10.77 -11.81 -2.14
N ARG A 118 11.26 -11.35 -3.29
CA ARG A 118 12.15 -12.16 -4.11
C ARG A 118 13.42 -12.51 -3.35
N ALA A 119 13.94 -11.55 -2.60
CA ALA A 119 15.15 -11.76 -1.82
C ALA A 119 14.83 -12.32 -0.43
N GLU A 120 13.66 -11.97 0.09
CA GLU A 120 13.24 -12.43 1.40
C GLU A 120 13.37 -13.95 1.51
N ARG A 121 13.19 -14.63 0.39
CA ARG A 121 13.29 -16.08 0.36
C ARG A 121 14.72 -16.54 0.57
N GLU A 122 15.67 -15.72 0.13
CA GLU A 122 17.09 -16.04 0.26
C GLU A 122 17.53 -15.91 1.72
N LYS A 123 16.71 -15.23 2.53
CA LYS A 123 17.03 -15.04 3.94
C LYS A 123 16.48 -16.20 4.77
N THR A 124 17.14 -16.48 5.89
CA THR A 124 16.71 -17.55 6.78
C THR A 124 15.88 -17.02 7.93
N SER A 125 14.94 -17.83 8.40
CA SER A 125 14.06 -17.44 9.50
C SER A 125 14.51 -18.09 10.80
N GLY A 126 13.80 -17.77 11.89
CA GLY A 126 14.15 -18.32 13.18
C GLY A 126 13.05 -18.11 14.21
N PRO A 127 11.96 -18.89 14.11
CA PRO A 127 10.83 -18.80 15.02
C PRO A 127 11.18 -19.30 16.43
N SER A 128 11.83 -20.45 16.50
CA SER A 128 12.21 -21.04 17.78
C SER A 128 13.56 -20.50 18.24
N SER A 129 13.66 -20.18 19.52
CA SER A 129 14.89 -19.64 20.09
C SER A 129 15.41 -18.47 19.26
N GLY A 130 14.49 -17.66 18.76
CA GLY A 130 14.87 -16.51 17.96
C GLY A 130 14.66 -15.19 18.68
N GLY A 1 16.30 7.53 -14.53
CA GLY A 1 15.22 6.59 -14.76
C GLY A 1 15.08 5.60 -13.62
N SER A 2 14.15 4.66 -13.76
CA SER A 2 13.91 3.66 -12.74
C SER A 2 13.49 2.33 -13.36
N SER A 3 13.84 1.23 -12.70
CA SER A 3 13.50 -0.10 -13.20
C SER A 3 12.25 -0.63 -12.51
N GLY A 4 11.82 -1.82 -12.92
CA GLY A 4 10.63 -2.42 -12.34
C GLY A 4 9.91 -3.33 -13.32
N SER A 5 10.58 -4.41 -13.71
CA SER A 5 10.00 -5.37 -14.66
C SER A 5 9.82 -6.73 -13.99
N SER A 6 10.55 -6.96 -12.91
CA SER A 6 10.47 -8.22 -12.19
C SER A 6 9.67 -8.06 -10.90
N GLY A 7 8.75 -7.11 -10.90
CA GLY A 7 7.93 -6.87 -9.72
C GLY A 7 7.69 -5.39 -9.48
N THR A 8 6.73 -5.08 -8.61
CA THR A 8 6.40 -3.70 -8.29
C THR A 8 5.33 -3.62 -7.21
N PRO A 9 5.40 -2.56 -6.39
CA PRO A 9 4.44 -2.35 -5.30
C PRO A 9 3.05 -1.99 -5.81
N HIS A 10 2.05 -2.73 -5.33
CA HIS A 10 0.67 -2.50 -5.74
C HIS A 10 -0.31 -2.91 -4.63
N LEU A 11 -1.52 -2.37 -4.69
CA LEU A 11 -2.54 -2.69 -3.69
C LEU A 11 -3.60 -3.61 -4.27
N VAL A 12 -3.85 -4.72 -3.59
CA VAL A 12 -4.84 -5.69 -4.04
C VAL A 12 -6.16 -5.51 -3.29
N ASN A 13 -7.27 -5.57 -4.02
CA ASN A 13 -8.59 -5.42 -3.43
C ASN A 13 -9.07 -6.73 -2.83
N LEU A 14 -8.53 -7.08 -1.66
CA LEU A 14 -8.92 -8.31 -0.97
C LEU A 14 -10.28 -8.17 -0.31
N ASN A 15 -10.95 -7.04 -0.56
CA ASN A 15 -12.26 -6.79 0.01
C ASN A 15 -13.17 -8.00 -0.17
N GLU A 16 -14.39 -7.89 0.37
CA GLU A 16 -15.36 -8.97 0.26
C GLU A 16 -16.35 -8.70 -0.87
N ASP A 17 -16.09 -7.66 -1.64
CA ASP A 17 -16.96 -7.28 -2.76
C ASP A 17 -16.28 -7.61 -4.09
N PRO A 18 -16.36 -8.88 -4.50
CA PRO A 18 -15.77 -9.35 -5.75
C PRO A 18 -16.51 -8.83 -6.97
N LEU A 19 -17.56 -8.04 -6.73
CA LEU A 19 -18.35 -7.47 -7.81
C LEU A 19 -17.97 -6.00 -8.05
N MET A 20 -17.26 -5.42 -7.09
CA MET A 20 -16.84 -4.03 -7.19
C MET A 20 -16.52 -3.67 -8.65
N SER A 21 -17.18 -2.64 -9.15
CA SER A 21 -16.97 -2.19 -10.53
C SER A 21 -15.57 -1.63 -10.70
N GLU A 22 -14.88 -1.43 -9.59
CA GLU A 22 -13.52 -0.90 -9.63
C GLU A 22 -12.51 -1.97 -10.02
N CYS A 23 -11.25 -1.58 -10.15
CA CYS A 23 -10.19 -2.52 -10.53
C CYS A 23 -9.88 -3.47 -9.38
N LEU A 24 -9.41 -4.66 -9.72
CA LEU A 24 -9.06 -5.66 -8.72
C LEU A 24 -7.90 -5.19 -7.85
N LEU A 25 -6.93 -4.52 -8.47
CA LEU A 25 -5.78 -4.01 -7.75
C LEU A 25 -5.29 -2.70 -8.36
N TYR A 26 -4.31 -2.08 -7.71
CA TYR A 26 -3.76 -0.81 -8.19
C TYR A 26 -2.24 -0.83 -8.15
N TYR A 27 -1.61 -0.63 -9.30
CA TYR A 27 -0.15 -0.63 -9.38
C TYR A 27 0.41 0.72 -8.96
N ILE A 28 1.11 0.73 -7.83
CA ILE A 28 1.70 1.96 -7.31
C ILE A 28 3.03 2.27 -8.01
N LYS A 29 3.09 3.43 -8.65
CA LYS A 29 4.29 3.84 -9.36
C LYS A 29 5.34 4.38 -8.38
N ASP A 30 6.51 4.71 -8.91
CA ASP A 30 7.60 5.24 -8.09
C ASP A 30 7.37 6.71 -7.77
N GLY A 31 6.76 6.97 -6.62
CA GLY A 31 6.49 8.34 -6.22
C GLY A 31 5.61 8.42 -4.98
N ILE A 32 4.67 9.35 -4.97
CA ILE A 32 3.78 9.53 -3.84
C ILE A 32 2.32 9.33 -4.26
N THR A 33 1.76 8.17 -3.93
CA THR A 33 0.37 7.87 -4.27
C THR A 33 -0.56 8.20 -3.13
N ARG A 34 -1.13 9.40 -3.16
CA ARG A 34 -2.06 9.85 -2.12
C ARG A 34 -3.31 8.97 -2.10
N VAL A 35 -3.84 8.75 -0.90
CA VAL A 35 -5.04 7.94 -0.73
C VAL A 35 -6.17 8.75 -0.12
N GLY A 36 -7.18 9.05 -0.94
CA GLY A 36 -8.32 9.81 -0.47
C GLY A 36 -9.43 9.92 -1.50
N GLN A 37 -10.10 11.06 -1.54
CA GLN A 37 -11.19 11.26 -2.48
C GLN A 37 -10.71 12.05 -3.70
N ALA A 38 -11.47 11.97 -4.79
CA ALA A 38 -11.13 12.67 -6.01
C ALA A 38 -11.30 14.18 -5.85
N ASP A 39 -12.35 14.58 -5.14
CA ASP A 39 -12.63 15.99 -4.92
C ASP A 39 -11.51 16.64 -4.10
N ALA A 40 -10.73 15.81 -3.41
CA ALA A 40 -9.63 16.30 -2.60
C ALA A 40 -8.82 17.37 -3.33
N GLU A 41 -8.37 18.38 -2.60
CA GLU A 41 -7.59 19.46 -3.20
C GLU A 41 -6.68 18.93 -4.30
N ARG A 42 -5.80 18.00 -3.95
CA ARG A 42 -4.88 17.42 -4.92
C ARG A 42 -5.54 16.25 -5.65
N ARG A 43 -4.78 15.63 -6.55
CA ARG A 43 -5.28 14.51 -7.33
C ARG A 43 -4.83 13.18 -6.72
N GLN A 44 -5.73 12.54 -5.97
CA GLN A 44 -5.44 11.28 -5.33
C GLN A 44 -5.45 10.13 -6.34
N ASP A 45 -4.34 9.40 -6.42
CA ASP A 45 -4.23 8.28 -7.34
C ASP A 45 -5.37 7.29 -7.13
N ILE A 46 -5.59 6.89 -5.88
CA ILE A 46 -6.64 5.95 -5.55
C ILE A 46 -7.83 6.66 -4.90
N VAL A 47 -9.00 6.53 -5.52
CA VAL A 47 -10.21 7.16 -5.01
C VAL A 47 -11.08 6.14 -4.27
N LEU A 48 -11.40 6.46 -3.01
CA LEU A 48 -12.22 5.58 -2.18
C LEU A 48 -13.65 6.11 -2.09
N SER A 49 -14.52 5.32 -1.46
CA SER A 49 -15.92 5.70 -1.31
C SER A 49 -16.04 7.05 -0.61
N GLY A 50 -17.26 7.58 -0.55
CA GLY A 50 -17.48 8.87 0.09
C GLY A 50 -18.39 8.76 1.31
N ALA A 51 -18.11 7.78 2.15
CA ALA A 51 -18.90 7.57 3.36
C ALA A 51 -18.12 7.97 4.61
N HIS A 52 -17.05 7.24 4.90
CA HIS A 52 -16.22 7.52 6.06
C HIS A 52 -14.76 7.68 5.67
N ILE A 53 -14.54 8.22 4.47
CA ILE A 53 -13.19 8.44 3.96
C ILE A 53 -12.79 9.90 4.06
N LYS A 54 -11.49 10.17 4.12
CA LYS A 54 -10.99 11.53 4.21
C LYS A 54 -10.28 11.93 2.92
N GLU A 55 -10.43 13.19 2.53
CA GLU A 55 -9.80 13.70 1.32
C GLU A 55 -8.32 13.33 1.28
N GLU A 56 -7.67 13.39 2.43
CA GLU A 56 -6.24 13.07 2.53
C GLU A 56 -6.00 12.05 3.62
N HIS A 57 -6.89 11.06 3.72
CA HIS A 57 -6.76 10.02 4.73
C HIS A 57 -5.29 9.67 4.98
N CYS A 58 -4.67 9.02 3.99
CA CYS A 58 -3.28 8.63 4.10
C CYS A 58 -2.57 8.78 2.76
N ILE A 59 -1.28 8.46 2.73
CA ILE A 59 -0.49 8.56 1.51
C ILE A 59 0.50 7.40 1.41
N PHE A 60 0.85 7.05 0.18
CA PHE A 60 1.79 5.96 -0.07
C PHE A 60 3.05 6.47 -0.76
N ARG A 61 4.17 6.41 -0.04
CA ARG A 61 5.44 6.88 -0.58
C ARG A 61 6.36 5.70 -0.91
N SER A 62 6.78 5.62 -2.17
CA SER A 62 7.64 4.54 -2.62
C SER A 62 9.06 5.05 -2.88
N GLU A 63 9.98 4.70 -1.97
CA GLU A 63 11.37 5.13 -2.11
C GLU A 63 12.31 3.95 -1.91
N ARG A 64 13.30 3.84 -2.80
CA ARG A 64 14.27 2.76 -2.73
C ARG A 64 15.35 3.05 -1.69
N SER A 65 15.27 2.38 -0.54
CA SER A 65 16.23 2.58 0.53
C SER A 65 17.64 2.72 -0.02
N ASN A 66 18.49 3.42 0.72
CA ASN A 66 19.87 3.63 0.30
C ASN A 66 20.52 2.32 -0.13
N SER A 67 20.00 1.21 0.39
CA SER A 67 20.52 -0.11 0.06
C SER A 67 20.17 -0.49 -1.37
N GLY A 68 19.00 -0.06 -1.82
CA GLY A 68 18.56 -0.38 -3.17
C GLY A 68 17.27 -1.18 -3.20
N GLU A 69 16.56 -1.19 -2.08
CA GLU A 69 15.31 -1.92 -1.98
C GLU A 69 14.13 -0.97 -1.90
N VAL A 70 13.09 -1.27 -2.68
CA VAL A 70 11.89 -0.44 -2.70
C VAL A 70 11.09 -0.59 -1.41
N ILE A 71 10.96 0.50 -0.66
CA ILE A 71 10.21 0.48 0.59
C ILE A 71 9.06 1.48 0.55
N VAL A 72 7.88 1.02 0.99
CA VAL A 72 6.69 1.86 1.01
C VAL A 72 6.34 2.27 2.43
N THR A 73 5.97 3.54 2.60
CA THR A 73 5.59 4.06 3.91
C THR A 73 4.21 4.69 3.88
N LEU A 74 3.40 4.40 4.90
CA LEU A 74 2.06 4.94 4.99
C LEU A 74 2.03 6.21 5.84
N GLU A 75 1.55 7.30 5.25
CA GLU A 75 1.46 8.57 5.95
C GLU A 75 0.02 8.94 6.26
N PRO A 76 -0.53 8.35 7.33
CA PRO A 76 -1.91 8.60 7.75
C PRO A 76 -2.10 10.00 8.31
N CYS A 77 -3.33 10.50 8.26
CA CYS A 77 -3.64 11.83 8.75
C CYS A 77 -3.90 11.81 10.25
N GLU A 78 -3.93 12.99 10.85
CA GLU A 78 -4.16 13.10 12.30
C GLU A 78 -5.64 13.22 12.61
N ARG A 79 -6.46 13.32 11.56
CA ARG A 79 -7.91 13.43 11.71
C ARG A 79 -8.63 12.36 10.91
N SER A 80 -7.93 11.26 10.63
CA SER A 80 -8.50 10.16 9.87
C SER A 80 -8.40 8.85 10.65
N GLU A 81 -9.09 7.83 10.16
CA GLU A 81 -9.08 6.52 10.81
C GLU A 81 -8.35 5.49 9.95
N THR A 82 -7.12 5.16 10.33
CA THR A 82 -6.31 4.19 9.59
C THR A 82 -5.84 3.07 10.50
N TYR A 83 -5.95 1.83 10.02
CA TYR A 83 -5.52 0.68 10.79
C TYR A 83 -4.62 -0.23 9.96
N VAL A 84 -3.40 -0.46 10.46
CA VAL A 84 -2.44 -1.31 9.77
C VAL A 84 -2.11 -2.54 10.60
N ASN A 85 -2.19 -3.70 9.95
CA ASN A 85 -1.89 -4.97 10.63
C ASN A 85 -2.80 -5.16 11.85
N GLY A 86 -4.00 -4.61 11.77
CA GLY A 86 -4.94 -4.73 12.87
C GLY A 86 -4.85 -3.57 13.84
N LYS A 87 -3.66 -3.02 14.01
CA LYS A 87 -3.44 -1.90 14.91
C LYS A 87 -3.76 -0.58 14.21
N ARG A 88 -3.69 0.52 14.97
CA ARG A 88 -3.97 1.84 14.43
C ARG A 88 -2.69 2.54 14.00
N VAL A 89 -2.70 3.10 12.79
CA VAL A 89 -1.53 3.81 12.27
C VAL A 89 -1.79 5.30 12.19
N SER A 90 -1.00 6.07 12.93
CA SER A 90 -1.13 7.52 12.95
C SER A 90 0.17 8.20 12.56
N GLN A 91 1.26 7.43 12.56
CA GLN A 91 2.57 7.96 12.20
C GLN A 91 3.09 7.29 10.93
N PRO A 92 4.07 7.95 10.28
CA PRO A 92 4.66 7.45 9.04
C PRO A 92 5.51 6.21 9.27
N VAL A 93 4.92 5.04 9.07
CA VAL A 93 5.63 3.78 9.25
C VAL A 93 5.73 3.00 7.94
N GLN A 94 6.70 2.09 7.87
CA GLN A 94 6.89 1.28 6.67
C GLN A 94 5.92 0.11 6.63
N LEU A 95 5.32 -0.12 5.48
CA LEU A 95 4.38 -1.22 5.31
C LEU A 95 5.10 -2.54 5.08
N ARG A 96 4.51 -3.63 5.57
CA ARG A 96 5.09 -4.95 5.41
C ARG A 96 4.45 -5.70 4.26
N SER A 97 5.27 -6.17 3.32
CA SER A 97 4.78 -6.91 2.16
C SER A 97 3.59 -7.78 2.54
N GLY A 98 2.38 -7.30 2.26
CA GLY A 98 1.18 -8.05 2.58
C GLY A 98 0.57 -7.63 3.90
N ASN A 99 0.51 -6.32 4.13
CA ASN A 99 -0.06 -5.79 5.37
C ASN A 99 -1.50 -5.34 5.16
N ARG A 100 -2.35 -5.65 6.12
CA ARG A 100 -3.76 -5.29 6.04
C ARG A 100 -3.98 -3.85 6.50
N ILE A 101 -4.34 -2.97 5.56
CA ILE A 101 -4.58 -1.57 5.86
C ILE A 101 -6.02 -1.19 5.62
N ILE A 102 -6.68 -0.64 6.64
CA ILE A 102 -8.06 -0.24 6.53
C ILE A 102 -8.21 1.28 6.75
N MET A 103 -8.84 1.94 5.79
CA MET A 103 -9.06 3.38 5.87
C MET A 103 -10.51 3.70 6.17
N GLY A 104 -10.80 3.95 7.45
CA GLY A 104 -12.16 4.26 7.86
C GLY A 104 -13.11 3.13 7.60
N LYS A 105 -13.48 2.93 6.33
CA LYS A 105 -14.40 1.87 5.95
C LYS A 105 -13.68 0.53 5.87
N ASN A 106 -14.38 -0.49 5.38
CA ASN A 106 -13.80 -1.82 5.25
C ASN A 106 -12.92 -1.91 4.02
N HIS A 107 -12.65 -0.76 3.40
CA HIS A 107 -11.81 -0.70 2.21
C HIS A 107 -10.39 -1.15 2.52
N VAL A 108 -10.21 -2.46 2.71
CA VAL A 108 -8.90 -3.01 3.02
C VAL A 108 -8.14 -3.39 1.74
N PHE A 109 -6.87 -3.04 1.68
CA PHE A 109 -6.05 -3.35 0.52
C PHE A 109 -4.83 -4.17 0.92
N ARG A 110 -4.34 -4.98 -0.02
CA ARG A 110 -3.18 -5.83 0.24
C ARG A 110 -1.92 -5.23 -0.36
N PHE A 111 -0.92 -4.99 0.49
CA PHE A 111 0.34 -4.41 0.05
C PHE A 111 1.23 -5.46 -0.61
N ASN A 112 1.19 -5.52 -1.93
CA ASN A 112 2.00 -6.48 -2.68
C ASN A 112 3.41 -5.96 -2.90
N HIS A 113 4.40 -6.82 -2.71
CA HIS A 113 5.80 -6.45 -2.88
C HIS A 113 6.63 -7.65 -3.32
N PRO A 114 6.45 -8.07 -4.58
CA PRO A 114 7.17 -9.21 -5.15
C PRO A 114 8.65 -8.91 -5.36
N GLU A 115 9.07 -7.69 -5.01
CA GLU A 115 10.45 -7.28 -5.15
C GLU A 115 11.30 -7.77 -3.99
N GLN A 116 10.79 -7.56 -2.77
CA GLN A 116 11.50 -7.98 -1.57
C GLN A 116 11.22 -9.45 -1.25
N ALA A 117 9.96 -9.84 -1.34
CA ALA A 117 9.56 -11.22 -1.08
C ALA A 117 10.43 -12.20 -1.85
N ARG A 118 10.92 -11.77 -3.01
CA ARG A 118 11.76 -12.61 -3.84
C ARG A 118 13.00 -13.08 -3.07
N ALA A 119 13.50 -12.22 -2.20
CA ALA A 119 14.68 -12.54 -1.40
C ALA A 119 14.47 -13.85 -0.63
N GLU A 120 13.22 -14.22 -0.42
CA GLU A 120 12.89 -15.44 0.30
C GLU A 120 13.53 -16.65 -0.37
N ARG A 121 13.58 -16.62 -1.70
CA ARG A 121 14.16 -17.72 -2.46
C ARG A 121 15.68 -17.78 -2.27
N GLU A 122 16.33 -16.63 -2.43
CA GLU A 122 17.78 -16.56 -2.26
C GLU A 122 18.21 -17.16 -0.94
N LYS A 123 17.44 -16.90 0.11
CA LYS A 123 17.73 -17.41 1.44
C LYS A 123 17.63 -18.94 1.47
N THR A 124 18.44 -19.56 2.31
CA THR A 124 18.43 -21.02 2.43
C THR A 124 17.03 -21.55 2.70
N SER A 125 16.92 -22.85 2.88
CA SER A 125 15.63 -23.49 3.14
C SER A 125 15.81 -24.95 3.51
N GLY A 126 14.76 -25.53 4.09
CA GLY A 126 14.82 -26.94 4.48
C GLY A 126 13.72 -27.31 5.45
N PRO A 127 13.72 -26.67 6.63
CA PRO A 127 12.72 -26.93 7.67
C PRO A 127 11.33 -26.42 7.28
N SER A 128 10.30 -27.15 7.69
CA SER A 128 8.93 -26.77 7.38
C SER A 128 8.54 -25.48 8.11
N SER A 129 8.25 -24.44 7.35
CA SER A 129 7.86 -23.15 7.92
C SER A 129 6.49 -22.73 7.42
N GLY A 130 5.65 -22.26 8.35
CA GLY A 130 4.31 -21.83 7.99
C GLY A 130 3.28 -22.88 8.29
N GLY A 1 0.92 -0.80 -25.05
CA GLY A 1 0.87 -1.48 -23.77
C GLY A 1 2.09 -2.33 -23.53
N SER A 2 3.08 -1.77 -22.84
CA SER A 2 4.32 -2.49 -22.55
C SER A 2 4.02 -3.82 -21.89
N SER A 3 5.07 -4.61 -21.66
CA SER A 3 4.92 -5.93 -21.04
C SER A 3 6.24 -6.39 -20.44
N GLY A 4 6.31 -6.41 -19.11
CA GLY A 4 7.52 -6.84 -18.43
C GLY A 4 7.66 -6.23 -17.05
N SER A 5 7.10 -6.91 -16.05
CA SER A 5 7.15 -6.42 -14.68
C SER A 5 8.18 -7.21 -13.87
N SER A 6 9.11 -6.48 -13.27
CA SER A 6 10.16 -7.10 -12.46
C SER A 6 9.95 -6.84 -10.98
N GLY A 7 8.69 -6.86 -10.55
CA GLY A 7 8.37 -6.61 -9.16
C GLY A 7 7.96 -5.17 -8.90
N THR A 8 6.66 -4.93 -8.84
CA THR A 8 6.14 -3.59 -8.60
C THR A 8 5.19 -3.57 -7.41
N PRO A 9 5.30 -2.52 -6.58
CA PRO A 9 4.44 -2.36 -5.40
C PRO A 9 2.99 -2.06 -5.76
N HIS A 10 2.10 -2.99 -5.46
CA HIS A 10 0.68 -2.81 -5.76
C HIS A 10 -0.18 -3.35 -4.61
N LEU A 11 -1.35 -2.76 -4.44
CA LEU A 11 -2.27 -3.18 -3.39
C LEU A 11 -3.43 -3.99 -3.97
N VAL A 12 -3.76 -5.09 -3.29
CA VAL A 12 -4.86 -5.95 -3.74
C VAL A 12 -6.14 -5.65 -2.97
N ASN A 13 -7.27 -5.66 -3.68
CA ASN A 13 -8.56 -5.39 -3.07
C ASN A 13 -9.22 -6.68 -2.60
N LEU A 14 -9.15 -6.93 -1.30
CA LEU A 14 -9.75 -8.14 -0.73
C LEU A 14 -11.02 -7.80 0.04
N ASN A 15 -11.45 -6.55 -0.07
CA ASN A 15 -12.67 -6.09 0.62
C ASN A 15 -13.79 -7.12 0.46
N GLU A 16 -14.85 -6.94 1.23
CA GLU A 16 -15.99 -7.85 1.19
C GLU A 16 -16.90 -7.52 0.00
N ASP A 17 -16.45 -6.60 -0.84
CA ASP A 17 -17.22 -6.19 -2.01
C ASP A 17 -16.57 -6.72 -3.29
N PRO A 18 -16.83 -8.01 -3.60
CA PRO A 18 -16.29 -8.66 -4.79
C PRO A 18 -16.91 -8.13 -6.08
N LEU A 19 -17.92 -7.27 -5.93
CA LEU A 19 -18.60 -6.69 -7.08
C LEU A 19 -18.14 -5.26 -7.32
N MET A 20 -17.27 -4.77 -6.45
CA MET A 20 -16.75 -3.41 -6.56
C MET A 20 -16.58 -3.03 -8.04
N SER A 21 -17.35 -2.04 -8.49
CA SER A 21 -17.29 -1.58 -9.86
C SER A 21 -15.89 -1.05 -10.18
N GLU A 22 -15.07 -0.89 -9.15
CA GLU A 22 -13.72 -0.38 -9.33
C GLU A 22 -12.75 -1.52 -9.65
N CYS A 23 -11.49 -1.18 -9.87
CA CYS A 23 -10.46 -2.16 -10.18
C CYS A 23 -10.29 -3.15 -9.03
N LEU A 24 -9.60 -4.25 -9.30
CA LEU A 24 -9.38 -5.28 -8.29
C LEU A 24 -8.14 -4.96 -7.46
N LEU A 25 -7.15 -4.33 -8.09
CA LEU A 25 -5.92 -3.97 -7.40
C LEU A 25 -5.36 -2.66 -7.95
N TYR A 26 -4.47 -2.03 -7.18
CA TYR A 26 -3.87 -0.77 -7.58
C TYR A 26 -2.34 -0.92 -7.71
N TYR A 27 -1.82 -0.52 -8.86
CA TYR A 27 -0.39 -0.61 -9.12
C TYR A 27 0.30 0.71 -8.80
N ILE A 28 0.90 0.78 -7.62
CA ILE A 28 1.60 1.99 -7.20
C ILE A 28 2.83 2.25 -8.06
N LYS A 29 3.32 3.49 -8.04
CA LYS A 29 4.50 3.86 -8.81
C LYS A 29 5.53 4.56 -7.94
N ASP A 30 6.60 5.04 -8.56
CA ASP A 30 7.66 5.73 -7.84
C ASP A 30 7.29 7.19 -7.57
N GLY A 31 7.30 7.59 -6.31
CA GLY A 31 6.96 8.95 -5.96
C GLY A 31 6.03 9.02 -4.76
N ILE A 32 5.04 9.91 -4.84
CA ILE A 32 4.08 10.08 -3.76
C ILE A 32 2.65 9.81 -4.24
N THR A 33 2.05 8.75 -3.72
CA THR A 33 0.68 8.39 -4.10
C THR A 33 -0.30 8.76 -3.01
N ARG A 34 -0.97 9.89 -3.18
CA ARG A 34 -1.95 10.36 -2.20
C ARG A 34 -3.25 9.57 -2.32
N VAL A 35 -3.78 9.14 -1.17
CA VAL A 35 -5.02 8.38 -1.14
C VAL A 35 -6.14 9.18 -0.49
N GLY A 36 -7.30 9.21 -1.14
CA GLY A 36 -8.44 9.95 -0.61
C GLY A 36 -9.61 9.97 -1.57
N GLN A 37 -10.22 11.14 -1.73
CA GLN A 37 -11.35 11.30 -2.62
C GLN A 37 -10.93 11.87 -3.97
N ALA A 38 -11.83 11.84 -4.94
CA ALA A 38 -11.54 12.37 -6.28
C ALA A 38 -11.75 13.88 -6.33
N ASP A 39 -12.49 14.40 -5.36
CA ASP A 39 -12.77 15.82 -5.30
C ASP A 39 -11.63 16.57 -4.61
N ALA A 40 -10.88 15.86 -3.77
CA ALA A 40 -9.77 16.45 -3.06
C ALA A 40 -8.97 17.39 -3.95
N GLU A 41 -8.62 18.55 -3.41
CA GLU A 41 -7.86 19.55 -4.16
C GLU A 41 -6.87 18.87 -5.11
N ARG A 42 -5.98 18.06 -4.56
CA ARG A 42 -4.98 17.36 -5.35
C ARG A 42 -5.49 15.99 -5.78
N ARG A 43 -5.81 15.85 -7.06
CA ARG A 43 -6.31 14.58 -7.59
C ARG A 43 -5.60 13.40 -6.93
N GLN A 44 -6.30 12.71 -6.04
CA GLN A 44 -5.73 11.56 -5.35
C GLN A 44 -5.50 10.41 -6.32
N ASP A 45 -4.27 9.93 -6.37
CA ASP A 45 -3.91 8.82 -7.26
C ASP A 45 -4.89 7.67 -7.11
N ILE A 46 -5.22 7.34 -5.87
CA ILE A 46 -6.15 6.25 -5.59
C ILE A 46 -7.38 6.76 -4.85
N VAL A 47 -8.54 6.65 -5.47
CA VAL A 47 -9.79 7.09 -4.86
C VAL A 47 -10.58 5.92 -4.31
N LEU A 48 -10.96 6.00 -3.04
CA LEU A 48 -11.72 4.95 -2.40
C LEU A 48 -13.22 5.22 -2.49
N SER A 49 -14.02 4.16 -2.42
CA SER A 49 -15.47 4.29 -2.49
C SER A 49 -16.11 4.01 -1.14
N GLY A 50 -15.89 4.92 -0.19
CA GLY A 50 -16.45 4.76 1.14
C GLY A 50 -17.20 6.01 1.60
N ALA A 51 -17.43 6.10 2.90
CA ALA A 51 -18.14 7.24 3.47
C ALA A 51 -17.26 8.01 4.45
N HIS A 52 -16.42 7.27 5.18
CA HIS A 52 -15.53 7.88 6.15
C HIS A 52 -14.22 8.32 5.50
N ILE A 53 -14.15 8.17 4.18
CA ILE A 53 -12.95 8.55 3.43
C ILE A 53 -12.76 10.07 3.44
N LYS A 54 -11.51 10.50 3.47
CA LYS A 54 -11.18 11.91 3.47
C LYS A 54 -10.36 12.29 2.26
N GLU A 55 -10.39 13.58 1.89
CA GLU A 55 -9.64 14.06 0.74
C GLU A 55 -8.20 13.56 0.78
N GLU A 56 -7.60 13.63 1.95
CA GLU A 56 -6.21 13.19 2.13
C GLU A 56 -6.12 12.10 3.19
N HIS A 57 -7.06 11.16 3.15
CA HIS A 57 -7.09 10.06 4.11
C HIS A 57 -5.67 9.64 4.48
N CYS A 58 -4.97 9.04 3.52
CA CYS A 58 -3.61 8.57 3.74
C CYS A 58 -2.75 8.79 2.50
N ILE A 59 -1.48 8.43 2.61
CA ILE A 59 -0.55 8.58 1.49
C ILE A 59 0.39 7.39 1.38
N PHE A 60 0.86 7.12 0.17
CA PHE A 60 1.77 6.00 -0.07
C PHE A 60 3.03 6.46 -0.80
N ARG A 61 4.15 6.48 -0.09
CA ARG A 61 5.42 6.90 -0.66
C ARG A 61 6.28 5.70 -1.03
N SER A 62 6.89 5.75 -2.21
CA SER A 62 7.74 4.66 -2.67
C SER A 62 9.13 5.18 -3.04
N GLU A 63 10.11 4.84 -2.21
CA GLU A 63 11.48 5.26 -2.43
C GLU A 63 12.45 4.10 -2.24
N ARG A 64 13.51 4.07 -3.05
CA ARG A 64 14.51 3.01 -2.97
C ARG A 64 15.49 3.29 -1.84
N SER A 65 15.37 2.52 -0.75
CA SER A 65 16.24 2.69 0.41
C SER A 65 17.68 2.91 -0.03
N ASN A 66 18.48 3.51 0.85
CA ASN A 66 19.88 3.77 0.55
C ASN A 66 20.61 2.50 0.15
N SER A 67 20.03 1.36 0.50
CA SER A 67 20.62 0.06 0.18
C SER A 67 20.35 -0.31 -1.27
N GLY A 68 19.29 0.26 -1.84
CA GLY A 68 18.94 -0.03 -3.22
C GLY A 68 17.70 -0.90 -3.32
N GLU A 69 16.91 -0.94 -2.26
CA GLU A 69 15.69 -1.74 -2.25
C GLU A 69 14.46 -0.84 -2.16
N VAL A 70 13.48 -1.10 -3.02
CA VAL A 70 12.24 -0.32 -3.04
C VAL A 70 11.42 -0.58 -1.78
N ILE A 71 11.05 0.50 -1.10
CA ILE A 71 10.25 0.39 0.12
C ILE A 71 9.04 1.33 0.07
N VAL A 72 7.99 0.97 0.79
CA VAL A 72 6.78 1.78 0.83
C VAL A 72 6.43 2.19 2.25
N THR A 73 5.98 3.43 2.42
CA THR A 73 5.62 3.94 3.74
C THR A 73 4.23 4.56 3.72
N LEU A 74 3.46 4.30 4.78
CA LEU A 74 2.11 4.81 4.89
C LEU A 74 2.08 6.08 5.74
N GLU A 75 1.71 7.20 5.12
CA GLU A 75 1.63 8.47 5.83
C GLU A 75 0.19 8.91 6.03
N PRO A 76 -0.47 8.33 7.04
CA PRO A 76 -1.86 8.64 7.36
C PRO A 76 -2.03 10.05 7.94
N CYS A 77 -3.27 10.44 8.17
CA CYS A 77 -3.57 11.76 8.72
C CYS A 77 -4.15 11.65 10.13
N GLU A 78 -3.98 12.70 10.91
CA GLU A 78 -4.48 12.72 12.28
C GLU A 78 -6.00 12.85 12.30
N ARG A 79 -6.54 13.48 11.27
CA ARG A 79 -7.99 13.67 11.17
C ARG A 79 -8.62 12.56 10.35
N SER A 80 -7.83 11.53 10.02
CA SER A 80 -8.31 10.41 9.24
C SER A 80 -8.37 9.14 10.09
N GLU A 81 -8.76 8.04 9.46
CA GLU A 81 -8.86 6.76 10.16
C GLU A 81 -8.22 5.64 9.34
N THR A 82 -7.13 5.09 9.84
CA THR A 82 -6.42 4.02 9.17
C THR A 82 -5.96 2.95 10.15
N TYR A 83 -5.87 1.71 9.67
CA TYR A 83 -5.45 0.59 10.51
C TYR A 83 -4.60 -0.39 9.72
N VAL A 84 -3.38 -0.62 10.20
CA VAL A 84 -2.46 -1.54 9.55
C VAL A 84 -2.21 -2.79 10.39
N ASN A 85 -2.49 -3.95 9.82
CA ASN A 85 -2.31 -5.22 10.53
C ASN A 85 -3.19 -5.28 11.77
N GLY A 86 -4.39 -4.71 11.67
CA GLY A 86 -5.31 -4.72 12.79
C GLY A 86 -5.09 -3.55 13.72
N LYS A 87 -3.83 -3.20 13.94
CA LYS A 87 -3.48 -2.09 14.82
C LYS A 87 -3.84 -0.75 14.18
N ARG A 88 -3.50 0.35 14.87
CA ARG A 88 -3.79 1.67 14.36
C ARG A 88 -2.52 2.34 13.83
N VAL A 89 -2.65 3.03 12.71
CA VAL A 89 -1.52 3.71 12.09
C VAL A 89 -1.74 5.21 12.04
N SER A 90 -1.05 5.94 12.92
CA SER A 90 -1.17 7.39 12.98
C SER A 90 0.16 8.06 12.66
N GLN A 91 1.19 7.25 12.43
CA GLN A 91 2.51 7.77 12.10
C GLN A 91 3.04 7.14 10.82
N PRO A 92 3.99 7.83 10.17
CA PRO A 92 4.61 7.36 8.92
C PRO A 92 5.50 6.14 9.14
N VAL A 93 4.93 4.95 8.92
CA VAL A 93 5.67 3.71 9.10
C VAL A 93 5.71 2.92 7.79
N GLN A 94 6.65 1.99 7.71
CA GLN A 94 6.79 1.16 6.52
C GLN A 94 5.79 0.00 6.53
N LEU A 95 5.25 -0.31 5.36
CA LEU A 95 4.28 -1.40 5.23
C LEU A 95 4.98 -2.74 5.03
N ARG A 96 4.31 -3.81 5.44
CA ARG A 96 4.87 -5.15 5.29
C ARG A 96 4.17 -5.92 4.17
N SER A 97 4.95 -6.37 3.19
CA SER A 97 4.40 -7.11 2.07
C SER A 97 3.36 -8.12 2.54
N GLY A 98 2.09 -7.73 2.51
CA GLY A 98 1.02 -8.61 2.93
C GLY A 98 0.36 -8.14 4.21
N ASN A 99 0.23 -6.82 4.36
CA ASN A 99 -0.38 -6.25 5.55
C ASN A 99 -1.75 -5.66 5.22
N ARG A 100 -2.69 -5.79 6.15
CA ARG A 100 -4.04 -5.29 5.96
C ARG A 100 -4.12 -3.81 6.34
N ILE A 101 -4.39 -2.96 5.36
CA ILE A 101 -4.51 -1.53 5.60
C ILE A 101 -5.93 -1.04 5.33
N ILE A 102 -6.65 -0.72 6.40
CA ILE A 102 -8.01 -0.24 6.29
C ILE A 102 -8.05 1.29 6.24
N MET A 103 -8.99 1.83 5.46
CA MET A 103 -9.13 3.27 5.33
C MET A 103 -10.56 3.70 5.62
N GLY A 104 -10.80 4.18 6.84
CA GLY A 104 -12.12 4.62 7.23
C GLY A 104 -13.12 3.47 7.30
N LYS A 105 -13.59 3.03 6.13
CA LYS A 105 -14.54 1.93 6.07
C LYS A 105 -13.82 0.59 6.04
N ASN A 106 -14.60 -0.49 5.88
CA ASN A 106 -14.04 -1.84 5.83
C ASN A 106 -13.38 -2.10 4.48
N HIS A 107 -12.54 -1.18 4.04
CA HIS A 107 -11.84 -1.31 2.77
C HIS A 107 -10.37 -1.65 2.98
N VAL A 108 -10.10 -2.92 3.24
CA VAL A 108 -8.73 -3.38 3.47
C VAL A 108 -8.02 -3.67 2.14
N PHE A 109 -6.70 -3.50 2.14
CA PHE A 109 -5.91 -3.74 0.94
C PHE A 109 -4.66 -4.56 1.26
N ARG A 110 -4.29 -5.45 0.37
CA ARG A 110 -3.12 -6.29 0.56
C ARG A 110 -1.91 -5.72 -0.17
N PHE A 111 -0.93 -5.26 0.61
CA PHE A 111 0.29 -4.68 0.03
C PHE A 111 1.25 -5.78 -0.42
N ASN A 112 1.44 -5.88 -1.73
CA ASN A 112 2.33 -6.89 -2.30
C ASN A 112 3.65 -6.26 -2.73
N HIS A 113 4.75 -6.71 -2.11
CA HIS A 113 6.07 -6.20 -2.43
C HIS A 113 7.00 -7.33 -2.84
N PRO A 114 6.87 -7.78 -4.10
CA PRO A 114 7.70 -8.86 -4.65
C PRO A 114 9.15 -8.43 -4.86
N GLU A 115 9.34 -7.19 -5.28
CA GLU A 115 10.68 -6.66 -5.51
C GLU A 115 11.55 -6.81 -4.27
N GLN A 116 11.11 -6.20 -3.17
CA GLN A 116 11.85 -6.27 -1.92
C GLN A 116 11.89 -7.70 -1.38
N ALA A 117 10.78 -8.41 -1.51
CA ALA A 117 10.69 -9.78 -1.04
C ALA A 117 11.78 -10.64 -1.67
N ARG A 118 12.22 -10.25 -2.86
CA ARG A 118 13.26 -11.00 -3.57
C ARG A 118 14.53 -11.11 -2.72
N ALA A 119 14.69 -10.18 -1.79
CA ALA A 119 15.86 -10.17 -0.91
C ALA A 119 15.57 -10.93 0.38
N GLU A 120 14.36 -10.77 0.90
CA GLU A 120 13.96 -11.43 2.13
C GLU A 120 14.27 -12.92 2.07
N ARG A 121 13.92 -13.56 0.95
CA ARG A 121 14.16 -14.98 0.77
C ARG A 121 15.64 -15.30 0.90
N GLU A 122 16.49 -14.36 0.49
CA GLU A 122 17.93 -14.54 0.56
C GLU A 122 18.45 -14.24 1.96
N LYS A 123 17.53 -13.97 2.88
CA LYS A 123 17.89 -13.66 4.26
C LYS A 123 19.00 -14.60 4.75
N THR A 124 18.74 -15.90 4.66
CA THR A 124 19.71 -16.90 5.11
C THR A 124 20.60 -17.34 3.95
N SER A 125 21.85 -16.89 3.96
CA SER A 125 22.80 -17.25 2.92
C SER A 125 23.68 -18.41 3.35
N GLY A 126 23.40 -19.59 2.81
CA GLY A 126 24.17 -20.77 3.16
C GLY A 126 24.40 -21.68 1.96
N PRO A 127 24.76 -21.08 0.82
CA PRO A 127 25.00 -21.84 -0.41
C PRO A 127 26.28 -22.67 -0.34
N SER A 128 26.97 -22.59 0.80
CA SER A 128 28.20 -23.34 1.00
C SER A 128 29.11 -23.23 -0.22
N SER A 129 29.19 -22.03 -0.78
CA SER A 129 30.02 -21.79 -1.95
C SER A 129 31.50 -21.82 -1.59
N GLY A 130 32.03 -23.03 -1.41
CA GLY A 130 33.43 -23.18 -1.05
C GLY A 130 33.62 -23.58 0.40
N GLY A 1 6.33 -3.99 -25.91
CA GLY A 1 7.64 -3.38 -26.04
C GLY A 1 8.64 -3.92 -25.03
N SER A 2 8.48 -3.49 -23.77
CA SER A 2 9.37 -3.92 -22.70
C SER A 2 8.63 -4.02 -21.38
N SER A 3 8.46 -5.24 -20.89
CA SER A 3 7.76 -5.48 -19.63
C SER A 3 8.74 -5.61 -18.48
N GLY A 4 9.11 -4.48 -17.88
CA GLY A 4 10.04 -4.49 -16.77
C GLY A 4 9.35 -4.42 -15.43
N SER A 5 8.50 -5.41 -15.14
CA SER A 5 7.78 -5.45 -13.89
C SER A 5 8.67 -5.91 -12.74
N SER A 6 9.48 -4.98 -12.23
CA SER A 6 10.40 -5.30 -11.14
C SER A 6 9.64 -5.40 -9.81
N GLY A 7 8.96 -6.53 -9.61
CA GLY A 7 8.21 -6.74 -8.39
C GLY A 7 7.58 -5.46 -7.87
N THR A 8 6.95 -4.72 -8.76
CA THR A 8 6.31 -3.46 -8.39
C THR A 8 5.19 -3.70 -7.37
N PRO A 9 5.10 -2.80 -6.38
CA PRO A 9 4.10 -2.89 -5.32
C PRO A 9 2.69 -2.61 -5.84
N HIS A 10 1.69 -3.18 -5.17
CA HIS A 10 0.30 -2.99 -5.57
C HIS A 10 -0.65 -3.33 -4.41
N LEU A 11 -1.83 -2.73 -4.43
CA LEU A 11 -2.82 -2.96 -3.39
C LEU A 11 -3.90 -3.92 -3.88
N VAL A 12 -4.13 -4.99 -3.12
CA VAL A 12 -5.14 -5.97 -3.47
C VAL A 12 -6.40 -5.78 -2.64
N ASN A 13 -7.55 -5.78 -3.31
CA ASN A 13 -8.83 -5.61 -2.63
C ASN A 13 -9.25 -6.91 -1.94
N LEU A 14 -9.10 -6.95 -0.62
CA LEU A 14 -9.46 -8.12 0.16
C LEU A 14 -10.71 -7.85 1.00
N ASN A 15 -11.26 -6.64 0.88
CA ASN A 15 -12.44 -6.26 1.62
C ASN A 15 -13.50 -7.36 1.57
N GLU A 16 -14.50 -7.26 2.45
CA GLU A 16 -15.56 -8.25 2.51
C GLU A 16 -16.58 -8.02 1.39
N ASP A 17 -16.26 -7.09 0.49
CA ASP A 17 -17.14 -6.78 -0.63
C ASP A 17 -16.56 -7.31 -1.93
N PRO A 18 -16.76 -8.61 -2.18
CA PRO A 18 -16.27 -9.27 -3.39
C PRO A 18 -17.02 -8.82 -4.64
N LEU A 19 -17.95 -7.89 -4.46
CA LEU A 19 -18.74 -7.38 -5.57
C LEU A 19 -18.35 -5.95 -5.90
N MET A 20 -17.60 -5.32 -5.01
CA MET A 20 -17.15 -3.95 -5.21
C MET A 20 -16.85 -3.68 -6.68
N SER A 21 -17.52 -2.67 -7.24
CA SER A 21 -17.33 -2.32 -8.64
C SER A 21 -15.95 -1.71 -8.87
N GLU A 22 -15.19 -1.55 -7.78
CA GLU A 22 -13.86 -0.98 -7.86
C GLU A 22 -12.87 -1.97 -8.49
N CYS A 23 -11.69 -1.48 -8.84
CA CYS A 23 -10.67 -2.32 -9.45
C CYS A 23 -10.13 -3.33 -8.44
N LEU A 24 -10.12 -4.60 -8.84
CA LEU A 24 -9.64 -5.67 -7.96
C LEU A 24 -8.40 -5.21 -7.20
N LEU A 25 -7.40 -4.72 -7.93
CA LEU A 25 -6.16 -4.26 -7.31
C LEU A 25 -5.63 -3.03 -8.03
N TYR A 26 -4.66 -2.36 -7.41
CA TYR A 26 -4.06 -1.17 -8.00
C TYR A 26 -2.54 -1.24 -7.94
N TYR A 27 -1.89 -0.74 -8.99
CA TYR A 27 -0.43 -0.74 -9.06
C TYR A 27 0.14 0.62 -8.67
N ILE A 28 0.73 0.68 -7.49
CA ILE A 28 1.32 1.92 -7.00
C ILE A 28 2.56 2.30 -7.81
N LYS A 29 2.58 3.54 -8.31
CA LYS A 29 3.71 4.02 -9.10
C LYS A 29 4.81 4.54 -8.19
N ASP A 30 5.92 4.95 -8.79
CA ASP A 30 7.06 5.48 -8.05
C ASP A 30 6.85 6.96 -7.74
N GLY A 31 7.01 7.33 -6.47
CA GLY A 31 6.84 8.72 -6.07
C GLY A 31 5.94 8.87 -4.86
N ILE A 32 4.84 9.59 -5.03
CA ILE A 32 3.90 9.81 -3.94
C ILE A 32 2.48 9.45 -4.36
N THR A 33 1.86 8.54 -3.62
CA THR A 33 0.50 8.10 -3.92
C THR A 33 -0.44 8.39 -2.75
N ARG A 34 -1.10 9.54 -2.81
CA ARG A 34 -2.03 9.93 -1.75
C ARG A 34 -3.36 9.19 -1.89
N VAL A 35 -3.80 8.56 -0.81
CA VAL A 35 -5.05 7.82 -0.80
C VAL A 35 -6.18 8.64 -0.19
N GLY A 36 -7.01 9.23 -1.04
CA GLY A 36 -8.12 10.04 -0.57
C GLY A 36 -9.26 10.10 -1.55
N GLN A 37 -9.88 11.27 -1.69
CA GLN A 37 -10.99 11.45 -2.61
C GLN A 37 -10.53 12.12 -3.90
N ALA A 38 -11.42 12.15 -4.89
CA ALA A 38 -11.11 12.76 -6.17
C ALA A 38 -11.37 14.27 -6.14
N ASP A 39 -12.03 14.73 -5.09
CA ASP A 39 -12.34 16.14 -4.94
C ASP A 39 -11.25 16.86 -4.15
N ALA A 40 -10.55 16.10 -3.31
CA ALA A 40 -9.48 16.67 -2.49
C ALA A 40 -8.71 17.75 -3.25
N GLU A 41 -8.29 18.78 -2.53
CA GLU A 41 -7.55 19.88 -3.14
C GLU A 41 -6.61 19.36 -4.23
N ARG A 42 -5.70 18.46 -3.84
CA ARG A 42 -4.75 17.89 -4.77
C ARG A 42 -5.27 16.60 -5.37
N ARG A 43 -4.94 16.36 -6.64
CA ARG A 43 -5.38 15.16 -7.33
C ARG A 43 -4.83 13.91 -6.66
N GLN A 44 -5.64 13.30 -5.80
CA GLN A 44 -5.23 12.09 -5.09
C GLN A 44 -4.92 10.96 -6.07
N ASP A 45 -3.73 10.39 -5.95
CA ASP A 45 -3.31 9.31 -6.83
C ASP A 45 -4.40 8.25 -6.93
N ILE A 46 -4.84 7.74 -5.79
CA ILE A 46 -5.88 6.72 -5.75
C ILE A 46 -7.16 7.26 -5.11
N VAL A 47 -8.25 7.23 -5.86
CA VAL A 47 -9.53 7.71 -5.38
C VAL A 47 -10.43 6.56 -4.97
N LEU A 48 -10.69 6.43 -3.67
CA LEU A 48 -11.53 5.38 -3.15
C LEU A 48 -13.00 5.69 -3.38
N SER A 49 -13.86 4.70 -3.15
CA SER A 49 -15.30 4.88 -3.34
C SER A 49 -16.03 4.86 -1.99
N GLY A 50 -16.40 6.04 -1.52
CA GLY A 50 -17.10 6.14 -0.25
C GLY A 50 -16.94 7.50 0.39
N ALA A 51 -18.06 8.13 0.74
CA ALA A 51 -18.03 9.45 1.36
C ALA A 51 -17.16 9.45 2.61
N HIS A 52 -17.08 8.31 3.28
CA HIS A 52 -16.27 8.17 4.48
C HIS A 52 -14.82 8.56 4.20
N ILE A 53 -14.25 8.01 3.14
CA ILE A 53 -12.88 8.29 2.77
C ILE A 53 -12.57 9.78 2.90
N LYS A 54 -11.66 10.11 3.81
CA LYS A 54 -11.27 11.50 4.02
C LYS A 54 -10.44 12.02 2.86
N GLU A 55 -10.65 13.29 2.51
CA GLU A 55 -9.91 13.91 1.40
C GLU A 55 -8.42 13.58 1.50
N GLU A 56 -7.92 13.47 2.73
CA GLU A 56 -6.52 13.16 2.95
C GLU A 56 -6.36 12.04 3.96
N HIS A 57 -7.03 10.91 3.72
CA HIS A 57 -6.97 9.76 4.62
C HIS A 57 -5.52 9.40 4.92
N CYS A 58 -4.83 8.86 3.92
CA CYS A 58 -3.44 8.45 4.08
C CYS A 58 -2.66 8.64 2.78
N ILE A 59 -1.39 8.28 2.81
CA ILE A 59 -0.54 8.42 1.63
C ILE A 59 0.43 7.24 1.51
N PHE A 60 0.92 7.00 0.30
CA PHE A 60 1.86 5.91 0.06
C PHE A 60 3.10 6.40 -0.68
N ARG A 61 4.22 6.46 0.04
CA ARG A 61 5.47 6.92 -0.54
C ARG A 61 6.36 5.73 -0.92
N SER A 62 6.82 5.74 -2.17
CA SER A 62 7.67 4.66 -2.67
C SER A 62 9.04 5.19 -3.07
N GLU A 63 10.04 4.93 -2.23
CA GLU A 63 11.40 5.39 -2.49
C GLU A 63 12.41 4.26 -2.26
N ARG A 64 13.43 4.20 -3.11
CA ARG A 64 14.45 3.17 -2.99
C ARG A 64 15.48 3.55 -1.94
N SER A 65 15.65 2.68 -0.95
CA SER A 65 16.60 2.92 0.13
C SER A 65 18.02 3.02 -0.41
N ASN A 66 18.98 3.15 0.51
CA ASN A 66 20.38 3.26 0.12
C ASN A 66 20.92 1.92 -0.39
N SER A 67 20.16 0.86 -0.14
CA SER A 67 20.56 -0.48 -0.57
C SER A 67 19.91 -0.84 -1.90
N GLY A 68 19.19 0.13 -2.48
CA GLY A 68 18.52 -0.11 -3.74
C GLY A 68 17.23 -0.88 -3.58
N GLU A 69 16.76 -0.99 -2.34
CA GLU A 69 15.53 -1.71 -2.05
C GLU A 69 14.34 -0.75 -1.96
N VAL A 70 13.34 -0.98 -2.80
CA VAL A 70 12.15 -0.14 -2.82
C VAL A 70 11.34 -0.31 -1.53
N ILE A 71 11.27 0.74 -0.74
CA ILE A 71 10.52 0.70 0.52
C ILE A 71 9.27 1.58 0.44
N VAL A 72 8.18 1.09 1.03
CA VAL A 72 6.92 1.83 1.03
C VAL A 72 6.52 2.23 2.45
N THR A 73 6.12 3.49 2.60
CA THR A 73 5.70 4.00 3.91
C THR A 73 4.32 4.64 3.83
N LEU A 74 3.52 4.40 4.86
CA LEU A 74 2.17 4.97 4.92
C LEU A 74 2.11 6.18 5.84
N GLU A 75 1.59 7.29 5.32
CA GLU A 75 1.49 8.51 6.10
C GLU A 75 0.03 8.87 6.35
N PRO A 76 -0.57 8.22 7.35
CA PRO A 76 -1.98 8.45 7.73
C PRO A 76 -2.19 9.82 8.36
N CYS A 77 -3.46 10.19 8.55
CA CYS A 77 -3.79 11.47 9.15
C CYS A 77 -3.93 11.35 10.66
N GLU A 78 -4.23 12.47 11.32
CA GLU A 78 -4.39 12.50 12.76
C GLU A 78 -5.86 12.30 13.16
N ARG A 79 -6.76 12.70 12.26
CA ARG A 79 -8.18 12.58 12.51
C ARG A 79 -8.86 11.76 11.42
N SER A 80 -8.18 10.68 11.00
CA SER A 80 -8.71 9.81 9.96
C SER A 80 -8.87 8.38 10.48
N GLU A 81 -9.66 7.58 9.77
CA GLU A 81 -9.89 6.19 10.15
C GLU A 81 -9.00 5.25 9.36
N THR A 82 -7.72 5.24 9.70
CA THR A 82 -6.75 4.37 9.01
C THR A 82 -6.23 3.28 9.95
N TYR A 83 -5.84 2.15 9.37
CA TYR A 83 -5.33 1.03 10.15
C TYR A 83 -4.41 0.16 9.30
N VAL A 84 -3.21 -0.08 9.80
CA VAL A 84 -2.24 -0.91 9.08
C VAL A 84 -1.63 -1.95 10.01
N ASN A 85 -1.35 -3.14 9.46
CA ASN A 85 -0.77 -4.22 10.24
C ASN A 85 -1.79 -4.83 11.19
N GLY A 86 -3.07 -4.77 10.79
CA GLY A 86 -4.13 -5.31 11.62
C GLY A 86 -4.45 -4.44 12.81
N LYS A 87 -3.76 -3.30 12.90
CA LYS A 87 -3.99 -2.36 14.01
C LYS A 87 -4.12 -0.94 13.48
N ARG A 88 -4.22 0.02 14.42
CA ARG A 88 -4.36 1.42 14.04
C ARG A 88 -3.02 1.99 13.60
N VAL A 89 -3.07 2.95 12.67
CA VAL A 89 -1.86 3.58 12.15
C VAL A 89 -1.95 5.10 12.26
N SER A 90 -1.33 5.66 13.30
CA SER A 90 -1.33 7.10 13.52
C SER A 90 0.06 7.68 13.36
N GLN A 91 0.96 6.90 12.76
CA GLN A 91 2.34 7.34 12.55
C GLN A 91 2.90 6.75 11.25
N PRO A 92 3.87 7.46 10.67
CA PRO A 92 4.52 7.05 9.42
C PRO A 92 5.39 5.81 9.61
N VAL A 93 4.88 4.66 9.18
CA VAL A 93 5.62 3.40 9.30
C VAL A 93 5.88 2.79 7.93
N GLN A 94 6.94 1.98 7.83
CA GLN A 94 7.30 1.33 6.59
C GLN A 94 6.48 0.06 6.37
N LEU A 95 5.44 0.17 5.57
CA LEU A 95 4.57 -0.97 5.27
C LEU A 95 5.39 -2.25 5.14
N ARG A 96 4.84 -3.36 5.64
CA ARG A 96 5.52 -4.65 5.56
C ARG A 96 4.89 -5.52 4.48
N SER A 97 5.75 -6.12 3.65
CA SER A 97 5.28 -6.99 2.57
C SER A 97 4.16 -7.91 3.05
N GLY A 98 2.93 -7.59 2.67
CA GLY A 98 1.80 -8.39 3.08
C GLY A 98 1.10 -7.84 4.30
N ASN A 99 1.21 -6.52 4.50
CA ASN A 99 0.58 -5.87 5.65
C ASN A 99 -0.90 -5.61 5.38
N ARG A 100 -1.71 -5.70 6.43
CA ARG A 100 -3.15 -5.48 6.31
C ARG A 100 -3.49 -4.01 6.53
N ILE A 101 -4.10 -3.39 5.53
CA ILE A 101 -4.48 -1.98 5.62
C ILE A 101 -5.99 -1.82 5.54
N ILE A 102 -6.51 -0.84 6.27
CA ILE A 102 -7.95 -0.57 6.27
C ILE A 102 -8.22 0.93 6.34
N MET A 103 -9.25 1.36 5.61
CA MET A 103 -9.62 2.77 5.58
C MET A 103 -11.13 2.93 5.67
N GLY A 104 -11.57 4.05 6.24
CA GLY A 104 -12.99 4.31 6.37
C GLY A 104 -13.78 3.04 6.65
N LYS A 105 -14.47 2.54 5.63
CA LYS A 105 -15.27 1.33 5.77
C LYS A 105 -15.27 0.53 4.46
N ASN A 106 -15.14 -0.79 4.59
CA ASN A 106 -15.13 -1.67 3.42
C ASN A 106 -14.07 -1.22 2.42
N HIS A 107 -13.02 -0.58 2.92
CA HIS A 107 -11.93 -0.11 2.07
C HIS A 107 -10.61 -0.76 2.46
N VAL A 108 -10.63 -2.09 2.57
CA VAL A 108 -9.42 -2.83 2.94
C VAL A 108 -8.54 -3.09 1.73
N PHE A 109 -7.25 -3.23 1.96
CA PHE A 109 -6.29 -3.48 0.89
C PHE A 109 -5.07 -4.23 1.41
N ARG A 110 -4.52 -5.10 0.57
CA ARG A 110 -3.35 -5.89 0.95
C ARG A 110 -2.11 -5.38 0.23
N PHE A 111 -1.01 -5.27 0.97
CA PHE A 111 0.26 -4.79 0.41
C PHE A 111 1.07 -5.95 -0.16
N ASN A 112 1.44 -5.83 -1.44
CA ASN A 112 2.22 -6.87 -2.10
C ASN A 112 3.59 -6.34 -2.52
N HIS A 113 4.61 -6.71 -1.76
CA HIS A 113 5.97 -6.27 -2.05
C HIS A 113 6.89 -7.46 -2.31
N PRO A 114 6.79 -8.02 -3.53
CA PRO A 114 7.60 -9.18 -3.93
C PRO A 114 9.08 -8.82 -4.09
N GLU A 115 9.41 -7.56 -3.84
CA GLU A 115 10.78 -7.10 -3.96
C GLU A 115 11.56 -7.34 -2.67
N GLN A 116 10.94 -6.97 -1.55
CA GLN A 116 11.58 -7.14 -0.25
C GLN A 116 11.50 -8.60 0.21
N ALA A 117 10.39 -9.25 -0.11
CA ALA A 117 10.19 -10.65 0.26
C ALA A 117 11.31 -11.53 -0.30
N ARG A 118 12.07 -10.97 -1.23
CA ARG A 118 13.17 -11.71 -1.85
C ARG A 118 14.34 -11.85 -0.88
N ALA A 119 14.39 -10.97 0.12
CA ALA A 119 15.45 -11.00 1.11
C ALA A 119 15.16 -12.02 2.20
N GLU A 120 13.88 -12.36 2.35
CA GLU A 120 13.46 -13.33 3.37
C GLU A 120 14.44 -14.49 3.45
N ARG A 121 15.14 -14.74 2.35
CA ARG A 121 16.11 -15.82 2.28
C ARG A 121 17.42 -15.43 2.96
N GLU A 122 17.93 -14.26 2.61
CA GLU A 122 19.18 -13.77 3.18
C GLU A 122 19.06 -13.61 4.69
N LYS A 123 17.93 -13.08 5.14
CA LYS A 123 17.69 -12.88 6.56
C LYS A 123 17.45 -14.21 7.27
N THR A 124 17.35 -14.17 8.59
CA THR A 124 17.11 -15.37 9.38
C THR A 124 15.62 -15.66 9.51
N SER A 125 15.27 -16.94 9.57
CA SER A 125 13.88 -17.34 9.71
C SER A 125 13.77 -18.82 10.10
N GLY A 126 13.15 -19.07 11.25
CA GLY A 126 13.00 -20.44 11.72
C GLY A 126 11.72 -20.63 12.51
N PRO A 127 11.58 -21.81 13.14
CA PRO A 127 10.40 -22.16 13.94
C PRO A 127 10.31 -21.33 15.22
N SER A 128 9.09 -21.15 15.71
CA SER A 128 8.86 -20.39 16.94
C SER A 128 8.78 -21.31 18.15
N SER A 129 8.62 -20.72 19.33
CA SER A 129 8.52 -21.49 20.56
C SER A 129 7.13 -21.37 21.18
N GLY A 130 6.29 -22.36 20.93
CA GLY A 130 4.95 -22.35 21.46
C GLY A 130 4.81 -23.20 22.72
N GLY A 1 5.78 -16.10 -26.59
CA GLY A 1 6.78 -16.28 -25.57
C GLY A 1 7.61 -15.04 -25.32
N SER A 2 7.72 -14.65 -24.06
CA SER A 2 8.48 -13.46 -23.70
C SER A 2 8.91 -13.52 -22.23
N SER A 3 10.09 -12.98 -21.95
CA SER A 3 10.62 -12.96 -20.59
C SER A 3 10.44 -11.60 -19.95
N GLY A 4 10.80 -11.50 -18.67
CA GLY A 4 10.68 -10.24 -17.96
C GLY A 4 9.95 -10.39 -16.64
N SER A 5 10.70 -10.48 -15.55
CA SER A 5 10.12 -10.63 -14.23
C SER A 5 10.61 -9.53 -13.29
N SER A 6 9.71 -8.64 -12.90
CA SER A 6 10.05 -7.53 -12.01
C SER A 6 9.02 -7.39 -10.90
N GLY A 7 9.47 -6.95 -9.73
CA GLY A 7 8.57 -6.78 -8.61
C GLY A 7 8.18 -5.34 -8.39
N THR A 8 6.89 -5.10 -8.17
CA THR A 8 6.39 -3.75 -7.95
C THR A 8 5.28 -3.73 -6.91
N PRO A 9 5.30 -2.73 -6.03
CA PRO A 9 4.31 -2.57 -4.97
C PRO A 9 2.93 -2.20 -5.51
N HIS A 10 1.91 -2.95 -5.10
CA HIS A 10 0.55 -2.69 -5.55
C HIS A 10 -0.46 -3.11 -4.48
N LEU A 11 -1.61 -2.43 -4.47
CA LEU A 11 -2.66 -2.74 -3.50
C LEU A 11 -3.76 -3.58 -4.14
N VAL A 12 -4.22 -4.59 -3.41
CA VAL A 12 -5.28 -5.47 -3.89
C VAL A 12 -6.57 -5.25 -3.13
N ASN A 13 -7.69 -5.49 -3.80
CA ASN A 13 -9.00 -5.31 -3.19
C ASN A 13 -9.47 -6.61 -2.52
N LEU A 14 -8.89 -6.91 -1.36
CA LEU A 14 -9.25 -8.11 -0.62
C LEU A 14 -10.56 -7.92 0.14
N ASN A 15 -11.21 -6.79 -0.10
CA ASN A 15 -12.47 -6.48 0.56
C ASN A 15 -13.44 -7.66 0.47
N GLU A 16 -14.61 -7.51 1.08
CA GLU A 16 -15.62 -8.57 1.06
C GLU A 16 -16.51 -8.45 -0.17
N ASP A 17 -16.17 -7.52 -1.05
CA ASP A 17 -16.94 -7.31 -2.27
C ASP A 17 -16.19 -7.82 -3.49
N PRO A 18 -16.25 -9.14 -3.72
CA PRO A 18 -15.58 -9.78 -4.85
C PRO A 18 -16.22 -9.43 -6.19
N LEU A 19 -17.34 -8.73 -6.12
CA LEU A 19 -18.06 -8.32 -7.33
C LEU A 19 -17.93 -6.82 -7.57
N MET A 20 -17.39 -6.12 -6.57
CA MET A 20 -17.20 -4.67 -6.67
C MET A 20 -16.87 -4.26 -8.10
N SER A 21 -17.68 -3.38 -8.67
CA SER A 21 -17.48 -2.91 -10.02
C SER A 21 -16.26 -1.98 -10.10
N GLU A 22 -15.64 -1.73 -8.95
CA GLU A 22 -14.48 -0.86 -8.89
C GLU A 22 -13.20 -1.64 -9.17
N CYS A 23 -12.10 -0.92 -9.35
CA CYS A 23 -10.81 -1.54 -9.64
C CYS A 23 -10.50 -2.65 -8.63
N LEU A 24 -9.79 -3.67 -9.08
CA LEU A 24 -9.43 -4.79 -8.23
C LEU A 24 -8.14 -4.51 -7.47
N LEU A 25 -7.16 -3.95 -8.17
CA LEU A 25 -5.87 -3.62 -7.58
C LEU A 25 -5.29 -2.36 -8.20
N TYR A 26 -4.32 -1.76 -7.50
CA TYR A 26 -3.68 -0.54 -7.98
C TYR A 26 -2.16 -0.66 -7.89
N TYR A 27 -1.49 -0.44 -9.02
CA TYR A 27 -0.03 -0.52 -9.07
C TYR A 27 0.59 0.79 -8.60
N ILE A 28 1.17 0.76 -7.41
CA ILE A 28 1.82 1.95 -6.84
C ILE A 28 3.08 2.29 -7.60
N LYS A 29 3.14 3.52 -8.13
CA LYS A 29 4.30 3.98 -8.87
C LYS A 29 5.36 4.56 -7.94
N ASP A 30 6.60 4.62 -8.41
CA ASP A 30 7.71 5.14 -7.62
C ASP A 30 7.48 6.61 -7.30
N GLY A 31 6.59 6.89 -6.35
CA GLY A 31 6.31 8.26 -5.96
C GLY A 31 5.43 8.34 -4.74
N ILE A 32 4.30 9.05 -4.86
CA ILE A 32 3.38 9.20 -3.75
C ILE A 32 1.94 8.92 -4.20
N THR A 33 1.37 7.83 -3.68
CA THR A 33 0.00 7.46 -4.03
C THR A 33 -0.98 7.94 -2.97
N ARG A 34 -1.56 9.12 -3.20
CA ARG A 34 -2.52 9.68 -2.26
C ARG A 34 -3.78 8.84 -2.18
N VAL A 35 -4.16 8.45 -0.96
CA VAL A 35 -5.34 7.62 -0.76
C VAL A 35 -6.43 8.41 -0.03
N GLY A 36 -7.34 9.02 -0.80
CA GLY A 36 -8.40 9.79 -0.22
C GLY A 36 -9.50 10.10 -1.22
N GLN A 37 -10.00 11.33 -1.17
CA GLN A 37 -11.07 11.76 -2.08
C GLN A 37 -10.47 12.40 -3.34
N ALA A 38 -11.29 12.51 -4.38
CA ALA A 38 -10.86 13.09 -5.63
C ALA A 38 -11.07 14.61 -5.64
N ASP A 39 -12.02 15.07 -4.83
CA ASP A 39 -12.31 16.49 -4.74
C ASP A 39 -11.25 17.22 -3.94
N ALA A 40 -10.50 16.47 -3.14
CA ALA A 40 -9.45 17.05 -2.32
C ALA A 40 -8.75 18.20 -3.04
N GLU A 41 -8.21 19.14 -2.27
CA GLU A 41 -7.52 20.29 -2.85
C GLU A 41 -6.79 19.91 -4.12
N ARG A 42 -6.16 18.74 -4.12
CA ARG A 42 -5.42 18.27 -5.28
C ARG A 42 -5.98 16.91 -5.75
N ARG A 43 -5.40 16.40 -6.83
CA ARG A 43 -5.83 15.11 -7.39
C ARG A 43 -5.09 13.96 -6.72
N GLN A 44 -5.83 13.10 -6.04
CA GLN A 44 -5.25 11.95 -5.35
C GLN A 44 -5.13 10.76 -6.30
N ASP A 45 -4.24 9.84 -5.97
CA ASP A 45 -4.03 8.65 -6.80
C ASP A 45 -5.23 7.70 -6.69
N ILE A 46 -5.46 7.19 -5.48
CA ILE A 46 -6.57 6.27 -5.24
C ILE A 46 -7.76 7.00 -4.62
N VAL A 47 -8.82 7.17 -5.40
CA VAL A 47 -10.02 7.85 -4.92
C VAL A 47 -11.02 6.84 -4.37
N LEU A 48 -11.40 7.03 -3.11
CA LEU A 48 -12.36 6.14 -2.46
C LEU A 48 -13.76 6.76 -2.47
N SER A 49 -14.72 6.02 -1.93
CA SER A 49 -16.11 6.47 -1.88
C SER A 49 -16.60 6.56 -0.44
N GLY A 50 -17.86 6.98 -0.28
CA GLY A 50 -18.43 7.09 1.05
C GLY A 50 -18.23 8.47 1.65
N ALA A 51 -18.61 8.62 2.91
CA ALA A 51 -18.47 9.89 3.61
C ALA A 51 -17.54 9.76 4.81
N HIS A 52 -17.16 8.54 5.13
CA HIS A 52 -16.27 8.28 6.25
C HIS A 52 -14.81 8.32 5.82
N ILE A 53 -14.49 9.26 4.93
CA ILE A 53 -13.13 9.40 4.42
C ILE A 53 -12.70 10.86 4.42
N LYS A 54 -11.39 11.09 4.34
CA LYS A 54 -10.84 12.44 4.33
C LYS A 54 -10.02 12.68 3.07
N GLU A 55 -9.96 13.94 2.63
CA GLU A 55 -9.20 14.30 1.45
C GLU A 55 -7.89 13.51 1.38
N GLU A 56 -7.19 13.45 2.52
CA GLU A 56 -5.92 12.73 2.59
C GLU A 56 -5.98 11.63 3.65
N HIS A 57 -7.11 10.95 3.72
CA HIS A 57 -7.29 9.87 4.69
C HIS A 57 -5.99 9.12 4.92
N CYS A 58 -5.20 8.97 3.86
CA CYS A 58 -3.92 8.27 3.94
C CYS A 58 -3.14 8.42 2.64
N ILE A 59 -1.96 7.81 2.59
CA ILE A 59 -1.11 7.86 1.41
C ILE A 59 -0.15 6.69 1.37
N PHE A 60 0.51 6.51 0.23
CA PHE A 60 1.47 5.42 0.06
C PHE A 60 2.69 5.89 -0.71
N ARG A 61 3.81 6.04 -0.01
CA ARG A 61 5.05 6.49 -0.62
C ARG A 61 5.97 5.31 -0.90
N SER A 62 6.58 5.30 -2.09
CA SER A 62 7.49 4.23 -2.47
C SER A 62 8.81 4.78 -2.98
N GLU A 63 9.91 4.31 -2.40
CA GLU A 63 11.23 4.77 -2.79
C GLU A 63 12.30 3.75 -2.41
N ARG A 64 13.31 3.60 -3.26
CA ARG A 64 14.38 2.65 -3.01
C ARG A 64 15.40 3.24 -2.03
N SER A 65 15.76 2.45 -1.02
CA SER A 65 16.71 2.89 -0.01
C SER A 65 18.12 2.97 -0.60
N ASN A 66 19.07 3.40 0.22
CA ASN A 66 20.45 3.53 -0.22
C ASN A 66 21.06 2.15 -0.48
N SER A 67 20.34 1.11 -0.12
CA SER A 67 20.80 -0.26 -0.32
C SER A 67 20.14 -0.89 -1.54
N GLY A 68 19.29 -0.12 -2.21
CA GLY A 68 18.62 -0.60 -3.39
C GLY A 68 17.34 -1.35 -3.06
N GLU A 69 16.99 -1.39 -1.78
CA GLU A 69 15.79 -2.08 -1.33
C GLU A 69 14.57 -1.16 -1.40
N VAL A 70 13.58 -1.55 -2.19
CA VAL A 70 12.37 -0.76 -2.34
C VAL A 70 11.58 -0.71 -1.05
N ILE A 71 11.58 0.45 -0.41
CA ILE A 71 10.86 0.65 0.85
C ILE A 71 9.64 1.54 0.65
N VAL A 72 8.58 1.25 1.39
CA VAL A 72 7.35 2.03 1.30
C VAL A 72 6.94 2.56 2.67
N THR A 73 6.36 3.77 2.67
CA THR A 73 5.92 4.39 3.92
C THR A 73 4.51 4.97 3.77
N LEU A 74 3.67 4.69 4.76
CA LEU A 74 2.29 5.17 4.74
C LEU A 74 2.15 6.44 5.58
N GLU A 75 1.36 7.39 5.08
CA GLU A 75 1.15 8.65 5.78
C GLU A 75 -0.34 8.89 6.03
N PRO A 76 -0.88 8.28 7.09
CA PRO A 76 -2.29 8.41 7.44
C PRO A 76 -2.63 9.81 7.96
N CYS A 77 -3.84 10.26 7.68
CA CYS A 77 -4.29 11.58 8.12
C CYS A 77 -4.42 11.64 9.64
N GLU A 78 -4.84 12.80 10.16
CA GLU A 78 -5.00 12.98 11.59
C GLU A 78 -6.42 12.64 12.02
N ARG A 79 -6.54 11.73 12.99
CA ARG A 79 -7.85 11.31 13.49
C ARG A 79 -8.64 10.59 12.41
N SER A 80 -7.93 9.96 11.48
CA SER A 80 -8.56 9.24 10.39
C SER A 80 -8.82 7.79 10.78
N GLU A 81 -9.29 6.99 9.81
CA GLU A 81 -9.58 5.59 10.06
C GLU A 81 -8.67 4.69 9.22
N THR A 82 -7.42 4.54 9.67
CA THR A 82 -6.45 3.71 8.96
C THR A 82 -5.73 2.77 9.92
N TYR A 83 -5.82 1.47 9.63
CA TYR A 83 -5.18 0.46 10.46
C TYR A 83 -4.22 -0.39 9.65
N VAL A 84 -3.01 -0.55 10.16
CA VAL A 84 -1.99 -1.36 9.48
C VAL A 84 -1.59 -2.57 10.31
N ASN A 85 -1.63 -3.74 9.68
CA ASN A 85 -1.27 -4.99 10.36
C ASN A 85 -2.24 -5.26 11.51
N GLY A 86 -3.45 -4.73 11.41
CA GLY A 86 -4.45 -4.94 12.44
C GLY A 86 -4.51 -3.79 13.43
N LYS A 87 -3.38 -3.11 13.61
CA LYS A 87 -3.31 -1.99 14.54
C LYS A 87 -3.59 -0.67 13.82
N ARG A 88 -3.72 0.40 14.58
CA ARG A 88 -3.99 1.72 14.01
C ARG A 88 -2.69 2.41 13.59
N VAL A 89 -2.77 3.20 12.53
CA VAL A 89 -1.60 3.91 12.03
C VAL A 89 -1.86 5.41 11.95
N SER A 90 -1.26 6.16 12.86
CA SER A 90 -1.43 7.61 12.89
C SER A 90 -0.08 8.32 12.72
N GLN A 91 0.91 7.59 12.25
CA GLN A 91 2.24 8.14 12.05
C GLN A 91 2.88 7.57 10.79
N PRO A 92 3.83 8.33 10.21
CA PRO A 92 4.54 7.92 9.00
C PRO A 92 5.49 6.74 9.25
N VAL A 93 5.01 5.53 9.01
CA VAL A 93 5.81 4.34 9.20
C VAL A 93 5.99 3.57 7.90
N GLN A 94 6.91 2.61 7.89
CA GLN A 94 7.18 1.82 6.71
C GLN A 94 6.22 0.62 6.62
N LEU A 95 5.79 0.30 5.42
CA LEU A 95 4.87 -0.82 5.20
C LEU A 95 5.65 -2.11 5.00
N ARG A 96 4.95 -3.24 5.17
CA ARG A 96 5.57 -4.55 5.01
C ARG A 96 4.88 -5.33 3.89
N SER A 97 5.56 -6.39 3.43
CA SER A 97 5.02 -7.22 2.36
C SER A 97 3.85 -8.07 2.87
N GLY A 98 2.65 -7.74 2.43
CA GLY A 98 1.47 -8.49 2.85
C GLY A 98 0.77 -7.85 4.04
N ASN A 99 1.19 -6.62 4.37
CA ASN A 99 0.60 -5.91 5.50
C ASN A 99 -0.85 -5.54 5.21
N ARG A 100 -1.73 -5.84 6.16
CA ARG A 100 -3.15 -5.54 6.00
C ARG A 100 -3.44 -4.08 6.36
N ILE A 101 -3.92 -3.32 5.38
CA ILE A 101 -4.24 -1.91 5.60
C ILE A 101 -5.74 -1.66 5.44
N ILE A 102 -6.39 -1.31 6.54
CA ILE A 102 -7.82 -1.03 6.53
C ILE A 102 -8.09 0.48 6.55
N MET A 103 -8.81 0.96 5.55
CA MET A 103 -9.14 2.37 5.46
C MET A 103 -10.64 2.60 5.58
N GLY A 104 -11.03 3.70 6.19
CA GLY A 104 -12.44 4.01 6.36
C GLY A 104 -13.21 2.84 6.96
N LYS A 105 -14.16 2.31 6.19
CA LYS A 105 -14.98 1.20 6.65
C LYS A 105 -14.76 -0.03 5.78
N ASN A 106 -15.26 0.02 4.55
CA ASN A 106 -15.12 -1.09 3.61
C ASN A 106 -14.11 -0.75 2.52
N HIS A 107 -12.98 -0.18 2.91
CA HIS A 107 -11.94 0.19 1.96
C HIS A 107 -10.60 -0.44 2.35
N VAL A 108 -10.58 -1.77 2.43
CA VAL A 108 -9.37 -2.49 2.79
C VAL A 108 -8.47 -2.70 1.57
N PHE A 109 -7.19 -2.95 1.82
CA PHE A 109 -6.23 -3.17 0.75
C PHE A 109 -5.05 -4.01 1.23
N ARG A 110 -4.53 -4.86 0.35
CA ARG A 110 -3.41 -5.73 0.68
C ARG A 110 -2.16 -5.33 -0.09
N PHE A 111 -1.07 -5.12 0.62
CA PHE A 111 0.19 -4.74 -0.01
C PHE A 111 0.94 -5.95 -0.54
N ASN A 112 1.50 -5.82 -1.74
CA ASN A 112 2.24 -6.91 -2.36
C ASN A 112 3.67 -6.48 -2.71
N HIS A 113 4.63 -6.93 -1.91
CA HIS A 113 6.03 -6.59 -2.13
C HIS A 113 6.83 -7.83 -2.52
N PRO A 114 6.72 -8.23 -3.80
CA PRO A 114 7.43 -9.40 -4.32
C PRO A 114 8.94 -9.17 -4.41
N GLU A 115 9.38 -7.98 -3.99
CA GLU A 115 10.80 -7.65 -4.02
C GLU A 115 11.53 -8.19 -2.80
N GLN A 116 10.99 -7.88 -1.62
CA GLN A 116 11.59 -8.33 -0.36
C GLN A 116 11.44 -9.84 -0.22
N ALA A 117 10.25 -10.35 -0.50
CA ALA A 117 9.99 -11.79 -0.40
C ALA A 117 10.93 -12.58 -1.29
N ARG A 118 11.65 -11.88 -2.16
CA ARG A 118 12.58 -12.52 -3.08
C ARG A 118 13.83 -12.99 -2.34
N ALA A 119 14.21 -12.25 -1.30
CA ALA A 119 15.38 -12.58 -0.50
C ALA A 119 15.04 -13.60 0.59
N GLU A 120 13.74 -13.84 0.77
CA GLU A 120 13.29 -14.79 1.78
C GLU A 120 14.14 -16.06 1.76
N ARG A 121 14.42 -16.56 0.56
CA ARG A 121 15.22 -17.76 0.40
C ARG A 121 16.70 -17.47 0.62
N GLU A 122 17.09 -16.21 0.40
CA GLU A 122 18.48 -15.80 0.56
C GLU A 122 18.80 -15.57 2.04
N LYS A 123 17.79 -15.73 2.89
CA LYS A 123 17.95 -15.52 4.33
C LYS A 123 19.22 -16.22 4.83
N THR A 124 19.58 -15.96 6.08
CA THR A 124 20.75 -16.56 6.68
C THR A 124 20.62 -18.08 6.75
N SER A 125 21.53 -18.78 6.08
CA SER A 125 21.51 -20.24 6.07
C SER A 125 22.68 -20.81 6.87
N GLY A 126 22.46 -20.99 8.17
CA GLY A 126 23.50 -21.52 9.02
C GLY A 126 23.19 -22.92 9.52
N PRO A 127 23.40 -23.92 8.65
CA PRO A 127 23.14 -25.33 8.97
C PRO A 127 24.13 -25.87 10.00
N SER A 128 23.75 -26.94 10.67
CA SER A 128 24.60 -27.56 11.68
C SER A 128 25.19 -28.87 11.18
N SER A 129 24.40 -29.62 10.41
CA SER A 129 24.85 -30.90 9.86
C SER A 129 25.05 -30.78 8.35
N GLY A 130 26.30 -30.60 7.93
CA GLY A 130 26.61 -30.49 6.52
C GLY A 130 28.07 -30.74 6.23
N GLY A 1 1.02 2.91 -20.38
CA GLY A 1 2.38 2.42 -20.40
C GLY A 1 3.17 2.79 -19.17
N SER A 2 2.50 2.78 -18.02
CA SER A 2 3.14 3.14 -16.75
C SER A 2 3.83 1.92 -16.14
N SER A 3 5.08 2.11 -15.71
CA SER A 3 5.86 1.04 -15.11
C SER A 3 7.04 1.60 -14.34
N GLY A 4 7.66 0.75 -13.53
CA GLY A 4 8.80 1.17 -12.74
C GLY A 4 9.90 0.13 -12.71
N SER A 5 10.39 -0.19 -11.51
CA SER A 5 11.46 -1.17 -11.35
C SER A 5 10.89 -2.55 -11.07
N SER A 6 11.77 -3.51 -10.86
CA SER A 6 11.36 -4.89 -10.58
C SER A 6 10.42 -4.95 -9.37
N GLY A 7 9.67 -6.03 -9.26
CA GLY A 7 8.75 -6.19 -8.16
C GLY A 7 8.12 -4.88 -7.74
N THR A 8 7.23 -4.36 -8.57
CA THR A 8 6.56 -3.10 -8.28
C THR A 8 5.47 -3.28 -7.23
N PRO A 9 5.37 -2.32 -6.30
CA PRO A 9 4.37 -2.36 -5.23
C PRO A 9 2.95 -2.13 -5.74
N HIS A 10 2.00 -2.82 -5.12
CA HIS A 10 0.60 -2.71 -5.52
C HIS A 10 -0.32 -3.20 -4.41
N LEU A 11 -1.54 -2.67 -4.39
CA LEU A 11 -2.52 -3.06 -3.38
C LEU A 11 -3.63 -3.92 -3.98
N VAL A 12 -3.91 -5.05 -3.34
CA VAL A 12 -4.95 -5.96 -3.82
C VAL A 12 -6.28 -5.70 -3.11
N ASN A 13 -7.37 -5.87 -3.85
CA ASN A 13 -8.70 -5.66 -3.29
C ASN A 13 -9.25 -6.95 -2.69
N LEU A 14 -8.74 -7.30 -1.51
CA LEU A 14 -9.19 -8.51 -0.83
C LEU A 14 -10.54 -8.30 -0.15
N ASN A 15 -11.14 -7.13 -0.40
CA ASN A 15 -12.43 -6.80 0.19
C ASN A 15 -13.38 -7.99 0.12
N GLU A 16 -14.46 -7.92 0.89
CA GLU A 16 -15.45 -9.00 0.91
C GLU A 16 -16.45 -8.84 -0.24
N ASP A 17 -16.22 -7.84 -1.07
CA ASP A 17 -17.10 -7.58 -2.21
C ASP A 17 -16.43 -7.97 -3.52
N PRO A 18 -16.44 -9.27 -3.83
CA PRO A 18 -15.84 -9.81 -5.05
C PRO A 18 -16.60 -9.40 -6.31
N LEU A 19 -17.76 -8.76 -6.11
CA LEU A 19 -18.59 -8.32 -7.22
C LEU A 19 -18.30 -6.86 -7.57
N MET A 20 -17.60 -6.18 -6.67
CA MET A 20 -17.25 -4.77 -6.89
C MET A 20 -16.95 -4.50 -8.36
N SER A 21 -17.68 -3.58 -8.96
CA SER A 21 -17.49 -3.23 -10.36
C SER A 21 -16.24 -2.39 -10.55
N GLU A 22 -15.51 -2.17 -9.47
CA GLU A 22 -14.29 -1.38 -9.50
C GLU A 22 -13.08 -2.25 -9.86
N CYS A 23 -11.89 -1.65 -9.84
CA CYS A 23 -10.67 -2.38 -10.16
C CYS A 23 -10.35 -3.41 -9.08
N LEU A 24 -9.78 -4.53 -9.49
CA LEU A 24 -9.42 -5.60 -8.56
C LEU A 24 -8.22 -5.19 -7.71
N LEU A 25 -7.23 -4.56 -8.35
CA LEU A 25 -6.04 -4.12 -7.64
C LEU A 25 -5.51 -2.82 -8.23
N TYR A 26 -4.64 -2.15 -7.48
CA TYR A 26 -4.06 -0.89 -7.92
C TYR A 26 -2.53 -0.92 -7.82
N TYR A 27 -1.86 -0.70 -8.95
CA TYR A 27 -0.41 -0.71 -8.97
C TYR A 27 0.15 0.63 -8.50
N ILE A 28 0.85 0.61 -7.36
CA ILE A 28 1.43 1.82 -6.81
C ILE A 28 2.75 2.17 -7.51
N LYS A 29 2.71 3.22 -8.32
CA LYS A 29 3.89 3.66 -9.05
C LYS A 29 5.07 3.88 -8.10
N ASP A 30 6.16 4.38 -8.64
CA ASP A 30 7.36 4.64 -7.84
C ASP A 30 7.48 6.13 -7.52
N GLY A 31 6.70 6.58 -6.54
CA GLY A 31 6.74 7.98 -6.14
C GLY A 31 5.79 8.28 -5.01
N ILE A 32 4.83 9.16 -5.26
CA ILE A 32 3.85 9.54 -4.24
C ILE A 32 2.45 9.09 -4.63
N THR A 33 1.80 8.34 -3.74
CA THR A 33 0.45 7.85 -3.99
C THR A 33 -0.50 8.23 -2.86
N ARG A 34 -1.26 9.29 -3.06
CA ARG A 34 -2.20 9.76 -2.05
C ARG A 34 -3.52 8.99 -2.14
N VAL A 35 -3.99 8.49 -1.00
CA VAL A 35 -5.24 7.75 -0.95
C VAL A 35 -6.35 8.57 -0.31
N GLY A 36 -7.26 9.08 -1.13
CA GLY A 36 -8.36 9.88 -0.62
C GLY A 36 -9.44 10.11 -1.65
N GLN A 37 -10.02 11.30 -1.64
CA GLN A 37 -11.08 11.64 -2.58
C GLN A 37 -10.55 12.53 -3.70
N ALA A 38 -11.30 12.61 -4.80
CA ALA A 38 -10.90 13.43 -5.93
C ALA A 38 -10.97 14.91 -5.60
N ASP A 39 -11.72 15.24 -4.55
CA ASP A 39 -11.88 16.62 -4.12
C ASP A 39 -10.59 17.17 -3.54
N ALA A 40 -9.87 16.32 -2.80
CA ALA A 40 -8.61 16.71 -2.19
C ALA A 40 -7.85 17.69 -3.08
N GLU A 41 -7.34 18.76 -2.47
CA GLU A 41 -6.59 19.77 -3.21
C GLU A 41 -5.78 19.12 -4.34
N ARG A 42 -5.29 17.92 -4.09
CA ARG A 42 -4.49 17.20 -5.07
C ARG A 42 -5.15 15.88 -5.45
N ARG A 43 -5.76 15.84 -6.63
CA ARG A 43 -6.42 14.63 -7.11
C ARG A 43 -5.68 13.39 -6.64
N GLN A 44 -6.17 12.77 -5.57
CA GLN A 44 -5.56 11.57 -5.02
C GLN A 44 -5.43 10.50 -6.09
N ASP A 45 -4.65 9.47 -5.80
CA ASP A 45 -4.43 8.37 -6.73
C ASP A 45 -5.64 7.44 -6.77
N ILE A 46 -6.02 6.94 -5.60
CA ILE A 46 -7.16 6.03 -5.50
C ILE A 46 -8.35 6.73 -4.85
N VAL A 47 -9.42 6.91 -5.61
CA VAL A 47 -10.63 7.56 -5.11
C VAL A 47 -11.57 6.55 -4.46
N LEU A 48 -11.91 6.80 -3.20
CA LEU A 48 -12.80 5.92 -2.46
C LEU A 48 -14.17 6.57 -2.24
N SER A 49 -15.16 5.75 -1.93
CA SER A 49 -16.52 6.25 -1.70
C SER A 49 -16.85 6.24 -0.21
N GLY A 50 -17.85 7.04 0.16
CA GLY A 50 -18.25 7.10 1.55
C GLY A 50 -17.89 8.42 2.20
N ALA A 51 -18.43 8.67 3.38
CA ALA A 51 -18.15 9.91 4.11
C ALA A 51 -17.00 9.72 5.09
N HIS A 52 -16.94 8.54 5.70
CA HIS A 52 -15.88 8.24 6.67
C HIS A 52 -14.50 8.48 6.06
N ILE A 53 -14.45 8.55 4.73
CA ILE A 53 -13.20 8.78 4.03
C ILE A 53 -12.81 10.26 4.07
N LYS A 54 -11.51 10.52 4.06
CA LYS A 54 -11.00 11.88 4.09
C LYS A 54 -10.16 12.18 2.85
N GLU A 55 -10.15 13.44 2.42
CA GLU A 55 -9.39 13.85 1.26
C GLU A 55 -7.96 13.29 1.31
N GLU A 56 -7.42 13.19 2.52
CA GLU A 56 -6.07 12.67 2.71
C GLU A 56 -6.06 11.59 3.77
N HIS A 57 -7.08 10.73 3.76
CA HIS A 57 -7.18 9.64 4.72
C HIS A 57 -5.81 9.03 4.99
N CYS A 58 -5.05 8.83 3.93
CA CYS A 58 -3.71 8.23 4.04
C CYS A 58 -2.93 8.40 2.74
N ILE A 59 -1.67 7.99 2.78
CA ILE A 59 -0.81 8.10 1.59
C ILE A 59 0.15 6.91 1.51
N PHE A 60 0.78 6.75 0.35
CA PHE A 60 1.73 5.66 0.14
C PHE A 60 2.97 6.16 -0.60
N ARG A 61 4.09 6.20 0.11
CA ARG A 61 5.35 6.67 -0.47
C ARG A 61 6.25 5.49 -0.80
N SER A 62 6.76 5.45 -2.03
CA SER A 62 7.63 4.38 -2.47
C SER A 62 8.96 4.94 -2.99
N GLU A 63 10.03 4.65 -2.25
CA GLU A 63 11.36 5.12 -2.64
C GLU A 63 12.42 4.07 -2.32
N ARG A 64 13.43 3.98 -3.19
CA ARG A 64 14.51 3.02 -3.01
C ARG A 64 15.52 3.53 -1.99
N SER A 65 15.79 2.71 -0.97
CA SER A 65 16.74 3.09 0.07
C SER A 65 18.15 3.21 -0.50
N ASN A 66 19.10 3.53 0.37
CA ASN A 66 20.49 3.69 -0.05
C ASN A 66 21.09 2.34 -0.45
N SER A 67 20.47 1.25 0.01
CA SER A 67 20.94 -0.09 -0.29
C SER A 67 20.37 -0.58 -1.62
N GLY A 68 19.52 0.24 -2.22
CA GLY A 68 18.92 -0.12 -3.49
C GLY A 68 17.64 -0.92 -3.32
N GLU A 69 17.20 -1.05 -2.07
CA GLU A 69 15.98 -1.81 -1.76
C GLU A 69 14.76 -0.88 -1.75
N VAL A 70 13.75 -1.25 -2.52
CA VAL A 70 12.52 -0.45 -2.60
C VAL A 70 11.77 -0.47 -1.27
N ILE A 71 11.92 0.60 -0.50
CA ILE A 71 11.26 0.71 0.78
C ILE A 71 10.04 1.64 0.70
N VAL A 72 8.89 1.12 1.10
CA VAL A 72 7.65 1.89 1.08
C VAL A 72 7.19 2.25 2.48
N THR A 73 6.66 3.45 2.64
CA THR A 73 6.19 3.92 3.94
C THR A 73 4.79 4.52 3.83
N LEU A 74 4.03 4.43 4.92
CA LEU A 74 2.67 4.95 4.95
C LEU A 74 2.63 6.30 5.69
N GLU A 75 1.65 7.13 5.34
CA GLU A 75 1.50 8.43 5.97
C GLU A 75 0.03 8.78 6.15
N PRO A 76 -0.58 8.23 7.22
CA PRO A 76 -1.99 8.46 7.53
C PRO A 76 -2.25 9.89 8.00
N CYS A 77 -3.51 10.18 8.32
CA CYS A 77 -3.90 11.51 8.77
C CYS A 77 -4.33 11.48 10.23
N GLU A 78 -4.54 12.65 10.82
CA GLU A 78 -4.96 12.76 12.21
C GLU A 78 -6.48 12.76 12.31
N ARG A 79 -7.14 13.25 11.27
CA ARG A 79 -8.60 13.31 11.24
C ARG A 79 -9.17 12.16 10.44
N SER A 80 -8.43 11.05 10.37
CA SER A 80 -8.87 9.88 9.62
C SER A 80 -8.69 8.61 10.45
N GLU A 81 -9.26 7.51 9.96
CA GLU A 81 -9.17 6.23 10.66
C GLU A 81 -8.47 5.19 9.80
N THR A 82 -7.14 5.12 9.92
CA THR A 82 -6.36 4.16 9.15
C THR A 82 -5.83 3.04 10.04
N TYR A 83 -5.85 1.82 9.51
CA TYR A 83 -5.39 0.66 10.25
C TYR A 83 -4.47 -0.21 9.40
N VAL A 84 -3.27 -0.48 9.92
CA VAL A 84 -2.30 -1.29 9.21
C VAL A 84 -2.03 -2.61 9.94
N ASN A 85 -2.15 -3.71 9.22
CA ASN A 85 -1.92 -5.03 9.81
C ASN A 85 -2.94 -5.32 10.91
N GLY A 86 -4.13 -4.74 10.77
CA GLY A 86 -5.17 -4.95 11.76
C GLY A 86 -5.16 -3.90 12.86
N LYS A 87 -4.00 -3.29 13.07
CA LYS A 87 -3.85 -2.26 14.10
C LYS A 87 -3.99 -0.86 13.49
N ARG A 88 -4.14 0.13 14.36
CA ARG A 88 -4.27 1.52 13.91
C ARG A 88 -2.92 2.09 13.50
N VAL A 89 -2.95 3.17 12.72
CA VAL A 89 -1.74 3.81 12.25
C VAL A 89 -1.91 5.33 12.18
N SER A 90 -1.22 6.05 13.05
CA SER A 90 -1.30 7.50 13.08
C SER A 90 0.05 8.13 12.75
N GLN A 91 1.11 7.34 12.85
CA GLN A 91 2.45 7.82 12.55
C GLN A 91 3.00 7.14 11.30
N PRO A 92 3.96 7.81 10.63
CA PRO A 92 4.58 7.28 9.42
C PRO A 92 5.48 6.09 9.69
N VAL A 93 5.07 4.92 9.21
CA VAL A 93 5.83 3.70 9.42
C VAL A 93 6.01 2.94 8.10
N GLN A 94 7.06 2.11 8.04
CA GLN A 94 7.33 1.33 6.84
C GLN A 94 6.37 0.15 6.73
N LEU A 95 5.61 0.12 5.64
CA LEU A 95 4.64 -0.96 5.41
C LEU A 95 5.36 -2.30 5.24
N ARG A 96 4.66 -3.38 5.57
CA ARG A 96 5.23 -4.72 5.45
C ARG A 96 4.61 -5.47 4.27
N SER A 97 5.44 -6.22 3.56
CA SER A 97 4.98 -6.98 2.40
C SER A 97 3.86 -7.94 2.80
N GLY A 98 2.62 -7.48 2.66
CA GLY A 98 1.48 -8.31 3.01
C GLY A 98 0.71 -7.76 4.19
N ASN A 99 0.74 -6.44 4.36
CA ASN A 99 0.04 -5.81 5.47
C ASN A 99 -1.33 -5.28 5.02
N ARG A 100 -2.35 -5.55 5.82
CA ARG A 100 -3.70 -5.12 5.51
C ARG A 100 -3.92 -3.66 5.93
N ILE A 101 -4.15 -2.80 4.96
CA ILE A 101 -4.37 -1.38 5.22
C ILE A 101 -5.83 -1.00 4.99
N ILE A 102 -6.49 -0.57 6.06
CA ILE A 102 -7.89 -0.17 5.96
C ILE A 102 -8.04 1.34 6.02
N MET A 103 -9.14 1.85 5.47
CA MET A 103 -9.40 3.29 5.47
C MET A 103 -10.88 3.58 5.71
N GLY A 104 -11.19 4.04 6.92
CA GLY A 104 -12.56 4.35 7.26
C GLY A 104 -13.43 3.11 7.35
N LYS A 105 -12.82 1.98 7.69
CA LYS A 105 -13.54 0.72 7.80
C LYS A 105 -14.49 0.53 6.63
N ASN A 106 -14.08 1.00 5.46
CA ASN A 106 -14.90 0.89 4.25
C ASN A 106 -14.12 0.21 3.13
N HIS A 107 -12.80 0.43 3.11
CA HIS A 107 -11.94 -0.15 2.08
C HIS A 107 -10.76 -0.88 2.72
N VAL A 108 -10.52 -2.11 2.27
CA VAL A 108 -9.43 -2.91 2.80
C VAL A 108 -8.55 -3.46 1.68
N PHE A 109 -7.31 -3.01 1.63
CA PHE A 109 -6.37 -3.45 0.60
C PHE A 109 -5.14 -4.11 1.23
N ARG A 110 -4.49 -4.99 0.47
CA ARG A 110 -3.31 -5.68 0.95
C ARG A 110 -2.06 -5.23 0.20
N PHE A 111 -1.00 -4.92 0.94
CA PHE A 111 0.25 -4.47 0.33
C PHE A 111 1.04 -5.67 -0.20
N ASN A 112 1.53 -5.52 -1.43
CA ASN A 112 2.32 -6.59 -2.05
C ASN A 112 3.73 -6.10 -2.39
N HIS A 113 4.71 -6.64 -1.67
CA HIS A 113 6.11 -6.27 -1.87
C HIS A 113 6.97 -7.49 -2.15
N PRO A 114 6.93 -7.96 -3.40
CA PRO A 114 7.70 -9.14 -3.83
C PRO A 114 9.20 -8.88 -3.87
N GLU A 115 9.56 -7.59 -4.00
CA GLU A 115 10.97 -7.21 -4.05
C GLU A 115 11.69 -7.60 -2.77
N GLN A 116 11.26 -7.03 -1.65
CA GLN A 116 11.86 -7.33 -0.36
C GLN A 116 11.72 -8.81 -0.02
N ALA A 117 10.51 -9.34 -0.20
CA ALA A 117 10.23 -10.74 0.09
C ALA A 117 11.39 -11.63 -0.35
N ARG A 118 12.15 -11.16 -1.34
CA ARG A 118 13.29 -11.92 -1.86
C ARG A 118 14.33 -12.12 -0.76
N ALA A 119 14.65 -11.04 -0.05
CA ALA A 119 15.64 -11.11 1.03
C ALA A 119 15.01 -11.58 2.33
N GLU A 120 13.69 -11.64 2.35
CA GLU A 120 12.96 -12.07 3.54
C GLU A 120 13.03 -13.58 3.70
N ARG A 121 13.23 -14.28 2.59
CA ARG A 121 13.32 -15.73 2.60
C ARG A 121 14.77 -16.19 2.53
N GLU A 122 15.56 -15.53 1.68
CA GLU A 122 16.96 -15.86 1.52
C GLU A 122 17.62 -16.14 2.87
N LYS A 123 17.31 -15.29 3.85
CA LYS A 123 17.87 -15.44 5.20
C LYS A 123 18.04 -16.91 5.55
N THR A 124 19.11 -17.22 6.28
CA THR A 124 19.39 -18.59 6.69
C THR A 124 19.10 -19.57 5.56
N SER A 125 19.51 -19.20 4.35
CA SER A 125 19.29 -20.06 3.19
C SER A 125 20.09 -21.35 3.30
N GLY A 126 19.38 -22.47 3.44
CA GLY A 126 20.04 -23.76 3.55
C GLY A 126 21.13 -23.95 2.52
N PRO A 127 22.11 -24.80 2.84
CA PRO A 127 23.23 -25.09 1.95
C PRO A 127 22.81 -25.90 0.71
N SER A 128 23.69 -25.99 -0.26
CA SER A 128 23.41 -26.73 -1.49
C SER A 128 23.28 -28.22 -1.20
N SER A 129 24.28 -28.77 -0.53
CA SER A 129 24.27 -30.20 -0.20
C SER A 129 23.11 -30.54 0.72
N GLY A 130 22.65 -31.79 0.65
CA GLY A 130 21.54 -32.22 1.49
C GLY A 130 20.24 -31.56 1.10
N GLY A 1 27.02 -10.16 -8.21
CA GLY A 1 25.70 -10.76 -8.25
C GLY A 1 24.77 -10.05 -9.21
N SER A 2 23.94 -10.83 -9.91
CA SER A 2 23.00 -10.27 -10.87
C SER A 2 21.92 -9.46 -10.16
N SER A 3 21.78 -8.20 -10.56
CA SER A 3 20.80 -7.31 -9.97
C SER A 3 19.45 -7.44 -10.68
N GLY A 4 18.49 -8.06 -9.99
CA GLY A 4 17.18 -8.25 -10.57
C GLY A 4 16.33 -7.00 -10.50
N SER A 5 15.92 -6.63 -9.29
CA SER A 5 15.10 -5.44 -9.08
C SER A 5 13.82 -5.52 -9.92
N SER A 6 13.22 -6.70 -9.97
CA SER A 6 12.00 -6.90 -10.75
C SER A 6 10.79 -7.04 -9.82
N GLY A 7 10.03 -5.96 -9.71
CA GLY A 7 8.85 -5.98 -8.85
C GLY A 7 8.35 -4.58 -8.53
N THR A 8 7.04 -4.42 -8.48
CA THR A 8 6.43 -3.13 -8.17
C THR A 8 5.33 -3.27 -7.13
N PRO A 9 5.29 -2.32 -6.19
CA PRO A 9 4.29 -2.31 -5.12
C PRO A 9 2.88 -2.01 -5.64
N HIS A 10 1.89 -2.70 -5.09
CA HIS A 10 0.51 -2.52 -5.50
C HIS A 10 -0.45 -3.01 -4.42
N LEU A 11 -1.63 -2.39 -4.34
CA LEU A 11 -2.63 -2.77 -3.35
C LEU A 11 -3.68 -3.70 -3.97
N VAL A 12 -4.01 -4.76 -3.24
CA VAL A 12 -5.00 -5.73 -3.71
C VAL A 12 -6.26 -5.67 -2.86
N ASN A 13 -7.41 -5.51 -3.51
CA ASN A 13 -8.69 -5.45 -2.82
C ASN A 13 -9.02 -6.79 -2.16
N LEU A 14 -8.33 -7.08 -1.06
CA LEU A 14 -8.55 -8.33 -0.33
C LEU A 14 -9.83 -8.26 0.48
N ASN A 15 -10.59 -7.19 0.30
CA ASN A 15 -11.84 -7.01 1.02
C ASN A 15 -12.74 -8.24 0.88
N GLU A 16 -13.95 -8.14 1.41
CA GLU A 16 -14.91 -9.24 1.34
C GLU A 16 -16.03 -8.92 0.36
N ASP A 17 -15.88 -7.82 -0.37
CA ASP A 17 -16.88 -7.40 -1.35
C ASP A 17 -16.37 -7.62 -2.77
N PRO A 18 -16.47 -8.88 -3.25
CA PRO A 18 -16.03 -9.24 -4.60
C PRO A 18 -16.92 -8.65 -5.68
N LEU A 19 -17.97 -7.96 -5.26
CA LEU A 19 -18.90 -7.34 -6.20
C LEU A 19 -18.54 -5.88 -6.43
N MET A 20 -17.79 -5.30 -5.50
CA MET A 20 -17.36 -3.91 -5.61
C MET A 20 -17.14 -3.52 -7.07
N SER A 21 -17.82 -2.48 -7.52
CA SER A 21 -17.69 -2.01 -8.89
C SER A 21 -16.48 -1.09 -9.03
N GLU A 22 -15.61 -1.10 -8.03
CA GLU A 22 -14.42 -0.27 -8.04
C GLU A 22 -13.20 -1.07 -8.50
N CYS A 23 -12.04 -0.42 -8.53
CA CYS A 23 -10.80 -1.06 -8.94
C CYS A 23 -10.46 -2.22 -8.00
N LEU A 24 -10.00 -3.33 -8.58
CA LEU A 24 -9.63 -4.50 -7.80
C LEU A 24 -8.28 -4.30 -7.12
N LEU A 25 -7.34 -3.72 -7.85
CA LEU A 25 -6.00 -3.46 -7.33
C LEU A 25 -5.42 -2.18 -7.91
N TYR A 26 -4.38 -1.67 -7.27
CA TYR A 26 -3.73 -0.45 -7.72
C TYR A 26 -2.21 -0.60 -7.74
N TYR A 27 -1.60 -0.21 -8.85
CA TYR A 27 -0.15 -0.31 -9.00
C TYR A 27 0.54 0.97 -8.53
N ILE A 28 1.08 0.91 -7.32
CA ILE A 28 1.78 2.07 -6.75
C ILE A 28 3.11 2.31 -7.45
N LYS A 29 3.25 3.51 -8.01
CA LYS A 29 4.48 3.88 -8.71
C LYS A 29 5.53 4.41 -7.75
N ASP A 30 6.70 4.73 -8.27
CA ASP A 30 7.79 5.25 -7.45
C ASP A 30 7.62 6.76 -7.22
N GLY A 31 7.59 7.15 -5.95
CA GLY A 31 7.43 8.56 -5.62
C GLY A 31 6.39 8.80 -4.55
N ILE A 32 5.45 9.70 -4.83
CA ILE A 32 4.38 10.00 -3.89
C ILE A 32 3.03 9.55 -4.41
N THR A 33 2.31 8.79 -3.60
CA THR A 33 1.00 8.28 -3.98
C THR A 33 -0.02 8.54 -2.87
N ARG A 34 -0.76 9.64 -3.00
CA ARG A 34 -1.77 9.99 -2.01
C ARG A 34 -3.02 9.14 -2.19
N VAL A 35 -3.69 8.83 -1.08
CA VAL A 35 -4.91 8.04 -1.12
C VAL A 35 -6.11 8.82 -0.60
N GLY A 36 -7.15 8.91 -1.43
CA GLY A 36 -8.34 9.64 -1.04
C GLY A 36 -9.14 10.13 -2.23
N GLN A 37 -10.23 10.84 -1.97
CA GLN A 37 -11.08 11.35 -3.04
C GLN A 37 -10.24 12.01 -4.13
N ALA A 38 -10.86 12.25 -5.28
CA ALA A 38 -10.17 12.87 -6.40
C ALA A 38 -10.11 14.39 -6.25
N ASP A 39 -11.26 14.97 -5.90
CA ASP A 39 -11.34 16.42 -5.70
C ASP A 39 -10.51 16.86 -4.51
N ALA A 40 -10.15 15.91 -3.65
CA ALA A 40 -9.36 16.20 -2.46
C ALA A 40 -8.36 17.32 -2.74
N GLU A 41 -8.25 18.24 -1.79
CA GLU A 41 -7.33 19.37 -1.93
C GLU A 41 -6.06 18.95 -2.67
N ARG A 42 -5.57 17.75 -2.36
CA ARG A 42 -4.37 17.23 -2.98
C ARG A 42 -4.70 16.04 -3.89
N ARG A 43 -4.09 16.01 -5.07
CA ARG A 43 -4.31 14.93 -6.02
C ARG A 43 -4.04 13.58 -5.38
N GLN A 44 -5.02 12.68 -5.45
CA GLN A 44 -4.89 11.35 -4.88
C GLN A 44 -4.91 10.28 -5.97
N ASP A 45 -3.88 9.45 -5.99
CA ASP A 45 -3.78 8.39 -6.99
C ASP A 45 -4.95 7.42 -6.85
N ILE A 46 -5.18 6.92 -5.64
CA ILE A 46 -6.26 5.99 -5.37
C ILE A 46 -7.48 6.70 -4.83
N VAL A 47 -8.54 6.74 -5.64
CA VAL A 47 -9.78 7.39 -5.24
C VAL A 47 -10.77 6.38 -4.66
N LEU A 48 -11.22 6.65 -3.44
CA LEU A 48 -12.17 5.76 -2.77
C LEU A 48 -13.52 6.46 -2.59
N SER A 49 -14.45 5.76 -1.93
CA SER A 49 -15.79 6.31 -1.69
C SER A 49 -15.70 7.74 -1.17
N GLY A 50 -16.84 8.42 -1.14
CA GLY A 50 -16.88 9.78 -0.65
C GLY A 50 -17.86 9.97 0.47
N ALA A 51 -18.40 8.87 0.98
CA ALA A 51 -19.37 8.90 2.07
C ALA A 51 -18.70 8.59 3.40
N HIS A 52 -17.54 7.93 3.34
CA HIS A 52 -16.80 7.57 4.55
C HIS A 52 -15.35 8.01 4.44
N ILE A 53 -14.69 7.61 3.36
CA ILE A 53 -13.29 7.96 3.14
C ILE A 53 -13.10 9.48 3.16
N LYS A 54 -11.89 9.90 3.52
CA LYS A 54 -11.58 11.32 3.57
C LYS A 54 -10.77 11.75 2.34
N GLU A 55 -10.85 13.03 2.00
CA GLU A 55 -10.13 13.56 0.85
C GLU A 55 -8.69 13.06 0.84
N GLU A 56 -8.05 13.07 2.00
CA GLU A 56 -6.67 12.63 2.11
C GLU A 56 -6.53 11.57 3.21
N HIS A 57 -7.41 10.57 3.16
CA HIS A 57 -7.38 9.49 4.15
C HIS A 57 -5.95 9.16 4.56
N CYS A 58 -5.18 8.64 3.62
CA CYS A 58 -3.79 8.28 3.89
C CYS A 58 -2.91 8.55 2.67
N ILE A 59 -1.62 8.27 2.80
CA ILE A 59 -0.68 8.49 1.71
C ILE A 59 0.25 7.30 1.54
N PHE A 60 0.85 7.18 0.36
CA PHE A 60 1.76 6.09 0.06
C PHE A 60 3.03 6.60 -0.61
N ARG A 61 4.14 6.56 0.11
CA ARG A 61 5.41 7.02 -0.42
C ARG A 61 6.33 5.84 -0.72
N SER A 62 6.52 5.55 -2.00
CA SER A 62 7.37 4.45 -2.43
C SER A 62 8.74 4.95 -2.89
N GLU A 63 9.76 4.66 -2.11
CA GLU A 63 11.12 5.10 -2.45
C GLU A 63 12.12 3.96 -2.22
N ARG A 64 13.11 3.88 -3.11
CA ARG A 64 14.13 2.85 -3.01
C ARG A 64 15.19 3.21 -1.98
N SER A 65 15.41 2.32 -1.02
CA SER A 65 16.39 2.55 0.03
C SER A 65 17.80 2.68 -0.55
N ASN A 66 18.78 2.87 0.32
CA ASN A 66 20.17 3.02 -0.11
C ASN A 66 20.68 1.71 -0.71
N SER A 67 20.13 0.59 -0.25
CA SER A 67 20.53 -0.72 -0.75
C SER A 67 19.92 -1.00 -2.12
N GLY A 68 19.11 -0.06 -2.60
CA GLY A 68 18.48 -0.22 -3.89
C GLY A 68 17.23 -1.08 -3.82
N GLU A 69 16.57 -1.09 -2.66
CA GLU A 69 15.36 -1.87 -2.46
C GLU A 69 14.14 -0.97 -2.31
N VAL A 70 13.14 -1.20 -3.16
CA VAL A 70 11.92 -0.40 -3.12
C VAL A 70 11.19 -0.59 -1.80
N ILE A 71 10.87 0.52 -1.14
CA ILE A 71 10.17 0.48 0.13
C ILE A 71 8.91 1.35 0.10
N VAL A 72 7.87 0.92 0.79
CA VAL A 72 6.62 1.67 0.85
C VAL A 72 6.32 2.13 2.27
N THR A 73 5.65 3.29 2.38
CA THR A 73 5.30 3.85 3.67
C THR A 73 3.89 4.40 3.67
N LEU A 74 3.29 4.51 4.85
CA LEU A 74 1.93 5.03 4.98
C LEU A 74 1.90 6.25 5.91
N GLU A 75 1.53 7.39 5.36
CA GLU A 75 1.45 8.62 6.14
C GLU A 75 0.00 9.06 6.34
N PRO A 76 -0.66 8.46 7.33
CA PRO A 76 -2.06 8.76 7.65
C PRO A 76 -2.23 10.15 8.24
N CYS A 77 -3.47 10.62 8.31
CA CYS A 77 -3.77 11.94 8.86
C CYS A 77 -4.41 11.83 10.23
N GLU A 78 -4.80 12.97 10.78
CA GLU A 78 -5.42 13.00 12.11
C GLU A 78 -6.94 12.93 12.00
N ARG A 79 -7.44 13.04 10.78
CA ARG A 79 -8.88 12.99 10.54
C ARG A 79 -9.23 11.82 9.63
N SER A 80 -8.40 10.79 9.63
CA SER A 80 -8.62 9.61 8.81
C SER A 80 -8.71 8.35 9.67
N GLU A 81 -9.53 7.40 9.24
CA GLU A 81 -9.71 6.14 9.97
C GLU A 81 -9.00 5.00 9.25
N THR A 82 -7.70 4.89 9.49
CA THR A 82 -6.90 3.83 8.87
C THR A 82 -6.38 2.86 9.92
N TYR A 83 -6.33 1.57 9.55
CA TYR A 83 -5.86 0.53 10.46
C TYR A 83 -4.89 -0.40 9.75
N VAL A 84 -3.62 -0.34 10.14
CA VAL A 84 -2.59 -1.19 9.55
C VAL A 84 -2.16 -2.30 10.51
N ASN A 85 -1.95 -3.49 9.97
CA ASN A 85 -1.55 -4.64 10.78
C ASN A 85 -2.53 -4.88 11.92
N GLY A 86 -3.82 -4.81 11.60
CA GLY A 86 -4.84 -5.02 12.61
C GLY A 86 -4.83 -3.96 13.69
N LYS A 87 -4.03 -2.92 13.47
CA LYS A 87 -3.91 -1.83 14.44
C LYS A 87 -4.14 -0.48 13.77
N ARG A 88 -4.23 0.57 14.57
CA ARG A 88 -4.45 1.92 14.05
C ARG A 88 -3.12 2.60 13.75
N VAL A 89 -3.00 3.15 12.55
CA VAL A 89 -1.78 3.84 12.13
C VAL A 89 -1.95 5.35 12.22
N SER A 90 -1.00 6.01 12.88
CA SER A 90 -1.04 7.46 13.04
C SER A 90 0.34 8.07 12.84
N GLN A 91 1.23 7.31 12.21
CA GLN A 91 2.59 7.77 11.95
C GLN A 91 3.15 7.14 10.69
N PRO A 92 4.14 7.81 10.08
CA PRO A 92 4.78 7.34 8.85
C PRO A 92 5.64 6.10 9.08
N VAL A 93 5.04 4.93 8.89
CA VAL A 93 5.75 3.67 9.07
C VAL A 93 5.88 2.91 7.75
N GLN A 94 6.99 2.19 7.61
CA GLN A 94 7.24 1.43 6.38
C GLN A 94 6.38 0.16 6.35
N LEU A 95 5.38 0.16 5.48
CA LEU A 95 4.48 -0.98 5.35
C LEU A 95 5.27 -2.27 5.09
N ARG A 96 4.72 -3.39 5.54
CA ARG A 96 5.37 -4.68 5.35
C ARG A 96 4.71 -5.47 4.23
N SER A 97 5.52 -6.10 3.39
CA SER A 97 5.02 -6.88 2.27
C SER A 97 4.02 -7.93 2.75
N GLY A 98 2.76 -7.51 2.90
CA GLY A 98 1.73 -8.43 3.36
C GLY A 98 0.96 -7.89 4.54
N ASN A 99 1.07 -6.59 4.77
CA ASN A 99 0.38 -5.95 5.90
C ASN A 99 -1.05 -5.58 5.52
N ARG A 100 -1.99 -5.90 6.40
CA ARG A 100 -3.39 -5.61 6.16
C ARG A 100 -3.72 -4.17 6.53
N ILE A 101 -4.21 -3.40 5.56
CA ILE A 101 -4.55 -2.00 5.78
C ILE A 101 -6.03 -1.75 5.50
N ILE A 102 -6.71 -1.11 6.45
CA ILE A 102 -8.12 -0.82 6.30
C ILE A 102 -8.36 0.69 6.25
N MET A 103 -9.33 1.11 5.42
CA MET A 103 -9.65 2.52 5.27
C MET A 103 -11.16 2.73 5.31
N GLY A 104 -11.58 3.78 6.02
CA GLY A 104 -13.00 4.07 6.13
C GLY A 104 -13.75 3.02 6.92
N LYS A 105 -14.54 2.21 6.22
CA LYS A 105 -15.33 1.16 6.85
C LYS A 105 -14.86 -0.22 6.38
N ASN A 106 -15.25 -0.57 5.17
CA ASN A 106 -14.87 -1.87 4.59
C ASN A 106 -13.98 -1.69 3.37
N HIS A 107 -12.93 -0.88 3.51
CA HIS A 107 -12.01 -0.63 2.42
C HIS A 107 -10.61 -1.15 2.76
N VAL A 108 -10.44 -2.46 2.69
CA VAL A 108 -9.16 -3.09 2.99
C VAL A 108 -8.27 -3.13 1.75
N PHE A 109 -6.97 -3.32 1.97
CA PHE A 109 -6.02 -3.39 0.86
C PHE A 109 -4.73 -4.08 1.30
N ARG A 110 -4.24 -4.97 0.46
CA ARG A 110 -3.01 -5.71 0.76
C ARG A 110 -1.82 -5.10 0.02
N PHE A 111 -0.82 -4.66 0.78
CA PHE A 111 0.38 -4.05 0.21
C PHE A 111 1.33 -5.12 -0.32
N ASN A 112 1.32 -5.33 -1.63
CA ASN A 112 2.17 -6.32 -2.26
C ASN A 112 3.58 -5.76 -2.48
N HIS A 113 4.55 -6.66 -2.61
CA HIS A 113 5.94 -6.26 -2.83
C HIS A 113 6.75 -7.41 -3.40
N PRO A 114 6.60 -7.65 -4.70
CA PRO A 114 7.32 -8.74 -5.40
C PRO A 114 8.82 -8.45 -5.52
N GLU A 115 9.23 -7.30 -5.00
CA GLU A 115 10.64 -6.92 -5.06
C GLU A 115 11.47 -7.70 -4.04
N GLN A 116 11.13 -7.54 -2.77
CA GLN A 116 11.83 -8.24 -1.70
C GLN A 116 11.39 -9.69 -1.60
N ALA A 117 10.08 -9.90 -1.69
CA ALA A 117 9.51 -11.25 -1.60
C ALA A 117 10.19 -12.18 -2.60
N ARG A 118 10.88 -11.61 -3.58
CA ARG A 118 11.58 -12.39 -4.59
C ARG A 118 12.76 -13.13 -3.98
N ALA A 119 13.40 -12.51 -3.00
CA ALA A 119 14.55 -13.11 -2.33
C ALA A 119 14.29 -14.56 -1.97
N GLU A 120 13.02 -14.89 -1.77
CA GLU A 120 12.63 -16.26 -1.42
C GLU A 120 12.58 -17.14 -2.66
N ARG A 121 12.19 -16.54 -3.78
CA ARG A 121 12.10 -17.29 -5.04
C ARG A 121 13.48 -17.49 -5.65
N GLU A 122 14.41 -16.59 -5.34
CA GLU A 122 15.76 -16.69 -5.86
C GLU A 122 16.37 -18.06 -5.57
N LYS A 123 15.96 -18.66 -4.45
CA LYS A 123 16.47 -19.97 -4.06
C LYS A 123 16.51 -20.91 -5.25
N THR A 124 17.17 -22.05 -5.08
CA THR A 124 17.28 -23.04 -6.14
C THR A 124 15.97 -23.18 -6.90
N SER A 125 15.91 -22.58 -8.09
CA SER A 125 14.72 -22.64 -8.91
C SER A 125 15.06 -23.05 -10.34
N GLY A 126 14.31 -24.02 -10.86
CA GLY A 126 14.56 -24.49 -12.22
C GLY A 126 14.14 -23.47 -13.27
N PRO A 127 14.88 -23.45 -14.39
CA PRO A 127 14.60 -22.53 -15.49
C PRO A 127 13.31 -22.86 -16.23
N SER A 128 12.94 -22.01 -17.18
CA SER A 128 11.72 -22.21 -17.95
C SER A 128 12.00 -22.11 -19.44
N SER A 129 13.28 -22.16 -19.80
CA SER A 129 13.67 -22.08 -21.20
C SER A 129 13.03 -23.19 -22.03
N GLY A 130 13.09 -23.05 -23.34
CA GLY A 130 12.50 -24.04 -24.23
C GLY A 130 13.45 -24.47 -25.33
N GLY A 1 14.59 -5.53 -19.52
CA GLY A 1 14.51 -6.74 -18.72
C GLY A 1 13.22 -7.48 -18.90
N SER A 2 13.14 -8.29 -19.95
CA SER A 2 11.94 -9.06 -20.25
C SER A 2 11.91 -10.36 -19.45
N SER A 3 13.03 -10.67 -18.79
CA SER A 3 13.13 -11.88 -17.99
C SER A 3 13.54 -11.54 -16.56
N GLY A 4 13.05 -12.34 -15.62
CA GLY A 4 13.36 -12.12 -14.22
C GLY A 4 12.31 -11.28 -13.52
N SER A 5 11.57 -11.92 -12.60
CA SER A 5 10.52 -11.23 -11.86
C SER A 5 11.06 -9.95 -11.23
N SER A 6 10.78 -8.81 -11.88
CA SER A 6 11.25 -7.52 -11.38
C SER A 6 10.67 -7.24 -10.00
N GLY A 7 9.35 -7.14 -9.92
CA GLY A 7 8.69 -6.87 -8.65
C GLY A 7 8.32 -5.41 -8.49
N THR A 8 7.06 -5.16 -8.17
CA THR A 8 6.58 -3.79 -7.99
C THR A 8 5.48 -3.74 -6.93
N PRO A 9 5.53 -2.69 -6.08
CA PRO A 9 4.54 -2.49 -5.02
C PRO A 9 3.16 -2.12 -5.56
N HIS A 10 2.14 -2.84 -5.11
CA HIS A 10 0.77 -2.59 -5.55
C HIS A 10 -0.23 -3.01 -4.48
N LEU A 11 -1.38 -2.34 -4.46
CA LEU A 11 -2.43 -2.66 -3.49
C LEU A 11 -3.50 -3.53 -4.11
N VAL A 12 -3.87 -4.59 -3.41
CA VAL A 12 -4.90 -5.51 -3.89
C VAL A 12 -6.19 -5.36 -3.09
N ASN A 13 -7.32 -5.56 -3.77
CA ASN A 13 -8.62 -5.44 -3.12
C ASN A 13 -9.00 -6.75 -2.41
N LEU A 14 -9.27 -6.65 -1.12
CA LEU A 14 -9.64 -7.82 -0.33
C LEU A 14 -10.87 -7.53 0.53
N ASN A 15 -11.45 -6.35 0.33
CA ASN A 15 -12.63 -5.95 1.09
C ASN A 15 -13.78 -6.95 0.90
N GLU A 16 -14.92 -6.66 1.50
CA GLU A 16 -16.09 -7.54 1.39
C GLU A 16 -16.95 -7.13 0.20
N ASP A 17 -16.47 -6.18 -0.59
CA ASP A 17 -17.21 -5.70 -1.75
C ASP A 17 -16.54 -6.17 -3.04
N PRO A 18 -16.81 -7.43 -3.43
CA PRO A 18 -16.24 -8.03 -4.64
C PRO A 18 -16.83 -7.42 -5.90
N LEU A 19 -17.70 -6.43 -5.74
CA LEU A 19 -18.33 -5.76 -6.87
C LEU A 19 -17.84 -4.32 -7.00
N MET A 20 -17.10 -3.87 -5.99
CA MET A 20 -16.58 -2.51 -5.98
C MET A 20 -16.21 -2.06 -7.39
N SER A 21 -16.80 -0.96 -7.83
CA SER A 21 -16.54 -0.42 -9.17
C SER A 21 -15.06 -0.07 -9.33
N GLU A 22 -14.33 -0.10 -8.24
CA GLU A 22 -12.89 0.21 -8.26
C GLU A 22 -12.10 -0.94 -8.87
N CYS A 23 -10.84 -0.67 -9.19
CA CYS A 23 -9.97 -1.69 -9.78
C CYS A 23 -9.57 -2.72 -8.73
N LEU A 24 -9.58 -3.99 -9.14
CA LEU A 24 -9.21 -5.09 -8.24
C LEU A 24 -7.93 -4.76 -7.49
N LEU A 25 -6.99 -4.12 -8.18
CA LEU A 25 -5.71 -3.76 -7.57
C LEU A 25 -5.19 -2.45 -8.15
N TYR A 26 -4.14 -1.91 -7.54
CA TYR A 26 -3.54 -0.65 -7.99
C TYR A 26 -2.03 -0.70 -7.89
N TYR A 27 -1.36 -0.51 -9.02
CA TYR A 27 0.10 -0.54 -9.05
C TYR A 27 0.69 0.76 -8.52
N ILE A 28 1.29 0.70 -7.33
CA ILE A 28 1.89 1.87 -6.71
C ILE A 28 3.17 2.27 -7.42
N LYS A 29 3.11 3.38 -8.16
CA LYS A 29 4.27 3.88 -8.89
C LYS A 29 5.29 4.49 -7.93
N ASP A 30 6.45 4.87 -8.48
CA ASP A 30 7.50 5.48 -7.67
C ASP A 30 7.26 6.97 -7.49
N GLY A 31 6.99 7.39 -6.25
CA GLY A 31 6.75 8.78 -5.98
C GLY A 31 5.82 8.98 -4.78
N ILE A 32 4.63 9.52 -5.04
CA ILE A 32 3.66 9.76 -3.98
C ILE A 32 2.28 9.24 -4.37
N THR A 33 1.77 8.29 -3.60
CA THR A 33 0.47 7.70 -3.85
C THR A 33 -0.55 8.14 -2.81
N ARG A 34 -1.30 9.19 -3.12
CA ARG A 34 -2.31 9.70 -2.21
C ARG A 34 -3.53 8.79 -2.16
N VAL A 35 -3.95 8.42 -0.96
CA VAL A 35 -5.10 7.55 -0.78
C VAL A 35 -6.26 8.28 -0.10
N GLY A 36 -7.12 8.89 -0.89
CA GLY A 36 -8.25 9.62 -0.35
C GLY A 36 -9.40 9.73 -1.33
N GLN A 37 -9.67 10.95 -1.78
CA GLN A 37 -10.77 11.18 -2.73
C GLN A 37 -10.24 11.83 -4.00
N ALA A 38 -11.14 12.06 -4.96
CA ALA A 38 -10.76 12.67 -6.22
C ALA A 38 -10.95 14.19 -6.17
N ASP A 39 -11.86 14.64 -5.31
CA ASP A 39 -12.13 16.06 -5.15
C ASP A 39 -10.97 16.77 -4.47
N ALA A 40 -10.15 16.01 -3.76
CA ALA A 40 -9.00 16.56 -3.06
C ALA A 40 -8.36 17.68 -3.86
N GLU A 41 -7.76 18.64 -3.15
CA GLU A 41 -7.10 19.77 -3.81
C GLU A 41 -6.21 19.30 -4.96
N ARG A 42 -5.49 18.20 -4.73
CA ARG A 42 -4.61 17.64 -5.75
C ARG A 42 -5.18 16.37 -6.34
N ARG A 43 -4.47 15.79 -7.30
CA ARG A 43 -4.92 14.56 -7.95
C ARG A 43 -4.51 13.34 -7.14
N GLN A 44 -5.39 12.92 -6.23
CA GLN A 44 -5.13 11.76 -5.39
C GLN A 44 -4.92 10.51 -6.23
N ASP A 45 -3.84 9.79 -5.97
CA ASP A 45 -3.53 8.56 -6.70
C ASP A 45 -4.71 7.61 -6.68
N ILE A 46 -5.17 7.26 -5.48
CA ILE A 46 -6.29 6.35 -5.33
C ILE A 46 -7.53 7.07 -4.79
N VAL A 47 -8.70 6.66 -5.25
CA VAL A 47 -9.95 7.27 -4.82
C VAL A 47 -10.92 6.22 -4.28
N LEU A 48 -11.36 6.40 -3.04
CA LEU A 48 -12.29 5.47 -2.41
C LEU A 48 -13.58 6.17 -2.02
N SER A 49 -14.64 5.40 -1.82
CA SER A 49 -15.94 5.94 -1.44
C SER A 49 -16.47 5.26 -0.19
N GLY A 50 -16.90 4.01 -0.34
CA GLY A 50 -17.43 3.27 0.78
C GLY A 50 -18.19 4.15 1.76
N ALA A 51 -17.50 4.61 2.80
CA ALA A 51 -18.10 5.47 3.80
C ALA A 51 -17.06 6.01 4.76
N HIS A 52 -17.07 7.33 4.96
CA HIS A 52 -16.12 7.98 5.86
C HIS A 52 -14.74 8.05 5.23
N ILE A 53 -14.68 8.56 4.00
CA ILE A 53 -13.42 8.70 3.28
C ILE A 53 -13.02 10.16 3.15
N LYS A 54 -11.78 10.46 3.53
CA LYS A 54 -11.26 11.82 3.45
C LYS A 54 -10.34 11.99 2.24
N GLU A 55 -10.18 13.23 1.80
CA GLU A 55 -9.34 13.52 0.65
C GLU A 55 -7.89 13.06 0.90
N GLU A 56 -7.48 13.10 2.16
CA GLU A 56 -6.13 12.69 2.53
C GLU A 56 -6.17 11.62 3.61
N HIS A 57 -7.22 10.80 3.60
CA HIS A 57 -7.38 9.74 4.58
C HIS A 57 -6.04 9.06 4.86
N CYS A 58 -5.21 8.96 3.84
CA CYS A 58 -3.89 8.33 3.97
C CYS A 58 -3.05 8.54 2.72
N ILE A 59 -1.83 8.01 2.74
CA ILE A 59 -0.93 8.14 1.60
C ILE A 59 0.09 7.00 1.56
N PHE A 60 0.79 6.88 0.45
CA PHE A 60 1.79 5.84 0.29
C PHE A 60 2.99 6.34 -0.52
N ARG A 61 4.15 6.37 0.13
CA ARG A 61 5.37 6.82 -0.51
C ARG A 61 6.21 5.65 -1.00
N SER A 62 6.89 5.84 -2.13
CA SER A 62 7.74 4.79 -2.69
C SER A 62 9.12 5.32 -3.01
N GLU A 63 10.13 4.68 -2.44
CA GLU A 63 11.52 5.10 -2.67
C GLU A 63 12.49 3.94 -2.39
N ARG A 64 13.40 3.71 -3.32
CA ARG A 64 14.38 2.63 -3.19
C ARG A 64 15.52 3.06 -2.29
N SER A 65 15.72 2.30 -1.21
CA SER A 65 16.79 2.60 -0.26
C SER A 65 18.14 2.70 -0.96
N ASN A 66 19.18 2.98 -0.19
CA ASN A 66 20.53 3.11 -0.74
C ASN A 66 21.07 1.75 -1.16
N SER A 67 20.42 0.69 -0.71
CA SER A 67 20.84 -0.67 -1.03
C SER A 67 20.25 -1.11 -2.38
N GLY A 68 19.02 -0.70 -2.65
CA GLY A 68 18.37 -1.06 -3.89
C GLY A 68 17.02 -1.70 -3.68
N GLU A 69 16.48 -1.56 -2.47
CA GLU A 69 15.19 -2.12 -2.14
C GLU A 69 14.10 -1.03 -2.12
N VAL A 70 12.99 -1.31 -2.79
CA VAL A 70 11.88 -0.36 -2.86
C VAL A 70 11.16 -0.27 -1.52
N ILE A 71 11.35 0.84 -0.82
CA ILE A 71 10.70 1.04 0.48
C ILE A 71 9.30 1.61 0.31
N VAL A 72 8.44 1.36 1.30
CA VAL A 72 7.07 1.85 1.27
C VAL A 72 6.64 2.39 2.62
N THR A 73 6.38 3.69 2.68
CA THR A 73 5.96 4.34 3.92
C THR A 73 4.56 4.91 3.79
N LEU A 74 3.75 4.72 4.83
CA LEU A 74 2.38 5.23 4.83
C LEU A 74 2.28 6.53 5.63
N GLU A 75 1.28 7.34 5.29
CA GLU A 75 1.08 8.62 5.97
C GLU A 75 -0.41 8.89 6.16
N PRO A 76 -0.99 8.29 7.21
CA PRO A 76 -2.41 8.46 7.53
C PRO A 76 -2.72 9.86 8.04
N CYS A 77 -4.00 10.12 8.31
CA CYS A 77 -4.43 11.43 8.80
C CYS A 77 -4.80 11.36 10.28
N GLU A 78 -4.93 12.52 10.90
CA GLU A 78 -5.29 12.59 12.32
C GLU A 78 -6.80 12.64 12.50
N ARG A 79 -7.52 12.74 11.40
CA ARG A 79 -8.98 12.80 11.43
C ARG A 79 -9.59 11.71 10.55
N SER A 80 -8.88 10.59 10.43
CA SER A 80 -9.35 9.48 9.61
C SER A 80 -9.27 8.17 10.39
N GLU A 81 -9.59 7.06 9.72
CA GLU A 81 -9.55 5.75 10.35
C GLU A 81 -8.76 4.77 9.48
N THR A 82 -7.47 4.65 9.77
CA THR A 82 -6.60 3.74 9.02
C THR A 82 -5.96 2.71 9.95
N TYR A 83 -6.15 1.44 9.63
CA TYR A 83 -5.60 0.35 10.43
C TYR A 83 -4.65 -0.50 9.60
N VAL A 84 -3.40 -0.60 10.06
CA VAL A 84 -2.39 -1.39 9.37
C VAL A 84 -1.92 -2.56 10.23
N ASN A 85 -1.94 -3.75 9.64
CA ASN A 85 -1.51 -4.96 10.35
C ASN A 85 -2.44 -5.25 11.53
N GLY A 86 -3.69 -4.83 11.40
CA GLY A 86 -4.66 -5.06 12.46
C GLY A 86 -4.74 -3.89 13.43
N LYS A 87 -3.61 -3.24 13.66
CA LYS A 87 -3.55 -2.11 14.57
C LYS A 87 -3.79 -0.79 13.83
N ARG A 88 -3.98 0.28 14.59
CA ARG A 88 -4.22 1.60 13.99
C ARG A 88 -2.92 2.24 13.55
N VAL A 89 -3.02 3.23 12.67
CA VAL A 89 -1.83 3.93 12.17
C VAL A 89 -2.09 5.43 12.07
N SER A 90 -1.49 6.19 12.97
CA SER A 90 -1.66 7.64 12.98
C SER A 90 -0.35 8.34 12.58
N GLN A 91 0.76 7.63 12.74
CA GLN A 91 2.06 8.19 12.40
C GLN A 91 2.66 7.48 11.18
N PRO A 92 3.64 8.12 10.54
CA PRO A 92 4.31 7.58 9.36
C PRO A 92 5.18 6.38 9.69
N VAL A 93 4.82 5.22 9.13
CA VAL A 93 5.59 4.00 9.37
C VAL A 93 5.77 3.20 8.08
N GLN A 94 6.85 2.43 8.02
CA GLN A 94 7.14 1.62 6.84
C GLN A 94 6.22 0.39 6.78
N LEU A 95 5.52 0.25 5.66
CA LEU A 95 4.61 -0.88 5.47
C LEU A 95 5.38 -2.18 5.30
N ARG A 96 4.73 -3.30 5.61
CA ARG A 96 5.36 -4.61 5.50
C ARG A 96 4.73 -5.41 4.35
N SER A 97 5.56 -6.19 3.67
CA SER A 97 5.08 -7.01 2.55
C SER A 97 3.91 -7.89 2.98
N GLY A 98 2.70 -7.52 2.56
CA GLY A 98 1.53 -8.29 2.90
C GLY A 98 0.84 -7.76 4.15
N ASN A 99 0.75 -6.44 4.25
CA ASN A 99 0.11 -5.80 5.40
C ASN A 99 -1.36 -5.52 5.11
N ARG A 100 -2.19 -5.58 6.15
CA ARG A 100 -3.61 -5.32 6.02
C ARG A 100 -3.94 -3.86 6.35
N ILE A 101 -4.23 -3.08 5.32
CA ILE A 101 -4.56 -1.67 5.52
C ILE A 101 -6.06 -1.43 5.33
N ILE A 102 -6.76 -1.24 6.44
CA ILE A 102 -8.20 -0.99 6.40
C ILE A 102 -8.49 0.50 6.50
N MET A 103 -9.17 1.02 5.47
CA MET A 103 -9.52 2.44 5.43
C MET A 103 -11.01 2.63 5.60
N GLY A 104 -11.40 3.71 6.26
CA GLY A 104 -12.81 3.98 6.48
C GLY A 104 -13.54 2.83 7.14
N LYS A 105 -14.22 2.02 6.33
CA LYS A 105 -14.95 0.87 6.85
C LYS A 105 -14.65 -0.38 6.03
N ASN A 106 -15.19 -0.43 4.81
CA ASN A 106 -14.98 -1.58 3.93
C ASN A 106 -14.02 -1.21 2.79
N HIS A 107 -12.89 -0.62 3.14
CA HIS A 107 -11.89 -0.22 2.16
C HIS A 107 -10.51 -0.74 2.53
N VAL A 108 -10.34 -2.06 2.51
CA VAL A 108 -9.06 -2.67 2.85
C VAL A 108 -8.19 -2.86 1.62
N PHE A 109 -6.88 -2.96 1.84
CA PHE A 109 -5.93 -3.13 0.74
C PHE A 109 -4.69 -3.88 1.21
N ARG A 110 -4.24 -4.83 0.40
CA ARG A 110 -3.07 -5.63 0.73
C ARG A 110 -1.84 -5.11 -0.02
N PHE A 111 -0.82 -4.73 0.74
CA PHE A 111 0.43 -4.21 0.15
C PHE A 111 1.30 -5.35 -0.36
N ASN A 112 1.34 -5.52 -1.68
CA ASN A 112 2.14 -6.57 -2.31
C ASN A 112 3.57 -6.10 -2.55
N HIS A 113 4.52 -6.69 -1.84
CA HIS A 113 5.92 -6.33 -1.99
C HIS A 113 6.73 -7.51 -2.51
N PRO A 114 6.55 -7.85 -3.78
CA PRO A 114 7.26 -8.96 -4.42
C PRO A 114 8.74 -8.67 -4.61
N GLU A 115 9.15 -7.45 -4.29
CA GLU A 115 10.55 -7.05 -4.42
C GLU A 115 11.33 -7.40 -3.16
N GLN A 116 10.91 -6.84 -2.03
CA GLN A 116 11.58 -7.10 -0.76
C GLN A 116 11.51 -8.58 -0.39
N ALA A 117 10.38 -9.20 -0.68
CA ALA A 117 10.19 -10.62 -0.38
C ALA A 117 11.32 -11.46 -0.96
N ARG A 118 12.04 -10.88 -1.91
CA ARG A 118 13.16 -11.59 -2.55
C ARG A 118 14.35 -11.67 -1.60
N ALA A 119 14.64 -10.58 -0.92
CA ALA A 119 15.76 -10.53 0.02
C ALA A 119 15.71 -11.70 1.00
N GLU A 120 14.50 -12.21 1.24
CA GLU A 120 14.32 -13.33 2.15
C GLU A 120 15.46 -14.33 2.03
N ARG A 121 15.90 -14.56 0.79
CA ARG A 121 16.99 -15.50 0.53
C ARG A 121 18.28 -15.02 1.17
N GLU A 122 18.59 -13.75 1.00
CA GLU A 122 19.80 -13.16 1.55
C GLU A 122 19.80 -13.27 3.08
N LYS A 123 18.63 -13.07 3.68
CA LYS A 123 18.49 -13.13 5.13
C LYS A 123 18.26 -14.58 5.58
N THR A 124 18.78 -14.92 6.75
CA THR A 124 18.63 -16.26 7.29
C THR A 124 17.16 -16.60 7.49
N SER A 125 16.78 -17.82 7.11
CA SER A 125 15.41 -18.28 7.24
C SER A 125 15.11 -18.71 8.67
N GLY A 126 16.15 -18.69 9.52
CA GLY A 126 15.98 -19.08 10.90
C GLY A 126 16.78 -20.32 11.25
N PRO A 127 16.89 -20.62 12.55
CA PRO A 127 17.63 -21.79 13.04
C PRO A 127 16.93 -23.10 12.70
N SER A 128 17.53 -23.87 11.80
CA SER A 128 16.96 -25.15 11.39
C SER A 128 16.76 -26.07 12.59
N SER A 129 16.22 -27.25 12.33
CA SER A 129 15.98 -28.22 13.39
C SER A 129 16.05 -29.64 12.85
N GLY A 130 16.65 -30.54 13.64
CA GLY A 130 16.77 -31.92 13.22
C GLY A 130 18.05 -32.57 13.72
N GLY A 1 2.06 -5.22 -17.46
CA GLY A 1 1.61 -6.58 -17.30
C GLY A 1 2.72 -7.59 -17.57
N SER A 2 3.96 -7.19 -17.29
CA SER A 2 5.11 -8.05 -17.50
C SER A 2 5.71 -8.50 -16.18
N SER A 3 5.79 -9.80 -15.98
CA SER A 3 6.35 -10.37 -14.75
C SER A 3 7.86 -10.50 -14.85
N GLY A 4 8.52 -9.44 -15.31
CA GLY A 4 9.96 -9.47 -15.43
C GLY A 4 10.67 -9.30 -14.11
N SER A 5 11.72 -8.48 -14.10
CA SER A 5 12.49 -8.25 -12.88
C SER A 5 12.35 -6.80 -12.43
N SER A 6 11.16 -6.24 -12.59
CA SER A 6 10.89 -4.86 -12.20
C SER A 6 9.71 -4.79 -11.23
N GLY A 7 9.79 -5.56 -10.15
CA GLY A 7 8.73 -5.56 -9.16
C GLY A 7 8.26 -4.17 -8.80
N THR A 8 6.97 -4.02 -8.53
CA THR A 8 6.41 -2.73 -8.16
C THR A 8 5.34 -2.88 -7.09
N PRO A 9 5.26 -1.88 -6.19
CA PRO A 9 4.29 -1.88 -5.10
C PRO A 9 2.85 -1.68 -5.59
N HIS A 10 1.92 -2.39 -4.98
CA HIS A 10 0.51 -2.30 -5.35
C HIS A 10 -0.39 -2.80 -4.23
N LEU A 11 -1.60 -2.24 -4.15
CA LEU A 11 -2.55 -2.63 -3.12
C LEU A 11 -3.56 -3.63 -3.66
N VAL A 12 -3.90 -4.62 -2.85
CA VAL A 12 -4.86 -5.65 -3.24
C VAL A 12 -6.18 -5.47 -2.50
N ASN A 13 -7.28 -5.43 -3.27
CA ASN A 13 -8.60 -5.26 -2.68
C ASN A 13 -9.12 -6.59 -2.12
N LEU A 14 -8.92 -6.78 -0.83
CA LEU A 14 -9.36 -8.01 -0.16
C LEU A 14 -10.65 -7.77 0.61
N ASN A 15 -11.23 -6.58 0.44
CA ASN A 15 -12.47 -6.23 1.12
C ASN A 15 -13.49 -7.37 1.03
N GLU A 16 -14.48 -7.34 1.92
CA GLU A 16 -15.51 -8.36 1.93
C GLU A 16 -16.50 -8.18 0.78
N ASP A 17 -16.21 -7.20 -0.08
CA ASP A 17 -17.07 -6.91 -1.22
C ASP A 17 -16.40 -7.33 -2.53
N PRO A 18 -16.47 -8.63 -2.84
CA PRO A 18 -15.87 -9.19 -4.06
C PRO A 18 -16.61 -8.74 -5.32
N LEU A 19 -17.63 -7.90 -5.14
CA LEU A 19 -18.41 -7.40 -6.26
C LEU A 19 -18.15 -5.92 -6.50
N MET A 20 -17.50 -5.28 -5.53
CA MET A 20 -17.18 -3.86 -5.64
C MET A 20 -16.86 -3.48 -7.08
N SER A 21 -17.58 -2.51 -7.61
CA SER A 21 -17.37 -2.06 -8.98
C SER A 21 -15.96 -1.52 -9.17
N GLU A 22 -15.25 -1.35 -8.05
CA GLU A 22 -13.89 -0.84 -8.09
C GLU A 22 -12.93 -1.86 -8.71
N CYS A 23 -11.65 -1.50 -8.79
CA CYS A 23 -10.65 -2.37 -9.37
C CYS A 23 -10.15 -3.37 -8.34
N LEU A 24 -9.99 -4.63 -8.77
CA LEU A 24 -9.52 -5.69 -7.87
C LEU A 24 -8.31 -5.23 -7.07
N LEU A 25 -7.36 -4.59 -7.76
CA LEU A 25 -6.15 -4.10 -7.11
C LEU A 25 -5.70 -2.78 -7.74
N TYR A 26 -4.77 -2.11 -7.07
CA TYR A 26 -4.25 -0.84 -7.56
C TYR A 26 -2.73 -0.83 -7.55
N TYR A 27 -2.14 -0.33 -8.63
CA TYR A 27 -0.69 -0.27 -8.76
C TYR A 27 -0.16 1.07 -8.26
N ILE A 28 0.81 1.01 -7.35
CA ILE A 28 1.41 2.22 -6.79
C ILE A 28 2.69 2.60 -7.53
N LYS A 29 2.58 3.61 -8.38
CA LYS A 29 3.73 4.08 -9.15
C LYS A 29 4.94 4.29 -8.26
N ASP A 30 6.06 4.68 -8.86
CA ASP A 30 7.29 4.92 -8.11
C ASP A 30 7.40 6.38 -7.69
N GLY A 31 6.69 6.74 -6.63
CA GLY A 31 6.72 8.11 -6.14
C GLY A 31 5.84 8.31 -4.93
N ILE A 32 4.98 9.32 -4.98
CA ILE A 32 4.07 9.62 -3.88
C ILE A 32 2.61 9.44 -4.30
N THR A 33 1.98 8.38 -3.78
CA THR A 33 0.58 8.10 -4.10
C THR A 33 -0.34 8.56 -2.97
N ARG A 34 -0.99 9.70 -3.16
CA ARG A 34 -1.90 10.23 -2.16
C ARG A 34 -3.24 9.49 -2.18
N VAL A 35 -3.48 8.71 -1.14
CA VAL A 35 -4.71 7.93 -1.03
C VAL A 35 -5.78 8.73 -0.28
N GLY A 36 -6.85 9.08 -0.98
CA GLY A 36 -7.93 9.84 -0.37
C GLY A 36 -9.20 9.82 -1.20
N GLN A 37 -9.83 10.98 -1.32
CA GLN A 37 -11.06 11.10 -2.10
C GLN A 37 -10.78 11.74 -3.46
N ALA A 38 -11.82 11.83 -4.29
CA ALA A 38 -11.68 12.42 -5.61
C ALA A 38 -11.94 13.92 -5.58
N ASP A 39 -12.76 14.36 -4.62
CA ASP A 39 -13.09 15.76 -4.48
C ASP A 39 -11.83 16.60 -4.29
N ALA A 40 -10.86 16.04 -3.56
CA ALA A 40 -9.61 16.74 -3.31
C ALA A 40 -9.21 17.61 -4.49
N GLU A 41 -8.50 18.69 -4.21
CA GLU A 41 -8.05 19.61 -5.24
C GLU A 41 -7.07 18.92 -6.19
N ARG A 42 -6.11 18.21 -5.62
CA ARG A 42 -5.11 17.50 -6.42
C ARG A 42 -5.54 16.07 -6.69
N ARG A 43 -5.83 15.77 -7.95
CA ARG A 43 -6.27 14.44 -8.34
C ARG A 43 -5.45 13.37 -7.62
N GLN A 44 -6.12 12.57 -6.80
CA GLN A 44 -5.46 11.51 -6.06
C GLN A 44 -5.22 10.28 -6.94
N ASP A 45 -4.25 9.46 -6.55
CA ASP A 45 -3.92 8.25 -7.30
C ASP A 45 -4.96 7.17 -7.05
N ILE A 46 -5.30 6.96 -5.79
CA ILE A 46 -6.28 5.94 -5.41
C ILE A 46 -7.41 6.54 -4.58
N VAL A 47 -8.60 6.57 -5.17
CA VAL A 47 -9.77 7.12 -4.47
C VAL A 47 -10.61 6.01 -3.86
N LEU A 48 -10.65 5.95 -2.53
CA LEU A 48 -11.41 4.95 -1.82
C LEU A 48 -12.91 5.24 -1.91
N SER A 49 -13.66 4.29 -2.46
CA SER A 49 -15.10 4.45 -2.60
C SER A 49 -15.82 4.08 -1.31
N GLY A 50 -16.96 4.72 -1.06
CA GLY A 50 -17.72 4.44 0.14
C GLY A 50 -18.01 5.70 0.94
N ALA A 51 -17.35 5.83 2.08
CA ALA A 51 -17.54 6.99 2.94
C ALA A 51 -16.47 7.06 4.03
N HIS A 52 -16.39 8.19 4.71
CA HIS A 52 -15.40 8.39 5.77
C HIS A 52 -13.99 8.31 5.21
N ILE A 53 -13.79 8.85 4.01
CA ILE A 53 -12.49 8.85 3.37
C ILE A 53 -11.90 10.26 3.31
N LYS A 54 -11.09 10.60 4.32
CA LYS A 54 -10.47 11.92 4.37
C LYS A 54 -9.71 12.22 3.08
N GLU A 55 -9.87 13.44 2.59
CA GLU A 55 -9.20 13.85 1.35
C GLU A 55 -7.75 13.39 1.34
N GLU A 56 -7.12 13.36 2.52
CA GLU A 56 -5.74 12.94 2.65
C GLU A 56 -5.61 11.74 3.59
N HIS A 57 -6.56 10.81 3.48
CA HIS A 57 -6.55 9.62 4.33
C HIS A 57 -5.12 9.17 4.62
N CYS A 58 -4.41 8.77 3.59
CA CYS A 58 -3.03 8.31 3.74
C CYS A 58 -2.26 8.46 2.44
N ILE A 59 -0.97 8.13 2.47
CA ILE A 59 -0.13 8.23 1.28
C ILE A 59 0.87 7.07 1.22
N PHE A 60 1.43 6.84 0.04
CA PHE A 60 2.38 5.76 -0.16
C PHE A 60 3.66 6.28 -0.80
N ARG A 61 4.72 6.36 -0.01
CA ARG A 61 6.01 6.84 -0.51
C ARG A 61 6.94 5.67 -0.84
N SER A 62 7.17 5.45 -2.12
CA SER A 62 8.03 4.36 -2.57
C SER A 62 9.37 4.91 -3.07
N GLU A 63 10.36 4.91 -2.18
CA GLU A 63 11.69 5.40 -2.52
C GLU A 63 12.75 4.32 -2.29
N ARG A 64 13.79 4.35 -3.11
CA ARG A 64 14.87 3.38 -3.00
C ARG A 64 15.84 3.77 -1.88
N SER A 65 15.95 2.91 -0.87
CA SER A 65 16.83 3.16 0.26
C SER A 65 18.27 3.32 -0.20
N ASN A 66 19.15 3.68 0.73
CA ASN A 66 20.57 3.86 0.41
C ASN A 66 21.19 2.55 -0.08
N SER A 67 20.53 1.44 0.23
CA SER A 67 21.01 0.13 -0.18
C SER A 67 20.49 -0.24 -1.56
N GLY A 68 19.70 0.65 -2.15
CA GLY A 68 19.14 0.40 -3.47
C GLY A 68 17.90 -0.46 -3.42
N GLU A 69 17.34 -0.62 -2.22
CA GLU A 69 16.14 -1.42 -2.05
C GLU A 69 14.90 -0.54 -1.92
N VAL A 70 13.94 -0.76 -2.82
CA VAL A 70 12.70 0.01 -2.82
C VAL A 70 11.90 -0.24 -1.54
N ILE A 71 11.49 0.84 -0.88
CA ILE A 71 10.72 0.74 0.35
C ILE A 71 9.48 1.62 0.30
N VAL A 72 8.37 1.12 0.82
CA VAL A 72 7.12 1.87 0.84
C VAL A 72 6.66 2.16 2.27
N THR A 73 6.24 3.39 2.51
CA THR A 73 5.79 3.79 3.83
C THR A 73 4.42 4.46 3.77
N LEU A 74 3.54 4.07 4.68
CA LEU A 74 2.18 4.63 4.72
C LEU A 74 2.15 5.91 5.56
N GLU A 75 1.76 7.01 4.92
CA GLU A 75 1.69 8.29 5.60
C GLU A 75 0.23 8.70 5.83
N PRO A 76 -0.39 8.14 6.88
CA PRO A 76 -1.78 8.42 7.23
C PRO A 76 -1.96 9.85 7.76
N CYS A 77 -3.21 10.22 8.00
CA CYS A 77 -3.52 11.55 8.51
C CYS A 77 -3.86 11.50 10.00
N GLU A 78 -4.18 12.66 10.57
CA GLU A 78 -4.53 12.73 11.98
C GLU A 78 -5.99 12.36 12.21
N ARG A 79 -6.85 12.75 11.28
CA ARG A 79 -8.27 12.46 11.38
C ARG A 79 -8.67 11.37 10.37
N SER A 80 -7.76 10.43 10.14
CA SER A 80 -8.02 9.35 9.21
C SER A 80 -8.29 8.04 9.94
N GLU A 81 -9.26 7.27 9.46
CA GLU A 81 -9.61 6.00 10.07
C GLU A 81 -8.90 4.85 9.38
N THR A 82 -7.57 4.89 9.40
CA THR A 82 -6.76 3.85 8.78
C THR A 82 -6.28 2.84 9.80
N TYR A 83 -6.19 1.57 9.39
CA TYR A 83 -5.74 0.51 10.29
C TYR A 83 -4.84 -0.48 9.55
N VAL A 84 -3.57 -0.50 9.93
CA VAL A 84 -2.60 -1.41 9.32
C VAL A 84 -2.20 -2.52 10.27
N ASN A 85 -2.25 -3.76 9.77
CA ASN A 85 -1.90 -4.92 10.58
C ASN A 85 -2.83 -5.06 11.77
N GLY A 86 -4.11 -4.73 11.57
CA GLY A 86 -5.08 -4.81 12.65
C GLY A 86 -4.81 -3.82 13.75
N LYS A 87 -3.90 -2.88 13.51
CA LYS A 87 -3.56 -1.87 14.49
C LYS A 87 -3.87 -0.47 13.95
N ARG A 88 -3.57 0.54 14.76
CA ARG A 88 -3.81 1.92 14.37
C ARG A 88 -2.58 2.53 13.70
N VAL A 89 -2.77 3.13 12.54
CA VAL A 89 -1.67 3.74 11.80
C VAL A 89 -1.83 5.26 11.75
N SER A 90 -1.25 5.95 12.73
CA SER A 90 -1.33 7.39 12.80
C SER A 90 0.03 8.03 12.49
N GLN A 91 1.03 7.19 12.28
CA GLN A 91 2.38 7.66 11.97
C GLN A 91 2.95 6.92 10.76
N PRO A 92 4.06 7.45 10.22
CA PRO A 92 4.73 6.85 9.06
C PRO A 92 5.41 5.53 9.40
N VAL A 93 4.94 4.46 8.78
CA VAL A 93 5.51 3.13 9.01
C VAL A 93 5.62 2.34 7.70
N GLN A 94 6.67 1.54 7.60
CA GLN A 94 6.89 0.73 6.40
C GLN A 94 5.82 -0.34 6.26
N LEU A 95 5.34 -0.53 5.04
CA LEU A 95 4.31 -1.53 4.77
C LEU A 95 4.93 -2.89 4.50
N ARG A 96 4.28 -3.95 4.96
CA ARG A 96 4.76 -5.31 4.77
C ARG A 96 3.93 -6.04 3.71
N SER A 97 4.60 -6.50 2.66
CA SER A 97 3.91 -7.22 1.58
C SER A 97 3.04 -8.33 2.13
N GLY A 98 1.78 -8.01 2.42
CA GLY A 98 0.86 -9.00 2.96
C GLY A 98 0.13 -8.51 4.19
N ASN A 99 0.05 -7.19 4.34
CA ASN A 99 -0.62 -6.59 5.49
C ASN A 99 -2.10 -6.36 5.19
N ARG A 100 -2.81 -5.77 6.14
CA ARG A 100 -4.23 -5.48 5.98
C ARG A 100 -4.54 -4.03 6.34
N ILE A 101 -4.69 -3.21 5.31
CA ILE A 101 -4.98 -1.79 5.51
C ILE A 101 -6.46 -1.50 5.28
N ILE A 102 -7.15 -1.05 6.33
CA ILE A 102 -8.56 -0.74 6.25
C ILE A 102 -8.80 0.76 6.29
N MET A 103 -9.20 1.33 5.16
CA MET A 103 -9.46 2.77 5.08
C MET A 103 -10.95 3.04 4.96
N GLY A 104 -11.42 4.08 5.64
CA GLY A 104 -12.83 4.43 5.60
C GLY A 104 -13.67 3.57 6.52
N LYS A 105 -14.41 2.63 5.94
CA LYS A 105 -15.26 1.74 6.72
C LYS A 105 -14.98 0.28 6.38
N ASN A 106 -15.32 -0.11 5.14
CA ASN A 106 -15.10 -1.47 4.69
C ASN A 106 -14.24 -1.49 3.43
N HIS A 107 -13.14 -0.74 3.47
CA HIS A 107 -12.22 -0.68 2.34
C HIS A 107 -10.84 -1.21 2.73
N VAL A 108 -10.71 -2.53 2.76
CA VAL A 108 -9.44 -3.15 3.12
C VAL A 108 -8.51 -3.24 1.91
N PHE A 109 -7.21 -3.21 2.18
CA PHE A 109 -6.21 -3.27 1.12
C PHE A 109 -4.88 -3.81 1.65
N ARG A 110 -4.36 -4.84 1.00
CA ARG A 110 -3.10 -5.45 1.41
C ARG A 110 -1.94 -4.90 0.57
N PHE A 111 -0.85 -4.57 1.25
CA PHE A 111 0.33 -4.03 0.56
C PHE A 111 1.15 -5.15 -0.06
N ASN A 112 1.87 -4.82 -1.12
CA ASN A 112 2.70 -5.80 -1.82
C ASN A 112 4.08 -5.22 -2.12
N HIS A 113 5.04 -6.10 -2.42
CA HIS A 113 6.40 -5.69 -2.74
C HIS A 113 7.21 -6.84 -3.31
N PRO A 114 7.01 -7.11 -4.62
CA PRO A 114 7.71 -8.19 -5.31
C PRO A 114 9.20 -7.91 -5.48
N GLU A 115 9.54 -6.63 -5.66
CA GLU A 115 10.92 -6.23 -5.84
C GLU A 115 11.77 -6.61 -4.63
N GLN A 116 11.35 -6.16 -3.45
CA GLN A 116 12.07 -6.46 -2.21
C GLN A 116 11.98 -7.94 -1.89
N ALA A 117 10.79 -8.51 -2.06
CA ALA A 117 10.57 -9.93 -1.79
C ALA A 117 11.55 -10.79 -2.56
N ARG A 118 12.22 -10.20 -3.55
CA ARG A 118 13.18 -10.92 -4.36
C ARG A 118 14.44 -11.24 -3.57
N ALA A 119 14.59 -10.58 -2.42
CA ALA A 119 15.75 -10.80 -1.57
C ALA A 119 15.45 -11.84 -0.49
N GLU A 120 14.34 -11.67 0.20
CA GLU A 120 13.94 -12.60 1.25
C GLU A 120 14.20 -14.05 0.83
N ARG A 121 13.61 -14.45 -0.28
CA ARG A 121 13.79 -15.81 -0.79
C ARG A 121 15.25 -16.21 -0.78
N GLU A 122 16.14 -15.23 -1.00
CA GLU A 122 17.57 -15.48 -1.02
C GLU A 122 18.06 -15.94 0.36
N LYS A 123 17.59 -15.27 1.40
CA LYS A 123 17.98 -15.60 2.77
C LYS A 123 17.83 -17.10 3.03
N THR A 124 16.65 -17.63 2.71
CA THR A 124 16.38 -19.05 2.90
C THR A 124 17.30 -19.91 2.04
N SER A 125 17.58 -19.44 0.84
CA SER A 125 18.45 -20.15 -0.09
C SER A 125 19.42 -19.21 -0.79
N GLY A 126 20.70 -19.30 -0.42
CA GLY A 126 21.71 -18.44 -1.02
C GLY A 126 23.05 -18.56 -0.33
N PRO A 127 23.96 -17.63 -0.65
CA PRO A 127 25.31 -17.61 -0.07
C PRO A 127 25.29 -17.22 1.41
N SER A 128 24.12 -16.82 1.90
CA SER A 128 23.97 -16.41 3.29
C SER A 128 22.99 -17.32 4.02
N SER A 129 23.39 -17.82 5.18
CA SER A 129 22.55 -18.69 5.97
C SER A 129 22.40 -18.18 7.40
N GLY A 130 21.18 -17.82 7.78
CA GLY A 130 20.94 -17.32 9.12
C GLY A 130 21.53 -15.95 9.34
N GLY A 1 -1.64 -11.66 -27.82
CA GLY A 1 -0.55 -12.60 -27.64
C GLY A 1 0.63 -11.98 -26.92
N SER A 2 0.49 -10.71 -26.53
CA SER A 2 1.56 -10.00 -25.84
C SER A 2 1.10 -9.55 -24.46
N SER A 3 1.79 -10.04 -23.43
CA SER A 3 1.44 -9.70 -22.05
C SER A 3 2.60 -10.03 -21.11
N GLY A 4 2.76 -9.21 -20.07
CA GLY A 4 3.82 -9.43 -19.11
C GLY A 4 3.36 -9.25 -17.68
N SER A 5 4.29 -9.35 -16.74
CA SER A 5 3.98 -9.20 -15.32
C SER A 5 5.03 -8.36 -14.62
N SER A 6 4.57 -7.33 -13.91
CA SER A 6 5.48 -6.44 -13.19
C SER A 6 5.29 -6.57 -11.68
N GLY A 7 6.18 -5.94 -10.92
CA GLY A 7 6.09 -6.00 -9.47
C GLY A 7 5.56 -4.71 -8.87
N THR A 8 6.47 -3.91 -8.32
CA THR A 8 6.08 -2.64 -7.70
C THR A 8 5.06 -2.86 -6.59
N PRO A 9 5.03 -1.93 -5.63
CA PRO A 9 4.11 -2.00 -4.48
C PRO A 9 2.67 -1.75 -4.90
N HIS A 10 1.92 -2.84 -5.10
CA HIS A 10 0.53 -2.74 -5.50
C HIS A 10 -0.39 -3.37 -4.44
N LEU A 11 -1.53 -2.75 -4.21
CA LEU A 11 -2.49 -3.25 -3.23
C LEU A 11 -3.60 -4.04 -3.91
N VAL A 12 -3.85 -5.24 -3.39
CA VAL A 12 -4.90 -6.10 -3.94
C VAL A 12 -6.22 -5.90 -3.21
N ASN A 13 -7.32 -6.22 -3.89
CA ASN A 13 -8.64 -6.08 -3.30
C ASN A 13 -9.10 -7.38 -2.66
N LEU A 14 -9.01 -7.46 -1.34
CA LEU A 14 -9.42 -8.65 -0.61
C LEU A 14 -10.60 -8.35 0.31
N ASN A 15 -11.17 -7.16 0.16
CA ASN A 15 -12.31 -6.75 0.97
C ASN A 15 -13.33 -7.88 1.09
N GLU A 16 -14.32 -7.69 1.95
CA GLU A 16 -15.36 -8.70 2.15
C GLU A 16 -16.39 -8.64 1.04
N ASP A 17 -16.09 -7.86 0.00
CA ASP A 17 -16.99 -7.71 -1.13
C ASP A 17 -16.45 -8.45 -2.35
N PRO A 18 -16.66 -9.78 -2.39
CA PRO A 18 -16.20 -10.62 -3.51
C PRO A 18 -16.97 -10.36 -4.79
N LEU A 19 -17.92 -9.42 -4.73
CA LEU A 19 -18.72 -9.08 -5.89
C LEU A 19 -18.33 -7.72 -6.44
N MET A 20 -17.51 -7.00 -5.69
CA MET A 20 -17.05 -5.67 -6.10
C MET A 20 -16.81 -5.62 -7.60
N SER A 21 -17.55 -4.75 -8.28
CA SER A 21 -17.42 -4.59 -9.73
C SER A 21 -16.37 -3.54 -10.08
N GLU A 22 -15.54 -3.20 -9.09
CA GLU A 22 -14.48 -2.21 -9.30
C GLU A 22 -13.16 -2.88 -9.66
N CYS A 23 -12.08 -2.13 -9.53
CA CYS A 23 -10.76 -2.65 -9.85
C CYS A 23 -10.37 -3.78 -8.90
N LEU A 24 -9.68 -4.78 -9.42
CA LEU A 24 -9.25 -5.93 -8.61
C LEU A 24 -8.09 -5.55 -7.71
N LEU A 25 -7.18 -4.73 -8.23
CA LEU A 25 -6.01 -4.28 -7.46
C LEU A 25 -5.63 -2.86 -7.83
N TYR A 26 -4.57 -2.36 -7.21
CA TYR A 26 -4.10 -1.01 -7.47
C TYR A 26 -2.57 -0.95 -7.41
N TYR A 27 -1.96 -0.49 -8.50
CA TYR A 27 -0.51 -0.37 -8.59
C TYR A 27 -0.05 1.00 -8.15
N ILE A 28 1.04 1.04 -7.38
CA ILE A 28 1.60 2.30 -6.90
C ILE A 28 2.86 2.68 -7.67
N LYS A 29 2.88 3.90 -8.20
CA LYS A 29 4.02 4.39 -8.96
C LYS A 29 5.28 4.41 -8.10
N ASP A 30 6.35 4.98 -8.63
CA ASP A 30 7.61 5.06 -7.91
C ASP A 30 7.82 6.47 -7.34
N GLY A 31 7.18 6.75 -6.22
CA GLY A 31 7.30 8.05 -5.60
C GLY A 31 6.32 8.25 -4.47
N ILE A 32 5.50 9.30 -4.58
CA ILE A 32 4.50 9.59 -3.55
C ILE A 32 3.09 9.43 -4.09
N THR A 33 2.24 8.77 -3.31
CA THR A 33 0.85 8.53 -3.71
C THR A 33 -0.11 8.98 -2.62
N ARG A 34 -0.76 10.12 -2.82
CA ARG A 34 -1.71 10.65 -1.85
C ARG A 34 -3.06 9.97 -1.99
N VAL A 35 -3.41 9.17 -0.99
CA VAL A 35 -4.68 8.44 -0.99
C VAL A 35 -5.78 9.27 -0.32
N GLY A 36 -6.99 9.19 -0.87
CA GLY A 36 -8.11 9.93 -0.33
C GLY A 36 -9.27 10.02 -1.29
N GLN A 37 -9.81 11.22 -1.45
CA GLN A 37 -10.94 11.44 -2.34
C GLN A 37 -10.49 12.05 -3.66
N ALA A 38 -11.39 12.09 -4.63
CA ALA A 38 -11.08 12.66 -5.94
C ALA A 38 -11.33 14.16 -5.97
N ASP A 39 -12.20 14.62 -5.08
CA ASP A 39 -12.52 16.05 -5.00
C ASP A 39 -11.39 16.83 -4.33
N ALA A 40 -10.60 16.13 -3.54
CA ALA A 40 -9.48 16.75 -2.82
C ALA A 40 -8.80 17.80 -3.70
N GLU A 41 -8.51 18.96 -3.10
CA GLU A 41 -7.86 20.04 -3.83
C GLU A 41 -6.81 19.50 -4.79
N ARG A 42 -6.13 18.44 -4.38
CA ARG A 42 -5.09 17.83 -5.21
C ARG A 42 -5.50 16.41 -5.62
N ARG A 43 -5.80 16.24 -6.90
CA ARG A 43 -6.21 14.94 -7.43
C ARG A 43 -5.43 13.82 -6.74
N GLN A 44 -6.16 12.94 -6.05
CA GLN A 44 -5.54 11.82 -5.34
C GLN A 44 -5.41 10.62 -6.26
N ASP A 45 -4.23 10.00 -6.25
CA ASP A 45 -3.97 8.83 -7.08
C ASP A 45 -5.10 7.81 -6.94
N ILE A 46 -5.23 7.23 -5.76
CA ILE A 46 -6.27 6.24 -5.50
C ILE A 46 -7.43 6.86 -4.74
N VAL A 47 -8.63 6.83 -5.34
CA VAL A 47 -9.82 7.38 -4.71
C VAL A 47 -10.67 6.28 -4.10
N LEU A 48 -10.88 6.36 -2.78
CA LEU A 48 -11.67 5.37 -2.07
C LEU A 48 -13.14 5.78 -2.04
N SER A 49 -14.02 4.81 -1.78
CA SER A 49 -15.45 5.07 -1.72
C SER A 49 -15.88 5.41 -0.30
N GLY A 50 -17.19 5.57 -0.11
CA GLY A 50 -17.71 5.88 1.21
C GLY A 50 -17.48 7.33 1.59
N ALA A 51 -18.26 7.83 2.53
CA ALA A 51 -18.14 9.22 2.99
C ALA A 51 -17.43 9.29 4.33
N HIS A 52 -16.81 8.18 4.73
CA HIS A 52 -16.08 8.12 5.99
C HIS A 52 -14.59 8.30 5.78
N ILE A 53 -14.21 8.72 4.57
CA ILE A 53 -12.81 8.94 4.24
C ILE A 53 -12.44 10.41 4.30
N LYS A 54 -11.15 10.69 4.32
CA LYS A 54 -10.66 12.07 4.38
C LYS A 54 -9.92 12.43 3.10
N GLU A 55 -10.18 13.65 2.60
CA GLU A 55 -9.54 14.13 1.38
C GLU A 55 -8.10 13.59 1.28
N GLU A 56 -7.36 13.69 2.38
CA GLU A 56 -5.98 13.22 2.41
C GLU A 56 -5.80 12.13 3.45
N HIS A 57 -6.67 11.13 3.41
CA HIS A 57 -6.61 10.02 4.37
C HIS A 57 -5.16 9.70 4.72
N CYS A 58 -4.43 9.15 3.76
CA CYS A 58 -3.04 8.78 3.97
C CYS A 58 -2.24 8.90 2.67
N ILE A 59 -0.96 8.54 2.74
CA ILE A 59 -0.09 8.61 1.56
C ILE A 59 0.83 7.39 1.50
N PHE A 60 1.28 7.07 0.29
CA PHE A 60 2.17 5.93 0.09
C PHE A 60 3.44 6.36 -0.63
N ARG A 61 4.55 6.35 0.11
CA ARG A 61 5.84 6.74 -0.45
C ARG A 61 6.66 5.50 -0.85
N SER A 62 6.74 5.26 -2.15
CA SER A 62 7.49 4.11 -2.65
C SER A 62 8.72 4.57 -3.43
N GLU A 63 9.88 4.46 -2.80
CA GLU A 63 11.13 4.86 -3.43
C GLU A 63 12.25 3.87 -3.11
N ARG A 64 13.41 4.06 -3.74
CA ARG A 64 14.55 3.20 -3.53
C ARG A 64 15.29 3.57 -2.24
N SER A 65 15.17 2.71 -1.23
CA SER A 65 15.81 2.96 0.05
C SER A 65 17.29 3.30 -0.13
N ASN A 66 17.98 3.57 0.97
CA ASN A 66 19.39 3.91 0.92
C ASN A 66 20.23 2.70 0.49
N SER A 67 19.67 1.51 0.66
CA SER A 67 20.36 0.29 0.29
C SER A 67 20.05 -0.10 -1.16
N GLY A 68 19.20 0.69 -1.81
CA GLY A 68 18.84 0.42 -3.19
C GLY A 68 17.60 -0.42 -3.31
N GLU A 69 17.02 -0.79 -2.16
CA GLU A 69 15.82 -1.60 -2.15
C GLU A 69 14.57 -0.73 -2.08
N VAL A 70 13.67 -0.92 -3.04
CA VAL A 70 12.43 -0.15 -3.09
C VAL A 70 11.56 -0.42 -1.86
N ILE A 71 11.39 0.61 -1.03
CA ILE A 71 10.59 0.48 0.17
C ILE A 71 9.35 1.37 0.10
N VAL A 72 8.31 0.97 0.85
CA VAL A 72 7.07 1.74 0.87
C VAL A 72 6.68 2.13 2.28
N THR A 73 6.31 3.39 2.48
CA THR A 73 5.92 3.89 3.79
C THR A 73 4.58 4.60 3.72
N LEU A 74 3.71 4.31 4.70
CA LEU A 74 2.39 4.92 4.75
C LEU A 74 2.40 6.16 5.64
N GLU A 75 2.05 7.30 5.06
CA GLU A 75 2.02 8.56 5.80
C GLU A 75 0.58 9.01 6.06
N PRO A 76 -0.05 8.42 7.08
CA PRO A 76 -1.43 8.75 7.44
C PRO A 76 -1.57 10.15 8.04
N CYS A 77 -2.75 10.72 7.93
CA CYS A 77 -3.01 12.06 8.46
C CYS A 77 -3.42 12.00 9.92
N GLU A 78 -3.79 13.15 10.48
CA GLU A 78 -4.19 13.23 11.88
C GLU A 78 -5.68 12.90 12.02
N ARG A 79 -5.97 11.93 12.90
CA ARG A 79 -7.35 11.52 13.13
C ARG A 79 -7.95 10.90 11.87
N SER A 80 -7.15 10.13 11.15
CA SER A 80 -7.61 9.49 9.92
C SER A 80 -7.96 8.03 10.17
N GLU A 81 -9.17 7.64 9.79
CA GLU A 81 -9.63 6.27 9.98
C GLU A 81 -8.77 5.29 9.17
N THR A 82 -7.56 5.04 9.66
CA THR A 82 -6.64 4.13 8.99
C THR A 82 -6.08 3.09 9.96
N TYR A 83 -5.93 1.86 9.48
CA TYR A 83 -5.42 0.78 10.29
C TYR A 83 -4.58 -0.19 9.46
N VAL A 84 -3.36 -0.44 9.92
CA VAL A 84 -2.46 -1.35 9.22
C VAL A 84 -2.12 -2.56 10.07
N ASN A 85 -2.28 -3.75 9.49
CA ASN A 85 -1.99 -4.99 10.21
C ASN A 85 -2.93 -5.17 11.40
N GLY A 86 -4.10 -4.56 11.31
CA GLY A 86 -5.07 -4.65 12.39
C GLY A 86 -4.96 -3.51 13.37
N LYS A 87 -3.77 -2.96 13.50
CA LYS A 87 -3.52 -1.84 14.41
C LYS A 87 -3.66 -0.50 13.69
N ARG A 88 -3.84 0.56 14.46
CA ARG A 88 -3.98 1.90 13.89
C ARG A 88 -2.65 2.40 13.35
N VAL A 89 -2.70 3.46 12.54
CA VAL A 89 -1.49 4.04 11.95
C VAL A 89 -1.62 5.55 11.83
N SER A 90 -0.87 6.28 12.66
CA SER A 90 -0.89 7.73 12.64
C SER A 90 0.49 8.29 12.33
N GLN A 91 1.49 7.41 12.30
CA GLN A 91 2.85 7.83 12.02
C GLN A 91 3.37 7.17 10.74
N PRO A 92 4.36 7.82 10.11
CA PRO A 92 4.96 7.32 8.87
C PRO A 92 5.80 6.05 9.09
N VAL A 93 5.19 4.90 8.86
CA VAL A 93 5.88 3.62 9.04
C VAL A 93 5.90 2.82 7.75
N GLN A 94 6.90 1.96 7.60
CA GLN A 94 7.04 1.14 6.41
C GLN A 94 5.97 0.06 6.36
N LEU A 95 5.35 -0.11 5.19
CA LEU A 95 4.30 -1.10 5.01
C LEU A 95 4.89 -2.51 4.95
N ARG A 96 4.12 -3.48 5.42
CA ARG A 96 4.55 -4.87 5.42
C ARG A 96 3.96 -5.63 4.23
N SER A 97 4.83 -6.18 3.39
CA SER A 97 4.39 -6.93 2.22
C SER A 97 3.49 -8.09 2.62
N GLY A 98 2.20 -7.81 2.76
CA GLY A 98 1.25 -8.84 3.15
C GLY A 98 0.30 -8.39 4.24
N ASN A 99 0.39 -7.12 4.61
CA ASN A 99 -0.46 -6.55 5.65
C ASN A 99 -1.83 -6.21 5.09
N ARG A 100 -2.66 -5.58 5.91
CA ARG A 100 -4.00 -5.18 5.50
C ARG A 100 -4.32 -3.77 5.97
N ILE A 101 -4.37 -2.83 5.03
CA ILE A 101 -4.66 -1.44 5.35
C ILE A 101 -6.15 -1.15 5.19
N ILE A 102 -6.78 -0.71 6.28
CA ILE A 102 -8.20 -0.38 6.26
C ILE A 102 -8.42 1.12 6.31
N MET A 103 -9.06 1.65 5.28
CA MET A 103 -9.33 3.08 5.20
C MET A 103 -10.83 3.33 5.00
N GLY A 104 -11.51 3.74 6.06
CA GLY A 104 -12.93 4.00 5.99
C GLY A 104 -13.74 3.06 6.84
N LYS A 105 -14.32 2.04 6.21
CA LYS A 105 -15.14 1.06 6.91
C LYS A 105 -14.70 -0.36 6.56
N ASN A 106 -15.05 -0.79 5.34
CA ASN A 106 -14.69 -2.13 4.87
C ASN A 106 -13.72 -2.06 3.71
N HIS A 107 -13.03 -0.93 3.59
CA HIS A 107 -12.06 -0.74 2.51
C HIS A 107 -10.70 -1.29 2.89
N VAL A 108 -10.55 -2.61 2.80
CA VAL A 108 -9.30 -3.26 3.14
C VAL A 108 -8.52 -3.65 1.89
N PHE A 109 -7.20 -3.47 1.95
CA PHE A 109 -6.34 -3.80 0.82
C PHE A 109 -5.09 -4.55 1.28
N ARG A 110 -4.67 -5.52 0.47
CA ARG A 110 -3.49 -6.31 0.80
C ARG A 110 -2.24 -5.76 0.09
N PHE A 111 -1.18 -5.53 0.87
CA PHE A 111 0.06 -5.00 0.31
C PHE A 111 0.89 -6.12 -0.34
N ASN A 112 1.31 -5.88 -1.57
CA ASN A 112 2.10 -6.86 -2.30
C ASN A 112 3.42 -6.25 -2.77
N HIS A 113 4.51 -6.59 -2.07
CA HIS A 113 5.83 -6.07 -2.43
C HIS A 113 6.72 -7.19 -2.95
N PRO A 114 6.46 -7.63 -4.19
CA PRO A 114 7.23 -8.70 -4.83
C PRO A 114 8.65 -8.26 -5.17
N GLU A 115 8.80 -6.99 -5.53
CA GLU A 115 10.11 -6.44 -5.89
C GLU A 115 11.11 -6.66 -4.75
N GLN A 116 10.77 -6.15 -3.58
CA GLN A 116 11.65 -6.28 -2.41
C GLN A 116 11.71 -7.73 -1.95
N ALA A 117 10.61 -8.46 -2.11
CA ALA A 117 10.54 -9.85 -1.71
C ALA A 117 11.58 -10.69 -2.45
N ARG A 118 12.20 -10.09 -3.46
CA ARG A 118 13.21 -10.79 -4.25
C ARG A 118 14.58 -10.69 -3.59
N ALA A 119 14.82 -9.61 -2.87
CA ALA A 119 16.09 -9.40 -2.18
C ALA A 119 16.20 -10.32 -0.96
N GLU A 120 15.12 -11.02 -0.66
CA GLU A 120 15.10 -11.93 0.49
C GLU A 120 15.83 -13.23 0.16
N ARG A 121 15.92 -13.54 -1.12
CA ARG A 121 16.59 -14.76 -1.57
C ARG A 121 17.98 -14.45 -2.11
N GLU A 122 18.14 -13.25 -2.65
CA GLU A 122 19.42 -12.83 -3.22
C GLU A 122 20.50 -12.82 -2.14
N LYS A 123 20.07 -12.83 -0.87
CA LYS A 123 21.00 -12.83 0.24
C LYS A 123 22.27 -13.62 -0.09
N THR A 124 23.39 -13.23 0.51
CA THR A 124 24.65 -13.90 0.27
C THR A 124 24.48 -15.42 0.27
N SER A 125 24.97 -16.06 -0.79
CA SER A 125 24.87 -17.51 -0.92
C SER A 125 26.11 -18.19 -0.36
N GLY A 126 26.50 -17.80 0.85
CA GLY A 126 27.68 -18.40 1.48
C GLY A 126 27.56 -19.90 1.62
N PRO A 127 27.04 -20.36 2.76
CA PRO A 127 26.88 -21.78 3.04
C PRO A 127 25.80 -22.42 2.17
N SER A 128 25.71 -23.75 2.22
CA SER A 128 24.72 -24.49 1.44
C SER A 128 24.75 -24.04 -0.02
N SER A 129 25.95 -24.02 -0.61
CA SER A 129 26.11 -23.62 -2.00
C SER A 129 26.24 -24.84 -2.91
N GLY A 130 25.32 -24.95 -3.86
CA GLY A 130 25.34 -26.07 -4.78
C GLY A 130 25.48 -25.63 -6.22
N GLY A 1 17.08 7.08 -19.97
CA GLY A 1 17.62 5.75 -19.74
C GLY A 1 16.91 5.02 -18.61
N SER A 2 15.61 5.22 -18.50
CA SER A 2 14.81 4.59 -17.46
C SER A 2 14.47 3.16 -17.84
N SER A 3 15.05 2.20 -17.12
CA SER A 3 14.81 0.79 -17.39
C SER A 3 15.01 -0.05 -16.13
N GLY A 4 14.02 -0.88 -15.81
CA GLY A 4 14.10 -1.72 -14.64
C GLY A 4 12.74 -1.94 -13.99
N SER A 5 12.06 -2.99 -14.42
CA SER A 5 10.74 -3.31 -13.88
C SER A 5 10.68 -4.75 -13.40
N SER A 6 10.63 -4.93 -12.08
CA SER A 6 10.57 -6.26 -11.49
C SER A 6 10.08 -6.20 -10.04
N GLY A 7 8.88 -6.72 -9.81
CA GLY A 7 8.31 -6.71 -8.48
C GLY A 7 7.97 -5.31 -8.00
N THR A 8 6.84 -4.79 -8.47
CA THR A 8 6.39 -3.45 -8.09
C THR A 8 5.33 -3.51 -7.01
N PRO A 9 5.32 -2.51 -6.12
CA PRO A 9 4.35 -2.43 -5.02
C PRO A 9 2.94 -2.12 -5.52
N HIS A 10 2.00 -3.00 -5.19
CA HIS A 10 0.62 -2.83 -5.60
C HIS A 10 -0.34 -3.24 -4.48
N LEU A 11 -1.48 -2.57 -4.41
CA LEU A 11 -2.48 -2.86 -3.39
C LEU A 11 -3.58 -3.77 -3.93
N VAL A 12 -3.84 -4.87 -3.24
CA VAL A 12 -4.86 -5.81 -3.66
C VAL A 12 -6.15 -5.60 -2.87
N ASN A 13 -7.28 -5.63 -3.59
CA ASN A 13 -8.58 -5.45 -2.95
C ASN A 13 -9.10 -6.75 -2.37
N LEU A 14 -8.56 -7.13 -1.22
CA LEU A 14 -8.97 -8.37 -0.55
C LEU A 14 -10.31 -8.19 0.14
N ASN A 15 -10.94 -7.04 -0.08
CA ASN A 15 -12.24 -6.74 0.53
C ASN A 15 -13.19 -7.93 0.37
N GLU A 16 -14.35 -7.84 1.00
CA GLU A 16 -15.35 -8.90 0.93
C GLU A 16 -16.40 -8.59 -0.12
N ASP A 17 -16.07 -7.67 -1.02
CA ASP A 17 -16.99 -7.28 -2.09
C ASP A 17 -16.50 -7.81 -3.44
N PRO A 18 -16.77 -9.10 -3.71
CA PRO A 18 -16.37 -9.74 -4.95
C PRO A 18 -17.16 -9.23 -6.15
N LEU A 19 -18.07 -8.29 -5.90
CA LEU A 19 -18.89 -7.72 -6.96
C LEU A 19 -18.56 -6.24 -7.16
N MET A 20 -17.69 -5.71 -6.31
CA MET A 20 -17.30 -4.31 -6.39
C MET A 20 -17.05 -3.90 -7.85
N SER A 21 -17.74 -2.86 -8.29
CA SER A 21 -17.59 -2.37 -9.65
C SER A 21 -16.32 -1.55 -9.81
N GLU A 22 -15.50 -1.52 -8.76
CA GLU A 22 -14.26 -0.78 -8.78
C GLU A 22 -13.08 -1.69 -9.11
N CYS A 23 -11.94 -1.08 -9.42
CA CYS A 23 -10.74 -1.84 -9.76
C CYS A 23 -10.45 -2.90 -8.71
N LEU A 24 -9.86 -4.01 -9.14
CA LEU A 24 -9.53 -5.10 -8.24
C LEU A 24 -8.29 -4.76 -7.41
N LEU A 25 -7.27 -4.22 -8.07
CA LEU A 25 -6.03 -3.85 -7.41
C LEU A 25 -5.44 -2.58 -8.03
N TYR A 26 -4.55 -1.94 -7.29
CA TYR A 26 -3.90 -0.72 -7.77
C TYR A 26 -2.38 -0.88 -7.78
N TYR A 27 -1.77 -0.66 -8.95
CA TYR A 27 -0.33 -0.77 -9.09
C TYR A 27 0.36 0.55 -8.76
N ILE A 28 0.77 0.69 -7.51
CA ILE A 28 1.45 1.90 -7.06
C ILE A 28 2.64 2.23 -7.95
N LYS A 29 3.06 3.49 -7.93
CA LYS A 29 4.20 3.93 -8.74
C LYS A 29 5.43 4.12 -7.87
N ASP A 30 6.52 4.57 -8.49
CA ASP A 30 7.77 4.80 -7.77
C ASP A 30 7.93 6.28 -7.42
N GLY A 31 7.23 6.70 -6.37
CA GLY A 31 7.30 8.09 -5.94
C GLY A 31 6.34 8.40 -4.80
N ILE A 32 5.27 9.12 -5.11
CA ILE A 32 4.28 9.48 -4.11
C ILE A 32 2.87 9.19 -4.60
N THR A 33 2.08 8.51 -3.77
CA THR A 33 0.71 8.17 -4.12
C THR A 33 -0.24 8.47 -2.96
N ARG A 34 -0.98 9.58 -3.09
CA ARG A 34 -1.92 9.98 -2.05
C ARG A 34 -3.19 9.13 -2.11
N VAL A 35 -3.72 8.78 -0.95
CA VAL A 35 -4.93 7.96 -0.88
C VAL A 35 -6.05 8.72 -0.18
N GLY A 36 -7.06 9.11 -0.94
CA GLY A 36 -8.18 9.84 -0.38
C GLY A 36 -9.31 10.04 -1.38
N GLN A 37 -9.62 11.30 -1.68
CA GLN A 37 -10.68 11.62 -2.62
C GLN A 37 -10.12 12.31 -3.85
N ALA A 38 -11.00 12.69 -4.77
CA ALA A 38 -10.60 13.35 -6.01
C ALA A 38 -10.75 14.87 -5.88
N ASP A 39 -11.71 15.29 -5.07
CA ASP A 39 -11.96 16.72 -4.86
C ASP A 39 -10.97 17.31 -3.88
N ALA A 40 -10.35 16.45 -3.07
CA ALA A 40 -9.36 16.89 -2.09
C ALA A 40 -8.49 18.01 -2.65
N GLU A 41 -8.16 18.96 -1.79
CA GLU A 41 -7.34 20.11 -2.19
C GLU A 41 -6.24 19.66 -3.15
N ARG A 42 -5.70 18.46 -2.92
CA ARG A 42 -4.64 17.92 -3.76
C ARG A 42 -5.13 16.70 -4.54
N ARG A 43 -4.73 16.60 -5.79
CA ARG A 43 -5.12 15.48 -6.65
C ARG A 43 -4.53 14.17 -6.13
N GLN A 44 -5.41 13.31 -5.61
CA GLN A 44 -4.97 12.02 -5.08
C GLN A 44 -5.03 10.94 -6.16
N ASP A 45 -4.02 10.07 -6.17
CA ASP A 45 -3.96 8.99 -7.15
C ASP A 45 -5.11 8.01 -6.95
N ILE A 46 -5.19 7.43 -5.76
CA ILE A 46 -6.25 6.48 -5.45
C ILE A 46 -7.40 7.16 -4.71
N VAL A 47 -8.57 7.16 -5.33
CA VAL A 47 -9.75 7.77 -4.73
C VAL A 47 -10.73 6.71 -4.21
N LEU A 48 -10.90 6.67 -2.90
CA LEU A 48 -11.81 5.71 -2.29
C LEU A 48 -13.25 6.20 -2.32
N SER A 49 -14.19 5.27 -2.28
CA SER A 49 -15.61 5.62 -2.32
C SER A 49 -15.97 6.51 -1.15
N GLY A 50 -17.13 7.17 -1.25
CA GLY A 50 -17.58 8.05 -0.18
C GLY A 50 -18.09 7.30 1.03
N ALA A 51 -17.19 6.57 1.69
CA ALA A 51 -17.56 5.78 2.87
C ALA A 51 -16.76 6.24 4.09
N HIS A 52 -17.15 7.37 4.66
CA HIS A 52 -16.48 7.91 5.82
C HIS A 52 -14.97 8.04 5.57
N ILE A 53 -14.61 8.51 4.39
CA ILE A 53 -13.21 8.69 4.01
C ILE A 53 -12.81 10.15 4.07
N LYS A 54 -11.51 10.40 4.20
CA LYS A 54 -10.98 11.76 4.27
C LYS A 54 -10.27 12.14 2.98
N GLU A 55 -10.28 13.42 2.65
CA GLU A 55 -9.62 13.90 1.45
C GLU A 55 -8.17 13.45 1.39
N GLU A 56 -7.55 13.29 2.56
CA GLU A 56 -6.16 12.86 2.64
C GLU A 56 -6.01 11.73 3.65
N HIS A 57 -6.92 10.75 3.59
CA HIS A 57 -6.88 9.62 4.50
C HIS A 57 -5.44 9.23 4.81
N CYS A 58 -4.75 8.66 3.82
CA CYS A 58 -3.37 8.24 3.99
C CYS A 58 -2.56 8.50 2.72
N ILE A 59 -1.27 8.17 2.77
CA ILE A 59 -0.39 8.37 1.63
C ILE A 59 0.57 7.19 1.47
N PHE A 60 1.01 6.97 0.24
CA PHE A 60 1.94 5.88 -0.05
C PHE A 60 3.20 6.41 -0.72
N ARG A 61 4.32 6.32 -0.01
CA ARG A 61 5.60 6.79 -0.54
C ARG A 61 6.49 5.61 -0.93
N SER A 62 6.77 5.50 -2.22
CA SER A 62 7.61 4.42 -2.73
C SER A 62 8.93 4.96 -3.28
N GLU A 63 9.99 4.83 -2.50
CA GLU A 63 11.30 5.31 -2.90
C GLU A 63 12.36 4.22 -2.73
N ARG A 64 13.36 4.23 -3.61
CA ARG A 64 14.43 3.24 -3.54
C ARG A 64 15.47 3.62 -2.50
N SER A 65 15.43 2.93 -1.35
CA SER A 65 16.36 3.20 -0.27
C SER A 65 17.77 3.43 -0.80
N ASN A 66 18.64 4.00 0.03
CA ASN A 66 20.01 4.27 -0.37
C ASN A 66 20.72 2.99 -0.78
N SER A 67 20.18 1.86 -0.34
CA SER A 67 20.78 0.56 -0.66
C SER A 67 20.31 0.08 -2.03
N GLY A 68 19.25 0.71 -2.55
CA GLY A 68 18.72 0.33 -3.85
C GLY A 68 17.49 -0.54 -3.74
N GLU A 69 16.96 -0.67 -2.53
CA GLU A 69 15.78 -1.49 -2.29
C GLU A 69 14.54 -0.61 -2.11
N VAL A 70 13.51 -0.88 -2.92
CA VAL A 70 12.28 -0.12 -2.86
C VAL A 70 11.59 -0.30 -1.51
N ILE A 71 11.19 0.81 -0.89
CA ILE A 71 10.52 0.78 0.40
C ILE A 71 9.26 1.61 0.39
N VAL A 72 8.15 1.02 0.84
CA VAL A 72 6.87 1.73 0.88
C VAL A 72 6.50 2.09 2.32
N THR A 73 6.16 3.35 2.52
CA THR A 73 5.77 3.83 3.85
C THR A 73 4.39 4.48 3.82
N LEU A 74 3.58 4.18 4.82
CA LEU A 74 2.23 4.73 4.92
C LEU A 74 2.20 5.93 5.85
N GLU A 75 1.86 7.09 5.31
CA GLU A 75 1.79 8.32 6.10
C GLU A 75 0.34 8.76 6.28
N PRO A 76 -0.35 8.14 7.26
CA PRO A 76 -1.75 8.44 7.56
C PRO A 76 -1.91 9.82 8.20
N CYS A 77 -3.15 10.22 8.43
CA CYS A 77 -3.44 11.51 9.04
C CYS A 77 -3.96 11.34 10.47
N GLU A 78 -4.27 12.45 11.12
CA GLU A 78 -4.77 12.43 12.49
C GLU A 78 -6.29 12.32 12.51
N ARG A 79 -6.93 12.95 11.54
CA ARG A 79 -8.39 12.92 11.45
C ARG A 79 -8.86 11.87 10.46
N SER A 80 -8.14 10.75 10.41
CA SER A 80 -8.47 9.66 9.50
C SER A 80 -8.60 8.34 10.25
N GLU A 81 -9.30 7.39 9.64
CA GLU A 81 -9.50 6.08 10.25
C GLU A 81 -8.75 5.00 9.47
N THR A 82 -7.49 4.78 9.84
CA THR A 82 -6.66 3.78 9.17
C THR A 82 -6.22 2.70 10.16
N TYR A 83 -5.90 1.53 9.63
CA TYR A 83 -5.46 0.41 10.47
C TYR A 83 -4.56 -0.54 9.68
N VAL A 84 -3.32 -0.67 10.11
CA VAL A 84 -2.36 -1.54 9.44
C VAL A 84 -1.97 -2.72 10.34
N ASN A 85 -1.99 -3.91 9.77
CA ASN A 85 -1.63 -5.11 10.52
C ASN A 85 -2.58 -5.32 11.71
N GLY A 86 -3.84 -4.92 11.53
CA GLY A 86 -4.82 -5.07 12.59
C GLY A 86 -4.75 -3.94 13.60
N LYS A 87 -3.58 -3.31 13.70
CA LYS A 87 -3.38 -2.21 14.63
C LYS A 87 -3.72 -0.87 13.99
N ARG A 88 -3.47 0.21 14.72
CA ARG A 88 -3.75 1.55 14.21
C ARG A 88 -2.47 2.22 13.71
N VAL A 89 -2.59 3.00 12.64
CA VAL A 89 -1.45 3.69 12.06
C VAL A 89 -1.73 5.18 11.92
N SER A 90 -1.06 5.98 12.74
CA SER A 90 -1.24 7.44 12.71
C SER A 90 0.08 8.13 12.42
N GLN A 91 1.10 7.35 12.08
CA GLN A 91 2.41 7.90 11.78
C GLN A 91 3.02 7.23 10.55
N PRO A 92 4.01 7.89 9.94
CA PRO A 92 4.69 7.38 8.75
C PRO A 92 5.57 6.16 9.05
N VAL A 93 5.02 4.98 8.83
CA VAL A 93 5.75 3.73 9.08
C VAL A 93 5.76 2.84 7.84
N GLN A 94 6.81 2.05 7.70
CA GLN A 94 6.94 1.15 6.56
C GLN A 94 5.81 0.13 6.54
N LEU A 95 5.39 -0.24 5.33
CA LEU A 95 4.31 -1.22 5.18
C LEU A 95 4.86 -2.64 5.18
N ARG A 96 4.07 -3.58 5.72
CA ARG A 96 4.49 -4.98 5.78
C ARG A 96 3.85 -5.78 4.64
N SER A 97 4.69 -6.36 3.79
CA SER A 97 4.21 -7.14 2.67
C SER A 97 3.29 -8.27 3.14
N GLY A 98 2.00 -7.95 3.26
CA GLY A 98 1.04 -8.94 3.70
C GLY A 98 0.17 -8.44 4.84
N ASN A 99 0.22 -7.13 5.09
CA ASN A 99 -0.56 -6.53 6.16
C ASN A 99 -1.95 -6.13 5.64
N ARG A 100 -2.92 -6.15 6.55
CA ARG A 100 -4.29 -5.80 6.19
C ARG A 100 -4.56 -4.32 6.46
N ILE A 101 -4.54 -3.51 5.40
CA ILE A 101 -4.77 -2.08 5.51
C ILE A 101 -6.27 -1.76 5.37
N ILE A 102 -6.83 -1.13 6.38
CA ILE A 102 -8.24 -0.77 6.37
C ILE A 102 -8.42 0.74 6.47
N MET A 103 -9.35 1.28 5.70
CA MET A 103 -9.62 2.72 5.71
C MET A 103 -11.12 2.99 5.79
N GLY A 104 -11.48 4.09 6.44
CA GLY A 104 -12.88 4.45 6.57
C GLY A 104 -13.76 3.24 6.85
N LYS A 105 -14.36 2.70 5.80
CA LYS A 105 -15.22 1.54 5.94
C LYS A 105 -15.28 0.73 4.64
N ASN A 106 -15.32 -0.59 4.76
CA ASN A 106 -15.37 -1.46 3.60
C ASN A 106 -14.31 -1.06 2.57
N HIS A 107 -13.17 -0.60 3.05
CA HIS A 107 -12.08 -0.19 2.18
C HIS A 107 -10.76 -0.81 2.62
N VAL A 108 -10.68 -2.13 2.51
CA VAL A 108 -9.47 -2.85 2.89
C VAL A 108 -8.54 -3.05 1.69
N PHE A 109 -7.26 -3.24 1.97
CA PHE A 109 -6.27 -3.43 0.92
C PHE A 109 -5.03 -4.14 1.47
N ARG A 110 -4.45 -5.01 0.65
CA ARG A 110 -3.26 -5.76 1.05
C ARG A 110 -2.02 -5.24 0.31
N PHE A 111 -0.97 -4.97 1.07
CA PHE A 111 0.28 -4.47 0.50
C PHE A 111 1.13 -5.61 -0.04
N ASN A 112 1.76 -5.38 -1.19
CA ASN A 112 2.60 -6.39 -1.81
C ASN A 112 4.01 -5.86 -2.05
N HIS A 113 5.00 -6.50 -1.43
CA HIS A 113 6.39 -6.08 -1.58
C HIS A 113 7.29 -7.28 -1.83
N PRO A 114 7.23 -7.81 -3.06
CA PRO A 114 8.04 -8.97 -3.47
C PRO A 114 9.52 -8.64 -3.57
N GLU A 115 9.87 -7.40 -3.25
CA GLU A 115 11.25 -6.96 -3.30
C GLU A 115 11.94 -7.13 -1.95
N GLN A 116 11.39 -6.48 -0.93
CA GLN A 116 11.94 -6.56 0.41
C GLN A 116 11.82 -7.98 0.97
N ALA A 117 10.71 -8.63 0.67
CA ALA A 117 10.48 -10.00 1.13
C ALA A 117 11.67 -10.89 0.85
N ARG A 118 12.53 -10.45 -0.07
CA ARG A 118 13.71 -11.22 -0.42
C ARG A 118 14.70 -11.29 0.74
N ALA A 119 14.82 -10.18 1.47
CA ALA A 119 15.72 -10.11 2.61
C ALA A 119 15.16 -10.88 3.80
N GLU A 120 13.92 -11.33 3.67
CA GLU A 120 13.26 -12.08 4.74
C GLU A 120 14.16 -13.19 5.26
N ARG A 121 14.85 -13.87 4.36
CA ARG A 121 15.74 -14.96 4.72
C ARG A 121 16.96 -14.42 5.48
N GLU A 122 17.26 -13.15 5.28
CA GLU A 122 18.40 -12.52 5.94
C GLU A 122 18.02 -12.03 7.33
N LYS A 123 16.95 -12.60 7.88
CA LYS A 123 16.47 -12.22 9.21
C LYS A 123 16.73 -13.35 10.21
N THR A 124 16.39 -14.57 9.82
CA THR A 124 16.58 -15.73 10.69
C THR A 124 17.80 -16.52 10.27
N SER A 125 18.86 -16.47 11.08
CA SER A 125 20.09 -17.19 10.79
C SER A 125 21.10 -17.03 11.92
N GLY A 126 21.62 -18.15 12.41
CA GLY A 126 22.58 -18.10 13.49
C GLY A 126 22.93 -19.49 14.02
N PRO A 127 24.01 -19.57 14.81
CA PRO A 127 24.47 -20.84 15.39
C PRO A 127 23.52 -21.36 16.47
N SER A 128 23.98 -22.34 17.23
CA SER A 128 23.17 -22.92 18.29
C SER A 128 24.05 -23.38 19.46
N SER A 129 23.42 -23.97 20.47
CA SER A 129 24.14 -24.45 21.64
C SER A 129 24.35 -25.97 21.57
N GLY A 130 25.36 -26.45 22.29
CA GLY A 130 25.65 -27.87 22.30
C GLY A 130 25.35 -28.52 20.96
N GLY A 1 14.71 -12.31 -25.17
CA GLY A 1 14.34 -13.60 -24.62
C GLY A 1 13.09 -13.54 -23.77
N SER A 2 13.21 -14.00 -22.52
CA SER A 2 12.08 -14.01 -21.61
C SER A 2 12.46 -13.34 -20.28
N SER A 3 13.51 -12.52 -20.32
CA SER A 3 13.98 -11.82 -19.12
C SER A 3 13.01 -10.70 -18.74
N GLY A 4 11.80 -11.07 -18.32
CA GLY A 4 10.81 -10.08 -17.93
C GLY A 4 10.20 -10.39 -16.59
N SER A 5 10.69 -9.72 -15.54
CA SER A 5 10.18 -9.92 -14.19
C SER A 5 10.67 -8.83 -13.25
N SER A 6 9.75 -7.97 -12.83
CA SER A 6 10.09 -6.87 -11.93
C SER A 6 9.05 -6.72 -10.83
N GLY A 7 9.49 -6.85 -9.58
CA GLY A 7 8.57 -6.73 -8.46
C GLY A 7 8.17 -5.30 -8.19
N THR A 8 6.87 -5.07 -7.99
CA THR A 8 6.36 -3.74 -7.73
C THR A 8 5.25 -3.78 -6.68
N PRO A 9 5.26 -2.79 -5.78
CA PRO A 9 4.27 -2.68 -4.70
C PRO A 9 2.88 -2.31 -5.23
N HIS A 10 1.89 -3.13 -4.90
CA HIS A 10 0.53 -2.89 -5.34
C HIS A 10 -0.47 -3.24 -4.24
N LEU A 11 -1.72 -2.81 -4.42
CA LEU A 11 -2.77 -3.08 -3.45
C LEU A 11 -3.91 -3.87 -4.07
N VAL A 12 -4.29 -4.97 -3.42
CA VAL A 12 -5.37 -5.81 -3.91
C VAL A 12 -6.68 -5.53 -3.17
N ASN A 13 -7.80 -5.88 -3.79
CA ASN A 13 -9.10 -5.67 -3.18
C ASN A 13 -9.66 -6.97 -2.61
N LEU A 14 -9.45 -7.17 -1.31
CA LEU A 14 -9.93 -8.38 -0.64
C LEU A 14 -11.16 -8.07 0.21
N ASN A 15 -11.66 -6.85 0.09
CA ASN A 15 -12.83 -6.44 0.86
C ASN A 15 -13.92 -7.50 0.81
N GLU A 16 -14.97 -7.31 1.60
CA GLU A 16 -16.08 -8.25 1.65
C GLU A 16 -17.08 -7.97 0.52
N ASP A 17 -16.61 -7.29 -0.52
CA ASP A 17 -17.46 -6.96 -1.66
C ASP A 17 -17.12 -7.81 -2.87
N PRO A 18 -17.64 -9.04 -2.90
CA PRO A 18 -17.39 -9.98 -4.00
C PRO A 18 -18.08 -9.54 -5.29
N LEU A 19 -18.75 -8.41 -5.25
CA LEU A 19 -19.45 -7.88 -6.42
C LEU A 19 -18.68 -6.72 -7.05
N MET A 20 -17.75 -6.16 -6.28
CA MET A 20 -16.94 -5.05 -6.77
C MET A 20 -16.65 -5.19 -8.25
N SER A 21 -17.00 -4.18 -9.03
CA SER A 21 -16.78 -4.19 -10.47
C SER A 21 -15.68 -3.22 -10.86
N GLU A 22 -15.27 -2.38 -9.92
CA GLU A 22 -14.22 -1.40 -10.17
C GLU A 22 -12.85 -2.06 -10.18
N CYS A 23 -11.81 -1.24 -10.26
CA CYS A 23 -10.44 -1.74 -10.28
C CYS A 23 -10.22 -2.77 -9.17
N LEU A 24 -9.76 -3.94 -9.54
CA LEU A 24 -9.50 -5.02 -8.57
C LEU A 24 -8.27 -4.71 -7.73
N LEU A 25 -7.26 -4.12 -8.37
CA LEU A 25 -6.03 -3.78 -7.66
C LEU A 25 -5.41 -2.50 -8.26
N TYR A 26 -4.53 -1.88 -7.49
CA TYR A 26 -3.86 -0.65 -7.93
C TYR A 26 -2.34 -0.77 -7.79
N TYR A 27 -1.63 -0.42 -8.85
CA TYR A 27 -0.17 -0.48 -8.84
C TYR A 27 0.42 0.85 -8.39
N ILE A 28 1.17 0.81 -7.30
CA ILE A 28 1.80 2.02 -6.77
C ILE A 28 3.08 2.35 -7.54
N LYS A 29 3.12 3.54 -8.13
CA LYS A 29 4.28 3.98 -8.90
C LYS A 29 5.41 4.41 -7.97
N ASP A 30 6.61 4.52 -8.52
CA ASP A 30 7.78 4.92 -7.74
C ASP A 30 7.71 6.41 -7.40
N GLY A 31 6.83 6.76 -6.47
CA GLY A 31 6.69 8.16 -6.08
C GLY A 31 5.85 8.32 -4.83
N ILE A 32 4.80 9.13 -4.92
CA ILE A 32 3.92 9.37 -3.78
C ILE A 32 2.46 9.16 -4.17
N THR A 33 1.90 8.02 -3.78
CA THR A 33 0.51 7.70 -4.09
C THR A 33 -0.40 8.04 -2.92
N ARG A 34 -1.06 9.20 -3.00
CA ARG A 34 -1.96 9.63 -1.94
C ARG A 34 -3.27 8.84 -1.97
N VAL A 35 -3.72 8.42 -0.79
CA VAL A 35 -4.96 7.65 -0.68
C VAL A 35 -6.09 8.50 -0.12
N GLY A 36 -7.06 8.83 -0.97
CA GLY A 36 -8.18 9.64 -0.55
C GLY A 36 -9.32 9.63 -1.55
N GLN A 37 -9.85 10.81 -1.86
CA GLN A 37 -10.95 10.93 -2.81
C GLN A 37 -10.48 11.59 -4.09
N ALA A 38 -11.37 11.67 -5.07
CA ALA A 38 -11.06 12.28 -6.36
C ALA A 38 -11.35 13.77 -6.35
N ASP A 39 -12.24 14.18 -5.45
CA ASP A 39 -12.61 15.58 -5.33
C ASP A 39 -11.71 16.31 -4.34
N ALA A 40 -10.91 15.55 -3.60
CA ALA A 40 -10.00 16.11 -2.62
C ALA A 40 -9.28 17.34 -3.17
N GLU A 41 -8.75 18.16 -2.28
CA GLU A 41 -8.05 19.38 -2.68
C GLU A 41 -6.81 19.04 -3.51
N ARG A 42 -6.02 18.09 -3.02
CA ARG A 42 -4.81 17.67 -3.72
C ARG A 42 -5.06 16.42 -4.54
N ARG A 43 -5.10 16.57 -5.87
CA ARG A 43 -5.34 15.45 -6.77
C ARG A 43 -4.70 14.18 -6.22
N GLN A 44 -5.49 13.39 -5.49
CA GLN A 44 -5.01 12.14 -4.92
C GLN A 44 -4.60 11.16 -6.00
N ASP A 45 -3.88 10.12 -5.61
CA ASP A 45 -3.42 9.11 -6.56
C ASP A 45 -4.40 7.95 -6.62
N ILE A 46 -4.74 7.40 -5.45
CA ILE A 46 -5.67 6.28 -5.38
C ILE A 46 -7.01 6.72 -4.80
N VAL A 47 -8.02 6.77 -5.66
CA VAL A 47 -9.37 7.18 -5.24
C VAL A 47 -10.20 5.96 -4.85
N LEU A 48 -10.42 5.78 -3.55
CA LEU A 48 -11.21 4.66 -3.06
C LEU A 48 -12.68 4.83 -3.43
N SER A 49 -13.48 3.80 -3.14
CA SER A 49 -14.90 3.84 -3.44
C SER A 49 -15.73 3.55 -2.20
N GLY A 50 -16.82 4.28 -2.03
CA GLY A 50 -17.68 4.09 -0.87
C GLY A 50 -18.06 5.40 -0.22
N ALA A 51 -17.52 5.64 0.97
CA ALA A 51 -17.81 6.87 1.72
C ALA A 51 -16.95 6.98 2.97
N HIS A 52 -17.00 8.14 3.61
CA HIS A 52 -16.22 8.36 4.82
C HIS A 52 -14.73 8.16 4.57
N ILE A 53 -14.30 8.50 3.36
CA ILE A 53 -12.90 8.36 2.98
C ILE A 53 -12.18 9.70 2.98
N LYS A 54 -11.56 10.05 4.09
CA LYS A 54 -10.83 11.31 4.22
C LYS A 54 -10.11 11.65 2.92
N GLU A 55 -10.30 12.88 2.44
CA GLU A 55 -9.67 13.33 1.21
C GLU A 55 -8.17 13.03 1.23
N GLU A 56 -7.59 13.08 2.42
CA GLU A 56 -6.16 12.84 2.57
C GLU A 56 -5.91 11.78 3.65
N HIS A 57 -6.79 10.78 3.70
CA HIS A 57 -6.66 9.71 4.68
C HIS A 57 -5.20 9.38 4.95
N CYS A 58 -4.53 8.79 3.97
CA CYS A 58 -3.13 8.43 4.10
C CYS A 58 -2.39 8.60 2.77
N ILE A 59 -1.11 8.28 2.77
CA ILE A 59 -0.29 8.39 1.56
C ILE A 59 0.67 7.22 1.45
N PHE A 60 1.15 6.97 0.23
CA PHE A 60 2.08 5.87 -0.03
C PHE A 60 3.36 6.39 -0.67
N ARG A 61 4.44 6.42 0.10
CA ARG A 61 5.73 6.89 -0.40
C ARG A 61 6.63 5.71 -0.78
N SER A 62 6.90 5.57 -2.07
CA SER A 62 7.74 4.49 -2.56
C SER A 62 9.07 5.03 -3.08
N GLU A 63 10.06 5.08 -2.19
CA GLU A 63 11.38 5.59 -2.56
C GLU A 63 12.43 4.49 -2.40
N ARG A 64 13.40 4.48 -3.32
CA ARG A 64 14.47 3.48 -3.28
C ARG A 64 15.54 3.88 -2.27
N SER A 65 15.59 3.16 -1.16
CA SER A 65 16.57 3.44 -0.11
C SER A 65 17.97 3.60 -0.70
N ASN A 66 18.89 4.12 0.11
CA ASN A 66 20.26 4.33 -0.34
C ASN A 66 20.91 3.01 -0.75
N SER A 67 20.26 1.90 -0.40
CA SER A 67 20.78 0.59 -0.73
C SER A 67 20.31 0.14 -2.11
N GLY A 68 19.25 0.78 -2.60
CA GLY A 68 18.71 0.43 -3.90
C GLY A 68 17.43 -0.37 -3.80
N GLU A 69 16.87 -0.46 -2.61
CA GLU A 69 15.64 -1.20 -2.38
C GLU A 69 14.45 -0.26 -2.23
N VAL A 70 13.38 -0.56 -2.95
CA VAL A 70 12.17 0.25 -2.90
C VAL A 70 11.41 0.03 -1.61
N ILE A 71 11.41 1.05 -0.75
CA ILE A 71 10.72 0.96 0.53
C ILE A 71 9.41 1.76 0.51
N VAL A 72 8.33 1.15 0.98
CA VAL A 72 7.04 1.81 1.02
C VAL A 72 6.63 2.15 2.45
N THR A 73 6.17 3.37 2.65
CA THR A 73 5.75 3.83 3.98
C THR A 73 4.37 4.44 3.92
N LEU A 74 3.60 4.25 5.00
CA LEU A 74 2.24 4.78 5.07
C LEU A 74 2.22 6.06 5.91
N GLU A 75 1.77 7.15 5.31
CA GLU A 75 1.68 8.44 6.00
C GLU A 75 0.24 8.84 6.24
N PRO A 76 -0.37 8.27 7.30
CA PRO A 76 -1.76 8.55 7.66
C PRO A 76 -1.95 9.97 8.18
N CYS A 77 -3.20 10.35 8.42
CA CYS A 77 -3.51 11.68 8.93
C CYS A 77 -4.01 11.61 10.36
N GLU A 78 -4.33 12.77 10.93
CA GLU A 78 -4.81 12.84 12.31
C GLU A 78 -6.26 12.38 12.39
N ARG A 79 -7.09 12.84 11.46
CA ARG A 79 -8.49 12.47 11.43
C ARG A 79 -8.75 11.36 10.41
N SER A 80 -7.78 10.47 10.26
CA SER A 80 -7.90 9.37 9.31
C SER A 80 -7.98 8.03 10.04
N GLU A 81 -9.10 7.32 9.86
CA GLU A 81 -9.29 6.04 10.50
C GLU A 81 -8.57 4.93 9.74
N THR A 82 -7.24 4.94 9.82
CA THR A 82 -6.43 3.93 9.14
C THR A 82 -5.94 2.87 10.12
N TYR A 83 -5.83 1.64 9.63
CA TYR A 83 -5.38 0.53 10.45
C TYR A 83 -4.58 -0.48 9.63
N VAL A 84 -3.29 -0.60 9.92
CA VAL A 84 -2.43 -1.53 9.21
C VAL A 84 -2.18 -2.79 10.03
N ASN A 85 -2.27 -3.94 9.39
CA ASN A 85 -2.04 -5.22 10.07
C ASN A 85 -2.95 -5.35 11.29
N GLY A 86 -4.06 -4.62 11.28
CA GLY A 86 -4.99 -4.67 12.39
C GLY A 86 -4.59 -3.77 13.53
N LYS A 87 -3.70 -2.82 13.25
CA LYS A 87 -3.23 -1.89 14.26
C LYS A 87 -3.38 -0.44 13.79
N ARG A 88 -3.72 0.45 14.72
CA ARG A 88 -3.89 1.86 14.39
C ARG A 88 -2.58 2.48 13.92
N VAL A 89 -2.65 3.26 12.84
CA VAL A 89 -1.47 3.90 12.29
C VAL A 89 -1.71 5.40 12.10
N SER A 90 -0.97 6.21 12.86
CA SER A 90 -1.10 7.66 12.78
C SER A 90 0.23 8.30 12.38
N GLN A 91 1.30 7.52 12.48
CA GLN A 91 2.63 8.02 12.14
C GLN A 91 3.17 7.32 10.89
N PRO A 92 4.17 7.94 10.25
CA PRO A 92 4.79 7.39 9.04
C PRO A 92 5.61 6.14 9.31
N VAL A 93 5.00 4.99 9.08
CA VAL A 93 5.67 3.71 9.30
C VAL A 93 5.72 2.88 8.03
N GLN A 94 6.75 2.06 7.89
CA GLN A 94 6.92 1.21 6.72
C GLN A 94 5.81 0.16 6.65
N LEU A 95 5.36 -0.15 5.44
CA LEU A 95 4.30 -1.13 5.23
C LEU A 95 4.88 -2.53 5.12
N ARG A 96 4.13 -3.53 5.58
CA ARG A 96 4.57 -4.91 5.52
C ARG A 96 3.85 -5.67 4.40
N SER A 97 4.64 -6.19 3.46
CA SER A 97 4.08 -6.92 2.33
C SER A 97 3.13 -8.02 2.80
N GLY A 98 1.83 -7.75 2.72
CA GLY A 98 0.84 -8.72 3.14
C GLY A 98 0.01 -8.22 4.31
N ASN A 99 0.16 -6.95 4.64
CA ASN A 99 -0.57 -6.36 5.76
C ASN A 99 -1.97 -5.94 5.33
N ARG A 100 -2.85 -5.73 6.30
CA ARG A 100 -4.22 -5.34 6.02
C ARG A 100 -4.45 -3.88 6.41
N ILE A 101 -4.57 -3.02 5.39
CA ILE A 101 -4.79 -1.60 5.62
C ILE A 101 -6.27 -1.24 5.48
N ILE A 102 -6.86 -0.76 6.58
CA ILE A 102 -8.26 -0.38 6.58
C ILE A 102 -8.43 1.13 6.66
N MET A 103 -8.72 1.75 5.52
CA MET A 103 -8.90 3.20 5.46
C MET A 103 -10.38 3.55 5.34
N GLY A 104 -10.97 3.99 6.45
CA GLY A 104 -12.37 4.36 6.45
C GLY A 104 -13.28 3.22 6.90
N LYS A 105 -13.94 2.58 5.95
CA LYS A 105 -14.83 1.47 6.25
C LYS A 105 -14.92 0.51 5.08
N ASN A 106 -14.74 -0.78 5.36
CA ASN A 106 -14.79 -1.80 4.33
C ASN A 106 -13.81 -1.50 3.20
N HIS A 107 -12.71 -0.83 3.55
CA HIS A 107 -11.69 -0.49 2.57
C HIS A 107 -10.37 -1.19 2.89
N VAL A 108 -10.44 -2.50 3.07
CA VAL A 108 -9.26 -3.30 3.38
C VAL A 108 -8.51 -3.69 2.11
N PHE A 109 -7.24 -3.34 2.03
CA PHE A 109 -6.42 -3.65 0.87
C PHE A 109 -5.25 -4.55 1.26
N ARG A 110 -4.77 -5.34 0.30
CA ARG A 110 -3.66 -6.25 0.54
C ARG A 110 -2.38 -5.72 -0.09
N PHE A 111 -1.39 -5.40 0.75
CA PHE A 111 -0.12 -4.88 0.27
C PHE A 111 0.78 -6.01 -0.24
N ASN A 112 1.11 -5.96 -1.52
CA ASN A 112 1.97 -6.98 -2.13
C ASN A 112 3.28 -6.38 -2.60
N HIS A 113 4.39 -6.82 -1.98
CA HIS A 113 5.71 -6.32 -2.33
C HIS A 113 6.67 -7.48 -2.57
N PRO A 114 6.61 -8.07 -3.76
CA PRO A 114 7.48 -9.20 -4.14
C PRO A 114 8.93 -8.78 -4.32
N GLU A 115 9.13 -7.54 -4.75
CA GLU A 115 10.48 -7.01 -4.95
C GLU A 115 11.31 -7.13 -3.68
N GLN A 116 10.68 -6.84 -2.54
CA GLN A 116 11.36 -6.90 -1.26
C GLN A 116 11.34 -8.32 -0.70
N ALA A 117 10.18 -8.97 -0.78
CA ALA A 117 10.03 -10.33 -0.29
C ALA A 117 11.18 -11.21 -0.73
N ARG A 118 11.76 -10.90 -1.88
CA ARG A 118 12.88 -11.66 -2.42
C ARG A 118 13.98 -11.81 -1.37
N ALA A 119 14.22 -10.75 -0.61
CA ALA A 119 15.24 -10.76 0.43
C ALA A 119 14.71 -11.39 1.71
N GLU A 120 13.39 -11.45 1.83
CA GLU A 120 12.76 -12.02 3.01
C GLU A 120 12.97 -13.54 3.06
N ARG A 121 12.90 -14.18 1.91
CA ARG A 121 13.08 -15.62 1.82
C ARG A 121 14.49 -16.01 2.25
N GLU A 122 15.37 -15.02 2.34
CA GLU A 122 16.76 -15.27 2.73
C GLU A 122 16.88 -15.33 4.25
N LYS A 123 16.27 -14.36 4.93
CA LYS A 123 16.32 -14.30 6.39
C LYS A 123 15.63 -15.51 7.00
N THR A 124 15.76 -15.65 8.31
CA THR A 124 15.15 -16.77 9.03
C THR A 124 15.22 -16.56 10.53
N SER A 125 14.26 -17.15 11.25
CA SER A 125 14.21 -17.03 12.70
C SER A 125 13.37 -18.14 13.31
N GLY A 126 13.18 -18.08 14.63
CA GLY A 126 12.39 -19.10 15.31
C GLY A 126 13.15 -20.39 15.50
N PRO A 127 14.06 -20.41 16.49
CA PRO A 127 14.87 -21.60 16.79
C PRO A 127 14.05 -22.73 17.40
N SER A 128 14.63 -23.92 17.44
CA SER A 128 13.95 -25.09 18.00
C SER A 128 14.88 -25.87 18.92
N SER A 129 14.39 -26.15 20.13
CA SER A 129 15.17 -26.90 21.11
C SER A 129 16.63 -26.46 21.10
N GLY A 130 16.86 -25.21 20.65
CA GLY A 130 18.22 -24.70 20.59
C GLY A 130 18.41 -23.50 21.50
N GLY A 1 17.94 -16.63 -13.23
CA GLY A 1 17.25 -15.43 -13.70
C GLY A 1 18.18 -14.47 -14.41
N SER A 2 18.15 -14.49 -15.73
CA SER A 2 19.01 -13.60 -16.52
C SER A 2 18.88 -12.16 -16.05
N SER A 3 17.67 -11.63 -16.10
CA SER A 3 17.42 -10.25 -15.68
C SER A 3 15.95 -10.07 -15.28
N GLY A 4 15.69 -9.04 -14.49
CA GLY A 4 14.33 -8.76 -14.06
C GLY A 4 14.12 -7.30 -13.70
N SER A 5 14.61 -6.89 -12.53
CA SER A 5 14.45 -5.52 -12.07
C SER A 5 13.09 -4.97 -12.45
N SER A 6 12.09 -5.84 -12.49
CA SER A 6 10.73 -5.44 -12.84
C SER A 6 9.77 -5.70 -11.70
N GLY A 7 8.68 -4.93 -11.65
CA GLY A 7 7.71 -5.09 -10.58
C GLY A 7 7.38 -3.78 -9.90
N THR A 8 6.09 -3.53 -9.69
CA THR A 8 5.65 -2.30 -9.04
C THR A 8 4.64 -2.60 -7.93
N PRO A 9 4.66 -1.77 -6.87
CA PRO A 9 3.75 -1.93 -5.73
C PRO A 9 2.30 -1.61 -6.09
N HIS A 10 1.37 -2.35 -5.49
CA HIS A 10 -0.04 -2.14 -5.74
C HIS A 10 -0.89 -2.71 -4.61
N LEU A 11 -2.08 -2.14 -4.43
CA LEU A 11 -2.98 -2.58 -3.38
C LEU A 11 -4.12 -3.43 -3.94
N VAL A 12 -4.29 -4.64 -3.41
CA VAL A 12 -5.34 -5.54 -3.87
C VAL A 12 -6.58 -5.42 -2.99
N ASN A 13 -7.75 -5.51 -3.61
CA ASN A 13 -9.01 -5.41 -2.88
C ASN A 13 -9.44 -6.78 -2.38
N LEU A 14 -8.76 -7.27 -1.35
CA LEU A 14 -9.08 -8.57 -0.77
C LEU A 14 -10.36 -8.51 0.05
N ASN A 15 -11.00 -7.34 0.04
CA ASN A 15 -12.25 -7.15 0.78
C ASN A 15 -13.26 -8.25 0.44
N GLU A 16 -14.32 -8.35 1.25
CA GLU A 16 -15.35 -9.35 1.03
C GLU A 16 -16.52 -8.77 0.26
N ASP A 17 -16.77 -7.48 0.45
CA ASP A 17 -17.86 -6.79 -0.24
C ASP A 17 -18.10 -7.39 -1.62
N PRO A 18 -19.06 -8.33 -1.71
CA PRO A 18 -19.40 -8.99 -2.97
C PRO A 18 -20.08 -8.06 -3.95
N LEU A 19 -20.22 -6.79 -3.56
CA LEU A 19 -20.85 -5.79 -4.42
C LEU A 19 -19.83 -4.77 -4.91
N MET A 20 -18.62 -4.83 -4.36
CA MET A 20 -17.56 -3.92 -4.75
C MET A 20 -17.64 -3.59 -6.24
N SER A 21 -17.74 -2.30 -6.56
CA SER A 21 -17.83 -1.87 -7.95
C SER A 21 -16.54 -1.16 -8.37
N GLU A 22 -15.67 -0.90 -7.41
CA GLU A 22 -14.41 -0.21 -7.68
C GLU A 22 -13.37 -1.20 -8.21
N CYS A 23 -12.28 -0.67 -8.75
CA CYS A 23 -11.21 -1.50 -9.30
C CYS A 23 -10.81 -2.58 -8.31
N LEU A 24 -10.50 -3.77 -8.82
CA LEU A 24 -10.10 -4.90 -7.99
C LEU A 24 -8.82 -4.57 -7.22
N LEU A 25 -7.94 -3.80 -7.85
CA LEU A 25 -6.68 -3.42 -7.22
C LEU A 25 -6.26 -2.02 -7.67
N TYR A 26 -5.17 -1.53 -7.10
CA TYR A 26 -4.66 -0.20 -7.42
C TYR A 26 -3.14 -0.22 -7.55
N TYR A 27 -2.65 0.25 -8.70
CA TYR A 27 -1.21 0.29 -8.96
C TYR A 27 -0.58 1.55 -8.37
N ILE A 28 0.57 1.40 -7.75
CA ILE A 28 1.28 2.52 -7.15
C ILE A 28 2.60 2.80 -7.88
N LYS A 29 2.69 3.99 -8.47
CA LYS A 29 3.89 4.38 -9.20
C LYS A 29 5.03 4.71 -8.24
N ASP A 30 6.20 5.01 -8.78
CA ASP A 30 7.36 5.35 -7.97
C ASP A 30 7.32 6.81 -7.55
N GLY A 31 6.92 7.05 -6.30
CA GLY A 31 6.85 8.41 -5.79
C GLY A 31 5.96 8.52 -4.57
N ILE A 32 4.90 9.32 -4.69
CA ILE A 32 3.97 9.51 -3.58
C ILE A 32 2.53 9.28 -4.04
N THR A 33 1.96 8.15 -3.63
CA THR A 33 0.59 7.81 -3.99
C THR A 33 -0.40 8.31 -2.93
N ARG A 34 -1.05 9.44 -3.22
CA ARG A 34 -2.02 10.01 -2.29
C ARG A 34 -3.36 9.29 -2.38
N VAL A 35 -3.76 8.66 -1.29
CA VAL A 35 -5.02 7.93 -1.25
C VAL A 35 -6.17 8.84 -0.80
N GLY A 36 -7.26 8.83 -1.56
CA GLY A 36 -8.40 9.66 -1.23
C GLY A 36 -9.50 9.57 -2.26
N GLN A 37 -10.13 10.70 -2.56
CA GLN A 37 -11.22 10.73 -3.54
C GLN A 37 -10.73 11.28 -4.87
N ALA A 38 -11.52 11.08 -5.92
CA ALA A 38 -11.18 11.54 -7.25
C ALA A 38 -11.51 13.02 -7.41
N ASP A 39 -12.29 13.56 -6.49
CA ASP A 39 -12.69 14.96 -6.53
C ASP A 39 -11.60 15.85 -5.93
N ALA A 40 -10.86 15.30 -4.98
CA ALA A 40 -9.78 16.04 -4.33
C ALA A 40 -9.07 16.96 -5.31
N GLU A 41 -8.60 18.11 -4.83
CA GLU A 41 -7.90 19.07 -5.67
C GLU A 41 -7.08 18.36 -6.75
N ARG A 42 -6.32 17.35 -6.33
CA ARG A 42 -5.49 16.60 -7.27
C ARG A 42 -6.08 15.20 -7.51
N ARG A 43 -5.67 14.58 -8.61
CA ARG A 43 -6.16 13.25 -8.96
C ARG A 43 -5.58 12.21 -8.01
N GLN A 44 -6.29 11.95 -6.91
CA GLN A 44 -5.85 10.97 -5.93
C GLN A 44 -5.44 9.66 -6.61
N ASP A 45 -4.17 9.31 -6.49
CA ASP A 45 -3.65 8.09 -7.09
C ASP A 45 -4.62 6.93 -6.88
N ILE A 46 -5.34 6.96 -5.77
CA ILE A 46 -6.31 5.92 -5.44
C ILE A 46 -7.65 6.51 -5.04
N VAL A 47 -8.72 6.05 -5.67
CA VAL A 47 -10.07 6.53 -5.37
C VAL A 47 -10.93 5.43 -4.78
N LEU A 48 -11.19 5.53 -3.47
CA LEU A 48 -12.00 4.53 -2.78
C LEU A 48 -13.48 4.88 -2.88
N SER A 49 -14.34 3.99 -2.38
CA SER A 49 -15.78 4.20 -2.41
C SER A 49 -16.28 4.68 -1.05
N GLY A 50 -17.58 4.89 -0.95
CA GLY A 50 -18.17 5.36 0.30
C GLY A 50 -17.77 6.77 0.63
N ALA A 51 -18.73 7.55 1.15
CA ALA A 51 -18.46 8.94 1.52
C ALA A 51 -17.75 9.02 2.86
N HIS A 52 -17.33 7.87 3.37
CA HIS A 52 -16.63 7.82 4.65
C HIS A 52 -15.12 7.95 4.45
N ILE A 53 -14.73 8.40 3.27
CA ILE A 53 -13.31 8.58 2.95
C ILE A 53 -12.94 10.06 2.91
N LYS A 54 -11.64 10.33 2.99
CA LYS A 54 -11.15 11.71 2.96
C LYS A 54 -10.32 11.96 1.71
N GLU A 55 -10.45 13.17 1.15
CA GLU A 55 -9.70 13.53 -0.06
C GLU A 55 -8.22 13.19 0.10
N GLU A 56 -7.74 13.23 1.34
CA GLU A 56 -6.34 12.93 1.62
C GLU A 56 -6.22 11.96 2.79
N HIS A 57 -7.11 10.97 2.82
CA HIS A 57 -7.10 9.96 3.88
C HIS A 57 -5.67 9.62 4.30
N CYS A 58 -4.96 8.94 3.40
CA CYS A 58 -3.58 8.55 3.68
C CYS A 58 -2.72 8.72 2.43
N ILE A 59 -1.44 8.37 2.56
CA ILE A 59 -0.50 8.48 1.44
C ILE A 59 0.50 7.35 1.45
N PHE A 60 1.15 7.13 0.31
CA PHE A 60 2.14 6.07 0.19
C PHE A 60 3.42 6.58 -0.46
N ARG A 61 4.55 6.39 0.21
CA ARG A 61 5.84 6.83 -0.29
C ARG A 61 6.73 5.65 -0.64
N SER A 62 7.15 5.56 -1.90
CA SER A 62 8.00 4.48 -2.35
C SER A 62 9.38 5.00 -2.76
N GLU A 63 10.39 4.66 -1.99
CA GLU A 63 11.76 5.10 -2.27
C GLU A 63 12.77 3.99 -1.93
N ARG A 64 13.91 4.01 -2.61
CA ARG A 64 14.95 3.02 -2.38
C ARG A 64 15.83 3.43 -1.21
N SER A 65 16.02 2.51 -0.26
CA SER A 65 16.84 2.77 0.92
C SER A 65 18.31 2.87 0.54
N ASN A 66 19.12 3.40 1.47
CA ASN A 66 20.55 3.55 1.23
C ASN A 66 21.18 2.22 0.82
N SER A 67 20.53 1.12 1.18
CA SER A 67 21.02 -0.21 0.85
C SER A 67 20.75 -0.55 -0.60
N GLY A 68 19.68 0.03 -1.15
CA GLY A 68 19.31 -0.22 -2.54
C GLY A 68 18.07 -1.08 -2.66
N GLU A 69 17.23 -1.05 -1.63
CA GLU A 69 16.00 -1.84 -1.63
C GLU A 69 14.78 -0.92 -1.61
N VAL A 70 13.93 -1.06 -2.62
CA VAL A 70 12.72 -0.24 -2.72
C VAL A 70 11.82 -0.46 -1.52
N ILE A 71 11.72 0.55 -0.66
CA ILE A 71 10.88 0.47 0.53
C ILE A 71 9.68 1.39 0.42
N VAL A 72 8.58 1.01 1.06
CA VAL A 72 7.36 1.81 1.03
C VAL A 72 6.95 2.23 2.44
N THR A 73 6.48 3.46 2.57
CA THR A 73 6.05 3.99 3.86
C THR A 73 4.69 4.66 3.76
N LEU A 74 3.82 4.36 4.72
CA LEU A 74 2.48 4.94 4.74
C LEU A 74 2.43 6.19 5.61
N GLU A 75 1.94 7.28 5.04
CA GLU A 75 1.83 8.55 5.76
C GLU A 75 0.38 8.91 6.03
N PRO A 76 -0.21 8.29 7.06
CA PRO A 76 -1.60 8.54 7.44
C PRO A 76 -1.81 9.92 8.02
N CYS A 77 -3.04 10.43 7.91
CA CYS A 77 -3.36 11.75 8.44
C CYS A 77 -3.96 11.66 9.83
N GLU A 78 -4.29 12.81 10.41
CA GLU A 78 -4.86 12.84 11.75
C GLU A 78 -6.35 13.15 11.70
N ARG A 79 -6.90 13.22 10.48
CA ARG A 79 -8.31 13.50 10.29
C ARG A 79 -9.01 12.34 9.57
N SER A 80 -8.30 11.22 9.47
CA SER A 80 -8.85 10.04 8.80
C SER A 80 -8.77 8.82 9.71
N GLU A 81 -9.14 7.67 9.18
CA GLU A 81 -9.12 6.42 9.94
C GLU A 81 -8.35 5.34 9.19
N THR A 82 -7.10 5.12 9.59
CA THR A 82 -6.27 4.11 8.95
C THR A 82 -5.81 3.06 9.96
N TYR A 83 -5.60 1.84 9.48
CA TYR A 83 -5.17 0.74 10.34
C TYR A 83 -4.30 -0.25 9.56
N VAL A 84 -3.14 -0.56 10.12
CA VAL A 84 -2.22 -1.49 9.49
C VAL A 84 -1.81 -2.60 10.45
N ASN A 85 -1.79 -3.84 9.95
CA ASN A 85 -1.41 -4.98 10.77
C ASN A 85 -2.41 -5.19 11.91
N GLY A 86 -3.63 -4.71 11.71
CA GLY A 86 -4.66 -4.85 12.73
C GLY A 86 -4.56 -3.77 13.79
N LYS A 87 -3.61 -2.85 13.64
CA LYS A 87 -3.43 -1.76 14.58
C LYS A 87 -3.60 -0.42 13.90
N ARG A 88 -3.63 0.65 14.69
CA ARG A 88 -3.80 1.99 14.16
C ARG A 88 -2.48 2.52 13.59
N VAL A 89 -2.58 3.39 12.60
CA VAL A 89 -1.40 3.98 11.97
C VAL A 89 -1.55 5.48 11.80
N SER A 90 -0.95 6.23 12.73
CA SER A 90 -1.01 7.69 12.69
C SER A 90 0.35 8.28 12.37
N GLN A 91 1.39 7.45 12.43
CA GLN A 91 2.75 7.89 12.14
C GLN A 91 3.28 7.23 10.87
N PRO A 92 4.25 7.89 10.23
CA PRO A 92 4.88 7.38 9.00
C PRO A 92 5.74 6.15 9.25
N VAL A 93 5.17 4.98 8.98
CA VAL A 93 5.89 3.72 9.18
C VAL A 93 6.00 2.94 7.87
N GLN A 94 6.99 2.06 7.80
CA GLN A 94 7.21 1.25 6.60
C GLN A 94 6.15 0.15 6.49
N LEU A 95 5.72 -0.12 5.27
CA LEU A 95 4.71 -1.15 5.03
C LEU A 95 5.36 -2.52 4.86
N ARG A 96 4.53 -3.54 4.71
CA ARG A 96 5.02 -4.91 4.54
C ARG A 96 4.18 -5.68 3.52
N SER A 97 4.76 -6.72 2.94
CA SER A 97 4.07 -7.52 1.95
C SER A 97 3.15 -8.54 2.61
N GLY A 98 1.85 -8.38 2.41
CA GLY A 98 0.89 -9.29 3.01
C GLY A 98 0.16 -8.69 4.19
N ASN A 99 0.48 -7.44 4.50
CA ASN A 99 -0.15 -6.74 5.62
C ASN A 99 -1.54 -6.26 5.24
N ARG A 100 -2.39 -6.08 6.25
CA ARG A 100 -3.76 -5.61 6.02
C ARG A 100 -3.88 -4.13 6.33
N ILE A 101 -4.38 -3.36 5.36
CA ILE A 101 -4.55 -1.93 5.53
C ILE A 101 -5.99 -1.51 5.28
N ILE A 102 -6.62 -0.93 6.30
CA ILE A 102 -8.00 -0.49 6.19
C ILE A 102 -8.09 1.04 6.15
N MET A 103 -8.92 1.56 5.26
CA MET A 103 -9.10 3.00 5.13
C MET A 103 -10.58 3.36 5.08
N GLY A 104 -11.08 3.92 6.17
CA GLY A 104 -12.48 4.31 6.23
C GLY A 104 -13.28 3.44 7.18
N LYS A 105 -14.03 2.49 6.64
CA LYS A 105 -14.84 1.60 7.45
C LYS A 105 -14.41 0.14 7.27
N ASN A 106 -14.70 -0.41 6.09
CA ASN A 106 -14.34 -1.78 5.78
C ASN A 106 -13.53 -1.86 4.50
N HIS A 107 -12.98 -0.73 4.08
CA HIS A 107 -12.17 -0.67 2.87
C HIS A 107 -10.76 -1.20 3.12
N VAL A 108 -10.64 -2.52 3.20
CA VAL A 108 -9.35 -3.15 3.44
C VAL A 108 -8.61 -3.43 2.13
N PHE A 109 -7.29 -3.35 2.17
CA PHE A 109 -6.48 -3.59 0.99
C PHE A 109 -5.18 -4.30 1.35
N ARG A 110 -4.69 -5.12 0.43
CA ARG A 110 -3.46 -5.88 0.66
C ARG A 110 -2.31 -5.29 -0.14
N PHE A 111 -1.22 -4.96 0.55
CA PHE A 111 -0.05 -4.38 -0.10
C PHE A 111 0.87 -5.47 -0.64
N ASN A 112 1.30 -5.32 -1.88
CA ASN A 112 2.19 -6.29 -2.51
C ASN A 112 3.46 -5.62 -3.01
N HIS A 113 4.60 -6.13 -2.57
CA HIS A 113 5.89 -5.59 -2.96
C HIS A 113 6.61 -6.53 -3.93
N PRO A 114 6.19 -6.49 -5.21
CA PRO A 114 6.77 -7.35 -6.26
C PRO A 114 8.20 -6.93 -6.61
N GLU A 115 8.71 -5.93 -5.90
CA GLU A 115 10.07 -5.44 -6.13
C GLU A 115 11.09 -6.31 -5.42
N GLN A 116 10.97 -6.39 -4.09
CA GLN A 116 11.89 -7.19 -3.28
C GLN A 116 11.51 -8.67 -3.33
N ALA A 117 10.20 -8.94 -3.32
CA ALA A 117 9.71 -10.31 -3.36
C ALA A 117 10.14 -11.02 -4.64
N ARG A 118 10.70 -10.25 -5.57
CA ARG A 118 11.15 -10.79 -6.84
C ARG A 118 12.52 -11.46 -6.70
N ALA A 119 13.33 -10.93 -5.79
CA ALA A 119 14.66 -11.48 -5.55
C ALA A 119 14.60 -12.96 -5.22
N GLU A 120 13.42 -13.42 -4.80
CA GLU A 120 13.24 -14.83 -4.46
C GLU A 120 13.34 -15.72 -5.70
N ARG A 121 13.28 -15.09 -6.86
CA ARG A 121 13.37 -15.82 -8.13
C ARG A 121 14.78 -15.74 -8.71
N GLU A 122 15.38 -14.57 -8.62
CA GLU A 122 16.73 -14.35 -9.14
C GLU A 122 17.75 -15.16 -8.34
N LYS A 123 17.71 -15.03 -7.03
CA LYS A 123 18.62 -15.75 -6.15
C LYS A 123 19.99 -15.92 -6.81
N THR A 124 20.44 -14.87 -7.50
CA THR A 124 21.73 -14.90 -8.17
C THR A 124 22.09 -13.53 -8.71
N SER A 125 23.30 -13.07 -8.37
CA SER A 125 23.77 -11.76 -8.82
C SER A 125 23.70 -11.65 -10.34
N GLY A 126 23.77 -10.42 -10.83
CA GLY A 126 23.72 -10.20 -12.27
C GLY A 126 24.62 -9.06 -12.72
N PRO A 127 24.93 -9.03 -14.01
CA PRO A 127 25.79 -7.99 -14.59
C PRO A 127 25.11 -6.63 -14.63
N SER A 128 25.91 -5.57 -14.77
CA SER A 128 25.38 -4.21 -14.83
C SER A 128 25.29 -3.72 -16.27
N SER A 129 26.44 -3.37 -16.84
CA SER A 129 26.50 -2.88 -18.21
C SER A 129 26.23 -4.00 -19.20
N GLY A 130 25.05 -3.98 -19.81
CA GLY A 130 24.68 -5.01 -20.78
C GLY A 130 25.38 -4.81 -22.11
N GLY A 1 8.62 -8.32 -26.73
CA GLY A 1 7.92 -9.24 -25.86
C GLY A 1 7.40 -8.59 -24.60
N SER A 2 6.40 -9.21 -23.98
CA SER A 2 5.80 -8.67 -22.76
C SER A 2 6.45 -9.29 -21.53
N SER A 3 6.77 -10.57 -21.61
CA SER A 3 7.38 -11.29 -20.50
C SER A 3 8.48 -10.44 -19.86
N GLY A 4 8.46 -10.34 -18.54
CA GLY A 4 9.46 -9.57 -17.82
C GLY A 4 8.84 -8.63 -16.81
N SER A 5 8.45 -9.17 -15.66
CA SER A 5 7.84 -8.37 -14.60
C SER A 5 8.53 -8.63 -13.26
N SER A 6 9.73 -8.08 -13.10
CA SER A 6 10.48 -8.26 -11.87
C SER A 6 9.57 -8.15 -10.65
N GLY A 7 8.85 -7.05 -10.55
CA GLY A 7 7.94 -6.85 -9.43
C GLY A 7 7.68 -5.38 -9.15
N THR A 8 6.62 -5.10 -8.40
CA THR A 8 6.25 -3.74 -8.07
C THR A 8 5.16 -3.70 -7.00
N PRO A 9 5.23 -2.67 -6.13
CA PRO A 9 4.25 -2.50 -5.05
C PRO A 9 2.87 -2.13 -5.56
N HIS A 10 1.86 -2.87 -5.12
CA HIS A 10 0.48 -2.62 -5.53
C HIS A 10 -0.50 -3.04 -4.45
N LEU A 11 -1.68 -2.43 -4.45
CA LEU A 11 -2.71 -2.75 -3.47
C LEU A 11 -3.81 -3.61 -4.07
N VAL A 12 -4.24 -4.62 -3.34
CA VAL A 12 -5.29 -5.52 -3.81
C VAL A 12 -6.57 -5.34 -3.00
N ASN A 13 -7.71 -5.55 -3.64
CA ASN A 13 -9.00 -5.42 -2.98
C ASN A 13 -9.44 -6.74 -2.36
N LEU A 14 -8.95 -7.02 -1.16
CA LEU A 14 -9.28 -8.26 -0.46
C LEU A 14 -10.54 -8.08 0.38
N ASN A 15 -11.11 -6.88 0.33
CA ASN A 15 -12.32 -6.58 1.09
C ASN A 15 -13.46 -7.51 0.69
N GLU A 16 -14.60 -7.36 1.36
CA GLU A 16 -15.77 -8.19 1.08
C GLU A 16 -16.78 -7.43 0.22
N ASP A 17 -16.58 -6.12 0.10
CA ASP A 17 -17.47 -5.28 -0.69
C ASP A 17 -18.03 -6.05 -1.88
N PRO A 18 -19.23 -6.60 -1.71
CA PRO A 18 -19.91 -7.36 -2.77
C PRO A 18 -20.36 -6.49 -3.92
N LEU A 19 -20.09 -5.20 -3.82
CA LEU A 19 -20.48 -4.25 -4.86
C LEU A 19 -19.27 -3.44 -5.34
N MET A 20 -18.08 -3.87 -4.93
CA MET A 20 -16.84 -3.19 -5.31
C MET A 20 -16.74 -3.07 -6.82
N SER A 21 -16.98 -1.87 -7.34
CA SER A 21 -16.90 -1.62 -8.77
C SER A 21 -15.56 -1.01 -9.16
N GLU A 22 -14.77 -0.64 -8.15
CA GLU A 22 -13.46 -0.05 -8.38
C GLU A 22 -12.43 -1.11 -8.69
N CYS A 23 -11.42 -0.75 -9.48
CA CYS A 23 -10.36 -1.69 -9.85
C CYS A 23 -10.07 -2.66 -8.71
N LEU A 24 -9.84 -3.91 -9.06
CA LEU A 24 -9.54 -4.94 -8.07
C LEU A 24 -8.24 -4.64 -7.34
N LEU A 25 -7.30 -4.03 -8.06
CA LEU A 25 -6.00 -3.68 -7.49
C LEU A 25 -5.47 -2.38 -8.08
N TYR A 26 -4.48 -1.79 -7.42
CA TYR A 26 -3.88 -0.54 -7.88
C TYR A 26 -2.36 -0.60 -7.80
N TYR A 27 -1.71 -0.36 -8.94
CA TYR A 27 -0.25 -0.39 -9.00
C TYR A 27 0.34 0.92 -8.48
N ILE A 28 1.31 0.81 -7.59
CA ILE A 28 1.96 1.97 -7.01
C ILE A 28 3.33 2.20 -7.63
N LYS A 29 3.52 3.39 -8.21
CA LYS A 29 4.80 3.73 -8.84
C LYS A 29 5.82 4.18 -7.80
N ASP A 30 7.04 4.45 -8.25
CA ASP A 30 8.10 4.88 -7.36
C ASP A 30 8.05 6.40 -7.15
N GLY A 31 7.20 6.82 -6.22
CA GLY A 31 7.06 8.24 -5.94
C GLY A 31 6.11 8.52 -4.80
N ILE A 32 5.08 9.32 -5.07
CA ILE A 32 4.09 9.66 -4.06
C ILE A 32 2.67 9.39 -4.56
N THR A 33 2.01 8.41 -3.95
CA THR A 33 0.64 8.05 -4.34
C THR A 33 -0.35 8.42 -3.24
N ARG A 34 -1.00 9.56 -3.39
CA ARG A 34 -1.97 10.02 -2.41
C ARG A 34 -3.21 9.12 -2.40
N VAL A 35 -3.81 8.95 -1.22
CA VAL A 35 -4.99 8.12 -1.09
C VAL A 35 -6.13 8.88 -0.41
N GLY A 36 -7.23 9.05 -1.14
CA GLY A 36 -8.37 9.76 -0.60
C GLY A 36 -9.48 9.94 -1.62
N GLN A 37 -10.06 11.13 -1.67
CA GLN A 37 -11.15 11.42 -2.60
C GLN A 37 -10.63 12.19 -3.82
N ALA A 38 -11.31 12.04 -4.94
CA ALA A 38 -10.93 12.71 -6.17
C ALA A 38 -11.22 14.22 -6.09
N ASP A 39 -12.31 14.57 -5.41
CA ASP A 39 -12.69 15.96 -5.25
C ASP A 39 -11.67 16.73 -4.42
N ALA A 40 -10.99 16.02 -3.51
CA ALA A 40 -9.99 16.63 -2.66
C ALA A 40 -9.20 17.69 -3.41
N GLU A 41 -8.78 18.72 -2.70
CA GLU A 41 -8.02 19.81 -3.29
C GLU A 41 -7.06 19.28 -4.36
N ARG A 42 -6.18 18.38 -3.96
CA ARG A 42 -5.21 17.79 -4.88
C ARG A 42 -5.67 16.41 -5.35
N ARG A 43 -5.65 16.20 -6.67
CA ARG A 43 -6.07 14.93 -7.25
C ARG A 43 -5.38 13.77 -6.56
N GLN A 44 -6.14 12.73 -6.26
CA GLN A 44 -5.60 11.55 -5.59
C GLN A 44 -5.60 10.34 -6.53
N ASP A 45 -4.56 9.52 -6.43
CA ASP A 45 -4.44 8.34 -7.27
C ASP A 45 -5.58 7.36 -7.00
N ILE A 46 -5.70 6.93 -5.75
CA ILE A 46 -6.75 6.00 -5.36
C ILE A 46 -7.95 6.72 -4.78
N VAL A 47 -9.12 6.47 -5.35
CA VAL A 47 -10.36 7.09 -4.89
C VAL A 47 -11.20 6.13 -4.07
N LEU A 48 -11.60 6.56 -2.88
CA LEU A 48 -12.41 5.73 -2.00
C LEU A 48 -13.75 6.41 -1.68
N SER A 49 -14.81 5.94 -2.31
CA SER A 49 -16.14 6.52 -2.09
C SER A 49 -17.13 5.43 -1.71
N GLY A 50 -17.90 5.68 -0.65
CA GLY A 50 -18.88 4.72 -0.20
C GLY A 50 -19.02 4.69 1.31
N ALA A 51 -18.12 5.40 2.00
CA ALA A 51 -18.14 5.45 3.45
C ALA A 51 -17.28 6.60 3.97
N HIS A 52 -17.18 6.70 5.30
CA HIS A 52 -16.39 7.76 5.92
C HIS A 52 -14.97 7.78 5.35
N ILE A 53 -14.65 8.84 4.61
CA ILE A 53 -13.34 8.98 4.01
C ILE A 53 -12.91 10.44 3.96
N LYS A 54 -11.66 10.71 4.34
CA LYS A 54 -11.13 12.07 4.34
C LYS A 54 -10.45 12.38 3.01
N GLU A 55 -10.74 13.55 2.46
CA GLU A 55 -10.16 13.97 1.18
C GLU A 55 -8.72 13.46 1.06
N GLU A 56 -7.96 13.59 2.14
CA GLU A 56 -6.57 13.15 2.16
C GLU A 56 -6.34 12.09 3.23
N HIS A 57 -7.20 11.08 3.25
CA HIS A 57 -7.09 10.00 4.22
C HIS A 57 -5.64 9.71 4.55
N CYS A 58 -4.91 9.14 3.59
CA CYS A 58 -3.51 8.81 3.77
C CYS A 58 -2.75 8.91 2.46
N ILE A 59 -1.45 8.61 2.51
CA ILE A 59 -0.61 8.68 1.32
C ILE A 59 0.36 7.50 1.26
N PHE A 60 0.76 7.12 0.06
CA PHE A 60 1.69 6.01 -0.13
C PHE A 60 3.01 6.51 -0.72
N ARG A 61 4.05 6.52 0.09
CA ARG A 61 5.36 6.96 -0.35
C ARG A 61 6.27 5.77 -0.67
N SER A 62 6.98 5.85 -1.79
CA SER A 62 7.87 4.78 -2.20
C SER A 62 9.25 5.33 -2.55
N GLU A 63 10.27 4.83 -1.86
CA GLU A 63 11.64 5.27 -2.08
C GLU A 63 12.63 4.13 -1.86
N ARG A 64 13.63 4.04 -2.73
CA ARG A 64 14.64 2.99 -2.64
C ARG A 64 15.70 3.35 -1.60
N SER A 65 15.79 2.55 -0.54
CA SER A 65 16.75 2.78 0.52
C SER A 65 18.16 2.90 -0.05
N ASN A 66 19.06 3.49 0.73
CA ASN A 66 20.45 3.65 0.31
C ASN A 66 21.04 2.32 -0.15
N SER A 67 20.52 1.23 0.38
CA SER A 67 21.00 -0.10 0.03
C SER A 67 20.56 -0.48 -1.38
N GLY A 68 19.46 0.10 -1.83
CA GLY A 68 18.95 -0.19 -3.16
C GLY A 68 17.68 -1.00 -3.15
N GLU A 69 16.97 -0.96 -2.02
CA GLU A 69 15.73 -1.71 -1.86
C GLU A 69 14.53 -0.77 -1.83
N VAL A 70 13.54 -1.04 -2.68
CA VAL A 70 12.34 -0.21 -2.74
C VAL A 70 11.52 -0.34 -1.46
N ILE A 71 11.46 0.73 -0.69
CA ILE A 71 10.70 0.75 0.56
C ILE A 71 9.48 1.64 0.45
N VAL A 72 8.39 1.23 1.09
CA VAL A 72 7.15 2.00 1.06
C VAL A 72 6.78 2.47 2.46
N THR A 73 6.11 3.62 2.54
CA THR A 73 5.70 4.19 3.80
C THR A 73 4.33 4.85 3.70
N LEU A 74 3.45 4.54 4.66
CA LEU A 74 2.11 5.10 4.66
C LEU A 74 2.03 6.32 5.58
N GLU A 75 1.47 7.41 5.04
CA GLU A 75 1.34 8.65 5.81
C GLU A 75 -0.12 8.96 6.10
N PRO A 76 -0.67 8.27 7.13
CA PRO A 76 -2.07 8.46 7.53
C PRO A 76 -2.32 9.82 8.17
N CYS A 77 -3.59 10.17 8.33
CA CYS A 77 -3.96 11.45 8.93
C CYS A 77 -4.36 11.26 10.38
N GLU A 78 -3.93 12.19 11.24
CA GLU A 78 -4.25 12.13 12.66
C GLU A 78 -5.75 11.95 12.87
N ARG A 79 -6.54 12.34 11.87
CA ARG A 79 -7.99 12.22 11.95
C ARG A 79 -8.53 11.38 10.79
N SER A 80 -7.77 10.34 10.41
CA SER A 80 -8.17 9.48 9.32
C SER A 80 -8.14 8.01 9.76
N GLU A 81 -9.31 7.43 9.97
CA GLU A 81 -9.42 6.04 10.40
C GLU A 81 -8.56 5.14 9.51
N THR A 82 -7.38 4.79 10.00
CA THR A 82 -6.47 3.94 9.24
C THR A 82 -5.82 2.90 10.16
N TYR A 83 -5.78 1.65 9.69
CA TYR A 83 -5.18 0.57 10.46
C TYR A 83 -4.34 -0.34 9.57
N VAL A 84 -3.13 -0.65 10.02
CA VAL A 84 -2.23 -1.51 9.26
C VAL A 84 -1.64 -2.61 10.14
N ASN A 85 -1.51 -3.80 9.59
CA ASN A 85 -0.97 -4.93 10.32
C ASN A 85 -1.86 -5.30 11.50
N GLY A 86 -3.16 -5.06 11.34
CA GLY A 86 -4.10 -5.37 12.40
C GLY A 86 -4.06 -4.35 13.52
N LYS A 87 -3.31 -3.27 13.32
CA LYS A 87 -3.19 -2.22 14.32
C LYS A 87 -3.48 -0.85 13.71
N ARG A 88 -3.45 0.18 14.55
CA ARG A 88 -3.72 1.54 14.09
C ARG A 88 -2.45 2.19 13.55
N VAL A 89 -2.62 3.09 12.59
CA VAL A 89 -1.48 3.78 11.98
C VAL A 89 -1.72 5.29 11.94
N SER A 90 -1.19 5.99 12.94
CA SER A 90 -1.35 7.44 13.03
C SER A 90 -0.01 8.14 12.84
N GLN A 91 0.87 7.53 12.06
CA GLN A 91 2.19 8.10 11.79
C GLN A 91 2.82 7.47 10.55
N PRO A 92 3.82 8.15 9.99
CA PRO A 92 4.52 7.69 8.80
C PRO A 92 5.39 6.47 9.07
N VAL A 93 4.83 5.29 8.82
CA VAL A 93 5.56 4.04 9.05
C VAL A 93 5.72 3.25 7.75
N GLN A 94 6.77 2.45 7.67
CA GLN A 94 7.04 1.65 6.49
C GLN A 94 6.01 0.53 6.35
N LEU A 95 5.57 0.29 5.12
CA LEU A 95 4.59 -0.77 4.85
C LEU A 95 5.27 -2.13 4.72
N ARG A 96 4.47 -3.18 4.67
CA ARG A 96 4.99 -4.54 4.54
C ARG A 96 4.20 -5.33 3.50
N SER A 97 4.78 -6.42 3.03
CA SER A 97 4.13 -7.27 2.03
C SER A 97 3.23 -8.31 2.70
N GLY A 98 1.94 -8.20 2.46
CA GLY A 98 0.99 -9.14 3.04
C GLY A 98 0.25 -8.55 4.21
N ASN A 99 0.60 -7.33 4.60
CA ASN A 99 -0.04 -6.66 5.71
C ASN A 99 -1.49 -6.31 5.38
N ARG A 100 -2.35 -6.33 6.40
CA ARG A 100 -3.76 -6.02 6.22
C ARG A 100 -4.04 -4.55 6.52
N ILE A 101 -4.23 -3.76 5.49
CA ILE A 101 -4.51 -2.33 5.64
C ILE A 101 -6.00 -2.04 5.49
N ILE A 102 -6.59 -1.42 6.51
CA ILE A 102 -8.01 -1.08 6.48
C ILE A 102 -8.21 0.43 6.50
N MET A 103 -8.90 0.95 5.49
CA MET A 103 -9.17 2.38 5.40
C MET A 103 -10.66 2.66 5.60
N GLY A 104 -10.95 3.81 6.19
CA GLY A 104 -12.34 4.18 6.43
C GLY A 104 -13.10 3.14 7.20
N LYS A 105 -13.94 2.38 6.51
CA LYS A 105 -14.73 1.34 7.14
C LYS A 105 -14.64 0.03 6.36
N ASN A 106 -15.11 0.04 5.12
CA ASN A 106 -15.07 -1.14 4.26
C ASN A 106 -14.08 -0.95 3.13
N HIS A 107 -13.03 -0.18 3.39
CA HIS A 107 -12.00 0.07 2.38
C HIS A 107 -10.71 -0.66 2.73
N VAL A 108 -10.75 -1.99 2.68
CA VAL A 108 -9.60 -2.81 2.98
C VAL A 108 -8.71 -2.98 1.76
N PHE A 109 -7.41 -3.21 2.00
CA PHE A 109 -6.45 -3.38 0.91
C PHE A 109 -5.24 -4.17 1.39
N ARG A 110 -4.65 -4.94 0.48
CA ARG A 110 -3.48 -5.75 0.80
C ARG A 110 -2.27 -5.32 -0.03
N PHE A 111 -1.24 -4.85 0.66
CA PHE A 111 -0.02 -4.39 0.00
C PHE A 111 0.86 -5.57 -0.40
N ASN A 112 1.17 -5.67 -1.69
CA ASN A 112 1.99 -6.76 -2.20
C ASN A 112 3.36 -6.25 -2.63
N HIS A 113 4.40 -7.02 -2.34
CA HIS A 113 5.77 -6.64 -2.69
C HIS A 113 6.55 -7.85 -3.21
N PRO A 114 6.33 -8.19 -4.49
CA PRO A 114 7.02 -9.32 -5.12
C PRO A 114 8.50 -9.07 -5.34
N GLU A 115 8.88 -7.79 -5.33
CA GLU A 115 10.28 -7.42 -5.52
C GLU A 115 11.15 -7.94 -4.38
N GLN A 116 10.76 -7.62 -3.15
CA GLN A 116 11.51 -8.07 -1.99
C GLN A 116 11.20 -9.53 -1.66
N ALA A 117 9.92 -9.88 -1.72
CA ALA A 117 9.50 -11.25 -1.43
C ALA A 117 10.32 -12.26 -2.23
N ARG A 118 10.88 -11.80 -3.34
CA ARG A 118 11.70 -12.67 -4.19
C ARG A 118 12.98 -13.09 -3.47
N ALA A 119 13.54 -12.17 -2.69
CA ALA A 119 14.76 -12.46 -1.94
C ALA A 119 14.70 -13.84 -1.28
N GLU A 120 13.62 -14.09 -0.56
CA GLU A 120 13.45 -15.37 0.11
C GLU A 120 13.38 -16.51 -0.89
N ARG A 121 12.64 -16.31 -1.98
CA ARG A 121 12.48 -17.32 -3.01
C ARG A 121 13.85 -17.71 -3.57
N GLU A 122 14.61 -16.73 -4.01
CA GLU A 122 15.93 -16.97 -4.58
C GLU A 122 16.83 -17.70 -3.58
N LYS A 123 16.83 -17.22 -2.33
CA LYS A 123 17.63 -17.82 -1.28
C LYS A 123 17.53 -19.34 -1.31
N THR A 124 18.64 -20.02 -1.04
CA THR A 124 18.67 -21.47 -1.05
C THR A 124 18.19 -22.03 0.29
N SER A 125 18.82 -21.58 1.38
CA SER A 125 18.46 -22.04 2.71
C SER A 125 17.34 -21.19 3.29
N GLY A 126 16.31 -20.95 2.48
CA GLY A 126 15.18 -20.15 2.93
C GLY A 126 14.11 -20.98 3.62
N PRO A 127 13.25 -21.62 2.82
CA PRO A 127 12.16 -22.46 3.34
C PRO A 127 12.68 -23.75 3.97
N SER A 128 13.23 -23.63 5.17
CA SER A 128 13.77 -24.80 5.88
C SER A 128 13.48 -24.69 7.38
N SER A 129 13.68 -25.80 8.08
CA SER A 129 13.44 -25.84 9.52
C SER A 129 14.11 -27.07 10.15
N GLY A 130 14.21 -27.06 11.48
CA GLY A 130 14.82 -28.18 12.17
C GLY A 130 15.19 -27.84 13.60
N GLY A 1 8.12 -5.33 -26.52
CA GLY A 1 6.95 -5.52 -25.68
C GLY A 1 6.63 -4.28 -24.85
N SER A 2 7.36 -4.10 -23.76
CA SER A 2 7.15 -2.96 -22.88
C SER A 2 8.44 -2.57 -22.16
N SER A 3 8.40 -1.46 -21.44
CA SER A 3 9.57 -0.98 -20.71
C SER A 3 9.20 -0.68 -19.25
N GLY A 4 9.89 -1.35 -18.33
CA GLY A 4 9.63 -1.14 -16.91
C GLY A 4 10.34 -2.15 -16.03
N SER A 5 10.12 -2.06 -14.73
CA SER A 5 10.75 -2.96 -13.78
C SER A 5 10.02 -4.31 -13.75
N SER A 6 10.66 -5.31 -13.15
CA SER A 6 10.09 -6.64 -13.06
C SER A 6 9.40 -6.84 -11.71
N GLY A 7 8.90 -5.75 -11.14
CA GLY A 7 8.23 -5.82 -9.86
C GLY A 7 7.79 -4.46 -9.36
N THR A 8 6.51 -4.16 -9.51
CA THR A 8 5.97 -2.87 -9.07
C THR A 8 4.97 -3.06 -7.93
N PRO A 9 5.03 -2.17 -6.94
CA PRO A 9 4.13 -2.21 -5.78
C PRO A 9 2.70 -1.85 -6.14
N HIS A 10 1.76 -2.67 -5.69
CA HIS A 10 0.34 -2.43 -5.96
C HIS A 10 -0.53 -2.93 -4.82
N LEU A 11 -1.71 -2.35 -4.67
CA LEU A 11 -2.64 -2.73 -3.61
C LEU A 11 -3.71 -3.67 -4.14
N VAL A 12 -3.73 -4.90 -3.63
CA VAL A 12 -4.71 -5.89 -4.04
C VAL A 12 -5.90 -5.93 -3.09
N ASN A 13 -7.10 -5.93 -3.64
CA ASN A 13 -8.32 -5.97 -2.84
C ASN A 13 -8.61 -7.38 -2.35
N LEU A 14 -8.75 -7.53 -1.04
CA LEU A 14 -9.03 -8.83 -0.43
C LEU A 14 -10.28 -8.77 0.43
N ASN A 15 -11.04 -7.69 0.29
CA ASN A 15 -12.28 -7.51 1.06
C ASN A 15 -13.18 -8.74 0.93
N GLU A 16 -14.33 -8.69 1.59
CA GLU A 16 -15.28 -9.80 1.54
C GLU A 16 -16.42 -9.50 0.56
N ASP A 17 -16.26 -8.43 -0.20
CA ASP A 17 -17.28 -8.04 -1.18
C ASP A 17 -16.81 -8.33 -2.60
N PRO A 18 -16.95 -9.60 -3.02
CA PRO A 18 -16.55 -10.04 -4.36
C PRO A 18 -17.45 -9.47 -5.45
N LEU A 19 -18.50 -8.78 -5.04
CA LEU A 19 -19.43 -8.17 -5.99
C LEU A 19 -19.08 -6.71 -6.26
N MET A 20 -18.27 -6.13 -5.38
CA MET A 20 -17.85 -4.75 -5.53
C MET A 20 -17.69 -4.38 -7.00
N SER A 21 -18.40 -3.33 -7.42
CA SER A 21 -18.34 -2.88 -8.81
C SER A 21 -17.18 -1.90 -9.01
N GLU A 22 -16.16 -2.02 -8.17
CA GLU A 22 -14.99 -1.15 -8.26
C GLU A 22 -13.73 -1.95 -8.57
N CYS A 23 -12.65 -1.24 -8.86
CA CYS A 23 -11.37 -1.88 -9.18
C CYS A 23 -11.03 -2.95 -8.15
N LEU A 24 -10.19 -3.90 -8.55
CA LEU A 24 -9.78 -4.99 -7.66
C LEU A 24 -8.36 -4.76 -7.15
N LEU A 25 -7.60 -3.92 -7.86
CA LEU A 25 -6.24 -3.62 -7.47
C LEU A 25 -5.79 -2.27 -8.03
N TYR A 26 -4.79 -1.68 -7.41
CA TYR A 26 -4.27 -0.38 -7.84
C TYR A 26 -2.74 -0.38 -7.87
N TYR A 27 -2.18 0.21 -8.91
CA TYR A 27 -0.73 0.28 -9.06
C TYR A 27 -0.17 1.52 -8.37
N ILE A 28 1.01 1.38 -7.78
CA ILE A 28 1.66 2.50 -7.10
C ILE A 28 2.95 2.91 -7.80
N LYS A 29 2.94 4.07 -8.43
CA LYS A 29 4.11 4.58 -9.13
C LYS A 29 5.33 4.61 -8.21
N ASP A 30 6.42 5.17 -8.71
CA ASP A 30 7.66 5.27 -7.94
C ASP A 30 7.87 6.69 -7.43
N GLY A 31 7.16 7.05 -6.37
CA GLY A 31 7.28 8.39 -5.81
C GLY A 31 6.32 8.62 -4.66
N ILE A 32 5.28 9.41 -4.91
CA ILE A 32 4.29 9.72 -3.89
C ILE A 32 2.88 9.45 -4.40
N THR A 33 2.12 8.64 -3.65
CA THR A 33 0.75 8.30 -4.03
C THR A 33 -0.23 8.71 -2.94
N ARG A 34 -0.95 9.80 -3.18
CA ARG A 34 -1.93 10.30 -2.22
C ARG A 34 -3.22 9.49 -2.28
N VAL A 35 -3.67 9.01 -1.12
CA VAL A 35 -4.88 8.22 -1.05
C VAL A 35 -6.03 9.03 -0.46
N GLY A 36 -6.96 9.44 -1.32
CA GLY A 36 -8.09 10.23 -0.87
C GLY A 36 -9.22 10.25 -1.88
N GLN A 37 -9.96 11.36 -1.91
CA GLN A 37 -11.08 11.51 -2.85
C GLN A 37 -10.59 12.07 -4.18
N ALA A 38 -11.42 11.92 -5.21
CA ALA A 38 -11.08 12.42 -6.54
C ALA A 38 -11.29 13.92 -6.63
N ASP A 39 -12.33 14.41 -5.97
CA ASP A 39 -12.64 15.84 -5.98
C ASP A 39 -11.67 16.61 -5.09
N ALA A 40 -10.94 15.88 -4.25
CA ALA A 40 -9.98 16.49 -3.35
C ALA A 40 -9.22 17.62 -4.03
N GLU A 41 -8.96 18.69 -3.29
CA GLU A 41 -8.23 19.83 -3.83
C GLU A 41 -7.12 19.38 -4.78
N ARG A 42 -6.21 18.56 -4.27
CA ARG A 42 -5.11 18.05 -5.07
C ARG A 42 -5.42 16.66 -5.61
N ARG A 43 -5.61 16.57 -6.93
CA ARG A 43 -5.91 15.30 -7.57
C ARG A 43 -5.20 14.15 -6.87
N GLN A 44 -5.94 13.08 -6.57
CA GLN A 44 -5.37 11.92 -5.89
C GLN A 44 -5.22 10.75 -6.87
N ASP A 45 -4.44 9.76 -6.47
CA ASP A 45 -4.20 8.58 -7.30
C ASP A 45 -5.30 7.54 -7.10
N ILE A 46 -5.39 7.01 -5.88
CA ILE A 46 -6.40 6.01 -5.56
C ILE A 46 -7.62 6.65 -4.90
N VAL A 47 -8.77 6.56 -5.56
CA VAL A 47 -10.00 7.12 -5.03
C VAL A 47 -10.86 6.05 -4.38
N LEU A 48 -10.99 6.12 -3.05
CA LEU A 48 -11.78 5.16 -2.30
C LEU A 48 -13.28 5.44 -2.48
N SER A 49 -14.09 4.40 -2.28
CA SER A 49 -15.54 4.53 -2.41
C SER A 49 -16.04 5.81 -1.75
N GLY A 50 -17.25 6.22 -2.10
CA GLY A 50 -17.82 7.43 -1.52
C GLY A 50 -18.09 7.29 -0.05
N ALA A 51 -17.84 6.10 0.50
CA ALA A 51 -18.06 5.84 1.91
C ALA A 51 -17.22 6.77 2.78
N HIS A 52 -17.28 6.56 4.09
CA HIS A 52 -16.52 7.38 5.04
C HIS A 52 -15.06 7.49 4.59
N ILE A 53 -14.75 8.55 3.84
CA ILE A 53 -13.40 8.78 3.36
C ILE A 53 -13.03 10.26 3.41
N LYS A 54 -11.74 10.55 3.52
CA LYS A 54 -11.26 11.92 3.58
C LYS A 54 -10.47 12.27 2.32
N GLU A 55 -10.50 13.54 1.96
CA GLU A 55 -9.77 14.01 0.78
C GLU A 55 -8.29 13.66 0.87
N GLU A 56 -7.78 13.61 2.10
CA GLU A 56 -6.37 13.30 2.33
C GLU A 56 -6.23 12.18 3.36
N HIS A 57 -7.09 11.18 3.28
CA HIS A 57 -7.06 10.06 4.21
C HIS A 57 -5.63 9.71 4.58
N CYS A 58 -4.89 9.14 3.63
CA CYS A 58 -3.50 8.75 3.86
C CYS A 58 -2.67 8.92 2.60
N ILE A 59 -1.41 8.49 2.66
CA ILE A 59 -0.52 8.60 1.52
C ILE A 59 0.42 7.40 1.45
N PHE A 60 0.98 7.16 0.27
CA PHE A 60 1.91 6.04 0.07
C PHE A 60 3.16 6.50 -0.67
N ARG A 61 4.29 6.48 0.03
CA ARG A 61 5.56 6.90 -0.56
C ARG A 61 6.40 5.68 -0.95
N SER A 62 6.86 5.67 -2.20
CA SER A 62 7.67 4.57 -2.71
C SER A 62 9.07 5.05 -3.08
N GLU A 63 10.02 4.86 -2.18
CA GLU A 63 11.40 5.27 -2.42
C GLU A 63 12.36 4.11 -2.18
N ARG A 64 13.39 4.03 -3.03
CA ARG A 64 14.38 2.96 -2.92
C ARG A 64 15.41 3.29 -1.84
N SER A 65 15.41 2.49 -0.77
CA SER A 65 16.33 2.70 0.35
C SER A 65 17.76 2.81 -0.17
N ASN A 66 18.66 3.27 0.70
CA ASN A 66 20.07 3.42 0.34
C ASN A 66 20.66 2.09 -0.08
N SER A 67 20.00 1.00 0.30
CA SER A 67 20.46 -0.34 -0.04
C SER A 67 20.09 -0.70 -1.47
N GLY A 68 19.03 -0.07 -1.98
CA GLY A 68 18.58 -0.35 -3.33
C GLY A 68 17.28 -1.13 -3.36
N GLU A 69 16.55 -1.11 -2.26
CA GLU A 69 15.28 -1.83 -2.16
C GLU A 69 14.11 -0.85 -2.11
N VAL A 70 13.15 -1.05 -3.02
CA VAL A 70 11.97 -0.19 -3.07
C VAL A 70 11.10 -0.35 -1.84
N ILE A 71 11.25 0.55 -0.89
CA ILE A 71 10.47 0.50 0.35
C ILE A 71 9.24 1.39 0.26
N VAL A 72 8.19 1.03 1.00
CA VAL A 72 6.96 1.80 1.01
C VAL A 72 6.57 2.20 2.43
N THR A 73 6.24 3.47 2.61
CA THR A 73 5.84 3.97 3.92
C THR A 73 4.45 4.61 3.87
N LEU A 74 3.65 4.34 4.90
CA LEU A 74 2.30 4.88 4.98
C LEU A 74 2.26 6.15 5.81
N GLU A 75 1.72 7.22 5.24
CA GLU A 75 1.62 8.49 5.94
C GLU A 75 0.17 8.87 6.20
N PRO A 76 -0.41 8.29 7.25
CA PRO A 76 -1.81 8.55 7.62
C PRO A 76 -2.01 9.95 8.17
N CYS A 77 -3.27 10.33 8.38
CA CYS A 77 -3.59 11.66 8.90
C CYS A 77 -4.28 11.55 10.26
N GLU A 78 -4.64 12.70 10.83
CA GLU A 78 -5.30 12.73 12.12
C GLU A 78 -6.82 12.59 11.97
N ARG A 79 -7.35 13.18 10.91
CA ARG A 79 -8.79 13.12 10.64
C ARG A 79 -9.12 11.93 9.74
N SER A 80 -8.20 10.98 9.67
CA SER A 80 -8.41 9.79 8.84
C SER A 80 -8.37 8.53 9.69
N GLU A 81 -9.21 7.56 9.35
CA GLU A 81 -9.27 6.30 10.07
C GLU A 81 -8.54 5.19 9.32
N THR A 82 -7.30 4.94 9.72
CA THR A 82 -6.49 3.92 9.08
C THR A 82 -6.04 2.86 10.09
N TYR A 83 -6.02 1.60 9.65
CA TYR A 83 -5.62 0.50 10.52
C TYR A 83 -4.71 -0.48 9.77
N VAL A 84 -3.44 -0.52 10.17
CA VAL A 84 -2.47 -1.41 9.54
C VAL A 84 -2.15 -2.59 10.45
N ASN A 85 -2.12 -3.78 9.87
CA ASN A 85 -1.82 -5.00 10.63
C ASN A 85 -2.86 -5.22 11.72
N GLY A 86 -4.03 -4.62 11.56
CA GLY A 86 -5.08 -4.77 12.55
C GLY A 86 -5.00 -3.72 13.64
N LYS A 87 -4.06 -2.79 13.50
CA LYS A 87 -3.88 -1.74 14.49
C LYS A 87 -3.94 -0.37 13.83
N ARG A 88 -4.26 0.65 14.61
CA ARG A 88 -4.35 2.02 14.11
C ARG A 88 -2.97 2.58 13.84
N VAL A 89 -2.80 3.20 12.67
CA VAL A 89 -1.53 3.79 12.29
C VAL A 89 -1.61 5.31 12.27
N SER A 90 -0.87 5.95 13.17
CA SER A 90 -0.86 7.40 13.26
C SER A 90 0.55 7.95 13.09
N GLN A 91 1.42 7.16 12.46
CA GLN A 91 2.80 7.56 12.24
C GLN A 91 3.34 6.96 10.95
N PRO A 92 4.33 7.62 10.35
CA PRO A 92 4.95 7.17 9.10
C PRO A 92 5.79 5.91 9.30
N VAL A 93 5.19 4.76 9.03
CA VAL A 93 5.87 3.48 9.17
C VAL A 93 6.01 2.78 7.83
N GLN A 94 6.95 1.85 7.75
CA GLN A 94 7.18 1.10 6.51
C GLN A 94 6.30 -0.14 6.45
N LEU A 95 5.20 -0.03 5.71
CA LEU A 95 4.27 -1.14 5.56
C LEU A 95 5.01 -2.47 5.47
N ARG A 96 4.38 -3.53 5.97
CA ARG A 96 4.98 -4.86 5.94
C ARG A 96 4.27 -5.75 4.92
N SER A 97 5.04 -6.25 3.95
CA SER A 97 4.48 -7.11 2.92
C SER A 97 3.41 -8.03 3.50
N GLY A 98 2.17 -7.85 3.05
CA GLY A 98 1.07 -8.66 3.53
C GLY A 98 0.32 -8.01 4.67
N ASN A 99 0.60 -6.73 4.91
CA ASN A 99 -0.04 -5.99 5.98
C ASN A 99 -1.45 -5.55 5.57
N ARG A 100 -2.42 -5.81 6.43
CA ARG A 100 -3.81 -5.45 6.14
C ARG A 100 -4.06 -3.98 6.49
N ILE A 101 -4.28 -3.16 5.46
CA ILE A 101 -4.54 -1.74 5.66
C ILE A 101 -6.00 -1.40 5.39
N ILE A 102 -6.66 -0.85 6.38
CA ILE A 102 -8.07 -0.48 6.25
C ILE A 102 -8.23 1.04 6.21
N MET A 103 -8.78 1.54 5.11
CA MET A 103 -8.99 2.98 4.94
C MET A 103 -10.48 3.28 4.74
N GLY A 104 -11.14 3.70 5.82
CA GLY A 104 -12.55 4.03 5.73
C GLY A 104 -13.40 3.15 6.64
N LYS A 105 -14.15 2.24 6.03
CA LYS A 105 -15.01 1.33 6.78
C LYS A 105 -14.56 -0.12 6.60
N ASN A 106 -14.71 -0.63 5.39
CA ASN A 106 -14.31 -2.01 5.09
C ASN A 106 -13.33 -2.04 3.92
N HIS A 107 -12.86 -0.88 3.50
CA HIS A 107 -11.91 -0.78 2.41
C HIS A 107 -10.53 -1.27 2.84
N VAL A 108 -10.28 -2.56 2.62
CA VAL A 108 -8.99 -3.15 2.98
C VAL A 108 -8.21 -3.58 1.74
N PHE A 109 -6.89 -3.46 1.82
CA PHE A 109 -6.03 -3.83 0.70
C PHE A 109 -4.78 -4.56 1.20
N ARG A 110 -4.19 -5.38 0.32
CA ARG A 110 -2.99 -6.13 0.67
C ARG A 110 -1.76 -5.53 0.00
N PHE A 111 -0.75 -5.22 0.81
CA PHE A 111 0.50 -4.65 0.30
C PHE A 111 1.39 -5.72 -0.32
N ASN A 112 1.46 -5.72 -1.65
CA ASN A 112 2.28 -6.69 -2.36
C ASN A 112 3.67 -6.15 -2.63
N HIS A 113 4.68 -6.72 -1.97
CA HIS A 113 6.06 -6.29 -2.14
C HIS A 113 6.89 -7.38 -2.81
N PRO A 114 6.74 -7.51 -4.14
CA PRO A 114 7.47 -8.51 -4.91
C PRO A 114 8.96 -8.20 -5.02
N GLU A 115 9.28 -6.91 -4.95
CA GLU A 115 10.67 -6.47 -5.04
C GLU A 115 11.48 -6.96 -3.84
N GLN A 116 11.07 -6.55 -2.65
CA GLN A 116 11.74 -6.94 -1.43
C GLN A 116 11.52 -8.41 -1.13
N ALA A 117 10.30 -8.89 -1.37
CA ALA A 117 9.96 -10.28 -1.12
C ALA A 117 10.91 -11.22 -1.87
N ARG A 118 11.58 -10.68 -2.89
CA ARG A 118 12.53 -11.47 -3.68
C ARG A 118 13.84 -11.66 -2.91
N ALA A 119 14.25 -10.64 -2.19
CA ALA A 119 15.49 -10.70 -1.41
C ALA A 119 15.37 -11.71 -0.28
N GLU A 120 14.16 -11.89 0.23
CA GLU A 120 13.92 -12.82 1.33
C GLU A 120 14.56 -14.18 1.03
N ARG A 121 14.67 -14.50 -0.25
CA ARG A 121 15.26 -15.77 -0.66
C ARG A 121 16.77 -15.78 -0.42
N GLU A 122 17.38 -14.62 -0.56
CA GLU A 122 18.82 -14.48 -0.36
C GLU A 122 19.14 -14.17 1.11
N LYS A 123 18.11 -13.78 1.86
CA LYS A 123 18.27 -13.46 3.27
C LYS A 123 19.23 -14.43 3.95
N THR A 124 19.19 -15.69 3.51
CA THR A 124 20.05 -16.72 4.07
C THR A 124 21.48 -16.21 4.27
N SER A 125 22.27 -16.96 5.01
CA SER A 125 23.66 -16.58 5.28
C SER A 125 24.43 -16.39 3.98
N GLY A 126 25.62 -15.82 4.09
CA GLY A 126 26.45 -15.59 2.91
C GLY A 126 27.42 -14.45 3.10
N PRO A 127 28.39 -14.63 4.00
CA PRO A 127 29.41 -13.62 4.29
C PRO A 127 30.39 -13.42 3.13
N SER A 128 29.98 -12.62 2.14
CA SER A 128 30.81 -12.35 0.99
C SER A 128 31.51 -11.00 1.11
N SER A 129 30.92 -10.12 1.90
CA SER A 129 31.48 -8.78 2.11
C SER A 129 32.04 -8.65 3.53
N GLY A 130 32.13 -9.77 4.23
CA GLY A 130 32.66 -9.76 5.58
C GLY A 130 31.57 -9.63 6.62
N GLY A 1 5.06 -16.35 -24.30
CA GLY A 1 6.01 -15.89 -25.28
C GLY A 1 7.28 -15.33 -24.65
N SER A 2 7.14 -14.24 -23.91
CA SER A 2 8.28 -13.61 -23.25
C SER A 2 8.32 -13.98 -21.77
N SER A 3 9.44 -14.53 -21.33
CA SER A 3 9.60 -14.92 -19.93
C SER A 3 10.46 -13.91 -19.17
N GLY A 4 9.83 -13.18 -18.25
CA GLY A 4 10.55 -12.19 -17.48
C GLY A 4 9.68 -11.01 -17.09
N SER A 5 9.64 -10.71 -15.80
CA SER A 5 8.83 -9.60 -15.30
C SER A 5 9.52 -8.92 -14.11
N SER A 6 9.18 -7.65 -13.89
CA SER A 6 9.76 -6.89 -12.80
C SER A 6 8.79 -6.80 -11.62
N GLY A 7 9.31 -6.35 -10.48
CA GLY A 7 8.49 -6.23 -9.29
C GLY A 7 8.02 -4.80 -9.05
N THR A 8 6.71 -4.64 -8.82
CA THR A 8 6.15 -3.32 -8.58
C THR A 8 5.06 -3.38 -7.50
N PRO A 9 5.05 -2.37 -6.62
CA PRO A 9 4.08 -2.28 -5.52
C PRO A 9 2.67 -1.99 -6.03
N HIS A 10 1.70 -2.77 -5.56
CA HIS A 10 0.31 -2.58 -5.97
C HIS A 10 -0.64 -3.04 -4.87
N LEU A 11 -1.77 -2.36 -4.75
CA LEU A 11 -2.76 -2.70 -3.74
C LEU A 11 -3.89 -3.53 -4.34
N VAL A 12 -4.21 -4.64 -3.68
CA VAL A 12 -5.28 -5.53 -4.16
C VAL A 12 -6.54 -5.33 -3.33
N ASN A 13 -7.70 -5.44 -3.99
CA ASN A 13 -8.98 -5.29 -3.32
C ASN A 13 -9.46 -6.61 -2.75
N LEU A 14 -8.81 -7.07 -1.70
CA LEU A 14 -9.16 -8.34 -1.05
C LEU A 14 -10.51 -8.22 -0.33
N ASN A 15 -11.09 -7.02 -0.38
CA ASN A 15 -12.39 -6.78 0.26
C ASN A 15 -13.40 -7.85 -0.12
N GLU A 16 -14.48 -7.94 0.64
CA GLU A 16 -15.53 -8.92 0.38
C GLU A 16 -16.60 -8.34 -0.53
N ASP A 17 -16.65 -7.01 -0.60
CA ASP A 17 -17.64 -6.32 -1.44
C ASP A 17 -17.97 -7.15 -2.68
N PRO A 18 -19.06 -7.92 -2.61
CA PRO A 18 -19.50 -8.78 -3.71
C PRO A 18 -20.04 -7.96 -4.88
N LEU A 19 -20.02 -6.64 -4.74
CA LEU A 19 -20.51 -5.75 -5.79
C LEU A 19 -19.45 -4.71 -6.15
N MET A 20 -18.25 -4.89 -5.63
CA MET A 20 -17.16 -3.97 -5.90
C MET A 20 -17.22 -3.47 -7.34
N SER A 21 -17.28 -2.15 -7.51
CA SER A 21 -17.35 -1.55 -8.83
C SER A 21 -16.07 -0.77 -9.13
N GLU A 22 -15.09 -0.87 -8.24
CA GLU A 22 -13.82 -0.18 -8.42
C GLU A 22 -12.81 -1.07 -9.15
N CYS A 23 -11.59 -0.57 -9.27
CA CYS A 23 -10.53 -1.31 -9.94
C CYS A 23 -10.03 -2.47 -9.08
N LEU A 24 -10.12 -3.69 -9.62
CA LEU A 24 -9.70 -4.87 -8.90
C LEU A 24 -8.47 -4.58 -8.04
N LEU A 25 -7.47 -3.94 -8.65
CA LEU A 25 -6.25 -3.59 -7.94
C LEU A 25 -5.68 -2.28 -8.45
N TYR A 26 -4.63 -1.78 -7.79
CA TYR A 26 -4.00 -0.52 -8.17
C TYR A 26 -2.48 -0.66 -8.18
N TYR A 27 -1.88 -0.37 -9.33
CA TYR A 27 -0.43 -0.46 -9.47
C TYR A 27 0.25 0.83 -9.01
N ILE A 28 0.92 0.77 -7.87
CA ILE A 28 1.61 1.93 -7.32
C ILE A 28 2.94 2.16 -8.04
N LYS A 29 3.07 3.31 -8.67
CA LYS A 29 4.30 3.67 -9.38
C LYS A 29 5.40 4.04 -8.41
N ASP A 30 6.60 4.26 -8.95
CA ASP A 30 7.75 4.63 -8.12
C ASP A 30 7.75 6.13 -7.84
N GLY A 31 7.00 6.53 -6.81
CA GLY A 31 6.93 7.93 -6.46
C GLY A 31 6.01 8.19 -5.28
N ILE A 32 5.07 9.11 -5.45
CA ILE A 32 4.13 9.44 -4.39
C ILE A 32 2.69 9.16 -4.82
N THR A 33 2.06 8.20 -4.15
CA THR A 33 0.69 7.83 -4.46
C THR A 33 -0.26 8.24 -3.34
N ARG A 34 -0.87 9.41 -3.49
CA ARG A 34 -1.80 9.92 -2.49
C ARG A 34 -3.11 9.11 -2.50
N VAL A 35 -3.57 8.73 -1.31
CA VAL A 35 -4.81 7.97 -1.19
C VAL A 35 -5.90 8.80 -0.52
N GLY A 36 -7.05 8.87 -1.17
CA GLY A 36 -8.16 9.63 -0.63
C GLY A 36 -9.31 9.79 -1.62
N GLN A 37 -9.77 11.02 -1.79
CA GLN A 37 -10.86 11.31 -2.71
C GLN A 37 -10.33 11.87 -4.03
N ALA A 38 -11.20 11.93 -5.03
CA ALA A 38 -10.81 12.45 -6.34
C ALA A 38 -10.93 13.96 -6.38
N ASP A 39 -11.81 14.51 -5.56
CA ASP A 39 -12.01 15.95 -5.49
C ASP A 39 -11.03 16.60 -4.53
N ALA A 40 -10.29 15.78 -3.79
CA ALA A 40 -9.32 16.28 -2.84
C ALA A 40 -8.42 17.34 -3.46
N GLU A 41 -7.95 18.28 -2.65
CA GLU A 41 -7.09 19.35 -3.14
C GLU A 41 -6.01 18.81 -4.07
N ARG A 42 -5.24 17.84 -3.56
CA ARG A 42 -4.18 17.23 -4.35
C ARG A 42 -4.66 15.96 -5.03
N ARG A 43 -4.71 16.00 -6.36
CA ARG A 43 -5.16 14.85 -7.14
C ARG A 43 -4.67 13.55 -6.50
N GLN A 44 -5.52 12.95 -5.67
CA GLN A 44 -5.19 11.70 -4.99
C GLN A 44 -5.06 10.57 -6.01
N ASP A 45 -3.82 10.17 -6.28
CA ASP A 45 -3.57 9.10 -7.23
C ASP A 45 -4.65 8.02 -7.15
N ILE A 46 -4.86 7.50 -5.95
CA ILE A 46 -5.86 6.47 -5.73
C ILE A 46 -7.12 7.06 -5.09
N VAL A 47 -8.26 6.84 -5.74
CA VAL A 47 -9.54 7.34 -5.23
C VAL A 47 -10.39 6.21 -4.69
N LEU A 48 -10.59 6.19 -3.37
CA LEU A 48 -11.40 5.16 -2.73
C LEU A 48 -12.88 5.36 -3.04
N SER A 49 -13.66 4.29 -2.87
CA SER A 49 -15.09 4.35 -3.13
C SER A 49 -15.88 3.62 -2.04
N GLY A 50 -16.55 4.40 -1.19
CA GLY A 50 -17.32 3.80 -0.12
C GLY A 50 -17.97 4.86 0.77
N ALA A 51 -17.30 5.20 1.87
CA ALA A 51 -17.80 6.20 2.80
C ALA A 51 -16.78 6.51 3.88
N HIS A 52 -17.04 7.55 4.65
CA HIS A 52 -16.15 7.96 5.73
C HIS A 52 -14.72 8.15 5.21
N ILE A 53 -14.61 8.64 3.97
CA ILE A 53 -13.32 8.87 3.35
C ILE A 53 -12.90 10.33 3.49
N LYS A 54 -11.59 10.57 3.54
CA LYS A 54 -11.06 11.92 3.67
C LYS A 54 -10.24 12.30 2.43
N GLU A 55 -10.35 13.56 2.03
CA GLU A 55 -9.61 14.05 0.86
C GLU A 55 -8.21 13.46 0.82
N GLU A 56 -7.61 13.28 2.00
CA GLU A 56 -6.26 12.73 2.09
C GLU A 56 -6.18 11.69 3.19
N HIS A 57 -7.06 10.70 3.14
CA HIS A 57 -7.08 9.63 4.14
C HIS A 57 -5.67 9.20 4.51
N CYS A 58 -4.87 8.89 3.49
CA CYS A 58 -3.50 8.47 3.71
C CYS A 58 -2.65 8.69 2.46
N ILE A 59 -1.39 8.26 2.51
CA ILE A 59 -0.49 8.42 1.39
C ILE A 59 0.47 7.23 1.28
N PHE A 60 0.96 6.98 0.08
CA PHE A 60 1.88 5.87 -0.16
C PHE A 60 3.14 6.35 -0.88
N ARG A 61 4.25 6.38 -0.16
CA ARG A 61 5.53 6.83 -0.72
C ARG A 61 6.44 5.64 -1.00
N SER A 62 6.82 5.47 -2.26
CA SER A 62 7.69 4.36 -2.65
C SER A 62 9.08 4.88 -3.04
N GLU A 63 10.02 4.78 -2.11
CA GLU A 63 11.38 5.24 -2.36
C GLU A 63 12.39 4.13 -2.10
N ARG A 64 13.34 3.97 -3.01
CA ARG A 64 14.36 2.93 -2.88
C ARG A 64 15.47 3.39 -1.93
N SER A 65 15.49 2.79 -0.73
CA SER A 65 16.49 3.12 0.27
C SER A 65 17.89 3.17 -0.35
N ASN A 66 18.84 3.70 0.41
CA ASN A 66 20.23 3.80 -0.06
C ASN A 66 20.78 2.42 -0.38
N SER A 67 20.18 1.38 0.20
CA SER A 67 20.63 0.02 -0.03
C SER A 67 20.16 -0.50 -1.39
N GLY A 68 19.20 0.21 -1.98
CA GLY A 68 18.68 -0.18 -3.28
C GLY A 68 17.41 -1.00 -3.17
N GLU A 69 16.73 -0.88 -2.05
CA GLU A 69 15.48 -1.63 -1.83
C GLU A 69 14.29 -0.68 -1.75
N VAL A 70 13.21 -1.02 -2.44
CA VAL A 70 12.01 -0.21 -2.45
C VAL A 70 11.27 -0.31 -1.12
N ILE A 71 11.13 0.82 -0.44
CA ILE A 71 10.45 0.85 0.84
C ILE A 71 9.20 1.73 0.78
N VAL A 72 8.05 1.15 1.09
CA VAL A 72 6.79 1.89 1.08
C VAL A 72 6.38 2.33 2.48
N THR A 73 6.10 3.62 2.64
CA THR A 73 5.70 4.15 3.93
C THR A 73 4.29 4.74 3.87
N LEU A 74 3.49 4.45 4.89
CA LEU A 74 2.12 4.95 4.94
C LEU A 74 2.04 6.20 5.81
N GLU A 75 1.56 7.29 5.22
CA GLU A 75 1.43 8.55 5.94
C GLU A 75 -0.04 8.89 6.18
N PRO A 76 -0.62 8.25 7.21
CA PRO A 76 -2.04 8.47 7.57
C PRO A 76 -2.28 9.85 8.17
N CYS A 77 -3.54 10.21 8.32
CA CYS A 77 -3.91 11.52 8.87
C CYS A 77 -4.51 11.36 10.25
N GLU A 78 -4.29 12.36 11.11
CA GLU A 78 -4.81 12.33 12.47
C GLU A 78 -6.32 12.59 12.48
N ARG A 79 -6.88 12.83 11.29
CA ARG A 79 -8.31 13.09 11.17
C ARG A 79 -8.98 12.05 10.28
N SER A 80 -8.55 10.80 10.42
CA SER A 80 -9.10 9.71 9.61
C SER A 80 -9.09 8.40 10.40
N GLU A 81 -9.55 7.33 9.77
CA GLU A 81 -9.61 6.02 10.41
C GLU A 81 -8.81 4.99 9.61
N THR A 82 -7.55 4.80 10.00
CA THR A 82 -6.68 3.84 9.32
C THR A 82 -6.12 2.83 10.30
N TYR A 83 -6.07 1.57 9.87
CA TYR A 83 -5.56 0.49 10.72
C TYR A 83 -4.58 -0.39 9.94
N VAL A 84 -3.37 -0.52 10.47
CA VAL A 84 -2.34 -1.33 9.82
C VAL A 84 -1.86 -2.45 10.75
N ASN A 85 -1.72 -3.65 10.19
CA ASN A 85 -1.28 -4.80 10.97
C ASN A 85 -2.26 -5.11 12.11
N GLY A 86 -3.51 -4.71 11.92
CA GLY A 86 -4.53 -4.96 12.92
C GLY A 86 -4.54 -3.90 14.00
N LYS A 87 -3.60 -2.95 13.91
CA LYS A 87 -3.51 -1.87 14.89
C LYS A 87 -3.81 -0.53 14.24
N ARG A 88 -3.76 0.54 15.03
CA ARG A 88 -4.03 1.88 14.53
C ARG A 88 -2.74 2.55 14.05
N VAL A 89 -2.78 3.09 12.83
CA VAL A 89 -1.61 3.75 12.25
C VAL A 89 -1.78 5.26 12.28
N SER A 90 -1.32 5.89 13.35
CA SER A 90 -1.42 7.34 13.50
C SER A 90 -0.06 8.00 13.28
N GLN A 91 0.86 7.26 12.68
CA GLN A 91 2.20 7.77 12.42
C GLN A 91 2.78 7.17 11.14
N PRO A 92 3.71 7.90 10.51
CA PRO A 92 4.36 7.46 9.27
C PRO A 92 5.29 6.27 9.50
N VAL A 93 4.82 5.08 9.15
CA VAL A 93 5.61 3.87 9.30
C VAL A 93 5.74 3.11 7.99
N GLN A 94 6.63 2.13 7.96
CA GLN A 94 6.84 1.32 6.76
C GLN A 94 5.91 0.12 6.72
N LEU A 95 5.26 -0.08 5.58
CA LEU A 95 4.33 -1.20 5.43
C LEU A 95 5.08 -2.52 5.29
N ARG A 96 4.40 -3.62 5.61
CA ARG A 96 5.00 -4.94 5.51
C ARG A 96 4.41 -5.72 4.35
N SER A 97 5.28 -6.46 3.64
CA SER A 97 4.84 -7.26 2.50
C SER A 97 3.68 -8.18 2.89
N GLY A 98 2.46 -7.71 2.68
CA GLY A 98 1.29 -8.50 3.01
C GLY A 98 0.56 -7.98 4.23
N ASN A 99 0.84 -6.73 4.59
CA ASN A 99 0.21 -6.11 5.75
C ASN A 99 -1.22 -5.68 5.42
N ARG A 100 -2.14 -5.93 6.35
CA ARG A 100 -3.53 -5.57 6.16
C ARG A 100 -3.77 -4.11 6.54
N ILE A 101 -4.13 -3.30 5.56
CA ILE A 101 -4.39 -1.88 5.80
C ILE A 101 -5.86 -1.54 5.56
N ILE A 102 -6.56 -1.19 6.63
CA ILE A 102 -7.97 -0.83 6.53
C ILE A 102 -8.17 0.68 6.55
N MET A 103 -9.24 1.14 5.91
CA MET A 103 -9.54 2.57 5.85
C MET A 103 -11.04 2.81 5.91
N GLY A 104 -11.43 3.96 6.48
CA GLY A 104 -12.84 4.28 6.59
C GLY A 104 -13.59 3.33 7.49
N LYS A 105 -14.07 2.22 6.92
CA LYS A 105 -14.81 1.23 7.68
C LYS A 105 -14.29 -0.18 7.37
N ASN A 106 -14.49 -0.63 6.14
CA ASN A 106 -14.05 -1.95 5.72
C ASN A 106 -13.17 -1.86 4.48
N HIS A 107 -12.77 -0.63 4.13
CA HIS A 107 -11.92 -0.41 2.96
C HIS A 107 -10.53 -0.97 3.19
N VAL A 108 -10.38 -2.28 3.03
CA VAL A 108 -9.09 -2.94 3.23
C VAL A 108 -8.37 -3.14 1.90
N PHE A 109 -7.05 -3.22 1.96
CA PHE A 109 -6.24 -3.42 0.76
C PHE A 109 -4.99 -4.24 1.07
N ARG A 110 -4.58 -5.07 0.12
CA ARG A 110 -3.40 -5.92 0.30
C ARG A 110 -2.17 -5.27 -0.34
N PHE A 111 -1.21 -4.90 0.49
CA PHE A 111 0.01 -4.26 0.02
C PHE A 111 1.02 -5.31 -0.43
N ASN A 112 1.07 -5.57 -1.73
CA ASN A 112 1.98 -6.54 -2.30
C ASN A 112 3.32 -5.90 -2.66
N HIS A 113 4.38 -6.31 -1.97
CA HIS A 113 5.71 -5.77 -2.20
C HIS A 113 6.67 -6.87 -2.64
N PRO A 114 6.59 -7.26 -3.91
CA PRO A 114 7.45 -8.31 -4.48
C PRO A 114 8.91 -7.87 -4.60
N GLU A 115 9.19 -6.65 -4.14
CA GLU A 115 10.54 -6.11 -4.19
C GLU A 115 11.40 -6.69 -3.08
N GLN A 116 11.01 -6.43 -1.83
CA GLN A 116 11.75 -6.92 -0.67
C GLN A 116 11.67 -8.43 -0.59
N ALA A 117 10.47 -8.97 -0.76
CA ALA A 117 10.27 -10.41 -0.70
C ALA A 117 11.24 -11.15 -1.62
N ARG A 118 11.82 -10.41 -2.56
CA ARG A 118 12.77 -10.99 -3.51
C ARG A 118 14.05 -11.42 -2.81
N ALA A 119 14.42 -10.67 -1.76
CA ALA A 119 15.63 -10.98 -1.01
C ALA A 119 15.35 -11.99 0.10
N GLU A 120 14.08 -12.10 0.48
CA GLU A 120 13.68 -13.03 1.53
C GLU A 120 14.07 -14.45 1.17
N ARG A 121 13.83 -14.84 -0.08
CA ARG A 121 14.16 -16.18 -0.55
C ARG A 121 15.67 -16.41 -0.53
N GLU A 122 16.42 -15.43 -1.01
CA GLU A 122 17.87 -15.52 -1.04
C GLU A 122 18.46 -15.40 0.36
N LYS A 123 17.73 -14.71 1.24
CA LYS A 123 18.17 -14.52 2.61
C LYS A 123 18.56 -15.85 3.26
N THR A 124 19.86 -16.02 3.49
CA THR A 124 20.37 -17.25 4.10
C THR A 124 19.42 -17.76 5.18
N SER A 125 19.50 -19.05 5.47
CA SER A 125 18.64 -19.66 6.48
C SER A 125 19.46 -20.54 7.43
N GLY A 126 19.40 -20.22 8.72
CA GLY A 126 20.13 -20.99 9.70
C GLY A 126 19.26 -22.00 10.42
N PRO A 127 19.88 -23.13 10.82
CA PRO A 127 19.16 -24.20 11.53
C PRO A 127 18.76 -23.80 12.94
N SER A 128 18.33 -24.78 13.72
CA SER A 128 17.91 -24.53 15.10
C SER A 128 19.11 -24.49 16.04
N SER A 129 19.95 -25.52 15.95
CA SER A 129 21.14 -25.62 16.78
C SER A 129 22.39 -25.80 15.93
N GLY A 130 23.45 -25.07 16.28
CA GLY A 130 24.69 -25.17 15.54
C GLY A 130 25.50 -26.40 15.91
N GLY A 1 21.95 -7.58 -19.93
CA GLY A 1 20.58 -7.11 -20.06
C GLY A 1 20.11 -6.33 -18.86
N SER A 2 19.00 -6.77 -18.27
CA SER A 2 18.44 -6.09 -17.10
C SER A 2 18.49 -7.01 -15.88
N SER A 3 18.83 -6.43 -14.73
CA SER A 3 18.92 -7.19 -13.48
C SER A 3 17.54 -7.72 -13.08
N GLY A 4 16.56 -6.82 -13.00
CA GLY A 4 15.23 -7.22 -12.62
C GLY A 4 14.16 -6.36 -13.28
N SER A 5 13.75 -5.30 -12.58
CA SER A 5 12.71 -4.41 -13.11
C SER A 5 11.47 -5.18 -13.52
N SER A 6 11.06 -6.13 -12.68
CA SER A 6 9.88 -6.94 -12.96
C SER A 6 8.82 -6.74 -11.89
N GLY A 7 9.16 -7.06 -10.65
CA GLY A 7 8.23 -6.92 -9.55
C GLY A 7 7.88 -5.46 -9.27
N THR A 8 6.60 -5.19 -9.07
CA THR A 8 6.15 -3.83 -8.80
C THR A 8 5.15 -3.80 -7.65
N PRO A 9 5.26 -2.80 -6.77
CA PRO A 9 4.37 -2.64 -5.62
C PRO A 9 2.96 -2.23 -6.03
N HIS A 10 1.96 -2.87 -5.43
CA HIS A 10 0.57 -2.57 -5.74
C HIS A 10 -0.35 -3.01 -4.60
N LEU A 11 -1.49 -2.37 -4.49
CA LEU A 11 -2.46 -2.69 -3.44
C LEU A 11 -3.64 -3.46 -4.00
N VAL A 12 -3.99 -4.57 -3.36
CA VAL A 12 -5.11 -5.39 -3.80
C VAL A 12 -6.34 -5.15 -2.94
N ASN A 13 -7.47 -4.89 -3.60
CA ASN A 13 -8.72 -4.63 -2.90
C ASN A 13 -9.39 -5.93 -2.48
N LEU A 14 -8.88 -6.53 -1.41
CA LEU A 14 -9.43 -7.79 -0.90
C LEU A 14 -10.70 -7.54 -0.10
N ASN A 15 -11.16 -6.29 -0.09
CA ASN A 15 -12.36 -5.93 0.63
C ASN A 15 -13.51 -6.89 0.31
N GLU A 16 -14.65 -6.67 0.95
CA GLU A 16 -15.83 -7.52 0.73
C GLU A 16 -16.91 -6.75 -0.02
N ASP A 17 -16.82 -5.44 0.00
CA ASP A 17 -17.79 -4.59 -0.68
C ASP A 17 -18.32 -5.27 -1.94
N PRO A 18 -19.48 -5.94 -1.82
CA PRO A 18 -20.10 -6.64 -2.94
C PRO A 18 -20.65 -5.68 -3.99
N LEU A 19 -20.60 -4.38 -3.69
CA LEU A 19 -21.10 -3.37 -4.62
C LEU A 19 -19.94 -2.53 -5.17
N MET A 20 -18.74 -3.10 -5.13
CA MET A 20 -17.55 -2.41 -5.63
C MET A 20 -17.48 -2.51 -7.15
N SER A 21 -17.44 -1.37 -7.82
CA SER A 21 -17.37 -1.32 -9.27
C SER A 21 -16.03 -0.76 -9.74
N GLU A 22 -15.23 -0.28 -8.79
CA GLU A 22 -13.93 0.29 -9.10
C GLU A 22 -12.89 -0.81 -9.28
N CYS A 23 -11.76 -0.46 -9.89
CA CYS A 23 -10.68 -1.41 -10.12
C CYS A 23 -10.52 -2.36 -8.93
N LEU A 24 -9.99 -3.54 -9.19
CA LEU A 24 -9.79 -4.54 -8.14
C LEU A 24 -8.49 -4.28 -7.39
N LEU A 25 -7.52 -3.70 -8.08
CA LEU A 25 -6.22 -3.39 -7.48
C LEU A 25 -5.64 -2.11 -8.06
N TYR A 26 -4.59 -1.61 -7.43
CA TYR A 26 -3.94 -0.37 -7.88
C TYR A 26 -2.43 -0.50 -7.80
N TYR A 27 -1.75 -0.19 -8.90
CA TYR A 27 -0.29 -0.28 -8.95
C TYR A 27 0.34 1.04 -8.50
N ILE A 28 1.28 0.94 -7.58
CA ILE A 28 1.97 2.12 -7.07
C ILE A 28 3.25 2.40 -7.86
N LYS A 29 3.37 3.62 -8.37
CA LYS A 29 4.54 4.02 -9.15
C LYS A 29 5.55 4.74 -8.26
N ASP A 30 6.77 4.88 -8.77
CA ASP A 30 7.83 5.55 -8.02
C ASP A 30 7.47 7.01 -7.75
N GLY A 31 7.19 7.32 -6.49
CA GLY A 31 6.84 8.67 -6.11
C GLY A 31 5.91 8.72 -4.91
N ILE A 32 4.83 9.47 -5.04
CA ILE A 32 3.85 9.59 -3.97
C ILE A 32 2.43 9.31 -4.46
N THR A 33 1.77 8.34 -3.82
CA THR A 33 0.42 7.97 -4.19
C THR A 33 -0.58 8.39 -3.12
N ARG A 34 -1.24 9.52 -3.35
CA ARG A 34 -2.22 10.04 -2.41
C ARG A 34 -3.47 9.16 -2.39
N VAL A 35 -3.84 8.68 -1.20
CA VAL A 35 -5.02 7.83 -1.06
C VAL A 35 -6.15 8.59 -0.38
N GLY A 36 -7.13 9.02 -1.18
CA GLY A 36 -8.25 9.76 -0.64
C GLY A 36 -9.44 9.77 -1.59
N GLN A 37 -9.99 10.95 -1.83
CA GLN A 37 -11.15 11.09 -2.72
C GLN A 37 -10.71 11.63 -4.09
N ALA A 38 -11.64 11.61 -5.04
CA ALA A 38 -11.36 12.10 -6.38
C ALA A 38 -11.68 13.58 -6.51
N ASP A 39 -12.39 14.12 -5.52
CA ASP A 39 -12.77 15.53 -5.51
C ASP A 39 -11.73 16.35 -4.76
N ALA A 40 -10.92 15.69 -3.95
CA ALA A 40 -9.89 16.36 -3.17
C ALA A 40 -9.16 17.41 -4.00
N GLU A 41 -8.70 18.46 -3.35
CA GLU A 41 -7.98 19.54 -4.03
C GLU A 41 -6.91 18.97 -4.97
N ARG A 42 -6.15 18.01 -4.46
CA ARG A 42 -5.09 17.38 -5.24
C ARG A 42 -5.54 16.02 -5.79
N ARG A 43 -5.61 15.92 -7.11
CA ARG A 43 -6.03 14.68 -7.75
C ARG A 43 -5.36 13.47 -7.09
N GLN A 44 -6.08 12.85 -6.16
CA GLN A 44 -5.56 11.69 -5.45
C GLN A 44 -5.44 10.49 -6.39
N ASP A 45 -4.25 9.88 -6.39
CA ASP A 45 -4.01 8.72 -7.24
C ASP A 45 -5.08 7.65 -7.04
N ILE A 46 -5.14 7.12 -5.82
CA ILE A 46 -6.12 6.09 -5.50
C ILE A 46 -7.35 6.69 -4.81
N VAL A 47 -8.53 6.23 -5.21
CA VAL A 47 -9.78 6.71 -4.64
C VAL A 47 -10.60 5.57 -4.07
N LEU A 48 -11.11 5.76 -2.85
CA LEU A 48 -11.92 4.75 -2.20
C LEU A 48 -13.40 5.12 -2.22
N SER A 49 -14.26 4.17 -1.87
CA SER A 49 -15.70 4.41 -1.86
C SER A 49 -16.17 4.71 -0.44
N GLY A 50 -17.48 4.92 -0.31
CA GLY A 50 -18.06 5.22 1.00
C GLY A 50 -17.87 6.68 1.40
N ALA A 51 -18.35 7.03 2.58
CA ALA A 51 -18.23 8.40 3.07
C ALA A 51 -17.29 8.47 4.28
N HIS A 52 -16.78 7.31 4.69
CA HIS A 52 -15.88 7.24 5.84
C HIS A 52 -14.45 7.59 5.42
N ILE A 53 -14.27 7.91 4.15
CA ILE A 53 -12.95 8.26 3.63
C ILE A 53 -12.76 9.78 3.60
N LYS A 54 -11.50 10.20 3.65
CA LYS A 54 -11.18 11.62 3.63
C LYS A 54 -10.36 11.97 2.39
N GLU A 55 -10.47 13.22 1.94
CA GLU A 55 -9.74 13.68 0.77
C GLU A 55 -8.26 13.32 0.88
N GLU A 56 -7.73 13.38 2.10
CA GLU A 56 -6.33 13.05 2.33
C GLU A 56 -6.20 11.97 3.40
N HIS A 57 -7.05 10.96 3.31
CA HIS A 57 -7.02 9.85 4.27
C HIS A 57 -5.58 9.47 4.62
N CYS A 58 -4.84 9.00 3.63
CA CYS A 58 -3.45 8.60 3.84
C CYS A 58 -2.65 8.78 2.56
N ILE A 59 -1.37 8.39 2.62
CA ILE A 59 -0.49 8.50 1.46
C ILE A 59 0.48 7.33 1.40
N PHE A 60 1.03 7.09 0.20
CA PHE A 60 1.97 6.00 0.01
C PHE A 60 3.22 6.49 -0.72
N ARG A 61 4.34 6.53 0.01
CA ARG A 61 5.61 6.97 -0.57
C ARG A 61 6.50 5.79 -0.92
N SER A 62 6.93 5.72 -2.17
CA SER A 62 7.79 4.64 -2.63
C SER A 62 9.18 5.15 -2.98
N GLU A 63 10.14 4.85 -2.10
CA GLU A 63 11.52 5.29 -2.32
C GLU A 63 12.50 4.14 -2.06
N ARG A 64 13.55 4.07 -2.87
CA ARG A 64 14.56 3.04 -2.73
C ARG A 64 15.56 3.38 -1.63
N SER A 65 15.58 2.59 -0.58
CA SER A 65 16.49 2.82 0.54
C SER A 65 17.94 2.93 0.05
N ASN A 66 18.81 3.44 0.91
CA ASN A 66 20.22 3.60 0.56
C ASN A 66 20.82 2.28 0.12
N SER A 67 20.23 1.18 0.59
CA SER A 67 20.73 -0.15 0.24
C SER A 67 20.37 -0.49 -1.20
N GLY A 68 19.30 0.10 -1.70
CA GLY A 68 18.87 -0.16 -3.07
C GLY A 68 17.60 -0.99 -3.14
N GLU A 69 16.84 -0.98 -2.05
CA GLU A 69 15.60 -1.75 -1.99
C GLU A 69 14.40 -0.81 -1.94
N VAL A 70 13.41 -1.10 -2.79
CA VAL A 70 12.20 -0.28 -2.85
C VAL A 70 11.34 -0.47 -1.61
N ILE A 71 11.16 0.59 -0.84
CA ILE A 71 10.36 0.54 0.37
C ILE A 71 9.15 1.47 0.28
N VAL A 72 8.06 1.07 0.93
CA VAL A 72 6.84 1.88 0.92
C VAL A 72 6.43 2.26 2.33
N THR A 73 6.05 3.52 2.51
CA THR A 73 5.63 4.02 3.81
C THR A 73 4.23 4.62 3.74
N LEU A 74 3.40 4.25 4.71
CA LEU A 74 2.02 4.75 4.77
C LEU A 74 1.94 6.01 5.63
N GLU A 75 1.53 7.11 5.00
CA GLU A 75 1.40 8.38 5.72
C GLU A 75 -0.07 8.76 5.90
N PRO A 76 -0.70 8.16 6.92
CA PRO A 76 -2.11 8.40 7.22
C PRO A 76 -2.34 9.81 7.77
N CYS A 77 -3.59 10.10 8.16
CA CYS A 77 -3.94 11.41 8.69
C CYS A 77 -4.26 11.31 10.19
N GLU A 78 -4.57 12.45 10.80
CA GLU A 78 -4.89 12.49 12.21
C GLU A 78 -6.40 12.42 12.43
N ARG A 79 -7.16 12.60 11.35
CA ARG A 79 -8.61 12.55 11.43
C ARG A 79 -9.17 11.44 10.52
N SER A 80 -8.41 10.36 10.40
CA SER A 80 -8.83 9.24 9.57
C SER A 80 -8.77 7.93 10.35
N GLU A 81 -9.57 6.96 9.93
CA GLU A 81 -9.60 5.66 10.60
C GLU A 81 -8.69 4.67 9.90
N THR A 82 -7.40 4.96 9.88
CA THR A 82 -6.41 4.10 9.24
C THR A 82 -5.89 3.05 10.21
N TYR A 83 -5.74 1.83 9.72
CA TYR A 83 -5.25 0.72 10.54
C TYR A 83 -4.37 -0.22 9.73
N VAL A 84 -3.22 -0.57 10.28
CA VAL A 84 -2.28 -1.47 9.61
C VAL A 84 -2.02 -2.71 10.44
N ASN A 85 -1.78 -3.83 9.77
CA ASN A 85 -1.51 -5.10 10.46
C ASN A 85 -2.47 -5.29 11.63
N GLY A 86 -3.68 -4.75 11.50
CA GLY A 86 -4.67 -4.88 12.55
C GLY A 86 -4.59 -3.75 13.56
N LYS A 87 -3.40 -3.17 13.71
CA LYS A 87 -3.20 -2.07 14.65
C LYS A 87 -3.52 -0.73 13.99
N ARG A 88 -3.56 0.33 14.80
CA ARG A 88 -3.86 1.65 14.29
C ARG A 88 -2.61 2.31 13.71
N VAL A 89 -2.80 3.21 12.75
CA VAL A 89 -1.69 3.90 12.10
C VAL A 89 -2.00 5.38 11.92
N SER A 90 -1.39 6.21 12.76
CA SER A 90 -1.60 7.66 12.71
C SER A 90 -0.30 8.38 12.36
N GLN A 91 0.75 7.61 12.12
CA GLN A 91 2.06 8.17 11.78
C GLN A 91 2.67 7.45 10.59
N PRO A 92 3.69 8.07 9.99
CA PRO A 92 4.39 7.49 8.83
C PRO A 92 5.23 6.27 9.20
N VAL A 93 4.79 5.10 8.74
CA VAL A 93 5.50 3.86 9.02
C VAL A 93 5.59 2.99 7.77
N GLN A 94 6.63 2.16 7.71
CA GLN A 94 6.84 1.28 6.58
C GLN A 94 5.89 0.08 6.63
N LEU A 95 5.29 -0.24 5.50
CA LEU A 95 4.36 -1.37 5.42
C LEU A 95 5.11 -2.69 5.34
N ARG A 96 4.37 -3.79 5.30
CA ARG A 96 4.96 -5.11 5.22
C ARG A 96 4.43 -5.88 4.01
N SER A 97 5.19 -6.87 3.56
CA SER A 97 4.80 -7.67 2.41
C SER A 97 3.61 -8.57 2.75
N GLY A 98 2.44 -7.97 2.85
CA GLY A 98 1.24 -8.72 3.16
C GLY A 98 0.51 -8.18 4.37
N ASN A 99 0.62 -6.86 4.59
CA ASN A 99 -0.04 -6.22 5.71
C ASN A 99 -1.44 -5.77 5.33
N ARG A 100 -2.37 -5.85 6.28
CA ARG A 100 -3.75 -5.45 6.05
C ARG A 100 -3.96 -3.98 6.42
N ILE A 101 -4.28 -3.16 5.44
CA ILE A 101 -4.51 -1.75 5.66
C ILE A 101 -5.98 -1.40 5.49
N ILE A 102 -6.60 -0.87 6.55
CA ILE A 102 -7.99 -0.48 6.52
C ILE A 102 -8.15 1.03 6.45
N MET A 103 -8.77 1.51 5.38
CA MET A 103 -8.99 2.94 5.21
C MET A 103 -10.48 3.26 5.15
N GLY A 104 -11.01 3.77 6.25
CA GLY A 104 -12.42 4.11 6.30
C GLY A 104 -13.22 3.18 7.21
N LYS A 105 -14.21 2.51 6.62
CA LYS A 105 -15.04 1.58 7.38
C LYS A 105 -14.71 0.13 7.01
N ASN A 106 -15.03 -0.25 5.78
CA ASN A 106 -14.76 -1.61 5.31
C ASN A 106 -13.98 -1.58 4.00
N HIS A 107 -12.77 -1.04 4.05
CA HIS A 107 -11.92 -0.96 2.87
C HIS A 107 -10.50 -1.43 3.18
N VAL A 108 -10.27 -2.72 3.02
CA VAL A 108 -8.95 -3.30 3.29
C VAL A 108 -8.14 -3.43 2.01
N PHE A 109 -6.82 -3.51 2.16
CA PHE A 109 -5.93 -3.64 1.01
C PHE A 109 -4.73 -4.52 1.35
N ARG A 110 -4.29 -5.31 0.37
CA ARG A 110 -3.16 -6.20 0.56
C ARG A 110 -1.92 -5.69 -0.17
N PHE A 111 -0.89 -5.35 0.59
CA PHE A 111 0.35 -4.85 0.01
C PHE A 111 1.21 -5.99 -0.55
N ASN A 112 1.33 -6.04 -1.86
CA ASN A 112 2.11 -7.08 -2.52
C ASN A 112 3.46 -6.52 -2.98
N HIS A 113 4.52 -6.88 -2.26
CA HIS A 113 5.87 -6.42 -2.61
C HIS A 113 6.72 -7.58 -3.11
N PRO A 114 6.50 -7.98 -4.36
CA PRO A 114 7.24 -9.09 -4.99
C PRO A 114 8.70 -8.72 -5.26
N GLU A 115 8.93 -7.47 -5.64
CA GLU A 115 10.28 -7.00 -5.92
C GLU A 115 11.24 -7.35 -4.78
N GLN A 116 10.78 -7.13 -3.54
CA GLN A 116 11.60 -7.41 -2.37
C GLN A 116 11.54 -8.91 -2.03
N ALA A 117 10.33 -9.45 -2.01
CA ALA A 117 10.15 -10.86 -1.70
C ALA A 117 10.94 -11.75 -2.65
N ARG A 118 11.33 -11.19 -3.78
CA ARG A 118 12.09 -11.93 -4.79
C ARG A 118 13.49 -12.24 -4.28
N ALA A 119 14.09 -11.27 -3.58
CA ALA A 119 15.44 -11.45 -3.04
C ALA A 119 15.59 -12.82 -2.38
N GLU A 120 14.49 -13.37 -1.89
CA GLU A 120 14.51 -14.67 -1.24
C GLU A 120 14.86 -15.77 -2.24
N ARG A 121 14.33 -15.65 -3.45
CA ARG A 121 14.59 -16.64 -4.50
C ARG A 121 15.85 -16.28 -5.28
N GLU A 122 16.08 -14.97 -5.46
CA GLU A 122 17.25 -14.50 -6.19
C GLU A 122 18.51 -14.64 -5.35
N LYS A 123 18.37 -15.23 -4.17
CA LYS A 123 19.50 -15.42 -3.27
C LYS A 123 20.38 -16.57 -3.75
N THR A 124 19.81 -17.76 -3.81
CA THR A 124 20.55 -18.94 -4.24
C THR A 124 21.01 -18.79 -5.69
N SER A 125 20.39 -17.88 -6.41
CA SER A 125 20.73 -17.63 -7.81
C SER A 125 21.93 -16.69 -7.92
N GLY A 126 22.74 -16.89 -8.95
CA GLY A 126 23.90 -16.06 -9.16
C GLY A 126 23.94 -15.43 -10.54
N PRO A 127 24.86 -14.48 -10.74
CA PRO A 127 25.01 -13.79 -12.03
C PRO A 127 25.56 -14.70 -13.12
N SER A 128 25.48 -14.23 -14.36
CA SER A 128 25.96 -15.01 -15.51
C SER A 128 27.22 -14.38 -16.10
N SER A 129 28.11 -15.22 -16.61
CA SER A 129 29.35 -14.75 -17.21
C SER A 129 29.98 -15.83 -18.08
N GLY A 130 31.02 -15.45 -18.83
CA GLY A 130 31.69 -16.40 -19.69
C GLY A 130 30.91 -16.68 -20.97
N GLY A 1 6.52 -3.08 -20.84
CA GLY A 1 5.66 -2.60 -19.78
C GLY A 1 4.62 -3.62 -19.38
N SER A 2 4.25 -4.49 -20.31
CA SER A 2 3.25 -5.52 -20.05
C SER A 2 3.83 -6.91 -20.29
N SER A 3 5.15 -6.98 -20.46
CA SER A 3 5.82 -8.25 -20.69
C SER A 3 7.12 -8.34 -19.89
N GLY A 4 7.37 -9.50 -19.31
CA GLY A 4 8.58 -9.69 -18.52
C GLY A 4 8.29 -10.11 -17.10
N SER A 5 9.33 -10.35 -16.32
CA SER A 5 9.19 -10.77 -14.93
C SER A 5 9.79 -9.74 -13.99
N SER A 6 8.95 -8.88 -13.42
CA SER A 6 9.41 -7.85 -12.51
C SER A 6 8.38 -7.60 -11.41
N GLY A 7 8.85 -7.30 -10.20
CA GLY A 7 7.96 -7.04 -9.09
C GLY A 7 7.66 -5.58 -8.92
N THR A 8 6.42 -5.26 -8.55
CA THR A 8 6.01 -3.87 -8.35
C THR A 8 4.97 -3.77 -7.24
N PRO A 9 5.11 -2.73 -6.41
CA PRO A 9 4.19 -2.48 -5.29
C PRO A 9 2.80 -2.05 -5.77
N HIS A 10 1.77 -2.70 -5.23
CA HIS A 10 0.39 -2.38 -5.61
C HIS A 10 -0.57 -2.82 -4.51
N LEU A 11 -1.72 -2.15 -4.45
CA LEU A 11 -2.73 -2.46 -3.44
C LEU A 11 -3.84 -3.34 -4.03
N VAL A 12 -4.26 -4.34 -3.27
CA VAL A 12 -5.31 -5.26 -3.72
C VAL A 12 -6.59 -5.07 -2.90
N ASN A 13 -7.73 -5.02 -3.59
CA ASN A 13 -9.01 -4.85 -2.93
C ASN A 13 -9.49 -6.16 -2.32
N LEU A 14 -8.92 -6.52 -1.18
CA LEU A 14 -9.28 -7.76 -0.49
C LEU A 14 -10.60 -7.59 0.27
N ASN A 15 -11.24 -6.43 0.09
CA ASN A 15 -12.50 -6.15 0.75
C ASN A 15 -13.50 -7.27 0.51
N GLU A 16 -14.67 -7.14 1.12
CA GLU A 16 -15.72 -8.16 0.98
C GLU A 16 -16.81 -7.67 0.04
N ASP A 17 -16.96 -6.35 -0.06
CA ASP A 17 -17.97 -5.76 -0.93
C ASP A 17 -18.20 -6.61 -2.17
N PRO A 18 -19.21 -7.48 -2.13
CA PRO A 18 -19.55 -8.37 -3.24
C PRO A 18 -20.11 -7.62 -4.44
N LEU A 19 -20.17 -6.29 -4.33
CA LEU A 19 -20.69 -5.46 -5.41
C LEU A 19 -19.59 -4.54 -5.95
N MET A 20 -18.49 -4.45 -5.22
CA MET A 20 -17.37 -3.61 -5.64
C MET A 20 -17.17 -3.69 -7.15
N SER A 21 -17.24 -2.54 -7.81
CA SER A 21 -17.06 -2.48 -9.26
C SER A 21 -15.83 -1.66 -9.62
N GLU A 22 -15.20 -1.08 -8.61
CA GLU A 22 -14.01 -0.27 -8.82
C GLU A 22 -12.83 -1.12 -9.27
N CYS A 23 -11.68 -0.49 -9.46
CA CYS A 23 -10.48 -1.20 -9.89
C CYS A 23 -10.09 -2.27 -8.89
N LEU A 24 -10.05 -3.52 -9.35
CA LEU A 24 -9.69 -4.64 -8.49
C LEU A 24 -8.46 -4.32 -7.66
N LEU A 25 -7.42 -3.80 -8.31
CA LEU A 25 -6.18 -3.44 -7.63
C LEU A 25 -5.58 -2.18 -8.22
N TYR A 26 -4.67 -1.55 -7.47
CA TYR A 26 -4.03 -0.32 -7.92
C TYR A 26 -2.51 -0.45 -7.85
N TYR A 27 -1.85 -0.14 -8.96
CA TYR A 27 -0.39 -0.22 -9.03
C TYR A 27 0.26 1.10 -8.62
N ILE A 28 1.07 1.05 -7.57
CA ILE A 28 1.74 2.24 -7.08
C ILE A 28 3.13 2.39 -7.70
N LYS A 29 3.40 3.55 -8.27
CA LYS A 29 4.68 3.82 -8.91
C LYS A 29 5.68 4.36 -7.90
N ASP A 30 6.93 4.52 -8.33
CA ASP A 30 7.99 5.03 -7.46
C ASP A 30 7.81 6.51 -7.20
N GLY A 31 6.95 6.84 -6.23
CA GLY A 31 6.69 8.23 -5.89
C GLY A 31 5.77 8.38 -4.70
N ILE A 32 4.71 9.16 -4.88
CA ILE A 32 3.75 9.39 -3.82
C ILE A 32 2.32 9.15 -4.30
N THR A 33 1.66 8.16 -3.73
CA THR A 33 0.29 7.82 -4.11
C THR A 33 -0.70 8.28 -3.03
N ARG A 34 -1.27 9.47 -3.24
CA ARG A 34 -2.23 10.02 -2.29
C ARG A 34 -3.56 9.27 -2.37
N VAL A 35 -3.94 8.64 -1.26
CA VAL A 35 -5.20 7.89 -1.21
C VAL A 35 -6.31 8.72 -0.56
N GLY A 36 -7.31 9.06 -1.34
CA GLY A 36 -8.42 9.84 -0.82
C GLY A 36 -9.62 9.84 -1.75
N GLN A 37 -10.10 11.03 -2.10
CA GLN A 37 -11.26 11.14 -2.98
C GLN A 37 -10.88 11.88 -4.27
N ALA A 38 -11.56 11.54 -5.36
CA ALA A 38 -11.30 12.17 -6.65
C ALA A 38 -11.67 13.65 -6.61
N ASP A 39 -12.64 14.00 -5.79
CA ASP A 39 -13.09 15.38 -5.66
C ASP A 39 -12.09 16.20 -4.85
N ALA A 40 -11.29 15.52 -4.05
CA ALA A 40 -10.29 16.18 -3.22
C ALA A 40 -9.57 17.27 -4.00
N GLU A 41 -9.27 18.38 -3.32
CA GLU A 41 -8.58 19.49 -3.97
C GLU A 41 -7.58 19.00 -5.00
N ARG A 42 -6.64 18.16 -4.56
CA ARG A 42 -5.62 17.61 -5.44
C ARG A 42 -6.06 16.27 -6.00
N ARG A 43 -5.72 16.01 -7.26
CA ARG A 43 -6.08 14.76 -7.92
C ARG A 43 -5.41 13.58 -7.22
N GLN A 44 -6.21 12.80 -6.49
CA GLN A 44 -5.71 11.65 -5.77
C GLN A 44 -5.44 10.49 -6.74
N ASP A 45 -4.30 9.83 -6.56
CA ASP A 45 -3.93 8.70 -7.40
C ASP A 45 -4.93 7.56 -7.28
N ILE A 46 -5.16 7.13 -6.04
CA ILE A 46 -6.10 6.05 -5.78
C ILE A 46 -7.40 6.58 -5.18
N VAL A 47 -8.51 6.27 -5.83
CA VAL A 47 -9.82 6.71 -5.36
C VAL A 47 -10.62 5.55 -4.79
N LEU A 48 -11.19 5.77 -3.61
CA LEU A 48 -11.99 4.74 -2.94
C LEU A 48 -13.47 5.02 -3.09
N SER A 49 -14.30 4.12 -2.56
CA SER A 49 -15.75 4.27 -2.62
C SER A 49 -16.34 4.50 -1.23
N GLY A 50 -17.53 5.08 -1.19
CA GLY A 50 -18.18 5.34 0.09
C GLY A 50 -18.13 6.80 0.47
N ALA A 51 -18.89 7.17 1.50
CA ALA A 51 -18.93 8.54 1.98
C ALA A 51 -18.06 8.71 3.22
N HIS A 52 -17.45 7.63 3.68
CA HIS A 52 -16.61 7.66 4.85
C HIS A 52 -15.17 8.01 4.48
N ILE A 53 -14.86 7.91 3.19
CA ILE A 53 -13.52 8.22 2.70
C ILE A 53 -13.21 9.71 2.84
N LYS A 54 -11.92 10.03 2.96
CA LYS A 54 -11.49 11.42 3.10
C LYS A 54 -10.60 11.82 1.93
N GLU A 55 -10.56 13.13 1.65
CA GLU A 55 -9.75 13.65 0.55
C GLU A 55 -8.28 13.28 0.74
N GLU A 56 -7.83 13.34 1.99
CA GLU A 56 -6.44 13.01 2.31
C GLU A 56 -6.36 11.85 3.31
N HIS A 57 -7.28 10.90 3.16
CA HIS A 57 -7.31 9.74 4.05
C HIS A 57 -5.91 9.29 4.42
N CYS A 58 -5.18 8.77 3.44
CA CYS A 58 -3.82 8.31 3.67
C CYS A 58 -2.97 8.49 2.41
N ILE A 59 -1.73 8.00 2.47
CA ILE A 59 -0.81 8.12 1.34
C ILE A 59 0.17 6.96 1.31
N PHE A 60 0.85 6.78 0.18
CA PHE A 60 1.82 5.70 0.02
C PHE A 60 3.07 6.20 -0.70
N ARG A 61 4.15 6.34 0.05
CA ARG A 61 5.42 6.82 -0.52
C ARG A 61 6.38 5.66 -0.73
N SER A 62 6.70 5.37 -1.99
CA SER A 62 7.61 4.28 -2.32
C SER A 62 8.98 4.82 -2.70
N GLU A 63 9.96 4.58 -1.84
CA GLU A 63 11.33 5.04 -2.09
C GLU A 63 12.33 3.91 -1.85
N ARG A 64 13.35 3.84 -2.72
CA ARG A 64 14.37 2.82 -2.62
C ARG A 64 15.42 3.21 -1.59
N SER A 65 15.44 2.51 -0.46
CA SER A 65 16.40 2.79 0.61
C SER A 65 17.81 2.87 0.06
N ASN A 66 18.75 3.29 0.90
CA ASN A 66 20.14 3.42 0.50
C ASN A 66 20.73 2.05 0.14
N SER A 67 20.05 0.99 0.58
CA SER A 67 20.50 -0.37 0.31
C SER A 67 20.09 -0.81 -1.09
N GLY A 68 19.15 -0.07 -1.69
CA GLY A 68 18.68 -0.40 -3.02
C GLY A 68 17.38 -1.19 -2.99
N GLU A 69 16.71 -1.18 -1.84
CA GLU A 69 15.45 -1.90 -1.70
C GLU A 69 14.27 -0.93 -1.73
N VAL A 70 13.26 -1.27 -2.53
CA VAL A 70 12.08 -0.43 -2.66
C VAL A 70 11.17 -0.57 -1.44
N ILE A 71 11.14 0.47 -0.61
CA ILE A 71 10.32 0.46 0.59
C ILE A 71 9.15 1.44 0.47
N VAL A 72 8.04 1.11 1.11
CA VAL A 72 6.86 1.97 1.07
C VAL A 72 6.45 2.40 2.48
N THR A 73 6.08 3.67 2.62
CA THR A 73 5.67 4.21 3.91
C THR A 73 4.24 4.75 3.85
N LEU A 74 3.46 4.43 4.87
CA LEU A 74 2.07 4.88 4.93
C LEU A 74 1.95 6.16 5.77
N GLU A 75 1.42 7.21 5.16
CA GLU A 75 1.26 8.48 5.84
C GLU A 75 -0.22 8.75 6.15
N PRO A 76 -0.72 8.12 7.23
CA PRO A 76 -2.11 8.28 7.66
C PRO A 76 -2.41 9.66 8.21
N CYS A 77 -3.68 10.02 8.25
CA CYS A 77 -4.10 11.33 8.75
C CYS A 77 -4.77 11.19 10.12
N GLU A 78 -5.19 12.34 10.68
CA GLU A 78 -5.84 12.35 11.98
C GLU A 78 -7.35 12.51 11.83
N ARG A 79 -7.79 12.82 10.61
CA ARG A 79 -9.21 13.00 10.34
C ARG A 79 -9.74 11.86 9.48
N SER A 80 -9.24 10.65 9.73
CA SER A 80 -9.66 9.48 8.96
C SER A 80 -9.35 8.20 9.73
N GLU A 81 -10.01 7.11 9.35
CA GLU A 81 -9.81 5.82 10.00
C GLU A 81 -8.82 4.96 9.21
N THR A 82 -7.66 4.70 9.81
CA THR A 82 -6.64 3.89 9.17
C THR A 82 -6.06 2.87 10.14
N TYR A 83 -5.71 1.69 9.60
CA TYR A 83 -5.14 0.63 10.42
C TYR A 83 -4.17 -0.23 9.61
N VAL A 84 -3.09 -0.65 10.24
CA VAL A 84 -2.09 -1.47 9.58
C VAL A 84 -1.55 -2.54 10.51
N ASN A 85 -1.42 -3.76 10.00
CA ASN A 85 -0.92 -4.88 10.79
C ASN A 85 -1.83 -5.14 12.00
N GLY A 86 -3.09 -4.77 11.87
CA GLY A 86 -4.04 -4.97 12.95
C GLY A 86 -3.89 -3.94 14.06
N LYS A 87 -3.00 -2.97 13.84
CA LYS A 87 -2.77 -1.93 14.83
C LYS A 87 -3.05 -0.55 14.24
N ARG A 88 -3.22 0.44 15.12
CA ARG A 88 -3.49 1.80 14.68
C ARG A 88 -2.29 2.40 13.96
N VAL A 89 -2.55 3.11 12.87
CA VAL A 89 -1.48 3.74 12.10
C VAL A 89 -1.66 5.24 12.02
N SER A 90 -0.98 5.97 12.91
CA SER A 90 -1.08 7.42 12.95
C SER A 90 0.24 8.06 12.53
N GLN A 91 1.32 7.31 12.66
CA GLN A 91 2.65 7.81 12.29
C GLN A 91 3.12 7.17 10.99
N PRO A 92 4.02 7.87 10.28
CA PRO A 92 4.57 7.39 9.01
C PRO A 92 5.51 6.20 9.19
N VAL A 93 4.98 5.00 8.96
CA VAL A 93 5.77 3.78 9.10
C VAL A 93 5.94 3.07 7.77
N GLN A 94 6.98 2.26 7.65
CA GLN A 94 7.24 1.52 6.42
C GLN A 94 6.46 0.22 6.39
N LEU A 95 5.43 0.17 5.55
CA LEU A 95 4.60 -1.02 5.43
C LEU A 95 5.46 -2.27 5.31
N ARG A 96 4.81 -3.43 5.35
CA ARG A 96 5.51 -4.70 5.25
C ARG A 96 4.91 -5.57 4.14
N SER A 97 5.76 -6.06 3.26
CA SER A 97 5.32 -6.91 2.15
C SER A 97 4.17 -7.80 2.59
N GLY A 98 2.95 -7.40 2.25
CA GLY A 98 1.77 -8.18 2.61
C GLY A 98 1.06 -7.63 3.83
N ASN A 99 1.28 -6.34 4.10
CA ASN A 99 0.65 -5.70 5.24
C ASN A 99 -0.84 -5.48 5.00
N ARG A 100 -1.66 -5.81 6.00
CA ARG A 100 -3.10 -5.66 5.90
C ARG A 100 -3.54 -4.26 6.36
N ILE A 101 -3.95 -3.44 5.40
CA ILE A 101 -4.40 -2.08 5.71
C ILE A 101 -5.91 -1.97 5.64
N ILE A 102 -6.49 -1.25 6.59
CA ILE A 102 -7.94 -1.05 6.65
C ILE A 102 -8.29 0.42 6.69
N MET A 103 -8.86 0.93 5.60
CA MET A 103 -9.24 2.33 5.53
C MET A 103 -10.75 2.49 5.76
N GLY A 104 -11.14 3.61 6.36
CA GLY A 104 -12.55 3.86 6.63
C GLY A 104 -13.24 2.66 7.25
N LYS A 105 -14.33 2.22 6.62
CA LYS A 105 -15.08 1.07 7.13
C LYS A 105 -14.72 -0.20 6.36
N ASN A 106 -15.23 -0.30 5.13
CA ASN A 106 -14.97 -1.46 4.29
C ASN A 106 -14.02 -1.11 3.14
N HIS A 107 -12.96 -0.38 3.48
CA HIS A 107 -11.98 0.03 2.48
C HIS A 107 -10.62 -0.59 2.77
N VAL A 108 -10.55 -1.91 2.78
CA VAL A 108 -9.30 -2.62 3.05
C VAL A 108 -8.46 -2.74 1.79
N PHE A 109 -7.15 -2.87 1.97
CA PHE A 109 -6.24 -3.00 0.84
C PHE A 109 -4.99 -3.79 1.24
N ARG A 110 -4.53 -4.65 0.34
CA ARG A 110 -3.35 -5.47 0.60
C ARG A 110 -2.16 -4.98 -0.22
N PHE A 111 -1.10 -4.57 0.47
CA PHE A 111 0.10 -4.07 -0.20
C PHE A 111 0.96 -5.24 -0.69
N ASN A 112 0.88 -5.51 -1.99
CA ASN A 112 1.65 -6.60 -2.58
C ASN A 112 3.05 -6.13 -2.98
N HIS A 113 4.07 -6.88 -2.59
CA HIS A 113 5.45 -6.54 -2.91
C HIS A 113 6.25 -7.79 -3.25
N PRO A 114 6.11 -8.26 -4.50
CA PRO A 114 6.82 -9.45 -4.98
C PRO A 114 8.32 -9.21 -5.13
N GLU A 115 8.67 -8.07 -5.71
CA GLU A 115 10.07 -7.72 -5.92
C GLU A 115 10.91 -8.09 -4.70
N GLN A 116 10.51 -7.59 -3.54
CA GLN A 116 11.22 -7.86 -2.30
C GLN A 116 10.87 -9.26 -1.77
N ALA A 117 9.58 -9.55 -1.72
CA ALA A 117 9.10 -10.85 -1.23
C ALA A 117 9.93 -11.98 -1.82
N ARG A 118 10.56 -11.73 -2.96
CA ARG A 118 11.37 -12.73 -3.64
C ARG A 118 12.53 -13.17 -2.74
N ALA A 119 13.16 -12.21 -2.08
CA ALA A 119 14.28 -12.49 -1.19
C ALA A 119 13.85 -13.38 -0.03
N GLU A 120 12.55 -13.61 0.08
CA GLU A 120 12.01 -14.44 1.15
C GLU A 120 12.90 -15.66 1.39
N ARG A 121 13.40 -16.25 0.32
CA ARG A 121 14.25 -17.42 0.41
C ARG A 121 15.72 -17.03 0.23
N GLU A 122 15.97 -16.03 -0.60
CA GLU A 122 17.32 -15.56 -0.86
C GLU A 122 17.79 -14.60 0.23
N LYS A 123 17.07 -14.60 1.36
CA LYS A 123 17.41 -13.74 2.49
C LYS A 123 18.50 -14.37 3.35
N THR A 124 19.37 -13.52 3.91
CA THR A 124 20.46 -13.99 4.75
C THR A 124 19.97 -15.05 5.74
N SER A 125 20.92 -15.74 6.37
CA SER A 125 20.58 -16.78 7.33
C SER A 125 21.76 -17.06 8.26
N GLY A 126 21.61 -16.71 9.53
CA GLY A 126 22.66 -16.92 10.49
C GLY A 126 22.41 -16.19 11.80
N PRO A 127 23.06 -16.66 12.88
CA PRO A 127 22.92 -16.07 14.21
C PRO A 127 23.56 -14.69 14.30
N SER A 128 22.89 -13.76 14.95
CA SER A 128 23.40 -12.40 15.11
C SER A 128 23.61 -12.06 16.58
N SER A 129 24.38 -12.91 17.27
CA SER A 129 24.66 -12.71 18.69
C SER A 129 26.10 -12.26 18.90
N GLY A 130 26.27 -11.01 19.32
CA GLY A 130 27.61 -10.48 19.56
C GLY A 130 27.64 -9.51 20.72
N GLY A 1 2.85 -8.80 -23.53
CA GLY A 1 2.07 -9.69 -22.69
C GLY A 1 2.40 -9.55 -21.22
N SER A 2 2.25 -10.63 -20.47
CA SER A 2 2.53 -10.61 -19.03
C SER A 2 3.55 -11.69 -18.66
N SER A 3 4.49 -11.93 -19.56
CA SER A 3 5.52 -12.94 -19.33
C SER A 3 6.77 -12.31 -18.71
N GLY A 4 6.61 -11.12 -18.14
CA GLY A 4 7.73 -10.43 -17.53
C GLY A 4 7.35 -9.05 -17.02
N SER A 5 7.36 -8.88 -15.71
CA SER A 5 7.01 -7.60 -15.09
C SER A 5 7.82 -7.38 -13.83
N SER A 6 8.64 -6.33 -13.83
CA SER A 6 9.47 -5.99 -12.68
C SER A 6 8.62 -5.82 -11.43
N GLY A 7 8.94 -6.58 -10.38
CA GLY A 7 8.19 -6.50 -9.14
C GLY A 7 7.83 -5.07 -8.78
N THR A 8 6.55 -4.83 -8.51
CA THR A 8 6.08 -3.50 -8.15
C THR A 8 5.04 -3.57 -7.04
N PRO A 9 5.12 -2.64 -6.08
CA PRO A 9 4.19 -2.57 -4.95
C PRO A 9 2.79 -2.14 -5.39
N HIS A 10 1.82 -3.02 -5.16
CA HIS A 10 0.43 -2.73 -5.53
C HIS A 10 -0.52 -3.23 -4.44
N LEU A 11 -1.69 -2.60 -4.36
CA LEU A 11 -2.69 -2.97 -3.37
C LEU A 11 -3.76 -3.88 -3.99
N VAL A 12 -4.06 -4.97 -3.30
CA VAL A 12 -5.07 -5.92 -3.78
C VAL A 12 -6.30 -5.91 -2.88
N ASN A 13 -7.48 -5.96 -3.50
CA ASN A 13 -8.73 -5.95 -2.75
C ASN A 13 -9.05 -7.35 -2.24
N LEU A 14 -8.37 -7.77 -1.20
CA LEU A 14 -8.58 -9.08 -0.60
C LEU A 14 -9.84 -9.10 0.26
N ASN A 15 -10.49 -7.95 0.36
CA ASN A 15 -11.71 -7.82 1.15
C ASN A 15 -12.82 -8.72 0.59
N GLU A 16 -14.00 -8.61 1.18
CA GLU A 16 -15.14 -9.41 0.74
C GLU A 16 -16.27 -8.52 0.23
N ASP A 17 -16.20 -7.24 0.56
CA ASP A 17 -17.21 -6.28 0.13
C ASP A 17 -17.79 -6.66 -1.23
N PRO A 18 -18.93 -7.36 -1.21
CA PRO A 18 -19.60 -7.80 -2.43
C PRO A 18 -20.21 -6.63 -3.21
N LEU A 19 -20.09 -5.43 -2.66
CA LEU A 19 -20.63 -4.24 -3.29
C LEU A 19 -19.51 -3.39 -3.90
N MET A 20 -18.31 -3.56 -3.38
CA MET A 20 -17.15 -2.82 -3.87
C MET A 20 -17.24 -2.61 -5.39
N SER A 21 -17.27 -1.35 -5.80
CA SER A 21 -17.35 -1.02 -7.22
C SER A 21 -16.03 -0.45 -7.73
N GLU A 22 -15.02 -0.47 -6.87
CA GLU A 22 -13.70 0.04 -7.23
C GLU A 22 -12.80 -1.07 -7.76
N CYS A 23 -11.81 -0.70 -8.56
CA CYS A 23 -10.88 -1.66 -9.14
C CYS A 23 -10.52 -2.73 -8.11
N LEU A 24 -10.04 -3.86 -8.61
CA LEU A 24 -9.65 -4.97 -7.75
C LEU A 24 -8.29 -4.70 -7.07
N LEU A 25 -7.40 -4.05 -7.81
CA LEU A 25 -6.08 -3.72 -7.30
C LEU A 25 -5.58 -2.39 -7.86
N TYR A 26 -4.57 -1.81 -7.20
CA TYR A 26 -4.02 -0.54 -7.64
C TYR A 26 -2.49 -0.58 -7.59
N TYR A 27 -1.86 -0.07 -8.65
CA TYR A 27 -0.41 -0.05 -8.72
C TYR A 27 0.14 1.27 -8.19
N ILE A 28 1.18 1.19 -7.36
CA ILE A 28 1.79 2.37 -6.78
C ILE A 28 3.07 2.75 -7.54
N LYS A 29 3.17 4.03 -7.90
CA LYS A 29 4.34 4.52 -8.63
C LYS A 29 5.48 4.87 -7.66
N ASP A 30 6.65 5.17 -8.22
CA ASP A 30 7.80 5.51 -7.41
C ASP A 30 7.75 6.98 -6.98
N GLY A 31 7.30 7.22 -5.75
CA GLY A 31 7.21 8.58 -5.25
C GLY A 31 6.26 8.70 -4.08
N ILE A 32 5.25 9.56 -4.22
CA ILE A 32 4.27 9.76 -3.16
C ILE A 32 2.86 9.62 -3.70
N THR A 33 2.09 8.71 -3.11
CA THR A 33 0.71 8.47 -3.53
C THR A 33 -0.28 8.93 -2.46
N ARG A 34 -0.91 10.06 -2.69
CA ARG A 34 -1.88 10.61 -1.73
C ARG A 34 -3.24 9.92 -1.89
N VAL A 35 -3.58 9.07 -0.91
CA VAL A 35 -4.84 8.35 -0.94
C VAL A 35 -5.94 9.14 -0.25
N GLY A 36 -7.01 9.45 -0.98
CA GLY A 36 -8.11 10.20 -0.42
C GLY A 36 -9.31 10.24 -1.36
N GLN A 37 -9.83 11.44 -1.58
CA GLN A 37 -10.98 11.62 -2.46
C GLN A 37 -10.59 12.33 -3.75
N ALA A 38 -11.52 12.38 -4.70
CA ALA A 38 -11.26 13.03 -5.98
C ALA A 38 -11.56 14.52 -5.91
N ASP A 39 -12.42 14.90 -4.97
CA ASP A 39 -12.79 16.30 -4.81
C ASP A 39 -11.57 17.15 -4.48
N ALA A 40 -10.64 16.57 -3.73
CA ALA A 40 -9.42 17.27 -3.35
C ALA A 40 -8.96 18.22 -4.46
N GLU A 41 -8.42 19.37 -4.07
CA GLU A 41 -7.95 20.36 -5.03
C GLU A 41 -7.09 19.70 -6.10
N ARG A 42 -6.23 18.78 -5.69
CA ARG A 42 -5.35 18.07 -6.61
C ARG A 42 -5.72 16.60 -6.70
N ARG A 43 -6.17 16.16 -7.88
CA ARG A 43 -6.56 14.78 -8.09
C ARG A 43 -5.66 13.84 -7.28
N GLN A 44 -6.29 12.96 -6.50
CA GLN A 44 -5.57 12.01 -5.68
C GLN A 44 -5.33 10.71 -6.43
N ASP A 45 -4.12 10.18 -6.33
CA ASP A 45 -3.76 8.93 -7.00
C ASP A 45 -4.88 7.90 -6.86
N ILE A 46 -5.06 7.38 -5.65
CA ILE A 46 -6.10 6.39 -5.40
C ILE A 46 -7.31 7.03 -4.74
N VAL A 47 -8.45 6.96 -5.41
CA VAL A 47 -9.69 7.53 -4.89
C VAL A 47 -10.63 6.43 -4.40
N LEU A 48 -10.89 6.43 -3.09
CA LEU A 48 -11.78 5.43 -2.49
C LEU A 48 -13.23 5.87 -2.59
N SER A 49 -14.15 4.93 -2.37
CA SER A 49 -15.58 5.22 -2.43
C SER A 49 -16.25 4.94 -1.09
N GLY A 50 -16.44 6.01 -0.30
CA GLY A 50 -17.07 5.87 0.99
C GLY A 50 -17.62 7.18 1.52
N ALA A 51 -18.05 7.18 2.78
CA ALA A 51 -18.60 8.38 3.40
C ALA A 51 -17.77 8.78 4.62
N HIS A 52 -16.66 8.09 4.83
CA HIS A 52 -15.78 8.39 5.95
C HIS A 52 -14.37 8.71 5.48
N ILE A 53 -14.17 8.69 4.17
CA ILE A 53 -12.87 8.99 3.58
C ILE A 53 -12.54 10.47 3.70
N LYS A 54 -11.24 10.77 3.76
CA LYS A 54 -10.79 12.17 3.87
C LYS A 54 -9.91 12.54 2.68
N GLU A 55 -10.03 13.78 2.24
CA GLU A 55 -9.23 14.27 1.11
C GLU A 55 -7.81 13.73 1.18
N GLU A 56 -7.23 13.74 2.38
CA GLU A 56 -5.87 13.25 2.59
C GLU A 56 -5.85 12.09 3.58
N HIS A 57 -6.78 11.17 3.41
CA HIS A 57 -6.87 10.00 4.29
C HIS A 57 -5.48 9.51 4.68
N CYS A 58 -4.77 8.94 3.72
CA CYS A 58 -3.43 8.42 3.96
C CYS A 58 -2.53 8.66 2.76
N ILE A 59 -1.28 8.23 2.86
CA ILE A 59 -0.31 8.40 1.79
C ILE A 59 0.65 7.21 1.71
N PHE A 60 1.28 7.05 0.56
CA PHE A 60 2.22 5.95 0.35
C PHE A 60 3.49 6.44 -0.35
N ARG A 61 4.62 6.31 0.33
CA ARG A 61 5.90 6.75 -0.23
C ARG A 61 6.68 5.56 -0.79
N SER A 62 6.71 5.45 -2.11
CA SER A 62 7.41 4.36 -2.77
C SER A 62 8.73 4.84 -3.36
N GLU A 63 9.80 4.75 -2.59
CA GLU A 63 11.12 5.18 -3.03
C GLU A 63 12.15 4.07 -2.87
N ARG A 64 13.11 4.02 -3.77
CA ARG A 64 14.15 3.00 -3.72
C ARG A 64 15.24 3.38 -2.71
N SER A 65 15.21 2.73 -1.56
CA SER A 65 16.19 2.99 -0.50
C SER A 65 17.58 3.18 -1.09
N ASN A 66 18.48 3.78 -0.30
CA ASN A 66 19.85 4.01 -0.75
C ASN A 66 20.49 2.72 -1.23
N SER A 67 20.09 1.61 -0.62
CA SER A 67 20.63 0.29 -0.98
C SER A 67 20.16 -0.12 -2.37
N GLY A 68 19.03 0.43 -2.80
CA GLY A 68 18.48 0.10 -4.10
C GLY A 68 17.25 -0.78 -4.01
N GLU A 69 16.66 -0.85 -2.82
CA GLU A 69 15.47 -1.67 -2.61
C GLU A 69 14.23 -0.79 -2.44
N VAL A 70 13.20 -1.06 -3.22
CA VAL A 70 11.96 -0.30 -3.15
C VAL A 70 11.31 -0.44 -1.79
N ILE A 71 10.90 0.70 -1.21
CA ILE A 71 10.27 0.71 0.09
C ILE A 71 8.98 1.54 0.07
N VAL A 72 7.91 0.98 0.65
CA VAL A 72 6.63 1.67 0.70
C VAL A 72 6.21 1.95 2.14
N THR A 73 6.21 3.23 2.51
CA THR A 73 5.83 3.63 3.86
C THR A 73 4.49 4.36 3.86
N LEU A 74 3.56 3.88 4.68
CA LEU A 74 2.24 4.48 4.77
C LEU A 74 2.25 5.69 5.72
N GLU A 75 1.99 6.86 5.17
CA GLU A 75 1.97 8.08 5.97
C GLU A 75 0.55 8.59 6.16
N PRO A 76 -0.17 7.99 7.13
CA PRO A 76 -1.55 8.36 7.43
C PRO A 76 -1.66 9.73 8.08
N CYS A 77 -2.87 10.12 8.47
CA CYS A 77 -3.10 11.41 9.11
C CYS A 77 -3.76 11.23 10.46
N GLU A 78 -4.00 12.35 11.15
CA GLU A 78 -4.62 12.32 12.46
C GLU A 78 -6.15 12.34 12.35
N ARG A 79 -6.65 13.14 11.41
CA ARG A 79 -8.08 13.25 11.20
C ARG A 79 -8.56 12.23 10.17
N SER A 80 -7.78 11.18 9.98
CA SER A 80 -8.12 10.13 9.02
C SER A 80 -8.52 8.85 9.74
N GLU A 81 -8.91 7.85 8.96
CA GLU A 81 -9.33 6.56 9.51
C GLU A 81 -8.49 5.42 8.93
N THR A 82 -7.18 5.55 9.05
CA THR A 82 -6.26 4.53 8.53
C THR A 82 -5.92 3.51 9.60
N TYR A 83 -5.69 2.27 9.18
CA TYR A 83 -5.36 1.19 10.11
C TYR A 83 -4.47 0.15 9.44
N VAL A 84 -3.45 -0.30 10.15
CA VAL A 84 -2.53 -1.30 9.62
C VAL A 84 -2.31 -2.42 10.63
N ASN A 85 -2.08 -3.63 10.11
CA ASN A 85 -1.86 -4.80 10.97
C ASN A 85 -3.01 -4.99 11.94
N GLY A 86 -4.21 -4.59 11.52
CA GLY A 86 -5.39 -4.72 12.37
C GLY A 86 -5.41 -3.69 13.48
N LYS A 87 -4.44 -2.80 13.48
CA LYS A 87 -4.36 -1.75 14.51
C LYS A 87 -4.46 -0.37 13.88
N ARG A 88 -4.51 0.65 14.72
CA ARG A 88 -4.61 2.03 14.25
C ARG A 88 -3.24 2.55 13.82
N VAL A 89 -3.23 3.36 12.77
CA VAL A 89 -1.99 3.94 12.25
C VAL A 89 -2.14 5.44 12.02
N SER A 90 -1.55 6.23 12.92
CA SER A 90 -1.62 7.67 12.81
C SER A 90 -0.27 8.25 12.39
N GLN A 91 0.78 7.45 12.53
CA GLN A 91 2.12 7.87 12.16
C GLN A 91 2.63 7.10 10.96
N PRO A 92 3.69 7.61 10.32
CA PRO A 92 4.29 6.98 9.14
C PRO A 92 5.01 5.68 9.48
N VAL A 93 4.47 4.57 9.01
CA VAL A 93 5.05 3.26 9.27
C VAL A 93 5.34 2.52 7.96
N GLN A 94 6.43 1.76 7.94
CA GLN A 94 6.81 1.00 6.76
C GLN A 94 6.00 -0.30 6.65
N LEU A 95 5.10 -0.34 5.68
CA LEU A 95 4.25 -1.52 5.48
C LEU A 95 5.09 -2.79 5.47
N ARG A 96 4.49 -3.90 5.88
CA ARG A 96 5.18 -5.18 5.92
C ARG A 96 4.56 -6.16 4.93
N SER A 97 5.40 -6.82 4.15
CA SER A 97 4.93 -7.78 3.16
C SER A 97 3.84 -8.68 3.74
N GLY A 98 2.61 -8.47 3.30
CA GLY A 98 1.49 -9.25 3.79
C GLY A 98 0.77 -8.60 4.95
N ASN A 99 0.64 -7.28 4.88
CA ASN A 99 -0.03 -6.52 5.94
C ASN A 99 -1.37 -5.98 5.45
N ARG A 100 -2.37 -6.00 6.33
CA ARG A 100 -3.69 -5.51 5.98
C ARG A 100 -3.83 -4.02 6.29
N ILE A 101 -4.38 -3.28 5.34
CA ILE A 101 -4.56 -1.84 5.50
C ILE A 101 -6.00 -1.43 5.21
N ILE A 102 -6.63 -0.77 6.18
CA ILE A 102 -8.01 -0.33 6.02
C ILE A 102 -8.07 1.19 5.86
N MET A 103 -8.74 1.63 4.80
CA MET A 103 -8.88 3.06 4.53
C MET A 103 -10.35 3.44 4.38
N GLY A 104 -10.93 4.01 5.44
CA GLY A 104 -12.32 4.40 5.40
C GLY A 104 -13.20 3.53 6.28
N LYS A 105 -13.91 2.59 5.65
CA LYS A 105 -14.79 1.69 6.39
C LYS A 105 -14.38 0.24 6.16
N ASN A 106 -14.66 -0.28 4.97
CA ASN A 106 -14.33 -1.65 4.64
C ASN A 106 -13.32 -1.71 3.49
N HIS A 107 -12.93 -0.54 3.00
CA HIS A 107 -11.98 -0.44 1.91
C HIS A 107 -10.60 -0.93 2.35
N VAL A 108 -10.42 -2.25 2.41
CA VAL A 108 -9.16 -2.84 2.82
C VAL A 108 -8.36 -3.31 1.61
N PHE A 109 -7.07 -3.53 1.81
CA PHE A 109 -6.19 -3.99 0.74
C PHE A 109 -4.93 -4.64 1.31
N ARG A 110 -4.25 -5.42 0.47
CA ARG A 110 -3.03 -6.10 0.89
C ARG A 110 -1.82 -5.54 0.16
N PHE A 111 -0.70 -5.44 0.87
CA PHE A 111 0.53 -4.92 0.29
C PHE A 111 1.36 -6.04 -0.32
N ASN A 112 1.74 -5.88 -1.59
CA ASN A 112 2.53 -6.87 -2.28
C ASN A 112 3.95 -6.37 -2.53
N HIS A 113 4.94 -7.17 -2.13
CA HIS A 113 6.34 -6.80 -2.31
C HIS A 113 7.16 -8.00 -2.77
N PRO A 114 6.97 -8.39 -4.04
CA PRO A 114 7.68 -9.53 -4.63
C PRO A 114 9.17 -9.23 -4.84
N GLU A 115 9.57 -8.00 -4.54
CA GLU A 115 10.96 -7.60 -4.70
C GLU A 115 11.80 -8.05 -3.51
N GLN A 116 11.30 -7.77 -2.31
CA GLN A 116 12.01 -8.15 -1.09
C GLN A 116 11.70 -9.59 -0.72
N ALA A 117 10.44 -9.98 -0.82
CA ALA A 117 10.01 -11.33 -0.50
C ALA A 117 10.88 -12.36 -1.21
N ARG A 118 11.58 -11.92 -2.26
CA ARG A 118 12.44 -12.81 -3.04
C ARG A 118 13.76 -13.04 -2.31
N ALA A 119 14.26 -12.02 -1.64
CA ALA A 119 15.51 -12.11 -0.90
C ALA A 119 15.33 -12.88 0.40
N GLU A 120 14.07 -13.17 0.73
CA GLU A 120 13.76 -13.90 1.96
C GLU A 120 14.82 -14.97 2.24
N ARG A 121 15.27 -15.63 1.19
CA ARG A 121 16.29 -16.68 1.33
C ARG A 121 17.67 -16.14 0.96
N GLU A 122 17.72 -15.36 -0.11
CA GLU A 122 18.98 -14.79 -0.57
C GLU A 122 19.72 -14.10 0.56
N LYS A 123 18.98 -13.70 1.59
CA LYS A 123 19.57 -13.03 2.75
C LYS A 123 20.68 -13.88 3.36
N THR A 124 21.57 -13.23 4.11
CA THR A 124 22.67 -13.92 4.75
C THR A 124 22.22 -15.23 5.38
N SER A 125 22.52 -16.34 4.71
CA SER A 125 22.13 -17.66 5.20
C SER A 125 23.01 -18.07 6.38
N GLY A 126 22.44 -17.99 7.58
CA GLY A 126 23.18 -18.36 8.78
C GLY A 126 22.27 -18.61 9.96
N PRO A 127 22.88 -18.80 11.14
CA PRO A 127 22.14 -19.05 12.38
C PRO A 127 21.38 -17.82 12.87
N SER A 128 20.09 -17.76 12.57
CA SER A 128 19.26 -16.63 12.97
C SER A 128 17.95 -17.11 13.59
N SER A 129 17.84 -16.97 14.91
CA SER A 129 16.64 -17.39 15.63
C SER A 129 15.78 -16.19 15.99
N GLY A 130 14.69 -16.44 16.71
CA GLY A 130 13.79 -15.38 17.11
C GLY A 130 12.53 -15.90 17.77
#